data_9QWK
#
_entry.id   9QWK
#
_cell.length_a   82.233
_cell.length_b   83.652
_cell.length_c   180.130
_cell.angle_alpha   91.85
_cell.angle_beta   95.99
_cell.angle_gamma   115.61
#
_symmetry.space_group_name_H-M   'P 1'
#
loop_
_entity.id
_entity.type
_entity.pdbx_description
1 polymer 'Beta-2-microglobulin,T-cell surface glycoprotein CD1c'
2 polymer 'TCR alpha'
3 polymer 'TCR beta'
4 branched alpha-L-fucopyranose-(1-6)-2-acetamido-2-deoxy-beta-D-glucopyranose
5 branched beta-D-mannopyranose-(1-4)-2-acetamido-2-deoxy-beta-D-glucopyranose
6 branched beta-D-mannopyranose-(1-4)-2-acetamido-2-deoxy-beta-D-glucopyranose-(1-4)-[alpha-L-fucopyranose-(1-6)]2-acetamido-2-deoxy-beta-D-glucopyranose
7 branched 2-acetamido-2-deoxy-beta-D-glucopyranose-(1-4)-[alpha-L-fucopyranose-(1-6)]2-acetamido-2-deoxy-beta-D-glucopyranose
8 non-polymer DECANE
9 non-polymer 1,2-ETHANEDIOL
10 non-polymer 2-acetamido-2-deoxy-beta-D-glucopyranose
11 non-polymer alpha-L-fucopyranose
12 water water
#
loop_
_entity_poly.entity_id
_entity_poly.type
_entity_poly.pdbx_seq_one_letter_code
_entity_poly.pdbx_strand_id
1 'polypeptide(L)'
;MYRMQLLSCIALSLALVTNSIQRTPKIQVYSRHPAENGKSNFLNCYVSGFHPSDIEVDLLKNGERIEKVEHSDLSFSKDW
SFYLLYYTEFTPTEKDEYACRVNHVTLSQPKIVKWDRDIGGGGSGGGGSGGGGSEHVSFHVIQIFSFVNQSWARGQGSGW
LDELQTHGWDSESGTIIFLHNWSKGNFSNEELSDLELLFRFYLFGLTREIQDHASQDYSKYPFEVQVKAGCELHSGKSPE
GFFQVAFNGLDLLSFQNTTWVPSPGCGSLAQSVCHLLNHQYEGVTETVYNLIRSTCPRFLLGLLDAGKMYVHRQVRPEAW
LSSRPSLGSGQLLLVCHASGFYPKPVWVTWMRNEQEQLGTKHGDILPNADGTWYLQVILEVASEEPAGLSCRVRHSSLGG
QDIILYWGSLSTPPTPSTPPTGLNDIFEAQKIEWHEHHHHHH
;
A,B,G,J,L,O,Q,T
2 'polypeptide(L)'
;MGNSVTQMEGPVTLSEEAFLTINCTYTAYGLYSLFWYVQYPGEGLQLLLKATKADDKGSNKGFEATYRKETTSFHLEKGS
VQVSDSAVYFCALSGQYGWGKLQFGAGTQVVVTPDIQNPDPAVYQLRDSKSSDKSVCLFTDFDSQTQVSQSKDSDVYITD
KCVLDMRSMDFKSNSAVAWSQKSDFACANAFQNSIIPEDT
;
D,H,M,R
3 'polypeptide(L)'
;MDTGVSQNPRHKITKRGQNVTFRCDPISEHSRLYWYRQTLGQGPEFLTYFQNEAQLEKSRLLSDRFSAERPKGSFSTLEI
QRTEQGDSAMYLCASSPRMVRGAEAFFGQGTRLTVVEDLNKVFPPEVAVFEPSEAEISHTQKATLVCLATGFYPDHVELS
WWVNGKEVHSGVCTDPQPLKEQPALQDSRYALSSRLRVSATFWQDPRNHFRCQVQFYGLSENDEWTQDRAKPVTQIVSAE
AWGRAD
;
E,F,K,P
#
loop_
_chem_comp.id
_chem_comp.type
_chem_comp.name
_chem_comp.formula
BMA D-saccharide, beta linking beta-D-mannopyranose 'C6 H12 O6'
D10 non-polymer DECANE 'C10 H22'
EDO non-polymer 1,2-ETHANEDIOL 'C2 H6 O2'
FUC L-saccharide, alpha linking alpha-L-fucopyranose 'C6 H12 O5'
NAG D-saccharide, beta linking 2-acetamido-2-deoxy-beta-D-glucopyranose 'C8 H15 N O6'
#
# COMPACT_ATOMS: atom_id res chain seq x y z
N HIS A 136 27.58 15.79 -20.94
CA HIS A 136 27.02 16.97 -20.20
C HIS A 136 26.55 16.52 -18.81
N VAL A 137 27.44 16.49 -17.79
CA VAL A 137 27.17 15.72 -16.56
C VAL A 137 27.09 16.62 -15.31
N SER A 138 27.03 17.94 -15.49
CA SER A 138 27.22 18.88 -14.40
C SER A 138 26.23 20.02 -14.57
N PHE A 139 25.57 20.34 -13.48
CA PHE A 139 24.74 21.53 -13.41
C PHE A 139 25.46 22.58 -12.60
N HIS A 140 25.61 23.77 -13.26
CA HIS A 140 26.26 24.94 -12.73
C HIS A 140 25.24 26.09 -12.68
N VAL A 141 25.04 26.61 -11.47
CA VAL A 141 24.27 27.81 -11.26
C VAL A 141 25.25 28.91 -10.96
N ILE A 142 25.24 30.00 -11.75
CA ILE A 142 26.26 31.01 -11.56
C ILE A 142 25.57 32.29 -11.14
N GLN A 143 26.27 33.05 -10.30
CA GLN A 143 25.86 34.40 -10.05
C GLN A 143 27.02 35.34 -10.34
N ILE A 144 26.65 36.53 -10.78
CA ILE A 144 27.63 37.59 -10.89
C ILE A 144 27.03 38.83 -10.24
N PHE A 145 27.75 39.38 -9.24
CA PHE A 145 27.33 40.55 -8.49
C PHE A 145 28.29 41.69 -8.72
N SER A 146 27.81 42.81 -9.28
CA SER A 146 28.62 43.97 -9.58
C SER A 146 28.36 45.09 -8.59
N PHE A 147 29.39 45.49 -7.85
CA PHE A 147 29.26 46.62 -6.89
C PHE A 147 30.02 47.81 -7.44
N VAL A 148 29.31 48.79 -8.00
CA VAL A 148 29.96 49.96 -8.65
C VAL A 148 29.98 51.13 -7.67
N ASN A 149 28.85 51.39 -7.02
CA ASN A 149 28.74 52.51 -6.05
C ASN A 149 28.09 51.97 -4.79
N GLN A 150 28.05 52.77 -3.74
CA GLN A 150 27.33 52.35 -2.51
C GLN A 150 25.84 52.49 -2.79
N SER A 151 25.50 53.01 -3.97
CA SER A 151 24.09 53.21 -4.35
C SER A 151 23.75 52.29 -5.52
N TRP A 152 24.75 51.73 -6.19
CA TRP A 152 24.44 50.93 -7.38
C TRP A 152 25.14 49.57 -7.36
N ALA A 153 24.38 48.53 -7.04
CA ALA A 153 24.90 47.17 -7.13
C ALA A 153 23.85 46.31 -7.80
N ARG A 154 24.25 45.17 -8.34
CA ARG A 154 23.45 44.48 -9.33
C ARG A 154 23.79 42.99 -9.32
N GLY A 155 22.77 42.13 -9.35
CA GLY A 155 22.92 40.69 -9.26
C GLY A 155 22.20 39.96 -10.39
N GLN A 156 22.94 39.13 -11.13
CA GLN A 156 22.38 38.35 -12.21
C GLN A 156 22.89 36.91 -12.10
N GLY A 157 22.21 35.98 -12.76
CA GLY A 157 22.49 34.58 -12.55
C GLY A 157 21.82 33.73 -13.63
N SER A 158 22.29 32.49 -13.72
CA SER A 158 21.82 31.59 -14.74
C SER A 158 22.21 30.18 -14.38
N GLY A 159 21.52 29.24 -15.01
CA GLY A 159 21.84 27.82 -14.85
C GLY A 159 22.28 27.23 -16.17
N TRP A 160 23.17 26.24 -16.07
CA TRP A 160 23.93 25.74 -17.23
C TRP A 160 24.17 24.24 -17.10
N LEU A 161 24.02 23.54 -18.25
CA LEU A 161 24.74 22.31 -18.54
C LEU A 161 25.96 22.65 -19.36
N ASP A 162 27.10 22.86 -18.70
CA ASP A 162 28.34 23.22 -19.38
C ASP A 162 28.13 24.50 -20.15
N GLU A 163 28.16 24.40 -21.48
CA GLU A 163 28.05 25.56 -22.35
C GLU A 163 26.57 25.86 -22.60
N LEU A 164 25.70 24.88 -22.33
CA LEU A 164 24.26 25.01 -22.66
C LEU A 164 23.48 25.65 -21.52
N GLN A 165 22.87 26.78 -21.79
CA GLN A 165 22.10 27.49 -20.79
C GLN A 165 20.71 26.87 -20.66
N THR A 166 20.32 26.49 -19.43
CA THR A 166 19.01 25.90 -19.15
C THR A 166 18.09 26.89 -18.42
N HIS A 167 18.65 27.88 -17.72
CA HIS A 167 17.84 28.78 -16.91
C HIS A 167 18.41 30.19 -16.98
N GLY A 168 17.52 31.19 -17.01
CA GLY A 168 17.88 32.57 -16.79
C GLY A 168 17.20 33.12 -15.53
N TRP A 169 17.46 34.39 -15.24
CA TRP A 169 16.85 35.04 -14.07
C TRP A 169 16.36 36.42 -14.46
N ASP A 170 15.05 36.62 -14.35
CA ASP A 170 14.48 37.92 -14.59
C ASP A 170 14.55 38.70 -13.30
N SER A 171 15.41 39.72 -13.27
CA SER A 171 15.67 40.46 -12.03
C SER A 171 14.56 41.48 -11.79
N GLU A 172 13.86 41.89 -12.84
CA GLU A 172 12.68 42.74 -12.73
C GLU A 172 11.68 42.08 -11.78
N SER A 173 11.30 40.85 -12.11
CA SER A 173 10.28 40.10 -11.32
C SER A 173 10.89 39.22 -10.22
N GLY A 174 12.19 38.93 -10.27
CA GLY A 174 12.78 38.00 -9.29
C GLY A 174 12.30 36.60 -9.57
N THR A 175 12.41 36.17 -10.83
CA THR A 175 11.87 34.85 -11.20
C THR A 175 12.83 34.05 -12.07
N ILE A 176 12.66 32.74 -12.11
CA ILE A 176 13.44 31.88 -12.96
C ILE A 176 12.86 31.91 -14.37
N ILE A 177 13.75 32.06 -15.37
CA ILE A 177 13.35 31.91 -16.75
C ILE A 177 13.68 30.47 -17.15
N PHE A 178 12.67 29.69 -17.50
CA PHE A 178 12.88 28.35 -17.98
C PHE A 178 13.05 28.39 -19.50
N LEU A 179 14.30 28.24 -19.98
CA LEU A 179 14.63 28.53 -21.38
C LEU A 179 14.11 27.44 -22.30
N HIS A 180 14.03 26.20 -21.81
CA HIS A 180 13.52 25.12 -22.63
C HIS A 180 12.33 24.55 -21.89
N ASN A 181 11.48 23.86 -22.62
CA ASN A 181 10.30 23.27 -22.04
C ASN A 181 10.67 22.00 -21.25
N TRP A 182 11.94 21.60 -21.21
CA TRP A 182 12.37 20.55 -20.32
C TRP A 182 13.20 21.09 -19.15
N SER A 183 13.25 22.43 -19.03
CA SER A 183 14.08 23.08 -18.04
C SER A 183 13.56 22.86 -16.61
N LYS A 184 12.32 22.37 -16.47
CA LYS A 184 11.72 22.09 -15.19
C LYS A 184 12.14 20.73 -14.66
N GLY A 185 12.78 19.94 -15.52
CA GLY A 185 13.22 18.63 -15.11
C GLY A 185 12.06 17.81 -14.61
N ASN A 186 12.27 17.03 -13.57
CA ASN A 186 11.20 16.26 -12.98
C ASN A 186 10.65 16.97 -11.75
N PHE A 187 10.98 18.25 -11.51
CA PHE A 187 10.49 18.96 -10.33
C PHE A 187 9.10 19.54 -10.57
N SER A 188 8.29 19.58 -9.51
CA SER A 188 6.96 20.20 -9.52
C SER A 188 7.09 21.72 -9.55
N ASN A 189 6.01 22.40 -9.93
CA ASN A 189 5.95 23.84 -9.85
C ASN A 189 6.20 24.30 -8.42
N GLU A 190 5.63 23.56 -7.46
CA GLU A 190 5.74 23.94 -6.04
C GLU A 190 7.18 23.90 -5.60
N GLU A 191 7.95 22.85 -5.95
CA GLU A 191 9.34 22.81 -5.52
C GLU A 191 10.10 23.97 -6.15
N LEU A 192 9.79 24.27 -7.43
CA LEU A 192 10.52 25.30 -8.15
C LEU A 192 10.15 26.69 -7.67
N SER A 193 8.87 26.95 -7.31
CA SER A 193 8.50 28.22 -6.71
C SER A 193 9.24 28.43 -5.42
N ASP A 194 9.36 27.36 -4.64
CA ASP A 194 10.01 27.46 -3.35
C ASP A 194 11.47 27.86 -3.56
N LEU A 195 12.16 27.20 -4.49
CA LEU A 195 13.53 27.59 -4.81
C LEU A 195 13.61 29.00 -5.37
N GLU A 196 12.67 29.38 -6.23
CA GLU A 196 12.69 30.73 -6.86
C GLU A 196 12.73 31.82 -5.79
N LEU A 197 11.93 31.69 -4.73
CA LEU A 197 11.86 32.71 -3.67
C LEU A 197 13.16 32.69 -2.87
N LEU A 198 13.69 31.50 -2.60
CA LEU A 198 15.00 31.40 -1.90
C LEU A 198 16.05 32.21 -2.65
N PHE A 199 16.05 32.11 -3.97
CA PHE A 199 17.09 32.81 -4.78
C PHE A 199 16.85 34.30 -4.76
N ARG A 200 15.60 34.71 -4.88
CA ARG A 200 15.26 36.16 -4.80
C ARG A 200 15.79 36.73 -3.49
N PHE A 201 15.53 36.06 -2.38
CA PHE A 201 15.95 36.56 -1.04
C PHE A 201 17.45 36.56 -0.97
N TYR A 202 18.08 35.49 -1.46
CA TYR A 202 19.56 35.36 -1.44
C TYR A 202 20.18 36.47 -2.25
N LEU A 203 19.70 36.65 -3.47
CA LEU A 203 20.31 37.67 -4.36
C LEU A 203 20.25 39.03 -3.67
N PHE A 204 19.06 39.42 -3.19
CA PHE A 204 18.90 40.72 -2.49
C PHE A 204 19.72 40.71 -1.23
N GLY A 205 19.69 39.59 -0.53
CA GLY A 205 20.35 39.54 0.78
C GLY A 205 21.86 39.59 0.68
N LEU A 206 22.46 38.82 -0.24
CA LEU A 206 23.91 38.83 -0.41
C LEU A 206 24.36 40.20 -0.88
N THR A 207 23.63 40.76 -1.86
CA THR A 207 23.95 42.09 -2.36
C THR A 207 23.94 43.09 -1.22
N ARG A 208 22.89 43.06 -0.38
CA ARG A 208 22.77 44.04 0.68
C ARG A 208 23.85 43.80 1.73
N GLU A 209 24.11 42.53 2.05
CA GLU A 209 25.07 42.24 3.14
C GLU A 209 26.45 42.74 2.71
N ILE A 210 26.80 42.56 1.44
CA ILE A 210 28.07 43.06 0.96
C ILE A 210 28.04 44.58 0.94
N GLN A 211 26.99 45.17 0.38
CA GLN A 211 26.93 46.65 0.29
C GLN A 211 27.09 47.24 1.70
N ASP A 212 26.57 46.58 2.73
CA ASP A 212 26.60 47.14 4.10
C ASP A 212 28.04 47.18 4.62
N HIS A 213 28.81 46.13 4.36
CA HIS A 213 30.20 46.04 4.86
C HIS A 213 31.13 46.88 4.00
N ALA A 214 30.76 47.12 2.75
CA ALA A 214 31.68 47.81 1.81
C ALA A 214 31.49 49.31 1.83
N SER A 215 30.27 49.79 2.09
CA SER A 215 30.00 51.25 2.06
C SER A 215 30.78 51.94 3.17
N GLN A 216 31.48 51.17 4.02
CA GLN A 216 32.34 51.74 5.07
C GLN A 216 33.71 52.10 4.48
N ASP A 217 33.91 51.88 3.17
CA ASP A 217 35.19 52.24 2.49
C ASP A 217 34.93 52.40 0.99
N TYR A 218 34.41 53.55 0.57
CA TYR A 218 34.08 53.79 -0.87
C TYR A 218 35.32 53.61 -1.73
N SER A 219 36.47 53.35 -1.11
CA SER A 219 37.67 53.29 -1.91
C SER A 219 37.71 52.01 -2.75
N LYS A 220 37.11 50.93 -2.24
CA LYS A 220 37.23 49.61 -2.83
C LYS A 220 36.39 49.46 -4.10
N TYR A 221 35.53 50.44 -4.39
CA TYR A 221 34.61 50.30 -5.55
C TYR A 221 35.37 50.67 -6.80
N PRO A 222 34.95 50.22 -8.02
CA PRO A 222 34.01 49.12 -8.16
C PRO A 222 34.66 47.78 -7.88
N PHE A 223 33.87 46.75 -7.64
CA PHE A 223 34.40 45.40 -7.55
C PHE A 223 33.28 44.46 -7.96
N GLU A 224 33.66 43.22 -8.25
CA GLU A 224 32.71 42.25 -8.72
C GLU A 224 32.95 40.90 -8.05
N VAL A 225 31.84 40.27 -7.64
CA VAL A 225 31.89 39.00 -6.97
C VAL A 225 31.21 37.98 -7.87
N GLN A 226 31.83 36.80 -8.00
CA GLN A 226 31.19 35.73 -8.74
C GLN A 226 30.96 34.53 -7.85
N VAL A 227 29.92 33.76 -8.20
CA VAL A 227 29.63 32.50 -7.53
C VAL A 227 29.42 31.44 -8.59
N LYS A 228 30.06 30.29 -8.42
CA LYS A 228 29.72 29.11 -9.17
C LYS A 228 29.35 28.02 -8.17
N ALA A 229 28.13 27.51 -8.29
CA ALA A 229 27.67 26.44 -7.43
C ALA A 229 27.02 25.36 -8.30
N GLY A 230 27.07 24.12 -7.81
CA GLY A 230 26.29 23.07 -8.42
C GLY A 230 26.85 21.70 -8.06
N CYS A 231 26.62 20.78 -9.02
CA CYS A 231 27.01 19.41 -8.79
C CYS A 231 27.43 18.73 -10.10
N GLU A 232 28.03 17.55 -10.00
CA GLU A 232 28.49 16.79 -11.17
C GLU A 232 28.33 15.32 -10.87
N LEU A 233 27.70 14.55 -11.77
CA LEU A 233 27.39 13.15 -11.49
C LEU A 233 28.44 12.27 -12.10
N HIS A 234 28.73 11.16 -11.43
CA HIS A 234 29.60 10.12 -11.90
C HIS A 234 28.97 8.82 -11.45
N SER A 235 28.55 8.07 -12.48
CA SER A 235 28.10 6.70 -12.36
C SER A 235 28.88 5.94 -11.27
N GLY A 236 28.18 5.53 -10.21
CA GLY A 236 28.74 4.62 -9.22
C GLY A 236 29.51 5.36 -8.12
N LYS A 237 29.49 6.68 -8.13
CA LYS A 237 30.23 7.46 -7.14
C LYS A 237 29.24 8.43 -6.48
N SER A 238 29.63 8.95 -5.30
CA SER A 238 28.93 10.11 -4.78
C SER A 238 29.08 11.27 -5.74
N PRO A 239 28.02 12.07 -5.99
CA PRO A 239 28.14 13.24 -6.84
C PRO A 239 29.03 14.31 -6.22
N GLU A 240 29.68 15.08 -7.07
CA GLU A 240 30.45 16.25 -6.70
C GLU A 240 29.46 17.33 -6.31
N GLY A 241 29.81 18.15 -5.32
CA GLY A 241 29.04 19.32 -4.99
C GLY A 241 30.03 20.42 -4.76
N PHE A 242 29.77 21.65 -5.23
CA PHE A 242 30.75 22.71 -5.04
C PHE A 242 30.03 24.05 -4.89
N PHE A 243 30.69 25.00 -4.22
CA PHE A 243 30.26 26.38 -4.13
C PHE A 243 31.50 27.24 -4.04
N GLN A 244 31.79 27.96 -5.11
CA GLN A 244 33.08 28.62 -5.24
C GLN A 244 32.82 30.09 -5.46
N VAL A 245 33.73 30.91 -4.91
CA VAL A 245 33.50 32.34 -4.97
C VAL A 245 34.75 33.05 -5.41
N ALA A 246 34.55 34.07 -6.26
CA ALA A 246 35.65 34.87 -6.79
C ALA A 246 35.38 36.30 -6.43
N PHE A 247 36.48 37.05 -6.33
CA PHE A 247 36.45 38.46 -6.01
C PHE A 247 37.46 39.13 -6.93
N ASN A 248 37.00 40.11 -7.72
CA ASN A 248 37.80 40.77 -8.74
C ASN A 248 38.57 39.79 -9.61
N GLY A 249 37.90 38.74 -10.06
CA GLY A 249 38.46 37.87 -11.08
C GLY A 249 39.37 36.78 -10.50
N LEU A 250 39.51 36.69 -9.17
CA LEU A 250 40.41 35.71 -8.56
C LEU A 250 39.63 34.87 -7.56
N ASP A 251 39.96 33.58 -7.46
CA ASP A 251 39.53 32.74 -6.34
C ASP A 251 39.54 33.51 -5.03
N LEU A 252 38.43 33.46 -4.30
CA LEU A 252 38.38 34.03 -2.96
C LEU A 252 38.24 32.92 -1.90
N LEU A 253 37.23 32.09 -2.09
CA LEU A 253 36.98 31.02 -1.09
C LEU A 253 36.08 29.97 -1.71
N SER A 254 36.04 28.80 -1.10
CA SER A 254 35.11 27.80 -1.56
C SER A 254 34.64 26.92 -0.40
N PHE A 255 33.59 26.16 -0.67
CA PHE A 255 32.98 25.30 0.31
C PHE A 255 33.50 23.87 0.20
N GLN A 256 34.17 23.39 1.24
CA GLN A 256 34.73 22.05 1.29
C GLN A 256 34.10 21.30 2.46
N ASN A 257 33.36 20.23 2.15
CA ASN A 257 32.66 19.43 3.14
C ASN A 257 31.64 20.38 3.82
N THR A 258 31.97 20.88 5.02
CA THR A 258 31.05 21.75 5.79
C THR A 258 31.78 23.00 6.17
N THR A 259 32.94 23.23 5.58
CA THR A 259 33.79 24.35 5.94
C THR A 259 34.04 25.25 4.73
N TRP A 260 34.02 26.55 5.03
CA TRP A 260 34.38 27.56 4.01
C TRP A 260 35.88 27.74 4.10
N VAL A 261 36.59 27.32 3.05
CA VAL A 261 38.04 27.35 3.02
C VAL A 261 38.46 28.53 2.13
N PRO A 262 39.35 29.40 2.62
CA PRO A 262 39.83 30.54 1.84
C PRO A 262 40.84 30.13 0.77
N SER A 263 40.86 30.87 -0.33
CA SER A 263 41.92 30.73 -1.32
C SER A 263 43.25 31.19 -0.73
N PRO A 264 44.32 30.38 -0.85
CA PRO A 264 45.65 30.84 -0.46
C PRO A 264 45.98 32.20 -1.09
N GLY A 265 45.50 32.40 -2.32
CA GLY A 265 45.83 33.59 -3.10
C GLY A 265 45.05 34.84 -2.67
N CYS A 266 43.97 34.72 -1.88
CA CYS A 266 43.26 35.93 -1.50
C CYS A 266 43.57 36.35 -0.06
N GLY A 267 44.63 35.80 0.54
CA GLY A 267 45.24 36.42 1.70
C GLY A 267 44.29 36.60 2.88
N SER A 268 44.40 37.75 3.58
CA SER A 268 43.65 38.00 4.79
C SER A 268 42.18 38.34 4.52
N LEU A 269 41.88 38.87 3.34
CA LEU A 269 40.51 39.14 2.98
C LEU A 269 39.74 37.83 2.99
N ALA A 270 40.22 36.85 2.21
CA ALA A 270 39.57 35.56 2.11
C ALA A 270 39.45 34.90 3.49
N GLN A 271 40.51 35.02 4.29
CA GLN A 271 40.55 34.35 5.57
C GLN A 271 39.45 34.82 6.50
N SER A 272 39.31 36.14 6.57
CA SER A 272 38.35 36.75 7.48
C SER A 272 36.91 36.64 6.95
N VAL A 273 36.71 36.52 5.64
CA VAL A 273 35.33 36.30 5.14
C VAL A 273 34.90 34.87 5.51
N CYS A 274 35.83 33.93 5.44
CA CYS A 274 35.53 32.52 5.78
C CYS A 274 35.24 32.40 7.30
N HIS A 275 35.95 33.15 8.12
CA HIS A 275 35.69 33.14 9.58
C HIS A 275 34.23 33.55 9.82
N LEU A 276 33.81 34.64 9.19
CA LEU A 276 32.41 35.10 9.31
C LEU A 276 31.44 33.98 8.90
N LEU A 277 31.63 33.40 7.73
CA LEU A 277 30.68 32.38 7.22
C LEU A 277 30.70 31.13 8.12
N ASN A 278 31.87 30.79 8.64
CA ASN A 278 32.00 29.55 9.45
C ASN A 278 31.49 29.78 10.87
N HIS A 279 31.54 31.01 11.36
CA HIS A 279 31.18 31.29 12.77
C HIS A 279 29.83 32.01 12.90
N GLN A 280 29.40 32.78 11.90
CA GLN A 280 28.17 33.59 12.05
C GLN A 280 27.17 33.41 10.90
N TYR A 281 27.33 32.39 10.07
CA TYR A 281 26.36 32.13 8.97
C TYR A 281 26.16 30.63 8.82
N GLU A 282 26.04 29.94 9.95
CA GLU A 282 25.85 28.47 9.93
C GLU A 282 24.51 28.16 9.28
N GLY A 283 23.55 29.07 9.40
CA GLY A 283 22.29 28.81 8.72
C GLY A 283 22.52 28.73 7.22
N VAL A 284 23.35 29.64 6.70
CA VAL A 284 23.64 29.71 5.27
C VAL A 284 24.41 28.46 4.83
N THR A 285 25.43 28.08 5.60
CA THR A 285 26.22 26.87 5.35
C THR A 285 25.31 25.67 5.23
N GLU A 286 24.35 25.50 6.13
CA GLU A 286 23.50 24.28 6.07
C GLU A 286 22.67 24.31 4.79
N THR A 287 22.32 25.49 4.32
CA THR A 287 21.44 25.61 3.15
C THR A 287 22.22 25.24 1.91
N VAL A 288 23.41 25.79 1.83
CA VAL A 288 24.31 25.52 0.72
C VAL A 288 24.62 24.04 0.65
N TYR A 289 25.02 23.44 1.76
CA TYR A 289 25.31 22.00 1.78
C TYR A 289 24.14 21.23 1.19
N ASN A 290 22.94 21.48 1.71
CA ASN A 290 21.80 20.71 1.28
C ASN A 290 21.52 20.95 -0.21
N LEU A 291 21.65 22.20 -0.69
CA LEU A 291 21.36 22.49 -2.08
C LEU A 291 22.33 21.75 -3.02
N ILE A 292 23.63 21.78 -2.69
CA ILE A 292 24.61 21.25 -3.61
C ILE A 292 24.74 19.74 -3.49
N ARG A 293 24.43 19.16 -2.33
CA ARG A 293 24.62 17.75 -2.10
C ARG A 293 23.33 16.96 -2.17
N SER A 294 22.15 17.57 -1.95
CA SER A 294 20.88 16.83 -2.05
C SER A 294 20.03 17.32 -3.21
N THR A 295 19.78 18.60 -3.31
CA THR A 295 18.81 19.07 -4.30
C THR A 295 19.44 18.98 -5.70
N CYS A 296 20.68 19.43 -5.84
CA CYS A 296 21.34 19.56 -7.15
C CYS A 296 21.40 18.22 -7.88
N PRO A 297 21.93 17.12 -7.30
CA PRO A 297 21.89 15.84 -7.98
C PRO A 297 20.52 15.39 -8.41
N ARG A 298 19.53 15.61 -7.57
CA ARG A 298 18.16 15.18 -7.84
C ARG A 298 17.63 15.98 -9.02
N PHE A 299 17.87 17.28 -8.98
CA PHE A 299 17.40 18.15 -10.05
C PHE A 299 18.11 17.77 -11.35
N LEU A 300 19.42 17.54 -11.27
CA LEU A 300 20.24 17.33 -12.46
C LEU A 300 19.80 16.08 -13.17
N LEU A 301 19.54 14.99 -12.42
CA LEU A 301 19.04 13.76 -12.99
C LEU A 301 17.71 14.01 -13.69
N GLY A 302 16.85 14.81 -13.07
CA GLY A 302 15.54 15.03 -13.68
C GLY A 302 15.67 15.90 -14.93
N LEU A 303 16.62 16.83 -14.90
CA LEU A 303 16.85 17.75 -16.01
C LEU A 303 17.42 16.98 -17.21
N LEU A 304 18.37 16.09 -16.93
CA LEU A 304 19.00 15.32 -17.98
C LEU A 304 17.98 14.38 -18.56
N ASP A 305 17.12 13.80 -17.72
CA ASP A 305 16.13 12.87 -18.23
C ASP A 305 15.15 13.62 -19.13
N ALA A 306 14.71 14.81 -18.70
CA ALA A 306 13.69 15.52 -19.46
C ALA A 306 14.25 16.02 -20.80
N GLY A 307 15.55 16.29 -20.89
CA GLY A 307 16.09 16.91 -22.13
C GLY A 307 17.05 16.02 -22.89
N LYS A 308 17.03 14.71 -22.64
CA LYS A 308 17.95 13.75 -23.30
C LYS A 308 18.05 14.00 -24.81
N MET A 309 16.91 13.99 -25.51
CA MET A 309 16.90 14.11 -26.98
C MET A 309 17.69 15.34 -27.46
N TYR A 310 17.56 16.48 -26.77
CA TYR A 310 18.24 17.71 -27.24
C TYR A 310 19.68 17.69 -26.81
N VAL A 311 19.93 17.21 -25.59
CA VAL A 311 21.32 17.29 -25.05
C VAL A 311 22.18 16.23 -25.74
N HIS A 312 21.64 15.04 -25.95
CA HIS A 312 22.40 13.94 -26.60
C HIS A 312 22.00 13.85 -28.07
N ARG A 313 21.78 15.00 -28.71
CA ARG A 313 21.37 15.02 -30.12
C ARG A 313 22.62 15.04 -30.99
N GLN A 314 22.50 14.54 -32.23
CA GLN A 314 23.63 14.66 -33.15
C GLN A 314 23.22 15.63 -34.26
N VAL A 315 24.07 16.64 -34.52
CA VAL A 315 23.85 17.56 -35.63
C VAL A 315 25.10 17.60 -36.50
N ARG A 316 24.90 17.46 -37.83
CA ARG A 316 25.98 17.32 -38.79
C ARG A 316 26.55 18.66 -39.19
N PRO A 317 27.90 18.79 -39.23
CA PRO A 317 28.54 20.01 -39.72
C PRO A 317 28.37 20.19 -41.22
N GLU A 318 28.17 21.44 -41.65
CA GLU A 318 28.45 21.79 -43.03
C GLU A 318 29.93 22.12 -43.07
N ALA A 319 30.59 21.71 -44.17
CA ALA A 319 32.01 21.90 -44.32
C ALA A 319 32.30 22.52 -45.69
N TRP A 320 33.29 23.41 -45.73
CA TRP A 320 33.69 24.05 -46.97
C TRP A 320 35.11 24.57 -46.85
N LEU A 321 35.74 24.70 -48.04
CA LEU A 321 37.07 25.25 -48.22
C LEU A 321 36.97 26.66 -48.80
N SER A 322 37.97 27.49 -48.49
CA SER A 322 38.07 28.81 -49.09
C SER A 322 39.54 29.25 -49.15
N SER A 323 39.81 30.26 -49.98
CA SER A 323 41.16 30.71 -50.29
C SER A 323 41.29 32.22 -50.03
N ARG A 324 42.51 32.65 -49.69
CA ARG A 324 42.90 34.04 -49.80
C ARG A 324 44.41 34.13 -49.65
N PRO A 325 45.07 35.21 -50.15
CA PRO A 325 46.51 35.36 -50.01
C PRO A 325 46.93 35.55 -48.56
N SER A 326 48.12 35.08 -48.22
CA SER A 326 48.72 35.34 -46.92
C SER A 326 49.37 36.72 -46.94
N LEU A 327 49.72 37.25 -45.76
CA LEU A 327 50.45 38.51 -45.71
C LEU A 327 51.96 38.27 -45.81
N GLY A 328 52.37 37.05 -46.17
CA GLY A 328 53.77 36.70 -46.39
C GLY A 328 53.95 35.20 -46.62
N SER A 329 55.21 34.73 -46.50
CA SER A 329 55.57 33.31 -46.58
C SER A 329 55.21 32.68 -47.94
N GLY A 330 54.43 31.59 -47.92
CA GLY A 330 54.00 30.94 -49.15
C GLY A 330 53.19 31.88 -50.04
N GLN A 331 52.35 32.71 -49.39
CA GLN A 331 51.49 33.69 -50.05
C GLN A 331 50.19 33.00 -50.48
N LEU A 332 49.76 31.98 -49.71
CA LEU A 332 48.47 31.32 -49.96
C LEU A 332 47.94 30.61 -48.70
N LEU A 333 46.71 30.98 -48.33
CA LEU A 333 46.03 30.41 -47.17
C LEU A 333 44.87 29.52 -47.63
N LEU A 334 44.97 28.22 -47.31
CA LEU A 334 43.85 27.30 -47.47
C LEU A 334 43.14 27.18 -46.12
N VAL A 335 41.82 27.38 -46.13
CA VAL A 335 41.03 27.40 -44.91
C VAL A 335 39.94 26.35 -45.01
N CYS A 336 40.06 25.35 -44.14
CA CYS A 336 38.98 24.34 -44.05
C CYS A 336 38.08 24.77 -42.88
N HIS A 337 36.79 24.88 -43.13
CA HIS A 337 35.81 25.28 -42.14
C HIS A 337 34.86 24.12 -41.84
N ALA A 338 34.37 24.07 -40.59
CA ALA A 338 33.22 23.24 -40.23
C ALA A 338 32.33 24.04 -39.28
N SER A 339 31.02 24.10 -39.57
CA SER A 339 30.10 24.82 -38.70
C SER A 339 28.79 24.05 -38.58
N GLY A 340 28.14 24.22 -37.44
CA GLY A 340 26.78 23.74 -37.23
C GLY A 340 26.74 22.32 -36.68
N PHE A 341 27.83 21.87 -36.06
CA PHE A 341 27.89 20.52 -35.52
C PHE A 341 27.66 20.50 -34.01
N TYR A 342 27.17 19.36 -33.51
CA TYR A 342 26.85 19.14 -32.11
C TYR A 342 26.78 17.63 -31.89
N PRO A 343 27.46 17.02 -30.88
CA PRO A 343 28.12 17.75 -29.81
C PRO A 343 29.49 18.32 -30.19
N LYS A 344 30.24 18.74 -29.17
CA LYS A 344 31.43 19.53 -29.35
C LYS A 344 32.63 18.71 -29.81
N PRO A 345 32.87 17.46 -29.36
CA PRO A 345 34.00 16.69 -29.88
C PRO A 345 34.02 16.63 -31.40
N VAL A 346 35.14 17.03 -32.00
CA VAL A 346 35.27 17.09 -33.45
C VAL A 346 36.74 16.94 -33.83
N TRP A 347 37.03 16.46 -35.06
CA TRP A 347 38.38 16.25 -35.54
C TRP A 347 38.46 16.80 -36.97
N VAL A 348 39.20 17.90 -37.15
CA VAL A 348 39.35 18.51 -38.50
C VAL A 348 40.85 18.68 -38.80
N THR A 349 41.40 17.79 -39.65
CA THR A 349 42.85 17.85 -39.93
C THR A 349 43.16 17.83 -41.41
N TRP A 350 43.91 18.82 -41.90
CA TRP A 350 44.41 18.79 -43.28
C TRP A 350 45.22 17.52 -43.53
N MET A 351 45.20 17.04 -44.78
CA MET A 351 45.81 15.73 -45.07
C MET A 351 46.31 15.60 -46.52
N ARG A 352 47.60 15.32 -46.72
CA ARG A 352 48.13 15.08 -48.06
C ARG A 352 48.08 13.57 -48.27
N ASN A 353 47.26 13.15 -49.24
CA ASN A 353 46.98 11.73 -49.44
C ASN A 353 46.34 11.21 -48.16
N GLU A 354 46.79 10.04 -47.67
CA GLU A 354 46.28 9.47 -46.42
C GLU A 354 47.15 9.91 -45.25
N GLN A 355 48.08 10.84 -45.49
CA GLN A 355 49.04 11.31 -44.50
C GLN A 355 48.62 12.68 -43.98
N GLU A 356 48.51 12.81 -42.66
CA GLU A 356 48.22 14.10 -42.05
C GLU A 356 49.28 15.12 -42.47
N GLN A 357 48.88 16.39 -42.54
CA GLN A 357 49.77 17.48 -42.87
C GLN A 357 49.90 18.36 -41.64
N LEU A 358 51.02 18.23 -40.94
CA LEU A 358 51.24 19.00 -39.72
C LEU A 358 51.59 20.44 -40.10
N GLY A 359 51.59 21.32 -39.08
CA GLY A 359 51.99 22.70 -39.26
C GLY A 359 50.80 23.60 -39.64
N THR A 360 49.58 23.12 -39.40
CA THR A 360 48.40 23.92 -39.65
C THR A 360 48.08 24.69 -38.37
N LYS A 361 47.39 25.83 -38.53
CA LYS A 361 46.86 26.61 -37.42
C LYS A 361 45.46 26.10 -37.11
N HIS A 362 45.27 25.50 -35.93
CA HIS A 362 43.96 25.06 -35.47
C HIS A 362 43.24 26.21 -34.78
N GLY A 363 42.01 26.51 -35.21
CA GLY A 363 41.20 27.54 -34.58
C GLY A 363 40.68 27.08 -33.21
N ASP A 364 40.02 27.99 -32.48
CA ASP A 364 39.22 27.62 -31.33
C ASP A 364 37.86 27.09 -31.78
N ILE A 365 37.31 26.12 -31.03
CA ILE A 365 35.93 25.71 -31.23
C ILE A 365 35.02 26.78 -30.62
N LEU A 366 34.26 27.46 -31.50
CA LEU A 366 33.51 28.66 -31.16
C LEU A 366 32.02 28.39 -31.26
N PRO A 367 31.19 29.02 -30.39
CA PRO A 367 29.76 28.73 -30.37
C PRO A 367 28.96 29.47 -31.45
N ASN A 368 27.96 28.78 -32.01
CA ASN A 368 26.87 29.41 -32.73
C ASN A 368 25.68 29.63 -31.81
N ALA A 369 24.78 30.52 -32.21
CA ALA A 369 23.62 30.86 -31.36
C ALA A 369 22.66 29.69 -31.19
N ASP A 370 22.87 28.60 -31.93
CA ASP A 370 21.90 27.48 -31.86
C ASP A 370 22.46 26.38 -30.97
N GLY A 371 23.64 26.62 -30.39
CA GLY A 371 24.27 25.62 -29.52
C GLY A 371 25.27 24.79 -30.28
N THR A 372 25.27 24.90 -31.59
CA THR A 372 26.26 24.18 -32.39
C THR A 372 27.58 24.96 -32.33
N TRP A 373 28.60 24.43 -33.03
CA TRP A 373 29.93 25.00 -32.96
C TRP A 373 30.54 25.22 -34.33
N TYR A 374 31.57 26.08 -34.37
CA TYR A 374 32.33 26.44 -35.55
C TYR A 374 33.82 26.18 -35.28
N LEU A 375 34.55 25.76 -36.31
CA LEU A 375 35.99 25.58 -36.23
C LEU A 375 36.60 25.79 -37.61
N GLN A 376 37.73 26.48 -37.66
CA GLN A 376 38.48 26.62 -38.89
C GLN A 376 39.92 26.18 -38.66
N VAL A 377 40.52 25.59 -39.71
CA VAL A 377 41.89 25.12 -39.67
C VAL A 377 42.58 25.63 -40.93
N ILE A 378 43.79 26.17 -40.75
CA ILE A 378 44.46 26.90 -41.81
C ILE A 378 45.77 26.19 -42.15
N LEU A 379 45.94 25.92 -43.45
CA LEU A 379 47.21 25.47 -43.98
C LEU A 379 47.76 26.56 -44.91
N GLU A 380 48.95 27.06 -44.57
CA GLU A 380 49.72 27.96 -45.43
C GLU A 380 50.52 27.12 -46.41
N VAL A 381 50.47 27.49 -47.69
CA VAL A 381 51.21 26.80 -48.74
C VAL A 381 51.79 27.83 -49.71
N ALA A 382 52.81 27.42 -50.47
CA ALA A 382 53.39 28.27 -51.51
C ALA A 382 52.60 28.12 -52.81
N SER A 383 51.45 27.42 -52.78
CA SER A 383 50.55 27.17 -53.90
C SER A 383 51.13 26.18 -54.92
N GLU A 384 51.14 24.88 -54.57
CA GLU A 384 51.33 23.81 -55.55
C GLU A 384 50.01 23.04 -55.71
N GLU A 385 50.05 21.71 -55.53
CA GLU A 385 48.93 20.84 -55.89
C GLU A 385 48.77 19.73 -54.83
N SER A 390 44.26 17.47 -48.70
CA SER A 390 42.79 17.47 -48.48
C SER A 390 42.47 17.77 -47.02
N CYS A 391 41.40 18.53 -46.75
CA CYS A 391 41.00 18.74 -45.33
C CYS A 391 39.97 17.68 -44.92
N ARG A 392 40.24 16.97 -43.84
CA ARG A 392 39.25 15.97 -43.35
C ARG A 392 38.38 16.60 -42.25
N VAL A 393 37.18 16.04 -42.06
CA VAL A 393 36.16 16.50 -41.08
C VAL A 393 35.53 15.26 -40.42
N ARG A 394 35.82 15.02 -39.14
CA ARG A 394 35.28 13.84 -38.42
C ARG A 394 34.36 14.28 -37.27
N HIS A 395 33.22 13.61 -37.08
CA HIS A 395 32.29 13.96 -36.02
C HIS A 395 31.38 12.77 -35.74
N SER A 396 30.91 12.65 -34.49
CA SER A 396 30.07 11.53 -34.09
C SER A 396 28.80 11.45 -34.93
N SER A 397 28.35 12.61 -35.45
CA SER A 397 27.10 12.69 -36.21
C SER A 397 27.24 12.08 -37.60
N LEU A 398 28.48 11.75 -38.01
CA LEU A 398 28.74 11.29 -39.37
C LEU A 398 28.80 9.78 -39.42
N GLY A 399 28.71 9.12 -38.25
CA GLY A 399 28.57 7.68 -38.18
C GLY A 399 29.71 6.97 -38.90
N GLY A 400 30.95 7.40 -38.62
CA GLY A 400 32.12 6.76 -39.16
C GLY A 400 32.29 6.98 -40.67
N GLN A 401 31.67 8.04 -41.19
CA GLN A 401 31.87 8.46 -42.56
C GLN A 401 32.35 9.92 -42.55
N ASP A 402 33.67 10.09 -42.63
CA ASP A 402 34.26 11.45 -42.56
C ASP A 402 33.87 12.28 -43.77
N ILE A 403 34.16 13.57 -43.69
CA ILE A 403 33.86 14.49 -44.82
C ILE A 403 35.21 14.85 -45.42
N ILE A 404 35.40 14.49 -46.69
CA ILE A 404 36.68 14.80 -47.33
C ILE A 404 36.42 15.87 -48.39
N LEU A 405 37.08 17.03 -48.22
CA LEU A 405 37.03 18.09 -49.25
C LEU A 405 38.40 18.05 -49.91
N TYR A 406 38.50 18.32 -51.22
CA TYR A 406 39.78 18.08 -51.90
C TYR A 406 40.51 19.38 -52.20
N TRP A 407 39.83 20.35 -52.83
CA TRP A 407 40.48 21.59 -53.24
C TRP A 407 41.30 21.41 -54.54
N GLY A 408 40.72 21.84 -55.66
CA GLY A 408 41.46 22.01 -56.91
C GLY A 408 42.17 20.74 -57.35
N ILE B 21 41.78 42.23 -10.29
CA ILE B 21 42.52 42.34 -11.58
C ILE B 21 41.48 42.61 -12.65
N GLN B 22 41.99 43.00 -13.82
CA GLN B 22 41.20 43.14 -15.04
C GLN B 22 41.82 42.24 -16.11
N ARG B 23 41.04 41.88 -17.13
CA ARG B 23 41.56 41.19 -18.29
C ARG B 23 40.94 41.82 -19.54
N THR B 24 41.76 41.94 -20.59
CA THR B 24 41.34 42.49 -21.87
C THR B 24 40.48 41.45 -22.57
N PRO B 25 39.36 41.86 -23.20
CA PRO B 25 38.57 40.96 -24.04
C PRO B 25 39.30 40.47 -25.28
N LYS B 26 39.11 39.18 -25.57
CA LYS B 26 39.50 38.56 -26.82
C LYS B 26 38.27 38.57 -27.73
N ILE B 27 38.51 38.92 -29.01
CA ILE B 27 37.41 39.18 -29.93
C ILE B 27 37.56 38.30 -31.15
N GLN B 28 36.59 37.42 -31.40
CA GLN B 28 36.59 36.55 -32.56
C GLN B 28 35.31 36.75 -33.38
N VAL B 29 35.49 36.96 -34.69
CA VAL B 29 34.40 37.28 -35.60
C VAL B 29 34.35 36.25 -36.72
N TYR B 30 33.16 35.71 -36.96
CA TYR B 30 32.99 34.55 -37.82
C TYR B 30 31.52 34.47 -38.21
N SER B 31 31.24 33.73 -39.29
CA SER B 31 29.90 33.59 -39.85
C SER B 31 29.37 32.21 -39.51
N ARG B 32 28.03 32.09 -39.39
CA ARG B 32 27.40 30.83 -39.00
C ARG B 32 27.53 29.81 -40.14
N HIS B 33 27.41 30.31 -41.40
CA HIS B 33 27.44 29.47 -42.57
C HIS B 33 28.50 29.95 -43.56
N PRO B 34 28.89 29.14 -44.57
CA PRO B 34 29.76 29.64 -45.63
C PRO B 34 29.19 30.91 -46.25
N ALA B 35 29.98 31.99 -46.28
CA ALA B 35 29.57 33.23 -46.91
C ALA B 35 29.32 32.99 -48.40
N GLU B 36 28.25 33.60 -48.90
CA GLU B 36 27.87 33.49 -50.30
C GLU B 36 27.12 34.78 -50.64
N ASN B 37 27.63 35.52 -51.63
CA ASN B 37 27.21 36.90 -51.83
C ASN B 37 25.71 36.91 -52.13
N GLY B 38 24.97 37.74 -51.39
CA GLY B 38 23.52 37.83 -51.51
C GLY B 38 22.76 36.66 -50.87
N LYS B 39 23.38 35.91 -49.93
CA LYS B 39 22.72 34.85 -49.18
C LYS B 39 22.73 35.21 -47.69
N SER B 40 21.52 35.32 -47.14
CA SER B 40 21.33 35.58 -45.74
C SER B 40 22.15 34.58 -44.92
N ASN B 41 22.86 35.12 -43.92
CA ASN B 41 23.75 34.35 -43.06
C ASN B 41 23.57 34.93 -41.65
N PHE B 42 24.42 34.53 -40.70
CA PHE B 42 24.49 35.17 -39.39
C PHE B 42 25.94 35.55 -39.09
N LEU B 43 26.12 36.77 -38.57
CA LEU B 43 27.43 37.24 -38.16
C LEU B 43 27.58 37.07 -36.64
N ASN B 44 28.63 36.34 -36.23
CA ASN B 44 28.92 36.05 -34.83
C ASN B 44 30.14 36.82 -34.37
N CYS B 45 30.05 37.40 -33.16
CA CYS B 45 31.19 37.98 -32.48
C CYS B 45 31.25 37.40 -31.08
N TYR B 46 32.32 36.65 -30.80
CA TYR B 46 32.53 36.03 -29.51
C TYR B 46 33.59 36.80 -28.74
N VAL B 47 33.21 37.37 -27.59
CA VAL B 47 34.15 38.14 -26.80
C VAL B 47 34.30 37.41 -25.45
N SER B 48 35.55 37.10 -25.10
CA SER B 48 35.86 36.17 -24.03
C SER B 48 37.09 36.67 -23.26
N GLY B 49 37.36 36.05 -22.13
CA GLY B 49 38.58 36.30 -21.40
C GLY B 49 38.62 37.67 -20.72
N PHE B 50 37.49 38.35 -20.50
CA PHE B 50 37.54 39.71 -19.99
C PHE B 50 37.04 39.77 -18.55
N HIS B 51 37.39 40.88 -17.88
CA HIS B 51 37.00 41.13 -16.49
C HIS B 51 37.26 42.60 -16.21
N PRO B 52 36.35 43.41 -15.62
CA PRO B 52 35.03 42.95 -15.19
C PRO B 52 34.05 42.84 -16.36
N SER B 53 32.82 42.44 -16.03
CA SER B 53 31.85 42.03 -17.04
C SER B 53 31.26 43.22 -17.79
N ASP B 54 31.44 44.44 -17.26
CA ASP B 54 30.89 45.66 -17.89
C ASP B 54 31.53 45.83 -19.27
N ILE B 55 30.73 45.71 -20.32
CA ILE B 55 31.30 45.73 -21.66
C ILE B 55 30.29 46.31 -22.65
N GLU B 56 30.80 46.97 -23.71
CA GLU B 56 29.98 47.49 -24.79
C GLU B 56 30.40 46.78 -26.08
N VAL B 57 29.45 46.17 -26.78
CA VAL B 57 29.76 45.45 -28.00
C VAL B 57 28.74 45.77 -29.09
N ASP B 58 29.21 46.25 -30.24
CA ASP B 58 28.37 46.52 -31.40
C ASP B 58 28.87 45.68 -32.58
N LEU B 59 27.93 45.30 -33.46
CA LEU B 59 28.28 44.77 -34.75
C LEU B 59 28.14 45.91 -35.75
N LEU B 60 29.07 45.98 -36.71
CA LEU B 60 29.17 47.10 -37.63
C LEU B 60 28.98 46.61 -39.06
N LYS B 61 28.30 47.44 -39.86
CA LYS B 61 28.29 47.29 -41.30
C LYS B 61 28.79 48.60 -41.91
N ASN B 62 29.90 48.51 -42.66
CA ASN B 62 30.62 49.69 -43.14
C ASN B 62 30.77 50.67 -41.98
N GLY B 63 31.20 50.14 -40.81
CA GLY B 63 31.54 50.98 -39.67
C GLY B 63 30.34 51.68 -39.04
N GLU B 64 29.12 51.30 -39.45
CA GLU B 64 27.91 51.81 -38.82
C GLU B 64 27.21 50.70 -38.03
N ARG B 65 26.65 51.08 -36.87
CA ARG B 65 26.15 50.10 -35.92
C ARG B 65 24.87 49.47 -36.46
N ILE B 66 24.80 48.15 -36.36
CA ILE B 66 23.61 47.39 -36.69
C ILE B 66 22.71 47.37 -35.45
N GLU B 67 21.40 47.58 -35.68
CA GLU B 67 20.47 47.95 -34.63
C GLU B 67 19.93 46.70 -33.93
N LYS B 68 19.90 45.57 -34.65
CA LYS B 68 19.12 44.42 -34.19
C LYS B 68 20.05 43.31 -33.71
N VAL B 69 20.84 43.61 -32.67
CA VAL B 69 21.87 42.68 -32.24
C VAL B 69 21.36 41.92 -31.01
N GLU B 70 21.59 40.60 -31.00
CA GLU B 70 21.24 39.78 -29.85
C GLU B 70 22.50 39.19 -29.25
N HIS B 71 22.41 38.79 -27.98
CA HIS B 71 23.56 38.22 -27.30
C HIS B 71 23.13 37.15 -26.30
N SER B 72 23.98 36.15 -26.10
CA SER B 72 23.80 35.17 -25.04
C SER B 72 23.79 35.86 -23.66
N ASP B 73 23.21 35.19 -22.67
CA ASP B 73 23.35 35.66 -21.29
C ASP B 73 24.81 35.52 -20.86
N LEU B 74 25.24 36.43 -20.01
CA LEU B 74 26.59 36.46 -19.47
C LEU B 74 26.97 35.14 -18.79
N SER B 75 28.21 34.71 -19.04
CA SER B 75 28.77 33.52 -18.45
C SER B 75 30.22 33.76 -18.15
N PHE B 76 30.92 32.77 -17.58
CA PHE B 76 32.35 32.93 -17.32
C PHE B 76 33.00 31.57 -17.32
N SER B 77 34.32 31.53 -17.53
CA SER B 77 35.10 30.29 -17.68
C SER B 77 35.70 29.90 -16.32
N LYS B 78 36.47 28.81 -16.31
CA LYS B 78 37.20 28.29 -15.16
C LYS B 78 37.98 29.39 -14.42
N ASP B 79 38.57 30.33 -15.15
CA ASP B 79 39.42 31.36 -14.57
C ASP B 79 38.60 32.60 -14.19
N TRP B 80 37.27 32.47 -14.20
CA TRP B 80 36.37 33.53 -13.81
C TRP B 80 36.21 34.63 -14.88
N SER B 81 36.95 34.54 -16.00
CA SER B 81 36.84 35.56 -17.04
C SER B 81 35.54 35.37 -17.80
N PHE B 82 34.92 36.47 -18.22
CA PHE B 82 33.58 36.43 -18.77
C PHE B 82 33.60 36.18 -20.28
N TYR B 83 32.50 35.64 -20.81
CA TYR B 83 32.36 35.44 -22.23
C TYR B 83 30.89 35.55 -22.65
N LEU B 84 30.70 35.79 -23.95
CA LEU B 84 29.49 36.35 -24.52
C LEU B 84 29.53 36.14 -26.03
N LEU B 85 28.40 35.73 -26.59
CA LEU B 85 28.20 35.68 -28.03
C LEU B 85 27.23 36.76 -28.44
N TYR B 86 27.65 37.62 -29.37
CA TYR B 86 26.76 38.54 -30.05
C TYR B 86 26.56 38.00 -31.46
N TYR B 87 25.33 38.11 -31.99
CA TYR B 87 25.01 37.65 -33.33
C TYR B 87 23.83 38.43 -33.88
N THR B 88 23.77 38.45 -35.23
CA THR B 88 22.74 39.15 -35.97
C THR B 88 22.72 38.59 -37.39
N GLU B 89 21.54 38.56 -37.98
CA GLU B 89 21.41 38.21 -39.38
C GLU B 89 22.05 39.30 -40.22
N PHE B 90 22.88 38.89 -41.20
CA PHE B 90 23.41 39.83 -42.17
C PHE B 90 23.35 39.16 -43.54
N THR B 91 23.62 39.97 -44.59
CA THR B 91 23.82 39.42 -45.92
C THR B 91 25.15 39.93 -46.48
N PRO B 92 26.15 39.03 -46.62
CA PRO B 92 27.43 39.41 -47.19
C PRO B 92 27.34 39.66 -48.69
N THR B 93 27.91 40.78 -49.16
CA THR B 93 27.97 41.09 -50.57
C THR B 93 29.42 41.06 -51.00
N GLU B 94 29.71 41.46 -52.25
CA GLU B 94 31.08 41.58 -52.72
C GLU B 94 31.80 42.69 -51.96
N LYS B 95 31.02 43.69 -51.51
CA LYS B 95 31.53 45.03 -51.22
C LYS B 95 31.26 45.46 -49.77
N ASP B 96 30.20 44.98 -49.13
CA ASP B 96 29.89 45.43 -47.77
C ASP B 96 30.93 44.87 -46.81
N GLU B 97 31.32 45.69 -45.83
CA GLU B 97 32.24 45.28 -44.78
C GLU B 97 31.51 45.16 -43.44
N TYR B 98 32.14 44.40 -42.54
CA TYR B 98 31.50 44.00 -41.30
C TYR B 98 32.57 43.87 -40.24
N ALA B 99 32.25 44.37 -39.03
CA ALA B 99 33.20 44.38 -37.94
C ALA B 99 32.50 44.14 -36.60
N CYS B 100 33.31 43.93 -35.56
CA CYS B 100 32.85 43.85 -34.18
C CYS B 100 33.62 44.90 -33.39
N ARG B 101 32.88 45.82 -32.75
CA ARG B 101 33.47 46.93 -32.02
C ARG B 101 33.21 46.72 -30.54
N VAL B 102 34.29 46.65 -29.75
CA VAL B 102 34.22 46.38 -28.33
C VAL B 102 34.84 47.53 -27.56
N ASN B 103 34.17 48.00 -26.49
CA ASN B 103 34.84 48.88 -25.54
C ASN B 103 34.68 48.30 -24.14
N HIS B 104 35.66 48.60 -23.29
CA HIS B 104 35.84 47.94 -22.01
C HIS B 104 36.83 48.80 -21.24
N VAL B 105 36.81 48.64 -19.93
CA VAL B 105 37.61 49.50 -19.08
C VAL B 105 39.08 49.26 -19.38
N THR B 106 39.45 48.04 -19.79
CA THR B 106 40.83 47.73 -20.18
C THR B 106 41.23 48.43 -21.48
N LEU B 107 40.26 48.89 -22.29
CA LEU B 107 40.56 49.54 -23.56
C LEU B 107 40.33 51.04 -23.44
N SER B 108 41.32 51.79 -23.93
CA SER B 108 41.35 53.24 -23.92
C SER B 108 40.67 53.82 -25.16
N GLN B 109 40.28 52.92 -26.08
CA GLN B 109 39.47 53.29 -27.22
C GLN B 109 38.80 52.03 -27.75
N PRO B 110 37.59 52.14 -28.33
CA PRO B 110 36.96 50.96 -28.90
C PRO B 110 37.94 50.22 -29.78
N LYS B 111 37.87 48.89 -29.77
CA LYS B 111 38.69 48.09 -30.67
C LYS B 111 37.78 47.44 -31.70
N ILE B 112 38.15 47.61 -32.97
CA ILE B 112 37.35 47.15 -34.10
C ILE B 112 38.08 45.95 -34.70
N VAL B 113 37.35 44.85 -34.91
CA VAL B 113 37.90 43.67 -35.53
C VAL B 113 37.02 43.36 -36.73
N LYS B 114 37.56 43.61 -37.94
CA LYS B 114 36.87 43.32 -39.18
C LYS B 114 36.63 41.81 -39.32
N TRP B 115 35.48 41.48 -39.90
CA TRP B 115 35.22 40.14 -40.40
C TRP B 115 35.97 39.95 -41.72
N ASP B 116 36.60 38.78 -41.86
CA ASP B 116 37.12 38.36 -43.15
C ASP B 116 36.39 37.08 -43.55
N ARG B 117 35.90 37.07 -44.79
CA ARG B 117 35.04 36.02 -45.31
C ARG B 117 35.74 34.66 -45.28
N ASP B 118 37.08 34.65 -45.23
CA ASP B 118 37.84 33.42 -45.42
C ASP B 118 38.42 32.90 -44.11
N ILE B 119 38.91 33.79 -43.23
CA ILE B 119 39.54 33.37 -41.98
C ILE B 119 38.88 33.99 -40.73
N GLY B 120 37.77 34.70 -40.90
CA GLY B 120 37.19 35.45 -39.79
C GLY B 120 38.10 36.58 -39.33
N GLY B 121 37.87 37.04 -38.09
CA GLY B 121 38.72 38.01 -37.42
C GLY B 121 39.04 37.55 -36.00
N GLY B 122 40.22 37.93 -35.50
CA GLY B 122 40.62 37.66 -34.13
C GLY B 122 41.48 36.40 -33.96
N GLY B 123 41.60 35.58 -35.01
CA GLY B 123 42.50 34.42 -35.00
C GLY B 123 42.20 33.45 -33.87
N SER B 124 43.25 32.78 -33.36
CA SER B 124 43.20 31.82 -32.28
C SER B 124 42.33 30.61 -32.67
N ASN C 3 -3.15 24.88 1.25
CA ASN C 3 -2.05 25.06 2.24
C ASN C 3 -1.34 23.73 2.45
N SER C 4 -0.06 23.84 2.73
CA SER C 4 0.81 22.64 2.86
C SER C 4 0.93 22.23 4.32
N VAL C 5 0.17 22.84 5.21
CA VAL C 5 0.17 22.41 6.65
C VAL C 5 -1.27 22.02 7.01
N THR C 6 -1.46 20.75 7.34
CA THR C 6 -2.77 20.25 7.74
C THR C 6 -2.67 19.76 9.16
N GLN C 7 -3.50 20.30 10.05
CA GLN C 7 -3.48 19.86 11.46
C GLN C 7 -4.87 19.40 11.89
N MET C 8 -4.93 18.60 12.95
CA MET C 8 -6.16 18.03 13.49
C MET C 8 -7.23 19.12 13.66
N GLU C 9 -8.43 18.78 13.22
CA GLU C 9 -9.57 19.63 13.56
C GLU C 9 -9.87 19.46 15.05
N GLY C 10 -10.09 20.56 15.74
CA GLY C 10 -10.45 20.52 17.13
C GLY C 10 -11.94 20.80 17.31
N PRO C 11 -12.42 21.07 18.53
CA PRO C 11 -11.55 21.15 19.71
C PRO C 11 -11.16 19.78 20.26
N VAL C 12 -10.01 19.73 20.93
CA VAL C 12 -9.62 18.53 21.66
C VAL C 12 -9.89 18.80 23.13
N THR C 13 -10.71 17.93 23.73
CA THR C 13 -11.17 18.08 25.10
C THR C 13 -10.65 16.88 25.88
N LEU C 14 -9.90 17.15 26.94
CA LEU C 14 -9.39 16.09 27.77
C LEU C 14 -9.16 16.62 29.18
N SER C 15 -9.08 15.72 30.17
CA SER C 15 -8.92 16.21 31.54
C SER C 15 -7.45 16.38 31.87
N GLU C 16 -7.22 17.26 32.86
CA GLU C 16 -5.93 17.38 33.50
C GLU C 16 -5.33 16.00 33.74
N GLU C 17 -4.04 15.89 33.42
CA GLU C 17 -3.21 14.71 33.64
C GLU C 17 -3.28 13.73 32.47
N ALA C 18 -4.21 13.93 31.52
CA ALA C 18 -4.29 13.08 30.34
C ALA C 18 -3.19 13.45 29.34
N PHE C 19 -2.83 12.47 28.50
CA PHE C 19 -1.89 12.64 27.43
C PHE C 19 -2.55 13.38 26.26
N LEU C 20 -1.88 14.41 25.75
CA LEU C 20 -2.37 15.21 24.62
C LEU C 20 -1.56 14.88 23.37
N THR C 21 -2.26 14.70 22.23
CA THR C 21 -1.64 14.55 20.93
C THR C 21 -2.38 15.43 19.93
N ILE C 22 -1.68 16.40 19.31
CA ILE C 22 -2.22 17.12 18.18
C ILE C 22 -1.44 16.73 16.93
N ASN C 23 -2.12 16.10 15.99
CA ASN C 23 -1.51 15.66 14.73
C ASN C 23 -1.29 16.84 13.80
N CYS C 24 -0.15 16.82 13.10
CA CYS C 24 0.14 17.84 12.08
C CYS C 24 0.92 17.19 10.93
N THR C 25 0.44 17.34 9.70
CA THR C 25 1.15 16.81 8.52
C THR C 25 1.45 17.97 7.59
N TYR C 26 2.43 17.81 6.71
CA TYR C 26 2.80 18.93 5.87
C TYR C 26 3.37 18.38 4.56
N THR C 27 3.37 19.23 3.54
CA THR C 27 4.07 18.99 2.30
C THR C 27 5.11 20.09 2.16
N ALA C 28 6.38 19.70 2.03
CA ALA C 28 7.48 20.64 2.02
C ALA C 28 8.64 20.14 1.16
N TYR C 29 9.65 20.97 0.94
CA TYR C 29 10.74 20.66 0.07
C TYR C 29 12.06 21.06 0.71
N GLY C 30 13.15 20.34 0.37
CA GLY C 30 14.48 20.73 0.77
C GLY C 30 14.60 20.71 2.29
N LEU C 31 15.25 21.72 2.83
CA LEU C 31 15.62 21.80 4.23
C LEU C 31 14.70 22.80 4.90
N TYR C 32 13.44 22.42 5.05
CA TYR C 32 12.44 23.26 5.74
C TYR C 32 12.58 23.14 7.26
N SER C 33 11.94 24.07 7.98
CA SER C 33 11.94 24.04 9.46
C SER C 33 10.50 24.00 9.96
N LEU C 34 10.24 23.28 11.05
CA LEU C 34 8.86 23.12 11.58
C LEU C 34 8.71 23.81 12.93
N PHE C 35 7.50 24.26 13.25
CA PHE C 35 7.28 25.05 14.49
C PHE C 35 5.92 24.80 15.09
N TRP C 36 5.78 25.04 16.40
CA TRP C 36 4.44 25.00 17.01
C TRP C 36 4.23 26.34 17.74
N TYR C 37 3.15 27.04 17.37
CA TYR C 37 2.81 28.32 18.03
C TYR C 37 1.61 28.10 18.91
N VAL C 38 1.50 28.90 19.96
CA VAL C 38 0.40 28.79 20.90
C VAL C 38 -0.20 30.17 21.09
N GLN C 39 -1.53 30.20 21.18
CA GLN C 39 -2.28 31.40 21.47
C GLN C 39 -3.17 31.13 22.68
N TYR C 40 -2.74 31.63 23.84
CA TYR C 40 -3.56 31.58 25.05
C TYR C 40 -4.72 32.55 24.91
N PRO C 41 -5.87 32.28 25.56
CA PRO C 41 -7.04 33.18 25.50
C PRO C 41 -6.75 34.64 25.78
N GLY C 42 -7.21 35.51 24.87
CA GLY C 42 -7.02 36.95 24.95
C GLY C 42 -5.57 37.39 24.70
N GLU C 43 -4.72 36.53 24.14
CA GLU C 43 -3.32 36.86 23.92
C GLU C 43 -2.93 36.72 22.44
N GLY C 44 -1.78 37.28 22.09
CA GLY C 44 -1.20 37.11 20.76
C GLY C 44 -0.54 35.74 20.59
N LEU C 45 -0.17 35.42 19.35
CA LEU C 45 0.58 34.22 19.03
C LEU C 45 1.99 34.31 19.56
N GLN C 46 2.52 33.17 19.97
CA GLN C 46 3.91 33.09 20.41
C GLN C 46 4.45 31.71 20.13
N LEU C 47 5.74 31.60 19.93
CA LEU C 47 6.37 30.28 19.63
C LEU C 47 6.31 29.37 20.86
N LEU C 48 5.86 28.14 20.68
CA LEU C 48 5.87 27.15 21.77
C LEU C 48 7.18 26.35 21.64
N LEU C 49 7.36 25.67 20.50
CA LEU C 49 8.60 24.91 20.25
C LEU C 49 8.93 24.92 18.75
N LYS C 50 10.16 24.54 18.39
CA LYS C 50 10.57 24.50 16.97
C LYS C 50 11.58 23.37 16.72
N ALA C 51 11.69 22.93 15.47
CA ALA C 51 12.70 21.92 15.06
C ALA C 51 13.26 22.33 13.70
N THR C 52 14.55 22.68 13.63
CA THR C 52 15.14 23.23 12.39
C THR C 52 15.64 22.13 11.47
N LYS C 53 16.02 20.97 12.01
CA LYS C 53 16.59 19.91 11.15
C LYS C 53 15.88 18.58 11.38
N ALA C 54 15.96 17.68 10.40
CA ALA C 54 15.30 16.36 10.52
C ALA C 54 15.72 15.64 11.78
N ASP C 55 14.76 15.04 12.50
CA ASP C 55 15.03 14.23 13.67
C ASP C 55 15.28 15.09 14.91
N ASP C 56 15.20 16.40 14.71
CA ASP C 56 15.31 17.32 15.86
C ASP C 56 13.99 17.28 16.63
N LYS C 57 14.08 17.15 17.95
CA LYS C 57 12.92 17.20 18.81
C LYS C 57 12.88 18.57 19.43
N GLY C 58 11.73 19.23 19.32
CA GLY C 58 11.52 20.53 19.97
C GLY C 58 10.81 20.30 21.27
N SER C 59 11.29 20.92 22.34
CA SER C 59 10.70 20.64 23.66
C SER C 59 10.46 21.95 24.41
N ASN C 60 9.33 22.03 25.11
CA ASN C 60 9.04 23.24 25.93
C ASN C 60 7.93 22.96 26.94
N LYS C 61 8.28 22.98 28.23
CA LYS C 61 7.27 22.93 29.27
C LYS C 61 6.44 21.66 29.16
N GLY C 62 7.11 20.56 28.81
CA GLY C 62 6.45 19.26 28.74
C GLY C 62 5.91 18.95 27.35
N PHE C 63 5.77 19.96 26.50
CA PHE C 63 5.33 19.72 25.12
C PHE C 63 6.52 19.27 24.29
N GLU C 64 6.29 18.39 23.33
CA GLU C 64 7.38 17.94 22.43
C GLU C 64 6.86 17.63 21.02
N ALA C 65 7.69 17.91 20.01
CA ALA C 65 7.36 17.56 18.61
C ALA C 65 8.65 17.17 17.88
N THR C 66 8.62 16.05 17.15
CA THR C 66 9.78 15.57 16.46
C THR C 66 9.58 15.72 14.95
N TYR C 67 10.58 16.35 14.33
CA TYR C 67 10.61 16.54 12.87
C TYR C 67 10.88 15.18 12.26
N ARG C 68 9.85 14.60 11.68
CA ARG C 68 9.91 13.26 11.11
C ARG C 68 9.68 13.37 9.61
N LYS C 69 10.79 13.41 8.84
CA LYS C 69 10.71 13.53 7.40
C LYS C 69 9.88 12.39 6.83
N GLU C 70 10.32 11.16 7.07
CA GLU C 70 9.81 9.99 6.40
C GLU C 70 8.31 9.79 6.63
N THR C 71 7.71 10.37 7.69
CA THR C 71 6.25 10.28 7.85
C THR C 71 5.56 11.64 7.65
N THR C 72 6.32 12.68 7.31
CA THR C 72 5.72 13.97 6.96
C THR C 72 4.89 14.53 8.14
N SER C 73 5.41 14.37 9.38
CA SER C 73 4.70 14.61 10.62
C SER C 73 5.44 15.58 11.52
N PHE C 74 4.66 16.33 12.32
CA PHE C 74 5.23 17.19 13.40
C PHE C 74 4.17 17.13 14.53
N HIS C 75 3.84 15.93 15.01
CA HIS C 75 2.81 15.72 16.02
C HIS C 75 3.21 16.38 17.34
N LEU C 76 2.29 17.11 17.94
CA LEU C 76 2.54 17.75 19.26
C LEU C 76 2.04 16.81 20.35
N GLU C 77 2.92 16.45 21.28
CA GLU C 77 2.56 15.62 22.41
C GLU C 77 2.92 16.31 23.71
N LYS C 78 2.10 16.07 24.72
CA LYS C 78 2.43 16.44 26.09
C LYS C 78 1.89 15.35 27.00
N GLY C 79 2.78 14.85 27.86
CA GLY C 79 2.48 13.72 28.72
C GLY C 79 1.29 13.97 29.65
N SER C 80 1.19 15.17 30.20
CA SER C 80 0.27 15.36 31.30
C SER C 80 -0.23 16.81 31.30
N VAL C 81 -1.40 17.06 30.74
CA VAL C 81 -1.84 18.42 30.49
C VAL C 81 -2.36 19.04 31.77
N GLN C 82 -2.26 20.35 31.85
CA GLN C 82 -2.74 21.17 32.97
C GLN C 82 -3.83 22.05 32.39
N VAL C 83 -4.71 22.55 33.24
CA VAL C 83 -5.84 23.35 32.81
C VAL C 83 -5.38 24.59 32.07
N SER C 84 -4.24 25.13 32.48
CA SER C 84 -3.70 26.32 31.89
C SER C 84 -3.12 26.08 30.49
N ASP C 85 -3.21 24.85 29.98
CA ASP C 85 -2.73 24.51 28.64
C ASP C 85 -3.86 24.68 27.65
N SER C 86 -5.03 25.07 28.17
CA SER C 86 -6.21 25.33 27.30
C SER C 86 -5.87 26.50 26.39
N ALA C 87 -5.87 26.28 25.07
CA ALA C 87 -5.42 27.31 24.15
C ALA C 87 -5.68 26.83 22.73
N VAL C 88 -5.24 27.65 21.75
CA VAL C 88 -5.20 27.20 20.36
C VAL C 88 -3.73 26.99 19.99
N TYR C 89 -3.46 25.84 19.36
CA TYR C 89 -2.12 25.46 18.95
C TYR C 89 -2.07 25.45 17.43
N PHE C 90 -1.02 26.07 16.87
CA PHE C 90 -0.85 26.15 15.41
C PHE C 90 0.45 25.49 14.98
N CYS C 91 0.35 24.45 14.17
CA CYS C 91 1.49 23.90 13.47
C CYS C 91 1.91 24.87 12.37
N ALA C 92 3.21 24.93 12.07
CA ALA C 92 3.72 25.83 11.06
C ALA C 92 5.03 25.34 10.44
N LEU C 93 5.26 25.81 9.21
CA LEU C 93 6.33 25.35 8.33
C LEU C 93 6.98 26.59 7.71
N SER C 94 8.31 26.70 7.83
CA SER C 94 9.09 27.66 7.06
C SER C 94 9.71 26.93 5.89
N GLY C 95 9.27 27.26 4.67
CA GLY C 95 9.84 26.76 3.43
C GLY C 95 11.02 27.65 3.02
N GLN C 96 11.27 27.77 1.70
CA GLN C 96 12.51 28.39 1.28
C GLN C 96 13.69 27.87 2.12
N TYR C 97 13.74 26.56 2.33
CA TYR C 97 14.81 25.93 3.09
C TYR C 97 14.99 26.57 4.46
N GLY C 98 13.88 26.97 5.09
CA GLY C 98 13.90 27.45 6.47
C GLY C 98 14.14 28.93 6.58
N TRP C 99 14.13 29.61 5.44
CA TRP C 99 14.30 31.06 5.37
C TRP C 99 12.96 31.76 5.13
N GLY C 100 11.88 31.01 4.78
CA GLY C 100 10.65 31.62 4.33
C GLY C 100 9.67 31.93 5.47
N LYS C 101 8.63 32.67 5.12
CA LYS C 101 7.47 32.99 5.94
C LYS C 101 6.90 31.71 6.57
N LEU C 102 6.42 31.83 7.80
CA LEU C 102 5.69 30.72 8.39
C LEU C 102 4.40 30.52 7.63
N GLN C 103 4.14 29.26 7.31
CA GLN C 103 2.86 28.80 6.81
C GLN C 103 2.18 27.99 7.90
N PHE C 104 0.96 28.41 8.27
CA PHE C 104 0.27 27.90 9.43
C PHE C 104 -0.81 26.91 9.06
N GLY C 105 -1.08 26.02 10.00
CA GLY C 105 -2.27 25.19 9.85
C GLY C 105 -3.46 26.00 10.35
N ALA C 106 -4.64 25.40 10.40
CA ALA C 106 -5.88 26.14 10.75
C ALA C 106 -5.98 26.35 12.26
N GLY C 107 -5.18 25.62 13.02
CA GLY C 107 -5.23 25.75 14.47
C GLY C 107 -6.04 24.62 15.11
N THR C 108 -5.64 24.19 16.30
CA THR C 108 -6.38 23.18 17.06
C THR C 108 -6.57 23.69 18.49
N GLN C 109 -7.85 23.82 18.84
CA GLN C 109 -8.21 24.30 20.18
C GLN C 109 -8.14 23.14 21.14
N VAL C 110 -7.50 23.37 22.27
CA VAL C 110 -7.43 22.39 23.33
C VAL C 110 -8.20 22.95 24.52
N VAL C 111 -9.11 22.11 25.02
CA VAL C 111 -9.88 22.45 26.24
C VAL C 111 -9.52 21.39 27.28
N VAL C 112 -8.82 21.81 28.34
CA VAL C 112 -8.40 20.90 29.41
C VAL C 112 -9.38 21.08 30.56
N THR C 113 -10.11 20.01 30.92
CA THR C 113 -11.15 20.09 31.94
C THR C 113 -10.60 19.68 33.30
N PRO C 114 -11.04 20.36 34.38
CA PRO C 114 -10.63 20.00 35.73
C PRO C 114 -11.22 18.67 36.18
N ASP C 115 -10.43 17.93 36.96
CA ASP C 115 -10.92 16.70 37.52
C ASP C 115 -11.62 17.05 38.83
N ILE C 116 -12.95 17.01 38.86
CA ILE C 116 -13.74 17.33 40.05
C ILE C 116 -14.14 16.02 40.70
N GLN C 117 -13.48 15.66 41.81
CA GLN C 117 -13.78 14.41 42.52
C GLN C 117 -14.93 14.61 43.49
N ASN C 118 -15.15 15.85 43.95
CA ASN C 118 -16.23 16.16 44.86
C ASN C 118 -17.27 17.10 44.27
N PRO C 119 -18.06 16.68 43.26
CA PRO C 119 -19.08 17.57 42.70
C PRO C 119 -20.14 17.94 43.73
N ASP C 120 -20.52 19.20 43.73
CA ASP C 120 -21.64 19.69 44.52
C ASP C 120 -22.58 20.44 43.60
N PRO C 121 -23.13 19.78 42.56
CA PRO C 121 -23.88 20.48 41.54
C PRO C 121 -25.07 21.23 42.09
N ALA C 122 -25.12 22.54 41.87
CA ALA C 122 -26.24 23.34 42.35
C ALA C 122 -26.49 24.52 41.41
N VAL C 123 -27.71 25.03 41.46
CA VAL C 123 -28.11 26.23 40.75
C VAL C 123 -28.48 27.30 41.77
N TYR C 124 -27.94 28.52 41.61
CA TYR C 124 -28.22 29.64 42.50
C TYR C 124 -28.74 30.84 41.72
N GLN C 125 -29.41 31.74 42.44
CA GLN C 125 -29.85 33.00 41.90
C GLN C 125 -29.14 34.16 42.58
N LEU C 126 -28.60 35.09 41.78
CA LEU C 126 -27.87 36.23 42.28
C LEU C 126 -28.61 37.51 41.88
N ARG C 127 -28.76 38.47 42.81
CA ARG C 127 -29.42 39.72 42.49
C ARG C 127 -28.41 40.78 42.08
N ASP C 128 -28.86 41.81 41.35
CA ASP C 128 -27.97 42.88 40.90
C ASP C 128 -27.70 43.76 42.11
N SER C 129 -26.42 44.20 42.24
CA SER C 129 -25.98 45.06 43.32
C SER C 129 -26.57 46.47 43.20
N LYS C 130 -27.00 46.89 42.00
CA LYS C 130 -27.57 48.21 41.80
C LYS C 130 -29.10 48.13 41.86
N SER C 131 -29.66 47.09 41.25
CA SER C 131 -31.10 47.01 41.00
C SER C 131 -31.56 45.60 41.32
N SER C 132 -32.16 45.42 42.50
CA SER C 132 -32.49 44.12 43.04
C SER C 132 -33.39 43.31 42.09
N ASP C 133 -34.15 44.00 41.21
CA ASP C 133 -35.14 43.37 40.33
C ASP C 133 -34.48 42.61 39.16
N LYS C 134 -33.34 43.08 38.65
CA LYS C 134 -32.59 42.36 37.63
C LYS C 134 -31.85 41.19 38.29
N SER C 135 -31.79 40.03 37.63
CA SER C 135 -31.07 38.89 38.22
C SER C 135 -30.60 37.87 37.19
N VAL C 136 -29.75 36.96 37.69
CA VAL C 136 -28.96 36.02 36.93
C VAL C 136 -28.97 34.67 37.65
N CYS C 137 -28.80 33.58 36.91
CA CYS C 137 -28.72 32.24 37.48
C CYS C 137 -27.33 31.68 37.30
N LEU C 138 -26.91 30.86 38.27
CA LEU C 138 -25.56 30.30 38.26
C LEU C 138 -25.66 28.80 38.50
N PHE C 139 -25.14 28.00 37.56
CA PHE C 139 -25.00 26.57 37.71
C PHE C 139 -23.51 26.32 37.99
N THR C 140 -23.18 25.58 39.03
CA THR C 140 -21.78 25.51 39.46
C THR C 140 -21.52 24.21 40.21
N ASP C 141 -20.24 23.88 40.33
CA ASP C 141 -19.76 22.78 41.15
C ASP C 141 -20.13 21.44 40.54
N PHE C 142 -20.54 21.43 39.28
CA PHE C 142 -20.81 20.20 38.56
C PHE C 142 -19.48 19.61 38.06
N ASP C 143 -19.48 18.31 37.77
CA ASP C 143 -18.30 17.64 37.24
C ASP C 143 -18.10 18.01 35.77
N SER C 144 -16.94 17.63 35.23
CA SER C 144 -16.50 18.10 33.93
C SER C 144 -17.17 17.33 32.78
N GLN C 145 -17.82 16.19 33.06
CA GLN C 145 -18.49 15.39 32.05
C GLN C 145 -19.94 15.85 31.90
N THR C 146 -20.36 16.82 32.71
CA THR C 146 -21.71 17.35 32.64
C THR C 146 -21.82 18.26 31.43
N GLN C 147 -22.88 18.03 30.66
CA GLN C 147 -23.22 18.82 29.48
C GLN C 147 -24.25 19.86 29.89
N VAL C 148 -23.98 21.13 29.62
CA VAL C 148 -24.93 22.21 29.79
C VAL C 148 -25.78 22.36 28.53
N SER C 149 -27.07 22.03 28.62
CA SER C 149 -28.04 22.32 27.57
C SER C 149 -27.94 23.75 27.07
N GLN C 150 -27.96 23.94 25.75
CA GLN C 150 -28.20 25.25 25.16
C GLN C 150 -29.65 25.65 25.42
N SER C 151 -29.91 26.95 25.32
CA SER C 151 -31.27 27.47 25.56
C SER C 151 -32.20 27.11 24.40
N LYS C 152 -33.47 26.85 24.69
CA LYS C 152 -34.47 26.58 23.65
C LYS C 152 -35.44 27.76 23.66
N ASP C 153 -35.05 28.84 24.34
CA ASP C 153 -35.88 30.06 24.41
C ASP C 153 -34.99 31.24 23.99
N SER C 154 -35.50 32.13 23.15
CA SER C 154 -34.71 33.25 22.60
C SER C 154 -34.54 34.34 23.66
N ASP C 155 -35.46 34.38 24.61
CA ASP C 155 -35.38 35.34 25.70
C ASP C 155 -34.43 34.87 26.81
N VAL C 156 -33.98 33.61 26.73
CA VAL C 156 -33.11 33.02 27.78
C VAL C 156 -31.73 32.75 27.20
N TYR C 157 -30.69 33.27 27.85
CA TYR C 157 -29.30 33.07 27.38
C TYR C 157 -28.58 32.19 28.37
N ILE C 158 -27.94 31.13 27.88
CA ILE C 158 -27.17 30.18 28.73
C ILE C 158 -25.76 30.10 28.11
N THR C 159 -24.73 30.48 28.86
CA THR C 159 -23.35 30.44 28.42
C THR C 159 -22.88 29.00 28.39
N ASP C 160 -21.72 28.83 27.83
CA ASP C 160 -21.01 27.58 27.93
C ASP C 160 -20.39 27.52 29.31
N LYS C 161 -19.92 26.33 29.66
CA LYS C 161 -19.22 26.10 30.91
C LYS C 161 -17.87 26.81 30.84
N CYS C 162 -17.35 27.03 32.03
CA CYS C 162 -16.11 27.82 32.15
C CYS C 162 -15.44 27.33 33.44
N VAL C 163 -14.12 27.23 33.44
CA VAL C 163 -13.39 26.70 34.63
C VAL C 163 -12.69 27.86 35.34
N LEU C 164 -13.00 28.05 36.62
CA LEU C 164 -12.26 29.05 37.42
C LEU C 164 -11.31 28.28 38.34
N ASP C 165 -10.19 28.88 38.67
CA ASP C 165 -9.20 28.23 39.55
C ASP C 165 -8.85 29.17 40.70
N MET C 166 -9.32 28.83 41.89
CA MET C 166 -8.94 29.64 43.08
C MET C 166 -7.57 29.06 43.49
N ARG C 167 -6.49 29.70 43.05
CA ARG C 167 -5.14 29.15 43.28
C ARG C 167 -4.79 29.09 44.77
N SER C 168 -5.18 30.11 45.53
CA SER C 168 -4.86 30.17 46.99
C SER C 168 -5.46 28.99 47.75
N MET C 169 -6.41 28.26 47.17
CA MET C 169 -7.09 27.16 47.90
C MET C 169 -7.00 25.87 47.10
N ASP C 170 -6.10 25.80 46.12
CA ASP C 170 -5.99 24.61 45.24
C ASP C 170 -7.40 24.10 44.95
N PHE C 171 -8.23 24.96 44.37
CA PHE C 171 -9.62 24.56 44.12
C PHE C 171 -10.06 25.02 42.74
N LYS C 172 -10.58 24.08 41.96
CA LYS C 172 -11.17 24.42 40.67
C LYS C 172 -12.65 24.05 40.64
N SER C 173 -13.43 24.84 39.89
CA SER C 173 -14.86 24.60 39.75
C SER C 173 -15.34 25.03 38.35
N ASN C 174 -16.34 24.33 37.84
CA ASN C 174 -17.04 24.64 36.63
C ASN C 174 -18.24 25.53 36.97
N SER C 175 -18.62 26.43 36.04
CA SER C 175 -19.87 27.13 36.12
C SER C 175 -20.37 27.51 34.72
N ALA C 176 -21.70 27.76 34.68
CA ALA C 176 -22.36 28.35 33.54
C ALA C 176 -23.40 29.34 34.06
N VAL C 177 -23.68 30.38 33.25
CA VAL C 177 -24.59 31.43 33.64
C VAL C 177 -25.80 31.42 32.73
N ALA C 178 -26.95 31.83 33.27
CA ALA C 178 -28.14 32.00 32.47
C ALA C 178 -28.85 33.28 32.90
N TRP C 179 -29.54 33.94 31.98
CA TRP C 179 -30.29 35.13 32.32
C TRP C 179 -31.37 35.40 31.30
N SER C 180 -32.29 36.29 31.69
CA SER C 180 -33.47 36.56 30.90
C SER C 180 -34.06 37.89 31.33
N GLN C 181 -34.81 38.53 30.42
CA GLN C 181 -35.61 39.71 30.73
C GLN C 181 -36.90 39.31 31.46
N LYS C 182 -37.47 38.15 31.10
CA LYS C 182 -38.73 37.73 31.67
C LYS C 182 -38.69 37.92 33.19
N SER C 183 -39.77 38.50 33.74
CA SER C 183 -39.87 38.73 35.18
C SER C 183 -40.14 37.40 35.90
N ASP C 184 -40.95 36.55 35.26
CA ASP C 184 -41.29 35.23 35.77
C ASP C 184 -40.11 34.26 35.55
N PHE C 185 -38.87 34.72 35.72
CA PHE C 185 -37.75 33.93 35.27
C PHE C 185 -37.31 33.03 36.41
N ALA C 186 -37.29 31.71 36.15
CA ALA C 186 -37.05 30.74 37.20
C ALA C 186 -35.77 29.97 36.90
N CYS C 187 -34.85 30.01 37.86
CA CYS C 187 -33.54 29.41 37.73
C CYS C 187 -33.67 27.89 37.58
N ALA C 188 -34.54 27.28 38.39
CA ALA C 188 -34.77 25.84 38.33
C ALA C 188 -35.02 25.38 36.88
N ASN C 189 -35.66 26.23 36.08
CA ASN C 189 -35.98 25.86 34.68
C ASN C 189 -34.77 26.06 33.78
N ALA C 190 -34.09 27.21 33.88
CA ALA C 190 -32.97 27.53 32.96
C ALA C 190 -32.10 26.31 32.69
N PHE C 191 -31.67 25.64 33.76
CA PHE C 191 -30.78 24.51 33.61
C PHE C 191 -31.63 23.25 33.67
N GLN C 192 -31.45 22.36 32.68
CA GLN C 192 -32.13 21.08 32.71
C GLN C 192 -31.48 20.26 33.82
N ASN C 193 -32.28 19.79 34.79
CA ASN C 193 -31.79 19.39 36.10
C ASN C 193 -30.88 18.16 35.98
N ASP D 2 12.38 43.12 26.41
CA ASP D 2 11.14 42.42 25.98
C ASP D 2 10.22 43.38 25.20
N THR D 3 10.72 44.51 24.73
CA THR D 3 9.89 45.36 23.86
C THR D 3 9.70 44.58 22.56
N GLY D 4 8.50 44.06 22.33
CA GLY D 4 8.26 43.20 21.17
C GLY D 4 7.73 43.96 19.98
N VAL D 5 7.00 43.28 19.11
CA VAL D 5 6.50 43.94 17.94
C VAL D 5 5.32 44.78 18.39
N SER D 6 5.29 46.03 17.93
CA SER D 6 4.19 46.97 18.29
C SER D 6 3.31 47.28 17.08
N GLN D 7 2.01 47.05 17.21
CA GLN D 7 1.04 47.37 16.13
C GLN D 7 0.04 48.43 16.61
N ASN D 8 -0.31 49.37 15.74
CA ASN D 8 -1.28 50.45 16.06
C ASN D 8 -2.15 50.71 14.83
N PRO D 9 -3.49 50.92 14.96
CA PRO D 9 -4.15 50.83 16.26
C PRO D 9 -4.43 49.39 16.69
N ARG D 10 -4.75 49.18 17.96
CA ARG D 10 -5.01 47.82 18.43
C ARG D 10 -6.33 47.29 17.84
N HIS D 11 -7.29 48.19 17.65
CA HIS D 11 -8.57 47.79 17.07
C HIS D 11 -9.04 48.92 16.18
N LYS D 12 -9.88 48.62 15.21
CA LYS D 12 -10.36 49.66 14.33
C LYS D 12 -11.68 49.25 13.71
N ILE D 13 -12.66 50.13 13.86
CA ILE D 13 -13.93 50.00 13.18
C ILE D 13 -13.93 51.01 12.06
N THR D 14 -14.38 50.54 10.90
CA THR D 14 -14.45 51.40 9.74
C THR D 14 -15.77 51.12 9.05
N LYS D 15 -16.29 52.16 8.40
CA LYS D 15 -17.51 51.97 7.60
C LYS D 15 -17.09 51.39 6.25
N ARG D 16 -17.76 50.35 5.84
CA ARG D 16 -17.56 49.76 4.53
C ARG D 16 -17.39 50.86 3.47
N GLY D 17 -16.40 50.69 2.59
CA GLY D 17 -16.10 51.64 1.54
C GLY D 17 -14.97 52.58 1.92
N GLN D 18 -14.61 52.63 3.21
CA GLN D 18 -13.57 53.53 3.68
C GLN D 18 -12.19 52.87 3.60
N ASN D 19 -11.15 53.71 3.52
CA ASN D 19 -9.77 53.29 3.62
C ASN D 19 -9.29 53.23 5.08
N VAL D 20 -8.40 52.28 5.38
CA VAL D 20 -7.74 52.20 6.67
C VAL D 20 -6.25 51.93 6.43
N THR D 21 -5.44 52.43 7.36
CA THR D 21 -4.00 52.22 7.31
C THR D 21 -3.55 51.66 8.65
N PHE D 22 -2.91 50.48 8.64
CA PHE D 22 -2.38 49.86 9.88
C PHE D 22 -0.89 50.13 9.95
N ARG D 23 -0.33 50.17 11.16
CA ARG D 23 1.11 50.44 11.34
C ARG D 23 1.74 49.33 12.19
N CYS D 24 3.02 49.03 11.93
CA CYS D 24 3.76 47.98 12.65
C CYS D 24 5.17 48.47 12.90
N ASP D 25 5.66 48.30 14.12
CA ASP D 25 7.07 48.63 14.40
C ASP D 25 7.70 47.31 14.83
N PRO D 26 8.57 46.70 14.01
CA PRO D 26 9.16 45.42 14.34
C PRO D 26 10.13 45.55 15.50
N ILE D 27 10.57 44.38 15.95
CA ILE D 27 11.63 44.36 16.99
C ILE D 27 12.88 45.01 16.37
N SER D 28 13.48 45.94 17.08
CA SER D 28 14.66 46.68 16.68
C SER D 28 15.55 45.84 15.76
N GLU D 29 15.72 46.33 14.52
CA GLU D 29 16.72 45.84 13.58
C GLU D 29 16.37 44.49 12.94
N HIS D 30 15.22 43.90 13.26
CA HIS D 30 14.77 42.74 12.52
C HIS D 30 14.67 43.17 11.06
N SER D 31 15.35 42.43 10.19
CA SER D 31 15.40 42.76 8.75
C SER D 31 14.17 42.18 8.05
N ARG D 32 13.58 41.16 8.66
CA ARG D 32 12.47 40.48 8.03
C ARG D 32 11.16 40.83 8.70
N LEU D 33 10.19 41.27 7.89
CA LEU D 33 8.89 41.70 8.39
C LEU D 33 7.79 41.09 7.53
N TYR D 34 6.79 40.52 8.20
CA TYR D 34 5.66 39.88 7.57
C TYR D 34 4.34 40.50 8.04
N TRP D 35 3.36 40.48 7.13
CA TRP D 35 1.98 40.89 7.47
C TRP D 35 1.14 39.65 7.19
N TYR D 36 0.24 39.29 8.10
CA TYR D 36 -0.66 38.14 7.96
C TYR D 36 -2.05 38.61 8.29
N ARG D 37 -3.05 37.83 7.93
CA ARG D 37 -4.46 38.16 8.27
C ARG D 37 -5.04 36.91 8.95
N GLN D 38 -5.80 37.10 10.03
CA GLN D 38 -6.34 35.94 10.77
C GLN D 38 -7.83 36.12 11.07
N THR D 39 -8.63 35.11 10.74
CA THR D 39 -10.07 35.12 11.06
C THR D 39 -10.29 34.05 12.11
N LEU D 40 -11.15 34.30 13.10
CA LEU D 40 -11.33 33.39 14.21
C LEU D 40 -11.69 32.02 13.66
N GLY D 41 -11.07 30.97 14.22
CA GLY D 41 -11.22 29.61 13.74
C GLY D 41 -10.21 29.21 12.66
N GLN D 42 -9.30 30.11 12.33
CA GLN D 42 -8.37 29.80 11.22
C GLN D 42 -6.96 30.25 11.61
N GLY D 43 -5.96 29.72 10.92
CA GLY D 43 -4.59 30.15 11.20
C GLY D 43 -4.28 31.43 10.47
N PRO D 44 -3.21 32.14 10.84
CA PRO D 44 -2.79 33.35 10.13
C PRO D 44 -2.59 33.05 8.65
N GLU D 45 -3.01 33.97 7.77
CA GLU D 45 -2.86 33.80 6.30
C GLU D 45 -1.83 34.82 5.80
N PHE D 46 -0.87 34.39 4.99
CA PHE D 46 0.20 35.27 4.62
C PHE D 46 -0.28 36.37 3.67
N LEU D 47 0.22 37.57 3.87
CA LEU D 47 -0.13 38.69 2.99
C LEU D 47 1.14 39.17 2.25
N THR D 48 2.21 39.49 2.97
CA THR D 48 3.37 40.06 2.32
C THR D 48 4.60 40.04 3.23
N TYR D 49 5.77 40.09 2.57
CA TYR D 49 7.07 39.92 3.19
C TYR D 49 8.02 41.02 2.72
N PHE D 50 8.64 41.67 3.70
CA PHE D 50 9.63 42.70 3.46
C PHE D 50 10.96 42.21 3.99
N GLN D 51 11.99 42.29 3.13
CA GLN D 51 13.37 42.08 3.48
C GLN D 51 14.00 43.45 3.42
N ASN D 52 14.36 43.97 4.59
CA ASN D 52 14.78 45.38 4.65
C ASN D 52 13.58 46.17 4.11
N GLU D 53 13.82 47.12 3.22
CA GLU D 53 12.74 47.92 2.66
C GLU D 53 12.05 47.23 1.48
N ALA D 54 12.63 46.11 1.00
CA ALA D 54 12.19 45.53 -0.26
C ALA D 54 11.07 44.51 -0.03
N GLN D 55 9.97 44.69 -0.76
CA GLN D 55 8.83 43.80 -0.72
C GLN D 55 9.06 42.63 -1.66
N LEU D 56 9.73 41.58 -1.18
CA LEU D 56 10.15 40.46 -2.06
C LEU D 56 9.08 39.38 -2.23
N GLU D 57 7.94 39.49 -1.55
CA GLU D 57 6.86 38.50 -1.80
C GLU D 57 5.48 38.98 -1.33
N LYS D 58 4.50 38.94 -2.22
CA LYS D 58 3.12 39.27 -1.83
C LYS D 58 2.28 38.02 -2.09
N SER D 59 1.19 37.85 -1.37
CA SER D 59 0.30 36.70 -1.65
C SER D 59 -0.28 36.87 -3.06
N ARG D 60 -0.41 35.78 -3.79
CA ARG D 60 -0.97 35.82 -5.17
C ARG D 60 -2.43 36.28 -5.08
N LEU D 61 -3.11 35.91 -4.00
CA LEU D 61 -4.54 36.27 -3.85
C LEU D 61 -4.67 37.64 -3.18
N LEU D 62 -3.56 38.36 -3.01
CA LEU D 62 -3.65 39.71 -2.40
C LEU D 62 -4.46 40.61 -3.33
N SER D 63 -5.42 41.34 -2.77
CA SER D 63 -6.26 42.27 -3.57
C SER D 63 -5.45 43.50 -3.94
N ASP D 64 -5.85 44.16 -5.03
CA ASP D 64 -5.20 45.43 -5.45
C ASP D 64 -5.58 46.50 -4.44
N ARG D 65 -6.63 46.26 -3.66
CA ARG D 65 -6.99 47.19 -2.61
C ARG D 65 -5.93 47.23 -1.51
N PHE D 66 -5.15 46.16 -1.40
CA PHE D 66 -4.14 46.07 -0.32
C PHE D 66 -2.80 46.52 -0.82
N SER D 67 -2.12 47.37 -0.05
CA SER D 67 -0.76 47.79 -0.36
C SER D 67 0.00 48.00 0.94
N ALA D 68 1.26 47.57 0.97
CA ALA D 68 2.08 47.75 2.16
C ALA D 68 3.34 48.50 1.80
N GLU D 69 3.98 49.11 2.79
CA GLU D 69 5.22 49.84 2.58
C GLU D 69 6.05 49.71 3.86
N ARG D 70 7.38 49.80 3.68
CA ARG D 70 8.35 49.76 4.75
C ARG D 70 9.53 50.60 4.28
N PRO D 71 9.34 51.93 4.22
CA PRO D 71 10.21 52.80 3.43
C PRO D 71 11.66 52.84 3.90
N LYS D 72 11.93 52.58 5.21
CA LYS D 72 13.27 52.69 5.73
C LYS D 72 13.78 51.35 6.28
N GLY D 73 13.17 50.26 5.88
CA GLY D 73 13.56 48.96 6.37
C GLY D 73 13.19 48.74 7.84
N SER D 74 12.38 49.64 8.42
CA SER D 74 12.03 49.59 9.82
C SER D 74 10.54 49.36 9.97
N PHE D 75 9.80 50.43 10.29
CA PHE D 75 8.33 50.35 10.46
C PHE D 75 7.65 50.06 9.16
N SER D 76 6.52 49.36 9.22
CA SER D 76 5.74 49.10 7.99
C SER D 76 4.30 49.60 8.10
N THR D 77 3.72 49.96 6.96
CA THR D 77 2.32 50.37 6.91
C THR D 77 1.59 49.46 5.97
N LEU D 78 0.36 49.13 6.26
CA LEU D 78 -0.51 48.35 5.41
C LEU D 78 -1.81 49.14 5.25
N GLU D 79 -2.16 49.43 4.00
CA GLU D 79 -3.36 50.17 3.67
C GLU D 79 -4.31 49.23 2.92
N ILE D 80 -5.56 49.19 3.37
CA ILE D 80 -6.65 48.59 2.62
C ILE D 80 -7.54 49.72 2.12
N GLN D 81 -7.76 49.75 0.81
CA GLN D 81 -8.66 50.71 0.20
C GLN D 81 -10.03 50.11 0.05
N ARG D 82 -11.05 50.97 0.20
CA ARG D 82 -12.44 50.59 0.00
C ARG D 82 -12.76 49.28 0.73
N THR D 83 -12.75 49.33 2.06
CA THR D 83 -12.98 48.14 2.87
C THR D 83 -14.32 47.49 2.54
N GLU D 84 -14.35 46.17 2.75
CA GLU D 84 -15.54 45.35 2.61
C GLU D 84 -15.71 44.54 3.89
N GLN D 85 -16.90 43.97 4.08
CA GLN D 85 -17.17 43.20 5.31
C GLN D 85 -16.10 42.11 5.42
N GLY D 86 -15.80 41.44 4.31
CA GLY D 86 -14.86 40.31 4.38
C GLY D 86 -13.44 40.69 4.74
N ASP D 87 -13.10 41.96 4.68
CA ASP D 87 -11.76 42.42 5.12
C ASP D 87 -11.68 42.37 6.65
N SER D 88 -12.81 42.13 7.29
CA SER D 88 -12.84 42.14 8.78
C SER D 88 -12.01 40.96 9.30
N ALA D 89 -10.97 41.27 10.08
CA ALA D 89 -10.07 40.24 10.61
C ALA D 89 -9.03 40.85 11.53
N MET D 90 -8.17 39.98 12.08
CA MET D 90 -7.03 40.49 12.86
C MET D 90 -5.85 40.63 11.88
N TYR D 91 -5.24 41.80 11.84
CA TYR D 91 -4.08 42.03 10.95
C TYR D 91 -2.84 41.91 11.79
N LEU D 92 -2.07 40.86 11.53
CA LEU D 92 -0.90 40.56 12.34
C LEU D 92 0.35 40.97 11.59
N CYS D 93 1.26 41.57 12.33
CA CYS D 93 2.62 41.88 11.93
C CYS D 93 3.58 40.99 12.70
N ALA D 94 4.55 40.39 12.00
CA ALA D 94 5.62 39.64 12.67
C ALA D 94 6.97 40.04 12.11
N SER D 95 7.99 39.89 12.94
CA SER D 95 9.36 40.26 12.56
C SER D 95 10.27 39.07 12.89
N SER D 96 11.33 38.91 12.11
CA SER D 96 12.29 37.81 12.36
C SER D 96 13.70 38.41 12.20
N PRO D 97 14.71 37.89 12.93
CA PRO D 97 16.09 38.44 12.90
C PRO D 97 16.82 38.18 11.57
N ARG D 98 17.79 39.02 11.28
CA ARG D 98 18.56 38.83 10.03
C ARG D 98 19.49 37.65 10.10
N MET D 99 19.43 36.78 9.10
CA MET D 99 20.47 35.78 8.88
C MET D 99 20.36 34.63 9.85
N VAL D 100 19.16 34.34 10.33
CA VAL D 100 18.94 33.20 11.21
C VAL D 100 17.94 32.30 10.51
N ARG D 101 18.38 31.08 10.20
CA ARG D 101 17.48 30.07 9.60
C ARG D 101 16.65 29.43 10.71
N GLY D 102 15.45 28.96 10.40
CA GLY D 102 14.55 28.39 11.42
C GLY D 102 14.19 29.43 12.45
N ALA D 103 14.22 30.69 12.06
CA ALA D 103 14.00 31.79 13.03
C ALA D 103 12.56 31.81 13.54
N GLU D 104 12.43 32.24 14.79
CA GLU D 104 11.09 32.43 15.36
C GLU D 104 10.50 33.69 14.74
N ALA D 105 9.21 33.68 14.45
CA ALA D 105 8.57 34.93 14.02
C ALA D 105 7.94 35.55 15.26
N PHE D 106 8.26 36.82 15.51
CA PHE D 106 7.74 37.52 16.72
C PHE D 106 6.48 38.30 16.31
N PHE D 107 5.32 37.90 16.83
CA PHE D 107 4.05 38.52 16.45
C PHE D 107 3.73 39.69 17.35
N GLY D 108 3.15 40.75 16.78
CA GLY D 108 2.47 41.79 17.52
C GLY D 108 1.12 41.31 18.04
N GLN D 109 0.39 42.24 18.68
CA GLN D 109 -0.93 41.96 19.24
C GLN D 109 -2.03 42.19 18.21
N GLY D 110 -1.65 42.76 17.05
CA GLY D 110 -2.57 42.86 15.94
C GLY D 110 -3.35 44.16 15.96
N THR D 111 -3.85 44.51 14.77
CA THR D 111 -4.93 45.44 14.59
C THR D 111 -6.17 44.63 14.28
N ARG D 112 -7.15 44.69 15.18
CA ARG D 112 -8.43 44.00 14.94
C ARG D 112 -9.31 44.93 14.10
N LEU D 113 -9.66 44.50 12.89
CA LEU D 113 -10.43 45.37 11.98
C LEU D 113 -11.86 44.87 11.89
N THR D 114 -12.81 45.74 12.19
CA THR D 114 -14.23 45.37 12.01
C THR D 114 -14.82 46.35 11.01
N VAL D 115 -15.25 45.85 9.88
CA VAL D 115 -15.90 46.71 8.85
C VAL D 115 -17.41 46.61 9.07
N VAL D 116 -18.04 47.75 9.35
CA VAL D 116 -19.51 47.76 9.61
C VAL D 116 -20.24 48.45 8.45
N GLU D 117 -21.50 48.10 8.25
CA GLU D 117 -22.31 48.81 7.23
C GLU D 117 -22.65 50.21 7.75
N ASP D 118 -22.93 50.32 9.05
CA ASP D 118 -23.31 51.63 9.63
C ASP D 118 -22.66 51.83 10.99
N LEU D 119 -21.93 52.93 11.15
CA LEU D 119 -21.31 53.26 12.46
C LEU D 119 -22.40 53.59 13.47
N ASN D 120 -23.62 53.87 13.01
CA ASN D 120 -24.73 54.27 13.92
C ASN D 120 -25.15 53.09 14.80
N LYS D 121 -24.75 51.88 14.43
CA LYS D 121 -25.17 50.67 15.18
C LYS D 121 -24.12 50.32 16.25
N VAL D 122 -23.04 51.08 16.32
CA VAL D 122 -21.98 50.82 17.32
C VAL D 122 -22.51 51.24 18.70
N PHE D 123 -22.42 50.35 19.68
CA PHE D 123 -22.96 50.62 21.04
C PHE D 123 -22.02 50.09 22.12
N PRO D 124 -21.70 50.88 23.16
CA PRO D 124 -20.88 50.41 24.25
C PRO D 124 -21.70 49.46 25.11
N PRO D 125 -21.08 48.62 25.93
CA PRO D 125 -21.83 47.71 26.80
C PRO D 125 -22.52 48.44 27.95
N GLU D 126 -23.60 47.85 28.43
CA GLU D 126 -24.01 48.03 29.80
C GLU D 126 -23.42 46.89 30.62
N VAL D 127 -23.04 47.22 31.84
CA VAL D 127 -22.34 46.29 32.69
C VAL D 127 -23.02 46.26 34.05
N ALA D 128 -23.29 45.07 34.55
CA ALA D 128 -23.86 44.91 35.87
C ALA D 128 -23.10 43.84 36.65
N VAL D 129 -22.99 44.00 37.95
CA VAL D 129 -22.46 43.00 38.87
C VAL D 129 -23.60 42.40 39.68
N PHE D 130 -23.61 41.07 39.75
CA PHE D 130 -24.61 40.33 40.49
C PHE D 130 -23.95 39.70 41.72
N GLU D 131 -24.59 39.89 42.89
CA GLU D 131 -23.99 39.59 44.18
C GLU D 131 -24.15 38.11 44.48
N PRO D 132 -23.20 37.50 45.23
CA PRO D 132 -23.26 36.07 45.58
C PRO D 132 -24.58 35.65 46.24
N SER D 133 -25.00 34.42 45.97
CA SER D 133 -26.18 33.83 46.57
C SER D 133 -25.87 33.39 48.02
N GLU D 134 -26.74 33.78 48.94
CA GLU D 134 -26.58 33.33 50.34
C GLU D 134 -26.64 31.80 50.35
N ALA D 135 -27.42 31.22 49.44
CA ALA D 135 -27.46 29.76 49.38
C ALA D 135 -26.08 29.20 49.03
N GLU D 136 -25.35 29.86 48.15
CA GLU D 136 -24.03 29.36 47.76
C GLU D 136 -23.11 29.48 48.95
N ILE D 137 -23.19 30.61 49.63
CA ILE D 137 -22.31 30.88 50.80
C ILE D 137 -22.53 29.81 51.88
N SER D 138 -23.77 29.61 52.31
CA SER D 138 -24.02 28.68 53.40
C SER D 138 -23.63 27.26 52.98
N HIS D 139 -23.84 26.93 51.69
CA HIS D 139 -23.73 25.57 51.22
C HIS D 139 -22.27 25.21 50.94
N THR D 140 -21.45 26.19 50.50
CA THR D 140 -20.10 25.90 50.01
C THR D 140 -19.02 26.75 50.67
N GLN D 141 -19.37 27.81 51.41
CA GLN D 141 -18.37 28.65 52.07
C GLN D 141 -17.58 29.45 51.03
N LYS D 142 -18.12 29.47 49.81
CA LYS D 142 -17.50 30.29 48.73
C LYS D 142 -18.57 31.26 48.21
N ALA D 143 -18.15 32.29 47.50
CA ALA D 143 -19.06 33.29 46.97
C ALA D 143 -18.73 33.69 45.53
N THR D 144 -19.66 33.46 44.61
CA THR D 144 -19.43 33.76 43.21
C THR D 144 -20.14 35.05 42.81
N LEU D 145 -19.35 36.07 42.41
CA LEU D 145 -19.88 37.26 41.77
C LEU D 145 -19.99 36.98 40.27
N VAL D 146 -21.05 37.51 39.63
CA VAL D 146 -21.19 37.36 38.19
C VAL D 146 -21.22 38.75 37.58
N CYS D 147 -20.42 38.95 36.53
CA CYS D 147 -20.47 40.20 35.78
C CYS D 147 -21.12 39.94 34.43
N LEU D 148 -21.99 40.85 34.00
CA LEU D 148 -22.70 40.69 32.73
C LEU D 148 -22.58 41.96 31.89
N ALA D 149 -22.04 41.83 30.70
CA ALA D 149 -21.91 42.93 29.75
C ALA D 149 -22.88 42.68 28.61
N THR D 150 -23.82 43.60 28.37
CA THR D 150 -24.90 43.36 27.41
C THR D 150 -25.00 44.50 26.40
N GLY D 151 -25.64 44.23 25.27
CA GLY D 151 -26.08 45.20 24.30
C GLY D 151 -24.94 45.93 23.60
N PHE D 152 -23.78 45.28 23.39
CA PHE D 152 -22.69 46.01 22.77
C PHE D 152 -22.58 45.59 21.30
N TYR D 153 -22.00 46.48 20.51
CA TYR D 153 -21.77 46.23 19.07
C TYR D 153 -20.67 47.20 18.68
N PRO D 154 -19.56 46.76 18.03
CA PRO D 154 -19.32 45.34 17.62
C PRO D 154 -18.97 44.42 18.81
N ASP D 155 -18.46 43.21 18.54
CA ASP D 155 -18.29 42.17 19.60
C ASP D 155 -16.95 42.14 20.33
N HIS D 156 -16.19 43.22 20.31
CA HIS D 156 -14.85 43.16 20.91
C HIS D 156 -14.76 43.91 22.23
N VAL D 157 -14.63 43.15 23.32
CA VAL D 157 -14.47 43.78 24.67
C VAL D 157 -13.46 42.96 25.48
N GLU D 158 -12.72 43.60 26.40
CA GLU D 158 -11.90 42.90 27.35
C GLU D 158 -12.46 43.14 28.74
N LEU D 159 -12.90 42.06 29.35
CA LEU D 159 -13.49 42.05 30.68
C LEU D 159 -12.42 41.64 31.70
N SER D 160 -12.28 42.44 32.74
CA SER D 160 -11.33 42.12 33.78
C SER D 160 -12.00 42.39 35.12
N TRP D 161 -11.48 41.77 36.17
CA TRP D 161 -12.00 41.89 37.52
C TRP D 161 -11.00 42.58 38.43
N TRP D 162 -11.49 43.47 39.27
CA TRP D 162 -10.60 44.27 40.14
C TRP D 162 -11.08 44.14 41.58
N VAL D 163 -10.21 43.61 42.44
CA VAL D 163 -10.55 43.47 43.88
C VAL D 163 -9.62 44.37 44.68
N ASN D 164 -10.20 45.31 45.41
CA ASN D 164 -9.42 46.24 46.27
C ASN D 164 -8.40 47.00 45.40
N GLY D 165 -8.83 47.48 44.23
CA GLY D 165 -7.97 48.35 43.39
C GLY D 165 -6.99 47.61 42.51
N LYS D 166 -7.01 46.29 42.53
CA LYS D 166 -6.00 45.54 41.77
C LYS D 166 -6.70 44.50 40.90
N GLU D 167 -6.18 44.30 39.69
CA GLU D 167 -6.77 43.32 38.80
C GLU D 167 -6.47 41.93 39.35
N VAL D 168 -7.39 40.99 39.25
CA VAL D 168 -7.14 39.64 39.71
C VAL D 168 -7.35 38.64 38.58
N HIS D 169 -6.66 37.51 38.65
CA HIS D 169 -6.85 36.45 37.65
C HIS D 169 -7.27 35.15 38.35
N SER D 170 -6.98 35.06 39.64
CA SER D 170 -7.38 33.86 40.42
C SER D 170 -8.89 33.89 40.65
N GLY D 171 -9.55 32.74 40.56
CA GLY D 171 -11.00 32.65 40.80
C GLY D 171 -11.81 33.26 39.68
N VAL D 172 -11.17 33.68 38.61
CA VAL D 172 -11.86 34.39 37.50
C VAL D 172 -12.05 33.45 36.31
N CYS D 173 -13.22 33.50 35.69
CA CYS D 173 -13.43 32.74 34.43
C CYS D 173 -14.46 33.52 33.59
N THR D 174 -14.06 33.99 32.42
CA THR D 174 -14.96 34.72 31.51
C THR D 174 -15.30 33.83 30.34
N ASP D 175 -16.45 34.04 29.72
CA ASP D 175 -16.91 33.19 28.58
C ASP D 175 -15.87 33.24 27.45
N PRO D 176 -15.59 32.14 26.73
CA PRO D 176 -14.56 32.16 25.68
C PRO D 176 -14.92 33.24 24.66
N GLN D 177 -16.19 33.31 24.27
CA GLN D 177 -16.60 34.25 23.23
C GLN D 177 -17.88 34.96 23.67
N PRO D 178 -18.11 36.22 23.24
CA PRO D 178 -19.40 36.85 23.39
C PRO D 178 -20.48 36.05 22.70
N LEU D 179 -21.72 36.20 23.12
CA LEU D 179 -22.80 35.53 22.45
C LEU D 179 -23.72 36.60 21.82
N LYS D 180 -24.45 36.20 20.82
CA LYS D 180 -25.31 37.08 20.05
C LYS D 180 -26.62 37.19 20.78
N GLU D 181 -27.04 38.41 21.09
CA GLU D 181 -28.32 38.65 21.74
C GLU D 181 -29.46 38.25 20.82
N GLN D 182 -29.28 38.33 19.50
CA GLN D 182 -30.28 37.87 18.55
C GLN D 182 -29.59 37.13 17.42
N PRO D 183 -29.41 35.80 17.52
CA PRO D 183 -28.55 35.07 16.58
C PRO D 183 -28.98 35.12 15.12
N ALA D 184 -30.28 35.32 14.86
CA ALA D 184 -30.79 35.34 13.50
C ALA D 184 -30.45 36.64 12.75
N LEU D 185 -29.83 37.64 13.42
CA LEU D 185 -29.64 38.96 12.84
C LEU D 185 -28.17 39.24 12.58
N GLN D 186 -27.90 39.84 11.42
CA GLN D 186 -26.53 40.19 11.04
C GLN D 186 -25.99 41.27 11.95
N ASP D 187 -26.87 42.14 12.46
CA ASP D 187 -26.47 43.29 13.24
C ASP D 187 -26.80 43.06 14.72
N SER D 188 -26.91 41.77 15.13
CA SER D 188 -27.12 41.44 16.52
C SER D 188 -26.14 42.20 17.41
N ARG D 189 -26.64 42.69 18.54
CA ARG D 189 -25.77 43.12 19.63
C ARG D 189 -25.25 41.90 20.37
N TYR D 190 -24.29 42.13 21.26
CA TYR D 190 -23.64 40.99 21.94
C TYR D 190 -23.65 41.09 23.44
N ALA D 191 -23.55 39.96 24.11
CA ALA D 191 -23.41 39.89 25.56
C ALA D 191 -22.24 38.99 25.98
N LEU D 192 -21.72 39.22 27.19
CA LEU D 192 -20.62 38.42 27.76
C LEU D 192 -20.74 38.32 29.29
N SER D 193 -20.60 37.14 29.87
CA SER D 193 -20.58 36.99 31.33
C SER D 193 -19.20 36.57 31.85
N SER D 194 -18.93 36.90 33.11
CA SER D 194 -17.67 36.44 33.76
C SER D 194 -18.00 36.05 35.20
N ARG D 195 -17.17 35.20 35.79
CA ARG D 195 -17.38 34.83 37.21
C ARG D 195 -16.11 35.03 38.03
N LEU D 196 -16.23 35.65 39.19
CA LEU D 196 -15.17 35.78 40.18
C LEU D 196 -15.62 35.09 41.46
N ARG D 197 -14.89 34.07 41.89
CA ARG D 197 -15.22 33.32 43.08
C ARG D 197 -14.17 33.60 44.13
N VAL D 198 -14.66 34.03 45.29
CA VAL D 198 -13.85 34.30 46.46
C VAL D 198 -14.48 33.54 47.62
N SER D 199 -13.75 33.54 48.73
CA SER D 199 -14.27 32.92 49.97
C SER D 199 -15.51 33.69 50.42
N ALA D 200 -16.41 32.98 51.07
CA ALA D 200 -17.56 33.64 51.62
C ALA D 200 -17.11 34.76 52.57
N THR D 201 -16.12 34.51 53.47
CA THR D 201 -15.82 35.49 54.51
C THR D 201 -15.28 36.76 53.85
N PHE D 202 -14.57 36.61 52.74
CA PHE D 202 -14.04 37.78 52.00
C PHE D 202 -15.18 38.63 51.47
N TRP D 203 -16.17 38.02 50.84
CA TRP D 203 -17.33 38.77 50.31
C TRP D 203 -18.09 39.38 51.47
N GLN D 204 -18.10 38.71 52.61
CA GLN D 204 -18.90 39.13 53.75
C GLN D 204 -18.32 40.38 54.42
N ASP D 205 -17.08 40.75 54.06
CA ASP D 205 -16.45 41.92 54.62
C ASP D 205 -16.78 43.16 53.81
N PRO D 206 -17.59 44.12 54.33
CA PRO D 206 -18.04 45.25 53.53
C PRO D 206 -16.96 46.28 53.21
N ARG D 207 -15.75 45.98 53.64
CA ARG D 207 -14.61 46.89 53.36
C ARG D 207 -13.95 46.45 52.05
N ASN D 208 -14.33 45.29 51.54
CA ASN D 208 -13.75 44.75 50.28
C ASN D 208 -14.49 45.32 49.07
N HIS D 209 -13.75 45.87 48.12
CA HIS D 209 -14.35 46.44 46.88
C HIS D 209 -14.13 45.53 45.69
N PHE D 210 -15.19 45.25 44.94
CA PHE D 210 -15.13 44.45 43.73
C PHE D 210 -15.58 45.29 42.54
N ARG D 211 -14.82 45.18 41.42
CA ARG D 211 -15.17 45.91 40.22
C ARG D 211 -15.01 45.00 39.00
N CYS D 212 -16.06 44.99 38.16
CA CYS D 212 -16.03 44.40 36.83
C CYS D 212 -15.80 45.51 35.82
N GLN D 213 -14.74 45.37 35.01
CA GLN D 213 -14.31 46.41 34.07
C GLN D 213 -14.36 45.85 32.67
N VAL D 214 -15.11 46.54 31.80
CA VAL D 214 -15.20 46.12 30.41
C VAL D 214 -14.60 47.21 29.52
N GLN D 215 -13.47 46.87 28.90
CA GLN D 215 -12.87 47.73 27.91
C GLN D 215 -13.63 47.49 26.61
N PHE D 216 -14.23 48.54 26.06
CA PHE D 216 -14.98 48.44 24.82
C PHE D 216 -14.18 49.12 23.71
N TYR D 217 -14.09 48.43 22.56
CA TYR D 217 -13.41 48.98 21.41
C TYR D 217 -14.48 49.49 20.45
N GLY D 218 -14.48 50.83 20.27
CA GLY D 218 -15.51 51.51 19.51
C GLY D 218 -14.92 52.47 18.47
N LEU D 219 -15.65 53.56 18.23
CA LEU D 219 -15.31 54.59 17.27
C LEU D 219 -14.09 55.35 17.77
N SER D 220 -13.40 56.01 16.84
CA SER D 220 -12.24 56.82 17.17
C SER D 220 -12.71 58.26 17.27
N GLU D 221 -11.83 59.13 17.77
CA GLU D 221 -12.12 60.53 17.96
C GLU D 221 -12.37 61.22 16.61
N ASN D 222 -12.03 60.53 15.54
CA ASN D 222 -12.00 61.09 14.20
C ASN D 222 -13.32 60.85 13.47
N ASP D 223 -14.14 59.93 13.97
CA ASP D 223 -15.29 59.46 13.23
C ASP D 223 -16.41 60.48 13.35
N GLU D 224 -17.30 60.50 12.36
CA GLU D 224 -18.43 61.41 12.33
C GLU D 224 -19.50 60.86 13.28
N TRP D 225 -20.20 61.74 13.98
CA TRP D 225 -21.33 61.30 14.85
C TRP D 225 -22.44 62.33 14.82
N THR D 226 -23.67 61.88 14.57
CA THR D 226 -24.78 62.82 14.41
C THR D 226 -25.96 62.48 15.29
N GLN D 227 -25.81 61.45 16.12
CA GLN D 227 -26.90 61.03 17.04
C GLN D 227 -26.82 61.85 18.34
N ASP D 228 -27.93 61.92 19.06
CA ASP D 228 -27.96 62.67 20.34
C ASP D 228 -27.20 61.87 21.39
N ARG D 229 -27.30 60.55 21.32
CA ARG D 229 -26.55 59.67 22.25
C ARG D 229 -25.05 59.95 22.11
N ALA D 230 -24.31 59.65 23.16
CA ALA D 230 -22.87 59.91 23.16
C ALA D 230 -22.17 59.06 22.10
N LYS D 231 -21.22 59.68 21.40
CA LYS D 231 -20.43 58.93 20.40
C LYS D 231 -19.88 57.68 21.08
N PRO D 232 -20.16 56.48 20.55
CA PRO D 232 -19.71 55.22 21.17
C PRO D 232 -18.20 55.04 20.95
N VAL D 233 -17.40 55.94 21.52
CA VAL D 233 -15.95 55.83 21.41
C VAL D 233 -15.49 54.63 22.22
N THR D 234 -14.28 54.17 21.89
CA THR D 234 -13.50 53.32 22.76
C THR D 234 -13.53 53.88 24.17
N GLN D 235 -13.87 53.04 25.14
CA GLN D 235 -14.12 53.48 26.50
C GLN D 235 -14.24 52.29 27.43
N ILE D 236 -14.16 52.58 28.73
CA ILE D 236 -14.36 51.59 29.78
C ILE D 236 -15.70 51.85 30.44
N VAL D 237 -16.44 50.76 30.66
CA VAL D 237 -17.65 50.75 31.43
C VAL D 237 -17.47 49.71 32.53
N SER D 238 -17.82 50.08 33.77
CA SER D 238 -17.55 49.32 34.97
C SER D 238 -18.83 49.21 35.78
N ALA D 239 -19.02 48.10 36.46
CA ALA D 239 -19.95 48.02 37.59
C ALA D 239 -19.16 47.56 38.82
N GLU D 240 -19.59 48.00 40.00
CA GLU D 240 -18.85 47.77 41.22
C GLU D 240 -19.78 47.41 42.36
N ALA D 241 -19.22 46.78 43.38
CA ALA D 241 -19.95 46.44 44.59
C ALA D 241 -18.98 46.32 45.75
N TRP D 242 -19.51 46.60 46.93
CA TRP D 242 -18.86 46.28 48.18
C TRP D 242 -19.39 44.94 48.68
N GLY D 243 -18.58 44.31 49.54
CA GLY D 243 -19.01 43.16 50.33
C GLY D 243 -20.23 43.50 51.18
N ARG D 244 -20.89 42.45 51.70
CA ARG D 244 -22.03 42.62 52.60
C ARG D 244 -22.08 41.50 53.60
N ALA D 245 -22.36 41.88 54.85
CA ALA D 245 -22.49 40.95 55.95
C ALA D 245 -23.78 40.15 55.80
N ASP D 246 -24.83 40.82 55.32
CA ASP D 246 -26.09 40.07 55.05
C ASP D 246 -26.60 40.43 53.65
N THR E 3 -3.38 57.54 -67.79
CA THR E 3 -2.90 57.96 -66.45
C THR E 3 -2.18 56.80 -65.77
N GLY E 4 -0.84 56.87 -65.69
CA GLY E 4 -0.07 55.92 -64.90
C GLY E 4 -0.01 56.32 -63.43
N VAL E 5 0.96 55.76 -62.70
CA VAL E 5 1.17 56.12 -61.32
C VAL E 5 1.84 57.50 -61.33
N SER E 6 1.38 58.37 -60.44
CA SER E 6 1.81 59.75 -60.38
C SER E 6 2.56 60.00 -59.07
N GLN E 7 3.78 60.51 -59.14
CA GLN E 7 4.62 60.77 -57.98
C GLN E 7 5.06 62.24 -57.93
N ASN E 8 5.05 62.83 -56.74
CA ASN E 8 5.36 64.23 -56.53
C ASN E 8 6.14 64.39 -55.23
N PRO E 9 7.19 65.23 -55.20
CA PRO E 9 7.73 65.88 -56.39
C PRO E 9 8.60 64.97 -57.24
N ARG E 10 8.89 65.38 -58.49
CA ARG E 10 9.67 64.52 -59.36
C ARG E 10 11.12 64.44 -58.89
N HIS E 11 11.61 65.53 -58.30
CA HIS E 11 12.96 65.56 -57.75
C HIS E 11 12.88 66.39 -56.49
N LYS E 12 13.80 66.16 -55.55
CA LYS E 12 13.81 66.98 -54.36
C LYS E 12 15.22 67.03 -53.79
N ILE E 13 15.65 68.27 -53.57
CA ILE E 13 16.91 68.52 -52.90
C ILE E 13 16.59 69.00 -51.50
N THR E 14 17.31 68.45 -50.53
CA THR E 14 17.08 68.80 -49.14
C THR E 14 18.43 68.92 -48.45
N LYS E 15 18.48 69.81 -47.45
CA LYS E 15 19.65 69.90 -46.61
C LYS E 15 19.64 68.74 -45.63
N ARG E 16 20.78 68.05 -45.51
CA ARG E 16 20.98 67.02 -44.51
C ARG E 16 20.43 67.48 -43.16
N GLY E 17 19.69 66.60 -42.47
CA GLY E 17 19.08 66.92 -41.20
C GLY E 17 17.61 67.31 -41.34
N GLN E 18 17.18 67.63 -42.56
CA GLN E 18 15.81 68.05 -42.81
C GLN E 18 14.89 66.86 -43.10
N ASN E 19 13.60 67.07 -42.84
CA ASN E 19 12.56 66.13 -43.22
C ASN E 19 12.07 66.38 -44.65
N VAL E 20 11.70 65.30 -45.34
CA VAL E 20 11.04 65.39 -46.63
C VAL E 20 9.88 64.42 -46.65
N THR E 21 8.86 64.78 -47.44
CA THR E 21 7.69 63.96 -47.67
C THR E 21 7.49 63.79 -49.17
N PHE E 22 7.24 62.56 -49.60
CA PHE E 22 6.90 62.25 -50.98
C PHE E 22 5.46 61.77 -51.04
N ARG E 23 4.86 61.94 -52.21
CA ARG E 23 3.47 61.60 -52.44
C ARG E 23 3.42 60.70 -53.67
N CYS E 24 2.48 59.76 -53.62
CA CYS E 24 2.23 58.82 -54.68
C CYS E 24 0.73 58.67 -54.83
N ASP E 25 0.25 58.78 -56.06
CA ASP E 25 -1.13 58.50 -56.41
C ASP E 25 -1.10 57.29 -57.31
N PRO E 26 -1.61 56.14 -56.86
CA PRO E 26 -1.56 54.94 -57.68
C PRO E 26 -2.55 55.01 -58.83
N ILE E 27 -2.48 54.04 -59.72
CA ILE E 27 -3.51 53.90 -60.74
C ILE E 27 -4.84 53.71 -60.04
N SER E 28 -5.83 54.45 -60.53
CA SER E 28 -7.21 54.41 -60.04
C SER E 28 -7.56 53.02 -59.50
N GLU E 29 -7.84 52.93 -58.19
CA GLU E 29 -8.45 51.76 -57.55
C GLU E 29 -7.51 50.57 -57.38
N HIS E 30 -6.23 50.71 -57.73
CA HIS E 30 -5.29 49.67 -57.37
C HIS E 30 -5.29 49.55 -55.85
N SER E 31 -5.55 48.34 -55.37
CA SER E 31 -5.62 48.08 -53.94
C SER E 31 -4.22 47.89 -53.36
N ARG E 32 -3.26 47.49 -54.20
CA ARG E 32 -1.92 47.18 -53.74
C ARG E 32 -0.92 48.27 -54.15
N LEU E 33 -0.18 48.76 -53.15
CA LEU E 33 0.75 49.86 -53.36
C LEU E 33 2.09 49.54 -52.69
N TYR E 34 3.18 49.77 -53.41
CA TYR E 34 4.53 49.51 -52.93
C TYR E 34 5.39 50.75 -53.01
N TRP E 35 6.30 50.94 -52.04
CA TRP E 35 7.41 51.86 -52.15
C TRP E 35 8.72 51.08 -52.28
N TYR E 36 9.57 51.57 -53.17
CA TYR E 36 10.91 50.95 -53.36
C TYR E 36 11.92 52.09 -53.37
N ARG E 37 13.20 51.77 -53.19
CA ARG E 37 14.27 52.78 -53.26
C ARG E 37 15.34 52.27 -54.24
N GLN E 38 15.80 53.11 -55.16
CA GLN E 38 16.75 52.62 -56.18
C GLN E 38 17.97 53.54 -56.26
N THR E 39 19.14 52.94 -56.30
CA THR E 39 20.38 53.70 -56.44
C THR E 39 21.00 53.29 -57.75
N LEU E 40 21.48 54.25 -58.53
CA LEU E 40 22.02 53.94 -59.88
C LEU E 40 22.98 52.76 -59.79
N GLY E 41 22.75 51.73 -60.60
CA GLY E 41 23.66 50.57 -60.62
C GLY E 41 23.01 49.38 -59.95
N GLN E 42 21.85 49.57 -59.34
CA GLN E 42 21.24 48.46 -58.59
C GLN E 42 19.75 48.31 -58.93
N GLY E 43 19.14 47.24 -58.45
CA GLY E 43 17.69 47.04 -58.66
C GLY E 43 16.92 47.78 -57.60
N PRO E 44 15.61 48.01 -57.79
CA PRO E 44 14.78 48.67 -56.75
C PRO E 44 14.78 47.85 -55.47
N GLU E 45 14.92 48.51 -54.32
CA GLU E 45 14.95 47.83 -53.00
C GLU E 45 13.61 48.03 -52.30
N PHE E 46 13.01 46.97 -51.80
CA PHE E 46 11.67 47.08 -51.25
C PHE E 46 11.70 47.88 -49.95
N LEU E 47 10.72 48.75 -49.80
CA LEU E 47 10.58 49.53 -48.55
C LEU E 47 9.31 49.07 -47.82
N THR E 48 8.14 49.10 -48.48
CA THR E 48 6.91 48.81 -47.77
C THR E 48 5.76 48.55 -48.74
N TYR E 49 4.76 47.82 -48.22
CA TYR E 49 3.61 47.35 -48.99
C TYR E 49 2.32 47.68 -48.25
N PHE E 50 1.40 48.27 -49.00
CA PHE E 50 0.09 48.63 -48.49
C PHE E 50 -0.94 47.82 -49.26
N GLN E 51 -1.81 47.13 -48.50
CA GLN E 51 -2.99 46.50 -49.03
C GLN E 51 -4.15 47.32 -48.53
N ASN E 52 -4.86 47.96 -49.46
CA ASN E 52 -5.78 49.02 -49.08
C ASN E 52 -5.01 49.96 -48.17
N GLU E 53 -5.60 50.37 -47.05
CA GLU E 53 -4.94 51.33 -46.17
C GLU E 53 -3.93 50.66 -45.24
N ALA E 54 -3.89 49.34 -45.23
CA ALA E 54 -3.12 48.63 -44.21
C ALA E 54 -1.70 48.33 -44.69
N GLN E 55 -0.75 48.70 -43.84
CA GLN E 55 0.65 48.47 -44.12
C GLN E 55 1.05 47.08 -43.64
N LEU E 56 0.91 46.09 -44.51
CA LEU E 56 1.11 44.67 -44.11
C LEU E 56 2.55 44.17 -44.25
N GLU E 57 3.48 45.01 -44.68
CA GLU E 57 4.87 44.56 -44.77
C GLU E 57 5.78 45.79 -44.87
N LYS E 58 6.70 45.89 -43.90
CA LYS E 58 7.77 46.87 -43.92
C LYS E 58 9.06 46.07 -44.13
N SER E 59 9.99 46.61 -44.91
CA SER E 59 11.30 45.99 -45.02
C SER E 59 11.96 45.97 -43.66
N ARG E 60 12.56 44.82 -43.33
CA ARG E 60 13.25 44.59 -42.07
C ARG E 60 14.37 45.61 -41.86
N LEU E 61 15.00 46.02 -42.96
CA LEU E 61 16.19 46.86 -42.94
C LEU E 61 15.80 48.34 -42.83
N LEU E 62 14.53 48.65 -42.53
CA LEU E 62 14.08 50.01 -42.72
C LEU E 62 14.26 50.85 -41.46
N SER E 63 14.88 52.02 -41.64
CA SER E 63 15.18 52.94 -40.56
C SER E 63 13.88 53.41 -39.89
N ASP E 64 13.97 53.77 -38.60
CA ASP E 64 12.86 54.38 -37.87
C ASP E 64 12.56 55.77 -38.39
N ARG E 65 13.52 56.35 -39.11
CA ARG E 65 13.35 57.67 -39.70
C ARG E 65 12.33 57.62 -40.85
N PHE E 66 12.07 56.41 -41.34
CA PHE E 66 11.17 56.24 -42.50
C PHE E 66 9.78 55.87 -42.03
N SER E 67 8.77 56.60 -42.48
CA SER E 67 7.40 56.25 -42.16
C SER E 67 6.47 56.53 -43.35
N ALA E 68 5.53 55.62 -43.57
CA ALA E 68 4.65 55.75 -44.73
C ALA E 68 3.21 55.68 -44.27
N GLU E 69 2.32 56.25 -45.09
CA GLU E 69 0.90 56.22 -44.77
C GLU E 69 0.14 56.12 -46.09
N ARG E 70 -1.06 55.54 -45.99
CA ARG E 70 -2.02 55.47 -47.09
C ARG E 70 -3.40 55.50 -46.44
N PRO E 71 -3.80 56.67 -45.91
CA PRO E 71 -4.90 56.74 -44.96
C PRO E 71 -6.26 56.31 -45.51
N LYS E 72 -6.48 56.40 -46.83
CA LYS E 72 -7.79 56.11 -47.42
C LYS E 72 -7.69 55.02 -48.45
N GLY E 73 -6.62 54.22 -48.41
CA GLY E 73 -6.44 53.13 -49.35
C GLY E 73 -6.13 53.63 -50.76
N SER E 74 -5.86 54.94 -50.91
CA SER E 74 -5.65 55.54 -52.23
C SER E 74 -4.20 56.05 -52.33
N PHE E 75 -4.02 57.37 -52.17
CA PHE E 75 -2.70 58.00 -52.19
C PHE E 75 -1.92 57.60 -50.95
N SER E 76 -0.58 57.54 -51.13
CA SER E 76 0.35 57.25 -50.06
C SER E 76 1.41 58.35 -49.93
N THR E 77 1.78 58.66 -48.68
CA THR E 77 2.92 59.51 -48.39
C THR E 77 4.03 58.65 -47.80
N LEU E 78 5.26 59.09 -48.04
CA LEU E 78 6.46 58.53 -47.44
C LEU E 78 7.27 59.70 -46.89
N GLU E 79 7.58 59.64 -45.59
CA GLU E 79 8.33 60.70 -44.94
C GLU E 79 9.66 60.11 -44.48
N ILE E 80 10.75 60.81 -44.80
CA ILE E 80 12.06 60.55 -44.22
C ILE E 80 12.38 61.68 -43.27
N GLN E 81 12.64 61.34 -42.00
CA GLN E 81 13.01 62.32 -41.01
C GLN E 81 14.53 62.40 -40.94
N ARG E 82 15.02 63.62 -40.68
CA ARG E 82 16.44 63.86 -40.48
C ARG E 82 17.27 63.18 -41.57
N THR E 83 17.14 63.67 -42.81
CA THR E 83 17.80 63.07 -43.95
C THR E 83 19.31 63.03 -43.72
N GLU E 84 19.92 62.03 -44.37
CA GLU E 84 21.36 61.83 -44.41
C GLU E 84 21.78 61.67 -45.87
N GLN E 85 23.09 61.81 -46.11
CA GLN E 85 23.68 61.66 -47.42
C GLN E 85 23.16 60.37 -48.05
N GLY E 86 23.20 59.29 -47.27
CA GLY E 86 22.84 57.96 -47.81
C GLY E 86 21.39 57.82 -48.20
N ASP E 87 20.51 58.68 -47.70
CA ASP E 87 19.09 58.63 -48.12
C ASP E 87 18.96 59.03 -49.60
N SER E 88 19.98 59.67 -50.15
CA SER E 88 19.92 60.14 -51.54
C SER E 88 19.70 58.95 -52.47
N ALA E 89 18.53 58.89 -53.12
CA ALA E 89 18.25 57.79 -54.08
C ALA E 89 16.99 58.11 -54.86
N MET E 90 16.58 57.18 -55.72
CA MET E 90 15.30 57.36 -56.46
C MET E 90 14.21 56.64 -55.66
N TYR E 91 13.17 57.37 -55.27
CA TYR E 91 12.08 56.78 -54.47
C TYR E 91 10.94 56.42 -55.41
N LEU E 92 10.71 55.13 -55.58
CA LEU E 92 9.73 54.63 -56.53
C LEU E 92 8.48 54.14 -55.81
N CYS E 93 7.34 54.45 -56.42
CA CYS E 93 6.03 53.97 -56.04
C CYS E 93 5.51 53.06 -57.14
N ALA E 94 4.95 51.90 -56.78
CA ALA E 94 4.26 51.06 -57.74
C ALA E 94 2.88 50.67 -57.21
N SER E 95 1.95 50.37 -58.12
CA SER E 95 0.65 49.88 -57.74
C SER E 95 0.30 48.66 -58.60
N SER E 96 -0.49 47.76 -58.03
CA SER E 96 -1.01 46.60 -58.72
C SER E 96 -2.51 46.49 -58.46
N PRO E 97 -3.26 45.85 -59.38
CA PRO E 97 -4.70 45.70 -59.22
C PRO E 97 -5.09 44.65 -58.19
N ARG E 98 -6.30 44.77 -57.63
CA ARG E 98 -6.79 43.80 -56.65
C ARG E 98 -7.01 42.45 -57.32
N MET E 99 -6.59 41.39 -56.62
CA MET E 99 -7.00 40.02 -56.84
C MET E 99 -6.52 39.47 -58.19
N VAL E 100 -5.37 39.96 -58.65
CA VAL E 100 -4.72 39.38 -59.82
C VAL E 100 -3.39 38.79 -59.38
N ARG E 101 -3.25 37.49 -59.56
CA ARG E 101 -1.98 36.79 -59.22
C ARG E 101 -0.95 37.00 -60.34
N GLY E 102 0.32 37.14 -59.98
CA GLY E 102 1.36 37.39 -60.99
C GLY E 102 1.11 38.70 -61.66
N ALA E 103 0.54 39.66 -60.93
CA ALA E 103 0.20 40.94 -61.50
C ALA E 103 1.43 41.74 -61.87
N GLU E 104 1.27 42.51 -62.94
CA GLU E 104 2.15 43.63 -63.25
C GLU E 104 2.14 44.60 -62.06
N ALA E 105 3.32 45.06 -61.66
CA ALA E 105 3.44 46.26 -60.86
C ALA E 105 3.72 47.44 -61.81
N PHE E 106 2.96 48.52 -61.65
CA PHE E 106 3.06 49.71 -62.46
C PHE E 106 3.81 50.78 -61.67
N PHE E 107 4.97 51.20 -62.20
CA PHE E 107 5.84 52.14 -61.53
C PHE E 107 5.55 53.57 -61.94
N GLY E 108 5.66 54.50 -60.97
CA GLY E 108 5.74 55.93 -61.23
C GLY E 108 7.12 56.32 -61.75
N GLN E 109 7.31 57.63 -61.94
CA GLN E 109 8.55 58.18 -62.45
C GLN E 109 9.53 58.47 -61.31
N GLY E 110 9.05 58.36 -60.08
CA GLY E 110 9.93 58.48 -58.92
C GLY E 110 10.02 59.91 -58.40
N THR E 111 10.43 60.02 -57.14
CA THR E 111 10.98 61.23 -56.57
C THR E 111 12.48 61.00 -56.44
N ARG E 112 13.26 61.75 -57.20
CA ARG E 112 14.71 61.68 -57.09
C ARG E 112 15.15 62.58 -55.93
N LEU E 113 15.71 61.97 -54.89
CA LEU E 113 16.10 62.71 -53.69
C LEU E 113 17.61 62.91 -53.70
N THR E 114 18.02 64.17 -53.55
CA THR E 114 19.43 64.48 -53.31
C THR E 114 19.54 65.20 -51.97
N VAL E 115 20.31 64.60 -51.06
CA VAL E 115 20.57 65.22 -49.77
C VAL E 115 21.93 65.88 -49.87
N VAL E 116 21.99 67.19 -49.59
CA VAL E 116 23.23 67.92 -49.71
C VAL E 116 23.65 68.47 -48.36
N GLU E 117 24.94 68.73 -48.24
CA GLU E 117 25.51 69.27 -47.02
C GLU E 117 25.04 70.70 -46.83
N ASP E 118 24.82 71.41 -47.95
CA ASP E 118 24.46 72.81 -47.93
C ASP E 118 23.80 73.13 -49.26
N LEU E 119 22.72 73.91 -49.28
CA LEU E 119 22.01 74.23 -50.49
C LEU E 119 22.91 75.02 -51.45
N ASN E 120 23.97 75.60 -50.90
CA ASN E 120 24.88 76.46 -51.69
C ASN E 120 25.65 75.63 -52.73
N LYS E 121 25.62 74.30 -52.59
CA LYS E 121 26.39 73.49 -53.53
C LYS E 121 25.61 73.32 -54.83
N VAL E 122 24.36 73.75 -54.84
CA VAL E 122 23.47 73.56 -56.01
C VAL E 122 23.73 74.68 -57.03
N PHE E 123 24.04 74.30 -58.27
CA PHE E 123 24.35 75.29 -59.33
C PHE E 123 23.60 74.91 -60.58
N PRO E 124 22.91 75.85 -61.25
CA PRO E 124 22.21 75.57 -62.52
C PRO E 124 23.22 75.38 -63.64
N PRO E 125 22.86 74.81 -64.80
CA PRO E 125 23.79 74.74 -65.91
C PRO E 125 23.95 76.07 -66.63
N GLU E 126 25.12 76.24 -67.24
CA GLU E 126 25.29 77.10 -68.39
C GLU E 126 25.23 76.22 -69.62
N VAL E 127 24.66 76.77 -70.69
CA VAL E 127 24.42 76.00 -71.91
C VAL E 127 24.95 76.76 -73.10
N ALA E 128 25.67 76.07 -74.00
CA ALA E 128 26.09 76.67 -75.26
C ALA E 128 25.82 75.71 -76.41
N VAL E 129 25.51 76.28 -77.59
CA VAL E 129 25.41 75.52 -78.83
C VAL E 129 26.61 75.82 -79.71
N PHE E 130 27.22 74.76 -80.27
CA PHE E 130 28.38 74.88 -81.14
C PHE E 130 27.98 74.50 -82.56
N GLU E 131 28.36 75.35 -83.53
CA GLU E 131 27.87 75.30 -84.89
C GLU E 131 28.65 74.26 -85.69
N PRO E 132 28.02 73.57 -86.65
CA PRO E 132 28.69 72.54 -87.43
C PRO E 132 29.97 72.99 -88.11
N SER E 133 30.87 72.03 -88.33
CA SER E 133 32.16 72.28 -88.96
C SER E 133 31.98 72.30 -90.47
N GLU E 134 32.52 73.35 -91.10
CA GLU E 134 32.53 73.43 -92.54
C GLU E 134 33.17 72.17 -93.10
N ALA E 135 34.22 71.67 -92.41
CA ALA E 135 34.89 70.46 -92.87
C ALA E 135 33.94 69.28 -92.87
N GLU E 136 33.05 69.18 -91.87
CA GLU E 136 32.12 68.07 -91.80
C GLU E 136 31.16 68.19 -92.99
N ILE E 137 30.70 69.40 -93.22
CA ILE E 137 29.71 69.68 -94.24
C ILE E 137 30.24 69.26 -95.62
N SER E 138 31.41 69.78 -96.01
CA SER E 138 31.97 69.47 -97.32
C SER E 138 32.27 67.98 -97.46
N HIS E 139 32.70 67.35 -96.37
CA HIS E 139 33.23 66.00 -96.39
C HIS E 139 32.11 64.96 -96.37
N THR E 140 30.99 65.27 -95.69
CA THR E 140 29.92 64.26 -95.46
C THR E 140 28.51 64.73 -95.78
N GLN E 141 28.32 65.98 -96.19
CA GLN E 141 27.00 66.48 -96.56
C GLN E 141 26.02 66.45 -95.37
N LYS E 142 26.56 66.25 -94.16
CA LYS E 142 25.77 66.33 -92.94
C LYS E 142 26.35 67.43 -92.07
N ALA E 143 25.58 67.89 -91.07
CA ALA E 143 26.02 68.94 -90.16
C ALA E 143 25.62 68.62 -88.70
N THR E 144 26.62 68.50 -87.83
CA THR E 144 26.37 68.14 -86.44
C THR E 144 26.48 69.37 -85.55
N LEU E 145 25.35 69.74 -84.91
CA LEU E 145 25.38 70.73 -83.85
C LEU E 145 25.71 70.01 -82.54
N VAL E 146 26.46 70.67 -81.63
CA VAL E 146 26.77 70.09 -80.34
C VAL E 146 26.24 71.05 -79.28
N CYS E 147 25.51 70.51 -78.30
CA CYS E 147 25.10 71.30 -77.16
C CYS E 147 25.89 70.84 -75.95
N LEU E 148 26.27 71.80 -75.09
CA LEU E 148 27.09 71.50 -73.94
C LEU E 148 26.48 72.20 -72.73
N ALA E 149 26.08 71.42 -71.71
CA ALA E 149 25.62 71.95 -70.45
C ALA E 149 26.71 71.73 -69.40
N THR E 150 27.15 72.80 -68.73
CA THR E 150 28.30 72.70 -67.84
C THR E 150 27.97 73.30 -66.48
N GLY E 151 28.74 72.88 -65.47
CA GLY E 151 28.78 73.52 -64.17
C GLY E 151 27.53 73.30 -63.33
N PHE E 152 26.79 72.21 -63.54
CA PHE E 152 25.56 72.05 -62.78
C PHE E 152 25.77 71.08 -61.61
N TYR E 153 24.92 71.26 -60.59
CA TYR E 153 24.87 70.37 -59.44
C TYR E 153 23.50 70.52 -58.79
N PRO E 154 22.75 69.44 -58.46
CA PRO E 154 23.17 68.07 -58.69
C PRO E 154 23.04 67.64 -60.15
N ASP E 155 23.21 66.34 -60.39
CA ASP E 155 23.58 65.85 -61.70
C ASP E 155 22.38 65.50 -62.57
N HIS E 156 21.19 66.01 -62.27
CA HIS E 156 20.05 65.61 -63.08
C HIS E 156 19.51 66.79 -63.88
N VAL E 157 19.60 66.63 -65.20
CA VAL E 157 19.01 67.57 -66.15
C VAL E 157 18.36 66.78 -67.27
N GLU E 158 17.39 67.41 -67.94
CA GLU E 158 16.82 66.85 -69.15
C GLU E 158 17.08 67.80 -70.31
N LEU E 159 17.85 67.31 -71.27
CA LEU E 159 18.26 68.06 -72.44
C LEU E 159 17.38 67.68 -73.62
N SER E 160 16.86 68.69 -74.29
CA SER E 160 16.05 68.45 -75.47
C SER E 160 16.48 69.42 -76.54
N TRP E 161 16.22 69.06 -77.80
CA TRP E 161 16.58 69.86 -78.95
C TRP E 161 15.31 70.36 -79.64
N TRP E 162 15.33 71.62 -80.11
CA TRP E 162 14.18 72.23 -80.78
C TRP E 162 14.60 72.85 -82.11
N VAL E 163 13.81 72.58 -83.15
CA VAL E 163 14.09 73.08 -84.49
C VAL E 163 12.84 73.82 -84.97
N ASN E 164 13.01 75.12 -85.25
CA ASN E 164 11.88 75.94 -85.65
C ASN E 164 10.70 75.67 -84.71
N GLY E 165 10.97 75.68 -83.41
CA GLY E 165 9.91 75.76 -82.42
C GLY E 165 9.33 74.41 -82.04
N LYS E 166 9.78 73.30 -82.64
CA LYS E 166 9.29 71.99 -82.24
C LYS E 166 10.43 71.11 -81.75
N GLU E 167 10.14 70.29 -80.75
CA GLU E 167 11.13 69.39 -80.21
C GLU E 167 11.40 68.28 -81.22
N VAL E 168 12.67 67.91 -81.39
CA VAL E 168 13.05 66.85 -82.36
C VAL E 168 13.72 65.70 -81.59
N HIS E 169 13.63 64.50 -82.13
CA HIS E 169 14.24 63.32 -81.47
C HIS E 169 15.12 62.59 -82.49
N SER E 170 14.85 62.86 -83.77
CA SER E 170 15.63 62.18 -84.84
C SER E 170 16.97 62.89 -85.01
N GLY E 171 18.02 62.09 -85.23
CA GLY E 171 19.34 62.68 -85.42
C GLY E 171 19.96 63.21 -84.12
N VAL E 172 19.44 62.75 -82.97
CA VAL E 172 19.85 63.28 -81.67
C VAL E 172 20.49 62.17 -80.85
N CYS E 173 21.60 62.48 -80.17
CA CYS E 173 21.94 61.62 -79.06
C CYS E 173 22.60 62.45 -77.96
N THR E 174 22.31 62.05 -76.73
CA THR E 174 22.77 62.74 -75.54
C THR E 174 23.59 61.74 -74.74
N ASP E 175 24.59 62.22 -74.00
CA ASP E 175 25.44 61.32 -73.25
C ASP E 175 24.55 60.46 -72.36
N PRO E 176 24.84 59.15 -72.21
CA PRO E 176 24.10 58.35 -71.23
C PRO E 176 24.11 59.01 -69.85
N GLN E 177 25.27 59.48 -69.44
CA GLN E 177 25.36 60.04 -68.08
C GLN E 177 26.21 61.31 -68.08
N PRO E 178 25.94 62.25 -67.17
CA PRO E 178 26.78 63.42 -67.01
C PRO E 178 28.21 63.01 -66.65
N LEU E 179 29.15 63.90 -66.85
CA LEU E 179 30.52 63.62 -66.48
C LEU E 179 30.92 64.64 -65.40
N LYS E 180 31.82 64.23 -64.50
CA LYS E 180 32.22 65.06 -63.39
C LYS E 180 33.28 66.03 -63.88
N GLU E 181 33.04 67.32 -63.66
CA GLU E 181 34.00 68.34 -64.05
C GLU E 181 35.28 68.22 -63.23
N GLN E 182 35.19 67.73 -61.99
CA GLN E 182 36.35 67.49 -61.16
C GLN E 182 36.20 66.17 -60.43
N PRO E 183 36.66 65.04 -61.02
CA PRO E 183 36.32 63.72 -60.49
C PRO E 183 36.79 63.44 -59.06
N ALA E 184 37.86 64.12 -58.62
CA ALA E 184 38.42 63.88 -57.29
C ALA E 184 37.58 64.53 -56.18
N LEU E 185 36.50 65.25 -56.51
CA LEU E 185 35.72 65.97 -55.52
C LEU E 185 34.34 65.34 -55.37
N GLN E 186 33.87 65.22 -54.12
CA GLN E 186 32.56 64.66 -53.84
C GLN E 186 31.47 65.58 -54.38
N ASP E 187 31.73 66.89 -54.40
CA ASP E 187 30.73 67.88 -54.77
C ASP E 187 31.07 68.47 -56.14
N SER E 188 31.80 67.70 -56.95
CA SER E 188 32.05 68.05 -58.35
C SER E 188 30.76 68.51 -58.99
N ARG E 189 30.87 69.58 -59.77
CA ARG E 189 29.80 69.94 -60.69
C ARG E 189 29.88 69.02 -61.92
N TYR E 190 28.83 69.03 -62.72
CA TYR E 190 28.70 68.09 -63.83
C TYR E 190 28.59 68.80 -65.17
N ALA E 191 28.94 68.08 -66.24
CA ALA E 191 28.71 68.52 -67.61
C ALA E 191 28.04 67.42 -68.42
N LEU E 192 27.28 67.84 -69.47
CA LEU E 192 26.62 66.92 -70.37
C LEU E 192 26.65 67.47 -71.79
N SER E 193 26.91 66.60 -72.77
CA SER E 193 26.86 66.99 -74.17
C SER E 193 25.74 66.27 -74.93
N SER E 194 25.28 66.90 -76.01
CA SER E 194 24.34 66.26 -76.91
C SER E 194 24.69 66.63 -78.35
N ARG E 195 24.30 65.77 -79.31
CA ARG E 195 24.49 66.09 -80.71
C ARG E 195 23.13 66.03 -81.41
N LEU E 196 22.95 66.96 -82.35
CA LEU E 196 21.85 66.97 -83.31
C LEU E 196 22.47 67.06 -84.71
N ARG E 197 22.24 66.00 -85.48
CA ARG E 197 22.78 65.95 -86.85
C ARG E 197 21.65 66.14 -87.85
N VAL E 198 21.83 67.11 -88.74
CA VAL E 198 20.91 67.40 -89.83
C VAL E 198 21.74 67.42 -91.12
N SER E 199 21.04 67.44 -92.25
CA SER E 199 21.69 67.57 -93.54
C SER E 199 22.41 68.92 -93.60
N ALA E 200 23.49 68.94 -94.37
CA ALA E 200 24.18 70.18 -94.69
C ALA E 200 23.21 71.24 -95.22
N THR E 201 22.31 70.88 -96.16
CA THR E 201 21.49 71.90 -96.83
C THR E 201 20.54 72.53 -95.81
N PHE E 202 20.07 71.72 -94.84
CA PHE E 202 19.18 72.23 -93.81
C PHE E 202 19.91 73.23 -92.93
N TRP E 203 21.15 72.92 -92.52
CA TRP E 203 21.93 73.86 -91.71
C TRP E 203 22.23 75.13 -92.50
N GLN E 204 22.41 74.97 -93.83
CA GLN E 204 22.82 76.06 -94.71
C GLN E 204 21.71 77.10 -94.89
N ASP E 205 20.47 76.74 -94.52
CA ASP E 205 19.35 77.65 -94.66
C ASP E 205 19.25 78.57 -93.44
N PRO E 206 19.50 79.89 -93.60
CA PRO E 206 19.61 80.78 -92.43
C PRO E 206 18.30 81.09 -91.74
N ARG E 207 17.20 80.54 -92.24
CA ARG E 207 15.90 80.75 -91.61
C ARG E 207 15.63 79.66 -90.59
N ASN E 208 16.45 78.60 -90.58
CA ASN E 208 16.26 77.50 -89.65
C ASN E 208 16.83 77.85 -88.28
N HIS E 209 16.03 77.61 -87.24
CA HIS E 209 16.33 77.97 -85.88
C HIS E 209 16.53 76.67 -85.08
N PHE E 210 17.66 76.61 -84.36
CA PHE E 210 17.97 75.49 -83.49
C PHE E 210 18.06 75.99 -82.06
N ARG E 211 17.44 75.25 -81.14
CA ARG E 211 17.57 75.54 -79.71
C ARG E 211 17.88 74.26 -78.92
N CYS E 212 18.88 74.37 -78.05
CA CYS E 212 19.19 73.36 -77.03
C CYS E 212 18.61 73.82 -75.70
N GLN E 213 17.76 72.99 -75.10
CA GLN E 213 16.98 73.34 -73.92
C GLN E 213 17.30 72.37 -72.79
N VAL E 214 17.71 72.91 -71.64
CA VAL E 214 18.15 72.08 -70.51
C VAL E 214 17.26 72.37 -69.32
N GLN E 215 16.45 71.37 -68.95
CA GLN E 215 15.65 71.44 -67.73
C GLN E 215 16.57 71.08 -66.57
N PHE E 216 16.72 72.01 -65.63
CA PHE E 216 17.50 71.77 -64.44
C PHE E 216 16.58 71.58 -63.23
N TYR E 217 16.87 70.56 -62.42
CA TYR E 217 16.13 70.28 -61.20
C TYR E 217 16.95 70.82 -60.02
N GLY E 218 16.42 71.89 -59.41
CA GLY E 218 17.13 72.59 -58.35
C GLY E 218 16.28 72.81 -57.10
N LEU E 219 16.50 73.94 -56.43
CA LEU E 219 15.77 74.33 -55.26
C LEU E 219 14.34 74.66 -55.65
N SER E 220 13.43 74.63 -54.69
CA SER E 220 12.05 75.03 -54.91
C SER E 220 11.92 76.50 -54.53
N GLU E 221 10.79 77.10 -54.90
CA GLU E 221 10.52 78.50 -54.61
C GLU E 221 10.44 78.74 -53.11
N ASN E 222 10.39 77.65 -52.34
CA ASN E 222 10.12 77.70 -50.93
C ASN E 222 11.42 77.71 -50.12
N ASP E 223 12.55 77.37 -50.75
CA ASP E 223 13.78 77.11 -50.03
C ASP E 223 14.43 78.42 -49.57
N GLU E 224 15.19 78.32 -48.48
CA GLU E 224 15.93 79.44 -47.93
C GLU E 224 17.18 79.65 -48.78
N TRP E 225 17.50 80.91 -49.08
CA TRP E 225 18.72 81.22 -49.85
C TRP E 225 19.31 82.51 -49.33
N THR E 226 20.62 82.54 -49.07
CA THR E 226 21.26 83.70 -48.48
C THR E 226 22.51 84.11 -49.24
N GLN E 227 22.82 83.37 -50.32
CA GLN E 227 24.08 83.61 -51.06
C GLN E 227 23.88 84.73 -52.10
N ASP E 228 24.98 85.21 -52.69
CA ASP E 228 24.91 86.28 -53.71
C ASP E 228 24.33 85.71 -55.00
N ARG E 229 24.91 84.59 -55.45
CA ARG E 229 24.43 83.92 -56.67
C ARG E 229 22.90 83.81 -56.61
N ALA E 230 22.24 83.95 -57.75
CA ALA E 230 20.77 83.81 -57.79
C ALA E 230 20.38 82.43 -57.29
N LYS E 231 19.27 82.35 -56.56
CA LYS E 231 18.78 81.06 -56.03
C LYS E 231 18.72 80.05 -57.18
N PRO E 232 19.48 78.95 -57.10
CA PRO E 232 19.49 77.90 -58.17
C PRO E 232 18.17 77.14 -58.18
N VAL E 233 17.07 77.83 -58.54
CA VAL E 233 15.79 77.14 -58.59
C VAL E 233 15.77 76.20 -59.79
N THR E 234 14.85 75.23 -59.74
CA THR E 234 14.40 74.51 -60.91
C THR E 234 14.08 75.52 -62.00
N GLN E 235 14.63 75.29 -63.18
CA GLN E 235 14.57 76.28 -64.26
C GLN E 235 15.08 75.66 -65.54
N ILE E 236 14.76 76.36 -66.65
CA ILE E 236 15.19 75.96 -67.97
C ILE E 236 16.21 76.98 -68.44
N VAL E 237 17.29 76.48 -69.02
CA VAL E 237 18.36 77.29 -69.59
C VAL E 237 18.57 76.80 -71.02
N SER E 238 18.66 77.75 -71.96
CA SER E 238 18.69 77.44 -73.38
C SER E 238 19.85 78.15 -74.02
N ALA E 239 20.41 77.54 -75.07
CA ALA E 239 21.18 78.29 -76.04
C ALA E 239 20.59 78.02 -77.43
N GLU E 240 20.84 78.95 -78.38
CA GLU E 240 20.27 78.82 -79.72
C GLU E 240 21.32 79.07 -80.81
N ALA E 241 20.96 78.67 -82.02
CA ALA E 241 21.74 78.98 -83.22
C ALA E 241 20.82 79.04 -84.43
N TRP E 242 21.27 79.78 -85.46
CA TRP E 242 20.56 79.87 -86.71
C TRP E 242 21.45 79.34 -87.82
N GLY E 243 20.86 78.78 -88.87
CA GLY E 243 21.61 78.31 -90.03
C GLY E 243 22.43 79.43 -90.68
N ARG E 244 23.33 79.04 -91.61
CA ARG E 244 24.26 79.93 -92.29
C ARG E 244 24.83 79.27 -93.56
N ALA E 245 25.15 80.04 -94.61
CA ALA E 245 25.39 79.51 -95.95
C ALA E 245 26.85 79.11 -96.18
N VAL F 137 -4.25 11.42 -39.77
CA VAL F 137 -3.03 11.61 -40.62
C VAL F 137 -3.31 12.77 -41.58
N SER F 138 -3.56 13.90 -40.94
CA SER F 138 -3.93 15.12 -41.62
C SER F 138 -3.18 16.30 -41.01
N PHE F 139 -2.72 17.22 -41.89
CA PHE F 139 -2.42 18.57 -41.44
C PHE F 139 -3.59 19.44 -41.90
N HIS F 140 -4.07 20.31 -41.02
CA HIS F 140 -4.99 21.32 -41.48
C HIS F 140 -4.92 22.60 -40.66
N VAL F 141 -5.17 23.68 -41.40
CA VAL F 141 -5.27 25.01 -40.88
C VAL F 141 -6.75 25.33 -40.77
N ILE F 142 -7.14 26.02 -39.71
CA ILE F 142 -8.49 26.50 -39.60
C ILE F 142 -8.45 28.01 -39.53
N GLN F 143 -9.48 28.66 -40.09
CA GLN F 143 -9.69 30.06 -39.84
C GLN F 143 -11.13 30.26 -39.38
N ILE F 144 -11.30 31.25 -38.52
CA ILE F 144 -12.63 31.62 -38.10
C ILE F 144 -12.71 33.13 -38.18
N PHE F 145 -13.67 33.61 -38.99
CA PHE F 145 -13.84 35.04 -39.25
C PHE F 145 -15.19 35.50 -38.73
N SER F 146 -15.20 36.46 -37.79
CA SER F 146 -16.42 36.96 -37.18
C SER F 146 -16.74 38.37 -37.70
N PHE F 147 -17.90 38.52 -38.33
CA PHE F 147 -18.32 39.87 -38.78
C PHE F 147 -19.48 40.32 -37.92
N VAL F 148 -19.27 41.33 -37.07
CA VAL F 148 -20.33 41.73 -36.10
C VAL F 148 -20.96 43.04 -36.60
N ASN F 149 -20.13 44.00 -37.00
CA ASN F 149 -20.63 45.31 -37.47
C ASN F 149 -19.98 45.59 -38.82
N GLN F 150 -20.27 46.73 -39.43
CA GLN F 150 -19.55 47.04 -40.70
C GLN F 150 -18.21 47.64 -40.30
N SER F 151 -18.00 47.81 -39.00
CA SER F 151 -16.74 48.39 -38.49
C SER F 151 -15.93 47.32 -37.75
N TRP F 152 -16.57 46.24 -37.34
CA TRP F 152 -15.82 45.26 -36.52
C TRP F 152 -15.85 43.86 -37.11
N ALA F 153 -14.72 43.44 -37.69
CA ALA F 153 -14.59 42.06 -38.13
C ALA F 153 -13.22 41.58 -37.71
N ARG F 154 -13.06 40.25 -37.58
CA ARG F 154 -11.99 39.69 -36.77
C ARG F 154 -11.66 38.29 -37.25
N GLY F 155 -10.36 37.99 -37.36
CA GLY F 155 -9.89 36.77 -38.00
C GLY F 155 -8.83 36.06 -37.15
N GLN F 156 -9.13 34.81 -36.76
CA GLN F 156 -8.19 34.00 -36.00
C GLN F 156 -8.05 32.62 -36.63
N GLY F 157 -7.02 31.88 -36.24
CA GLY F 157 -6.72 30.66 -36.95
C GLY F 157 -5.56 29.91 -36.33
N SER F 158 -5.37 28.67 -36.76
CA SER F 158 -4.43 27.78 -36.13
C SER F 158 -4.17 26.60 -37.05
N GLY F 159 -3.10 25.86 -36.77
CA GLY F 159 -2.79 24.65 -37.50
C GLY F 159 -2.80 23.43 -36.57
N TRP F 160 -3.12 22.27 -37.15
CA TRP F 160 -3.50 21.09 -36.41
C TRP F 160 -3.02 19.82 -37.10
N LEU F 161 -2.43 18.91 -36.30
CA LEU F 161 -2.34 17.49 -36.62
C LEU F 161 -3.49 16.76 -35.94
N ASP F 162 -4.57 16.55 -36.69
CA ASP F 162 -5.81 16.01 -36.16
C ASP F 162 -6.27 16.92 -35.02
N GLU F 163 -6.25 16.38 -33.80
CA GLU F 163 -6.75 17.14 -32.66
C GLU F 163 -5.60 17.87 -31.99
N LEU F 164 -4.37 17.61 -32.43
CA LEU F 164 -3.19 18.15 -31.75
C LEU F 164 -2.75 19.46 -32.43
N GLN F 165 -2.77 20.57 -31.68
CA GLN F 165 -2.47 21.88 -32.22
C GLN F 165 -0.95 22.04 -32.38
N THR F 166 -0.53 22.41 -33.60
CA THR F 166 0.88 22.62 -33.93
C THR F 166 1.21 24.10 -34.11
N HIS F 167 0.22 24.93 -34.45
CA HIS F 167 0.50 26.33 -34.75
C HIS F 167 -0.63 27.22 -34.23
N GLY F 168 -0.26 28.42 -33.79
CA GLY F 168 -1.17 29.52 -33.58
C GLY F 168 -0.87 30.68 -34.53
N TRP F 169 -1.66 31.74 -34.41
CA TRP F 169 -1.48 32.94 -35.25
C TRP F 169 -1.65 34.18 -34.40
N ASP F 170 -0.60 34.97 -34.31
CA ASP F 170 -0.66 36.24 -33.60
C ASP F 170 -1.18 37.28 -34.58
N SER F 171 -2.41 37.75 -34.34
CA SER F 171 -3.06 38.65 -35.27
C SER F 171 -2.53 40.08 -35.11
N GLU F 172 -2.03 40.40 -33.91
CA GLU F 172 -1.37 41.68 -33.68
C GLU F 172 -0.27 41.89 -34.71
N SER F 173 0.65 40.92 -34.78
CA SER F 173 1.83 41.03 -35.68
C SER F 173 1.62 40.32 -37.03
N GLY F 174 0.58 39.52 -37.17
CA GLY F 174 0.42 38.74 -38.41
C GLY F 174 1.50 37.71 -38.49
N THR F 175 1.66 36.91 -37.44
CA THR F 175 2.78 35.95 -37.42
C THR F 175 2.35 34.57 -37.02
N ILE F 176 3.05 33.55 -37.52
CA ILE F 176 2.81 32.18 -37.10
C ILE F 176 3.44 31.98 -35.73
N ILE F 177 2.68 31.36 -34.80
CA ILE F 177 3.20 30.92 -33.53
C ILE F 177 3.56 29.44 -33.67
N PHE F 178 4.84 29.10 -33.51
CA PHE F 178 5.26 27.71 -33.55
C PHE F 178 5.19 27.13 -32.14
N LEU F 179 4.20 26.29 -31.87
CA LEU F 179 3.89 25.89 -30.50
C LEU F 179 4.90 24.85 -30.00
N HIS F 180 5.46 24.04 -30.90
CA HIS F 180 6.48 23.08 -30.52
C HIS F 180 7.72 23.39 -31.33
N ASN F 181 8.86 22.95 -30.83
CA ASN F 181 10.11 23.20 -31.53
C ASN F 181 10.26 22.28 -32.73
N TRP F 182 9.28 21.39 -33.00
CA TRP F 182 9.27 20.63 -34.25
C TRP F 182 8.16 21.14 -35.17
N SER F 183 7.53 22.27 -34.80
CA SER F 183 6.41 22.79 -35.55
C SER F 183 6.82 23.33 -36.93
N LYS F 184 8.13 23.47 -37.16
CA LYS F 184 8.67 23.93 -38.44
C LYS F 184 8.76 22.77 -39.42
N GLY F 185 8.53 21.55 -38.96
CA GLY F 185 8.60 20.39 -39.83
C GLY F 185 9.98 20.31 -40.45
N ASN F 186 10.03 20.00 -41.76
CA ASN F 186 11.29 19.95 -42.54
C ASN F 186 11.41 21.22 -43.38
N PHE F 187 10.65 22.26 -43.05
CA PHE F 187 10.62 23.49 -43.90
C PHE F 187 11.60 24.52 -43.41
N SER F 188 12.27 25.20 -44.34
CA SER F 188 13.20 26.28 -44.05
C SER F 188 12.46 27.48 -43.46
N ASN F 189 13.20 28.34 -42.75
CA ASN F 189 12.59 29.56 -42.24
C ASN F 189 12.11 30.40 -43.42
N GLU F 190 12.86 30.37 -44.54
CA GLU F 190 12.52 31.17 -45.70
C GLU F 190 11.18 30.72 -46.25
N GLU F 191 10.98 29.43 -46.48
CA GLU F 191 9.64 28.99 -46.97
C GLU F 191 8.55 29.43 -45.98
N LEU F 192 8.81 29.32 -44.68
CA LEU F 192 7.79 29.62 -43.69
C LEU F 192 7.51 31.13 -43.61
N SER F 193 8.52 31.98 -43.75
CA SER F 193 8.28 33.42 -43.84
C SER F 193 7.42 33.75 -45.04
N ASP F 194 7.70 33.07 -46.15
CA ASP F 194 6.97 33.32 -47.38
C ASP F 194 5.49 32.97 -47.18
N LEU F 195 5.23 31.82 -46.57
CA LEU F 195 3.85 31.43 -46.26
C LEU F 195 3.22 32.39 -45.25
N GLU F 196 3.98 32.83 -44.25
CA GLU F 196 3.40 33.71 -43.21
C GLU F 196 2.82 34.95 -43.88
N LEU F 197 3.56 35.54 -44.81
CA LEU F 197 3.11 36.80 -45.45
C LEU F 197 1.88 36.53 -46.33
N LEU F 198 1.82 35.39 -47.01
CA LEU F 198 0.62 35.03 -47.80
C LEU F 198 -0.61 35.00 -46.88
N PHE F 199 -0.47 34.35 -45.72
CA PHE F 199 -1.61 34.22 -44.77
C PHE F 199 -2.01 35.58 -44.28
N ARG F 200 -1.03 36.40 -43.92
CA ARG F 200 -1.33 37.76 -43.43
C ARG F 200 -2.18 38.49 -44.47
N PHE F 201 -1.78 38.40 -45.74
CA PHE F 201 -2.50 39.13 -46.82
C PHE F 201 -3.86 38.50 -47.03
N TYR F 202 -3.92 37.17 -46.97
CA TYR F 202 -5.20 36.44 -47.19
C TYR F 202 -6.21 36.79 -46.12
N LEU F 203 -5.76 36.82 -44.86
CA LEU F 203 -6.70 37.08 -43.75
C LEU F 203 -7.26 38.49 -43.87
N PHE F 204 -6.39 39.47 -44.12
CA PHE F 204 -6.85 40.87 -44.31
C PHE F 204 -7.66 40.95 -45.58
N GLY F 205 -7.23 40.24 -46.62
CA GLY F 205 -7.92 40.36 -47.90
C GLY F 205 -9.31 39.73 -47.90
N LEU F 206 -9.43 38.54 -47.33
CA LEU F 206 -10.72 37.86 -47.23
C LEU F 206 -11.66 38.67 -46.36
N THR F 207 -11.17 39.14 -45.22
CA THR F 207 -11.96 39.95 -44.31
C THR F 207 -12.50 41.18 -45.05
N ARG F 208 -11.62 41.87 -45.79
CA ARG F 208 -12.02 43.09 -46.45
C ARG F 208 -13.00 42.77 -47.58
N GLU F 209 -12.72 41.69 -48.30
CA GLU F 209 -13.51 41.37 -49.47
C GLU F 209 -14.96 41.09 -49.03
N ILE F 210 -15.10 40.36 -47.91
CA ILE F 210 -16.41 40.08 -47.36
C ILE F 210 -17.03 41.37 -46.82
N GLN F 211 -16.31 42.13 -45.99
CA GLN F 211 -16.85 43.36 -45.42
C GLN F 211 -17.38 44.27 -46.53
N ASP F 212 -16.74 44.26 -47.71
CA ASP F 212 -17.15 45.10 -48.83
C ASP F 212 -18.49 44.67 -49.39
N HIS F 213 -18.77 43.36 -49.40
CA HIS F 213 -20.03 42.83 -49.89
C HIS F 213 -21.11 43.04 -48.83
N ALA F 214 -20.75 42.76 -47.59
CA ALA F 214 -21.74 42.81 -46.48
C ALA F 214 -22.18 44.24 -46.20
N SER F 215 -21.22 45.15 -46.02
CA SER F 215 -21.56 46.56 -45.67
C SER F 215 -22.86 47.00 -46.35
N GLN F 216 -23.06 46.63 -47.62
CA GLN F 216 -24.25 47.10 -48.37
C GLN F 216 -25.51 46.29 -48.00
N ASP F 217 -25.58 45.73 -46.80
CA ASP F 217 -26.81 45.03 -46.34
C ASP F 217 -27.10 45.38 -44.88
N TYR F 218 -26.09 45.30 -44.00
CA TYR F 218 -26.23 45.64 -42.55
C TYR F 218 -27.13 44.63 -41.83
N SER F 219 -28.26 44.27 -42.44
CA SER F 219 -29.22 43.35 -41.77
C SER F 219 -28.57 41.98 -41.56
N LYS F 220 -27.62 41.59 -42.43
CA LYS F 220 -27.04 40.23 -42.35
C LYS F 220 -26.07 40.11 -41.15
N TYR F 221 -25.72 41.22 -40.49
CA TYR F 221 -24.82 41.15 -39.31
C TYR F 221 -25.61 40.64 -38.11
N PRO F 222 -24.97 40.05 -37.07
CA PRO F 222 -23.61 39.46 -37.20
C PRO F 222 -23.62 38.15 -37.98
N PHE F 223 -22.46 37.75 -38.48
CA PHE F 223 -22.35 36.45 -39.17
C PHE F 223 -20.93 35.94 -38.99
N GLU F 224 -20.75 34.64 -39.12
CA GLU F 224 -19.40 34.04 -38.91
C GLU F 224 -19.08 33.10 -40.07
N VAL F 225 -17.85 33.16 -40.54
CA VAL F 225 -17.40 32.29 -41.60
C VAL F 225 -16.25 31.44 -41.07
N GLN F 226 -16.24 30.17 -41.43
CA GLN F 226 -15.16 29.31 -41.00
C GLN F 226 -14.53 28.64 -42.21
N VAL F 227 -13.24 28.35 -42.08
CA VAL F 227 -12.49 27.70 -43.14
C VAL F 227 -11.70 26.54 -42.54
N LYS F 228 -11.73 25.41 -43.23
CA LYS F 228 -10.88 24.26 -42.84
C LYS F 228 -10.16 23.83 -44.11
N ALA F 229 -8.83 23.98 -44.13
CA ALA F 229 -8.05 23.64 -45.30
C ALA F 229 -6.83 22.83 -44.89
N GLY F 230 -6.48 21.82 -45.70
CA GLY F 230 -5.26 21.07 -45.46
C GLY F 230 -5.25 19.82 -46.33
N CYS F 231 -4.61 18.77 -45.84
CA CYS F 231 -4.47 17.53 -46.60
C CYS F 231 -4.41 16.35 -45.62
N GLU F 232 -4.67 15.15 -46.15
CA GLU F 232 -4.60 13.92 -45.39
C GLU F 232 -4.05 12.82 -46.28
N LEU F 233 -3.47 11.80 -45.63
CA LEU F 233 -2.83 10.69 -46.32
C LEU F 233 -3.81 9.54 -46.39
N HIS F 234 -3.67 8.76 -47.47
CA HIS F 234 -4.44 7.55 -47.69
C HIS F 234 -3.49 6.45 -48.13
N SER F 235 -3.36 5.45 -47.26
CA SER F 235 -2.39 4.37 -47.42
C SER F 235 -2.24 3.94 -48.88
N GLY F 236 -1.05 4.18 -49.45
CA GLY F 236 -0.67 3.66 -50.75
C GLY F 236 -1.23 4.46 -51.93
N LYS F 237 -1.94 5.54 -51.63
CA LYS F 237 -2.65 6.33 -52.62
C LYS F 237 -2.19 7.77 -52.47
N SER F 238 -2.43 8.58 -53.52
CA SER F 238 -2.02 9.97 -53.49
C SER F 238 -2.79 10.71 -52.40
N PRO F 239 -2.16 11.68 -51.72
CA PRO F 239 -2.81 12.44 -50.65
C PRO F 239 -4.01 13.26 -51.12
N GLU F 240 -4.98 13.41 -50.22
CA GLU F 240 -6.17 14.19 -50.48
C GLU F 240 -5.94 15.56 -49.87
N GLY F 241 -6.40 16.61 -50.57
CA GLY F 241 -6.43 17.95 -50.04
C GLY F 241 -7.87 18.44 -49.96
N PHE F 242 -8.14 19.41 -49.11
CA PHE F 242 -9.50 19.90 -48.94
C PHE F 242 -9.46 21.36 -48.57
N PHE F 243 -10.54 22.06 -48.91
CA PHE F 243 -10.73 23.45 -48.54
C PHE F 243 -12.23 23.62 -48.37
N GLN F 244 -12.68 23.59 -47.11
CA GLN F 244 -14.12 23.61 -46.82
C GLN F 244 -14.48 24.92 -46.12
N VAL F 245 -15.68 25.43 -46.40
CA VAL F 245 -16.09 26.70 -45.86
C VAL F 245 -17.49 26.57 -45.28
N ALA F 246 -17.69 27.25 -44.15
CA ALA F 246 -18.97 27.26 -43.48
C ALA F 246 -19.39 28.71 -43.33
N PHE F 247 -20.70 28.92 -43.27
CA PHE F 247 -21.30 30.22 -43.04
C PHE F 247 -22.43 30.02 -42.04
N ASN F 248 -22.38 30.77 -40.94
CA ASN F 248 -23.30 30.63 -39.82
C ASN F 248 -23.44 29.19 -39.35
N GLY F 249 -22.35 28.45 -39.26
CA GLY F 249 -22.37 27.15 -38.62
C GLY F 249 -22.80 26.02 -39.55
N LEU F 250 -23.02 26.32 -40.85
CA LEU F 250 -23.44 25.32 -41.82
C LEU F 250 -22.48 25.31 -43.00
N ASP F 251 -22.38 24.16 -43.65
CA ASP F 251 -21.56 24.06 -44.88
C ASP F 251 -22.01 25.13 -45.88
N LEU F 252 -21.06 25.87 -46.46
CA LEU F 252 -21.39 26.86 -47.52
C LEU F 252 -20.86 26.33 -48.86
N LEU F 253 -19.58 25.99 -48.91
CA LEU F 253 -18.98 25.51 -50.19
C LEU F 253 -17.68 24.78 -49.92
N SER F 254 -17.23 23.98 -50.89
CA SER F 254 -15.93 23.38 -50.75
C SER F 254 -15.22 23.30 -52.11
N PHE F 255 -13.91 23.02 -52.06
CA PHE F 255 -13.09 22.98 -53.24
C PHE F 255 -12.92 21.52 -53.67
N GLN F 256 -13.44 21.18 -54.85
CA GLN F 256 -13.36 19.83 -55.37
C GLN F 256 -12.57 19.86 -56.68
N ASN F 257 -11.44 19.16 -56.72
CA ASN F 257 -10.58 19.12 -57.91
C ASN F 257 -10.14 20.56 -58.18
N THR F 258 -10.76 21.17 -59.19
CA THR F 258 -10.39 22.50 -59.65
C THR F 258 -11.55 23.48 -59.48
N THR F 259 -12.66 23.01 -58.88
CA THR F 259 -13.93 23.71 -58.90
C THR F 259 -14.44 23.95 -57.48
N TRP F 260 -14.91 25.18 -57.26
CA TRP F 260 -15.65 25.50 -56.05
C TRP F 260 -17.09 25.01 -56.19
N VAL F 261 -17.44 24.02 -55.37
CA VAL F 261 -18.79 23.39 -55.44
C VAL F 261 -19.63 23.89 -54.25
N PRO F 262 -20.83 24.42 -54.48
CA PRO F 262 -21.70 24.95 -53.40
C PRO F 262 -22.31 23.84 -52.57
N SER F 263 -22.51 24.10 -51.27
CA SER F 263 -23.18 23.10 -50.41
C SER F 263 -24.67 23.08 -50.76
N PRO F 264 -25.25 21.91 -51.09
CA PRO F 264 -26.68 21.81 -51.43
C PRO F 264 -27.57 22.57 -50.45
N GLY F 265 -27.17 22.67 -49.18
CA GLY F 265 -28.04 23.29 -48.16
C GLY F 265 -27.78 24.77 -47.93
N CYS F 266 -26.82 25.37 -48.63
CA CYS F 266 -26.65 26.84 -48.47
C CYS F 266 -27.31 27.55 -49.68
N GLY F 267 -27.97 26.79 -50.54
CA GLY F 267 -28.77 27.37 -51.64
C GLY F 267 -28.13 28.41 -52.52
N SER F 268 -28.76 29.58 -52.64
CA SER F 268 -28.32 30.63 -53.60
C SER F 268 -27.02 31.32 -53.21
N LEU F 269 -26.90 31.77 -51.96
CA LEU F 269 -25.64 32.39 -51.50
C LEU F 269 -24.50 31.49 -51.95
N ALA F 270 -24.54 30.24 -51.53
CA ALA F 270 -23.47 29.29 -51.88
C ALA F 270 -23.26 29.27 -53.39
N GLN F 271 -24.34 29.19 -54.15
CA GLN F 271 -24.24 29.05 -55.59
C GLN F 271 -23.53 30.26 -56.21
N SER F 272 -23.96 31.44 -55.79
CA SER F 272 -23.44 32.67 -56.34
C SER F 272 -22.05 33.00 -55.82
N VAL F 273 -21.69 32.55 -54.61
CA VAL F 273 -20.32 32.73 -54.14
C VAL F 273 -19.41 31.82 -54.97
N CYS F 274 -19.88 30.60 -55.27
CA CYS F 274 -19.11 29.69 -56.11
C CYS F 274 -18.92 30.25 -57.52
N HIS F 275 -19.98 30.79 -58.12
CA HIS F 275 -19.86 31.41 -59.43
C HIS F 275 -18.73 32.44 -59.43
N LEU F 276 -18.76 33.33 -58.43
CA LEU F 276 -17.76 34.38 -58.27
C LEU F 276 -16.35 33.79 -58.15
N LEU F 277 -16.17 32.78 -57.31
CA LEU F 277 -14.86 32.18 -57.11
C LEU F 277 -14.35 31.51 -58.40
N ASN F 278 -15.23 30.82 -59.13
CA ASN F 278 -14.83 30.06 -60.30
C ASN F 278 -14.50 30.98 -61.47
N HIS F 279 -15.15 32.15 -61.51
CA HIS F 279 -15.13 33.01 -62.69
C HIS F 279 -14.28 34.26 -62.50
N GLN F 280 -14.12 34.78 -61.28
CA GLN F 280 -13.41 36.02 -61.03
C GLN F 280 -12.32 35.91 -59.97
N TYR F 281 -11.91 34.71 -59.55
CA TYR F 281 -10.81 34.64 -58.60
C TYR F 281 -9.95 33.43 -58.95
N GLU F 282 -9.74 33.22 -60.26
CA GLU F 282 -8.90 32.14 -60.75
C GLU F 282 -7.54 32.20 -60.07
N GLY F 283 -7.03 33.41 -59.78
CA GLY F 283 -5.76 33.54 -59.09
C GLY F 283 -5.77 32.80 -57.75
N VAL F 284 -6.86 33.00 -57.00
CA VAL F 284 -7.03 32.41 -55.68
C VAL F 284 -7.12 30.89 -55.79
N THR F 285 -7.99 30.42 -56.68
CA THR F 285 -8.15 29.01 -56.99
C THR F 285 -6.80 28.32 -57.24
N GLU F 286 -5.94 28.92 -58.08
CA GLU F 286 -4.66 28.31 -58.39
C GLU F 286 -3.82 28.16 -57.12
N THR F 287 -3.92 29.15 -56.21
CA THR F 287 -3.10 29.21 -55.03
C THR F 287 -3.54 28.10 -54.06
N VAL F 288 -4.85 28.01 -53.87
CA VAL F 288 -5.43 27.00 -52.99
C VAL F 288 -5.04 25.61 -53.52
N TYR F 289 -5.21 25.40 -54.83
CA TYR F 289 -4.91 24.11 -55.42
C TYR F 289 -3.48 23.70 -55.04
N ASN F 290 -2.52 24.58 -55.32
CA ASN F 290 -1.13 24.29 -55.07
C ASN F 290 -0.87 24.08 -53.55
N LEU F 291 -1.51 24.89 -52.69
CA LEU F 291 -1.26 24.78 -51.26
C LEU F 291 -1.71 23.42 -50.73
N ILE F 292 -2.90 23.02 -51.13
CA ILE F 292 -3.60 21.85 -50.63
C ILE F 292 -2.98 20.58 -51.22
N ARG F 293 -2.52 20.63 -52.47
CA ARG F 293 -2.11 19.43 -53.19
C ARG F 293 -0.60 19.27 -53.26
N SER F 294 0.16 20.33 -53.08
CA SER F 294 1.63 20.22 -53.22
C SER F 294 2.34 20.57 -51.90
N THR F 295 2.08 21.75 -51.34
CA THR F 295 2.80 22.19 -50.14
C THR F 295 2.37 21.39 -48.93
N CYS F 296 1.07 21.27 -48.69
CA CYS F 296 0.55 20.59 -47.47
C CYS F 296 1.17 19.19 -47.34
N PRO F 297 1.03 18.27 -48.30
CA PRO F 297 1.55 16.89 -48.13
C PRO F 297 3.01 16.93 -47.69
N ARG F 298 3.82 17.78 -48.30
CA ARG F 298 5.24 17.90 -47.93
C ARG F 298 5.37 18.35 -46.46
N PHE F 299 4.66 19.41 -46.11
CA PHE F 299 4.78 19.94 -44.73
C PHE F 299 4.35 18.85 -43.76
N LEU F 300 3.21 18.22 -44.01
CA LEU F 300 2.68 17.19 -43.08
C LEU F 300 3.73 16.09 -42.90
N LEU F 301 4.25 15.56 -44.02
CA LEU F 301 5.21 14.42 -43.93
C LEU F 301 6.44 14.89 -43.15
N GLY F 302 6.83 16.15 -43.29
CA GLY F 302 7.98 16.68 -42.54
C GLY F 302 7.62 16.97 -41.11
N LEU F 303 6.37 17.40 -40.87
CA LEU F 303 5.91 17.69 -39.53
C LEU F 303 5.79 16.39 -38.73
N LEU F 304 5.27 15.35 -39.36
CA LEU F 304 5.17 14.04 -38.73
C LEU F 304 6.57 13.54 -38.39
N ASP F 305 7.50 13.69 -39.35
CA ASP F 305 8.84 13.18 -39.13
C ASP F 305 9.50 13.95 -37.99
N ALA F 306 9.36 15.27 -37.97
CA ALA F 306 10.04 16.08 -36.98
C ALA F 306 9.48 15.87 -35.57
N GLY F 307 8.19 15.53 -35.48
CA GLY F 307 7.55 15.40 -34.16
C GLY F 307 7.17 13.97 -33.84
N LYS F 308 7.80 13.01 -34.51
CA LYS F 308 7.52 11.58 -34.28
C LYS F 308 7.53 11.24 -32.78
N MET F 309 8.49 11.76 -32.02
CA MET F 309 8.65 11.36 -30.60
C MET F 309 7.64 12.07 -29.69
N TYR F 310 6.81 12.97 -30.20
CA TYR F 310 5.78 13.59 -29.32
C TYR F 310 4.43 13.06 -29.70
N VAL F 311 4.22 12.83 -31.00
CA VAL F 311 2.88 12.41 -31.47
C VAL F 311 2.73 10.89 -31.23
N HIS F 312 3.85 10.19 -31.07
CA HIS F 312 3.80 8.73 -30.87
C HIS F 312 4.29 8.42 -29.45
N ARG F 313 4.40 9.45 -28.63
CA ARG F 313 4.81 9.25 -27.22
C ARG F 313 3.71 8.49 -26.49
N GLN F 314 4.09 7.71 -25.48
CA GLN F 314 3.08 7.02 -24.66
C GLN F 314 3.12 7.61 -23.25
N VAL F 315 1.96 8.05 -22.76
CA VAL F 315 1.86 8.56 -21.38
C VAL F 315 0.78 7.76 -20.64
N ARG F 316 1.19 7.24 -19.49
CA ARG F 316 0.30 6.35 -18.72
C ARG F 316 -0.72 7.12 -17.89
N PRO F 317 -1.97 6.65 -17.89
CA PRO F 317 -3.01 7.24 -17.07
C PRO F 317 -2.80 6.98 -15.57
N GLU F 318 -3.32 7.93 -14.80
CA GLU F 318 -3.44 7.72 -13.36
C GLU F 318 -4.91 7.26 -13.29
N ALA F 319 -5.19 6.18 -12.58
CA ALA F 319 -6.51 5.60 -12.49
C ALA F 319 -6.92 5.46 -11.03
N TRP F 320 -8.20 5.73 -10.74
CA TRP F 320 -8.73 5.64 -9.38
C TRP F 320 -10.24 5.49 -9.41
N LEU F 321 -10.75 4.90 -8.32
CA LEU F 321 -12.15 4.70 -8.05
C LEU F 321 -12.61 5.72 -7.01
N SER F 322 -13.89 6.09 -7.09
CA SER F 322 -14.52 6.89 -6.04
C SER F 322 -16.01 6.55 -5.98
N SER F 323 -16.70 6.98 -4.93
CA SER F 323 -18.12 6.72 -4.74
C SER F 323 -18.84 7.99 -4.33
N ARG F 324 -20.15 7.99 -4.57
CA ARG F 324 -21.08 8.92 -3.95
C ARG F 324 -22.48 8.37 -4.15
N PRO F 325 -23.49 8.79 -3.34
CA PRO F 325 -24.85 8.30 -3.52
C PRO F 325 -25.46 8.79 -4.83
N SER F 326 -26.35 7.99 -5.41
CA SER F 326 -27.12 8.40 -6.57
C SER F 326 -28.30 9.24 -6.08
N LEU F 327 -28.92 10.00 -7.00
CA LEU F 327 -30.14 10.73 -6.67
C LEU F 327 -31.38 9.83 -6.85
N GLY F 328 -31.17 8.52 -7.06
CA GLY F 328 -32.26 7.55 -7.11
C GLY F 328 -31.76 6.14 -7.42
N SER F 329 -32.68 5.26 -7.82
CA SER F 329 -32.39 3.91 -8.30
C SER F 329 -31.66 3.05 -7.26
N GLY F 330 -30.51 2.47 -7.62
CA GLY F 330 -29.67 1.69 -6.72
C GLY F 330 -29.30 2.48 -5.47
N GLN F 331 -28.95 3.77 -5.67
CA GLN F 331 -28.58 4.69 -4.61
C GLN F 331 -27.08 4.53 -4.29
N LEU F 332 -26.27 4.16 -5.29
CA LEU F 332 -24.82 4.14 -5.13
C LEU F 332 -24.12 4.22 -6.50
N LEU F 333 -23.25 5.22 -6.67
CA LEU F 333 -22.52 5.46 -7.91
C LEU F 333 -21.04 5.12 -7.72
N LEU F 334 -20.57 4.09 -8.44
CA LEU F 334 -19.15 3.77 -8.51
C LEU F 334 -18.57 4.42 -9.77
N VAL F 335 -17.48 5.15 -9.61
CA VAL F 335 -16.91 5.95 -10.68
C VAL F 335 -15.46 5.51 -10.88
N CYS F 336 -15.19 4.97 -12.07
CA CYS F 336 -13.84 4.62 -12.48
C CYS F 336 -13.31 5.75 -13.35
N HIS F 337 -12.18 6.33 -12.95
CA HIS F 337 -11.59 7.47 -13.62
C HIS F 337 -10.24 7.05 -14.22
N ALA F 338 -9.89 7.70 -15.34
CA ALA F 338 -8.53 7.64 -15.89
C ALA F 338 -8.19 9.02 -16.42
N SER F 339 -7.00 9.53 -16.07
CA SER F 339 -6.58 10.85 -16.57
C SER F 339 -5.07 10.87 -16.84
N GLY F 340 -4.63 11.73 -17.75
CA GLY F 340 -3.19 11.89 -17.99
C GLY F 340 -2.65 10.95 -19.04
N PHE F 341 -3.54 10.32 -19.81
CA PHE F 341 -3.06 9.35 -20.77
C PHE F 341 -2.98 9.96 -22.18
N TYR F 342 -2.09 9.37 -22.99
CA TYR F 342 -1.83 9.77 -24.36
C TYR F 342 -1.15 8.60 -25.06
N PRO F 343 -1.60 8.12 -26.24
CA PRO F 343 -2.60 8.79 -27.08
C PRO F 343 -4.04 8.61 -26.61
N LYS F 344 -4.97 9.03 -27.47
CA LYS F 344 -6.38 9.15 -27.13
C LYS F 344 -7.08 7.81 -27.06
N PRO F 345 -6.84 6.81 -27.96
CA PRO F 345 -7.51 5.53 -27.81
C PRO F 345 -7.33 4.93 -26.40
N VAL F 346 -8.46 4.58 -25.76
CA VAL F 346 -8.46 4.02 -24.43
C VAL F 346 -9.73 3.20 -24.20
N TRP F 347 -9.65 2.30 -23.23
CA TRP F 347 -10.82 1.48 -22.85
C TRP F 347 -10.90 1.41 -21.32
N VAL F 348 -11.86 2.13 -20.74
CA VAL F 348 -12.11 2.06 -19.27
C VAL F 348 -13.41 1.26 -19.10
N THR F 349 -13.33 0.06 -18.55
CA THR F 349 -14.52 -0.83 -18.52
C THR F 349 -14.79 -1.38 -17.14
N TRP F 350 -16.02 -1.21 -16.65
CA TRP F 350 -16.40 -1.84 -15.38
C TRP F 350 -16.55 -3.34 -15.62
N MET F 351 -16.30 -4.16 -14.60
CA MET F 351 -16.30 -5.62 -14.82
C MET F 351 -16.82 -6.36 -13.58
N ARG F 352 -17.57 -7.44 -13.79
CA ARG F 352 -18.01 -8.27 -12.65
C ARG F 352 -17.42 -9.63 -12.98
N ASN F 353 -16.42 -10.06 -12.23
CA ASN F 353 -15.69 -11.29 -12.58
C ASN F 353 -14.91 -11.03 -13.87
N GLU F 354 -14.83 -12.01 -14.76
CA GLU F 354 -14.12 -11.84 -16.05
C GLU F 354 -15.11 -11.36 -17.11
N GLN F 355 -16.20 -10.75 -16.67
CA GLN F 355 -17.27 -10.34 -17.61
C GLN F 355 -17.50 -8.84 -17.51
N GLU F 356 -17.55 -8.17 -18.65
CA GLU F 356 -17.86 -6.73 -18.64
C GLU F 356 -19.24 -6.52 -18.01
N GLN F 357 -19.38 -5.43 -17.25
CA GLN F 357 -20.70 -5.10 -16.67
C GLN F 357 -21.28 -4.02 -17.56
N LEU F 358 -22.29 -4.39 -18.34
CA LEU F 358 -22.92 -3.42 -19.24
C LEU F 358 -23.93 -2.59 -18.43
N GLY F 359 -24.43 -1.51 -19.00
CA GLY F 359 -25.36 -0.65 -18.30
C GLY F 359 -24.68 0.46 -17.52
N THR F 360 -23.40 0.69 -17.80
CA THR F 360 -22.66 1.79 -17.22
C THR F 360 -22.86 3.02 -18.09
N LYS F 361 -22.69 4.20 -17.48
CA LYS F 361 -22.67 5.47 -18.17
C LYS F 361 -21.22 5.77 -18.57
N HIS F 362 -20.95 5.74 -19.89
CA HIS F 362 -19.61 5.96 -20.40
C HIS F 362 -19.41 7.45 -20.64
N GLY F 363 -18.36 8.04 -20.08
CA GLY F 363 -18.18 9.48 -20.20
C GLY F 363 -17.60 9.83 -21.57
N ASP F 364 -17.42 11.12 -21.81
CA ASP F 364 -16.72 11.57 -23.00
C ASP F 364 -15.23 11.59 -22.71
N ILE F 365 -14.40 11.32 -23.74
CA ILE F 365 -12.97 11.53 -23.61
C ILE F 365 -12.69 13.02 -23.72
N LEU F 366 -12.23 13.63 -22.62
CA LEU F 366 -12.13 15.08 -22.48
C LEU F 366 -10.66 15.48 -22.37
N PRO F 367 -10.32 16.71 -22.83
CA PRO F 367 -8.90 17.10 -22.88
C PRO F 367 -8.32 17.79 -21.67
N ASN F 368 -7.10 17.38 -21.31
CA ASN F 368 -6.32 18.15 -20.37
C ASN F 368 -5.47 19.18 -21.12
N ALA F 369 -5.05 20.21 -20.39
CA ALA F 369 -4.27 21.32 -20.91
C ALA F 369 -2.98 20.84 -21.55
N ASP F 370 -2.44 19.70 -21.11
CA ASP F 370 -1.15 19.22 -21.58
C ASP F 370 -1.31 18.28 -22.79
N GLY F 371 -2.53 18.13 -23.31
CA GLY F 371 -2.73 17.27 -24.47
C GLY F 371 -3.06 15.83 -24.12
N THR F 372 -2.98 15.46 -22.83
CA THR F 372 -3.49 14.17 -22.37
C THR F 372 -5.02 14.25 -22.22
N TRP F 373 -5.59 13.13 -21.83
CA TRP F 373 -7.06 13.05 -21.78
C TRP F 373 -7.60 12.54 -20.45
N TYR F 374 -8.90 12.71 -20.22
CA TYR F 374 -9.62 12.25 -19.05
C TYR F 374 -10.84 11.44 -19.53
N LEU F 375 -11.19 10.40 -18.78
CA LEU F 375 -12.42 9.65 -19.04
C LEU F 375 -12.93 9.08 -17.73
N GLN F 376 -14.24 9.14 -17.51
CA GLN F 376 -14.85 8.50 -16.37
C GLN F 376 -15.97 7.61 -16.84
N VAL F 377 -16.19 6.50 -16.12
CA VAL F 377 -17.27 5.59 -16.38
C VAL F 377 -17.98 5.30 -15.06
N ILE F 378 -19.30 5.29 -15.09
CA ILE F 378 -20.11 5.18 -13.89
C ILE F 378 -20.92 3.89 -13.93
N LEU F 379 -20.83 3.11 -12.84
CA LEU F 379 -21.71 1.99 -12.60
C LEU F 379 -22.59 2.30 -11.40
N GLU F 380 -23.91 2.28 -11.61
CA GLU F 380 -24.90 2.36 -10.53
C GLU F 380 -25.12 0.96 -9.97
N VAL F 381 -25.04 0.88 -8.64
CA VAL F 381 -25.27 -0.39 -7.91
C VAL F 381 -26.16 -0.03 -6.70
N ALA F 382 -26.76 -1.02 -6.04
CA ALA F 382 -27.58 -0.74 -4.84
C ALA F 382 -26.88 -1.19 -3.56
N SER F 383 -25.79 -0.53 -3.18
CA SER F 383 -25.02 -0.90 -1.96
C SER F 383 -25.13 -2.40 -1.69
N GLU F 384 -24.78 -3.24 -2.67
CA GLU F 384 -24.98 -4.70 -2.49
C GLU F 384 -23.63 -5.44 -2.50
N GLU F 385 -22.56 -4.84 -1.97
CA GLU F 385 -21.25 -5.51 -1.84
C GLU F 385 -20.53 -5.70 -3.20
N PRO F 386 -19.19 -5.83 -3.21
CA PRO F 386 -18.43 -6.11 -4.45
C PRO F 386 -18.82 -7.48 -5.00
N ALA F 387 -19.48 -7.49 -6.16
CA ALA F 387 -19.82 -8.78 -6.80
C ALA F 387 -18.68 -9.15 -7.74
N GLY F 388 -17.44 -9.14 -7.24
CA GLY F 388 -16.29 -9.36 -8.13
C GLY F 388 -16.13 -8.13 -8.99
N LEU F 389 -16.60 -6.99 -8.47
CA LEU F 389 -16.58 -5.73 -9.26
C LEU F 389 -15.13 -5.26 -9.44
N SER F 390 -14.82 -4.78 -10.63
CA SER F 390 -13.46 -4.30 -10.95
C SER F 390 -13.56 -3.36 -12.14
N CYS F 391 -12.67 -2.39 -12.25
CA CYS F 391 -12.65 -1.54 -13.45
C CYS F 391 -11.33 -1.76 -14.17
N ARG F 392 -11.39 -2.09 -15.46
CA ARG F 392 -10.16 -2.35 -16.23
C ARG F 392 -9.83 -1.16 -17.15
N VAL F 393 -8.70 -0.51 -16.90
CA VAL F 393 -8.19 0.53 -17.75
C VAL F 393 -7.15 -0.07 -18.70
N ARG F 394 -7.47 -0.01 -20.01
CA ARG F 394 -6.63 -0.49 -21.08
C ARG F 394 -6.12 0.69 -21.89
N HIS F 395 -4.80 0.70 -22.15
CA HIS F 395 -4.17 1.78 -22.87
C HIS F 395 -2.84 1.27 -23.43
N SER F 396 -2.47 1.80 -24.60
CA SER F 396 -1.29 1.36 -25.32
C SER F 396 -0.04 1.56 -24.47
N SER F 397 -0.07 2.55 -23.55
CA SER F 397 1.08 2.88 -22.72
C SER F 397 1.34 1.80 -21.65
N LEU F 398 0.42 0.85 -21.48
CA LEU F 398 0.50 -0.14 -20.41
C LEU F 398 1.09 -1.47 -20.91
N GLY F 399 1.38 -1.56 -22.20
CA GLY F 399 2.07 -2.75 -22.69
C GLY F 399 1.35 -4.04 -22.36
N GLY F 400 0.06 -4.09 -22.60
CA GLY F 400 -0.65 -5.35 -22.44
C GLY F 400 -0.71 -5.82 -21.00
N GLN F 401 -0.50 -4.90 -20.03
CA GLN F 401 -0.93 -5.15 -18.65
C GLN F 401 -1.91 -4.04 -18.28
N ASP F 402 -3.20 -4.35 -18.31
CA ASP F 402 -4.24 -3.44 -17.89
C ASP F 402 -4.04 -3.05 -16.42
N ILE F 403 -4.53 -1.85 -16.06
CA ILE F 403 -4.75 -1.49 -14.68
C ILE F 403 -6.11 -2.03 -14.26
N ILE F 404 -6.14 -2.87 -13.21
CA ILE F 404 -7.36 -3.38 -12.62
C ILE F 404 -7.47 -2.82 -11.19
N LEU F 405 -8.54 -2.07 -10.93
CA LEU F 405 -8.85 -1.58 -9.60
C LEU F 405 -10.06 -2.33 -9.10
N TYR F 406 -9.98 -2.90 -7.90
CA TYR F 406 -11.06 -3.83 -7.46
C TYR F 406 -12.17 -3.22 -6.63
N TRP F 407 -11.98 -2.17 -5.84
CA TRP F 407 -13.14 -1.66 -5.04
C TRP F 407 -13.52 -2.64 -3.91
N ASN G 3 19.72 38.97 -51.67
CA ASN G 3 18.46 38.89 -52.45
C ASN G 3 18.38 37.53 -53.13
N SER G 4 17.15 37.09 -53.36
CA SER G 4 16.90 35.77 -53.90
C SER G 4 16.81 35.81 -55.43
N VAL G 5 17.09 36.97 -56.05
CA VAL G 5 17.21 37.07 -57.49
C VAL G 5 18.64 37.49 -57.82
N THR G 6 19.31 36.65 -58.58
CA THR G 6 20.64 36.96 -59.07
C THR G 6 20.61 37.03 -60.60
N GLN G 7 21.03 38.16 -61.16
CA GLN G 7 21.18 38.24 -62.61
C GLN G 7 22.60 38.67 -63.01
N MET G 8 22.92 38.38 -64.27
CA MET G 8 24.22 38.65 -64.88
C MET G 8 24.65 40.09 -64.61
N GLU G 9 25.91 40.23 -64.23
CA GLU G 9 26.53 41.54 -64.13
C GLU G 9 26.71 42.08 -65.55
N GLY G 10 26.36 43.35 -65.74
CA GLY G 10 26.55 44.00 -67.01
C GLY G 10 27.75 44.93 -66.95
N PRO G 11 27.94 45.81 -67.96
CA PRO G 11 27.04 45.92 -69.11
C PRO G 11 27.27 44.82 -70.14
N VAL G 12 26.23 44.48 -70.91
CA VAL G 12 26.39 43.60 -72.05
C VAL G 12 26.38 44.46 -73.30
N THR G 13 27.45 44.35 -74.10
CA THR G 13 27.64 45.08 -75.33
C THR G 13 27.61 44.08 -76.48
N LEU G 14 26.74 44.34 -77.47
CA LEU G 14 26.69 43.50 -78.65
C LEU G 14 26.11 44.33 -79.80
N SER G 15 26.33 43.90 -81.04
CA SER G 15 25.84 44.68 -82.16
C SER G 15 24.42 44.28 -82.54
N GLU G 16 23.72 45.22 -83.18
CA GLU G 16 22.44 44.96 -83.82
C GLU G 16 22.53 43.64 -84.59
N GLU G 17 21.47 42.85 -84.43
CA GLU G 17 21.27 41.57 -85.10
C GLU G 17 21.92 40.40 -84.34
N ALA G 18 22.73 40.67 -83.29
CA ALA G 18 23.31 39.61 -82.47
C ALA G 18 22.27 39.05 -81.48
N PHE G 19 22.49 37.81 -81.06
CA PHE G 19 21.68 37.13 -80.07
C PHE G 19 22.02 37.63 -78.67
N LEU G 20 20.98 37.98 -77.89
CA LEU G 20 21.16 38.45 -76.52
C LEU G 20 20.71 37.37 -75.54
N THR G 21 21.51 37.13 -74.49
CA THR G 21 21.14 36.27 -73.37
C THR G 21 21.46 36.98 -72.06
N ILE G 22 20.44 37.25 -71.23
CA ILE G 22 20.70 37.71 -69.86
C ILE G 22 20.30 36.63 -68.87
N ASN G 23 21.27 36.09 -68.15
CA ASN G 23 21.04 35.02 -67.20
C ASN G 23 20.41 35.56 -65.93
N CYS G 24 19.45 34.78 -65.41
CA CYS G 24 18.79 35.09 -64.16
C CYS G 24 18.49 33.79 -63.42
N THR G 25 18.92 33.72 -62.16
CA THR G 25 18.54 32.62 -61.29
C THR G 25 17.92 33.18 -60.03
N TYR G 26 17.15 32.35 -59.34
CA TYR G 26 16.39 32.83 -58.19
C TYR G 26 16.21 31.67 -57.21
N THR G 27 15.90 32.01 -55.95
CA THR G 27 15.47 31.03 -54.97
C THR G 27 14.04 31.38 -54.55
N ALA G 28 13.11 30.44 -54.81
CA ALA G 28 11.70 30.69 -54.52
C ALA G 28 10.97 29.45 -54.04
N TYR G 29 9.73 29.62 -53.58
CA TYR G 29 8.98 28.50 -53.03
C TYR G 29 7.54 28.56 -53.53
N GLY G 30 6.90 27.39 -53.59
CA GLY G 30 5.50 27.27 -53.93
C GLY G 30 5.30 27.78 -55.36
N LEU G 31 4.22 28.54 -55.57
CA LEU G 31 3.75 28.90 -56.89
C LEU G 31 4.05 30.38 -57.11
N TYR G 32 5.35 30.68 -57.13
CA TYR G 32 5.85 32.01 -57.44
C TYR G 32 5.65 32.36 -58.91
N SER G 33 5.79 33.66 -59.21
CA SER G 33 5.67 34.14 -60.60
C SER G 33 6.93 34.94 -60.95
N LEU G 34 7.39 34.87 -62.20
CA LEU G 34 8.65 35.54 -62.59
C LEU G 34 8.38 36.63 -63.62
N PHE G 35 9.21 37.69 -63.64
CA PHE G 35 8.95 38.85 -64.52
C PHE G 35 10.24 39.42 -65.05
N TRP G 36 10.13 40.20 -66.13
CA TRP G 36 11.31 40.92 -66.62
C TRP G 36 10.87 42.37 -66.83
N TYR G 37 11.48 43.30 -66.14
CA TYR G 37 11.24 44.72 -66.34
C TYR G 37 12.36 45.33 -67.19
N VAL G 38 12.04 46.42 -67.86
CA VAL G 38 12.99 47.16 -68.69
C VAL G 38 12.90 48.64 -68.34
N GLN G 39 14.04 49.31 -68.36
CA GLN G 39 14.13 50.73 -68.13
C GLN G 39 14.91 51.35 -69.27
N TYR G 40 14.19 51.99 -70.19
CA TYR G 40 14.81 52.71 -71.30
C TYR G 40 15.42 53.99 -70.76
N PRO G 41 16.49 54.50 -71.40
CA PRO G 41 17.16 55.72 -70.93
C PRO G 41 16.22 56.91 -70.72
N GLY G 42 16.33 57.53 -69.54
CA GLY G 42 15.53 58.69 -69.19
C GLY G 42 14.08 58.35 -68.87
N GLU G 43 13.76 57.05 -68.67
CA GLU G 43 12.39 56.62 -68.46
C GLU G 43 12.25 55.84 -67.15
N GLY G 44 11.00 55.62 -66.74
CA GLY G 44 10.69 54.77 -65.61
C GLY G 44 10.76 53.28 -65.96
N LEU G 45 10.63 52.45 -64.92
CA LEU G 45 10.55 51.02 -65.10
C LEU G 45 9.20 50.65 -65.69
N GLN G 46 9.22 49.58 -66.47
CA GLN G 46 7.99 49.05 -67.05
C GLN G 46 8.17 47.55 -67.29
N LEU G 47 7.06 46.82 -67.30
CA LEU G 47 7.13 45.35 -67.50
C LEU G 47 7.47 45.04 -68.96
N LEU G 48 8.32 44.04 -69.18
CA LEU G 48 8.65 43.61 -70.54
C LEU G 48 7.89 42.31 -70.79
N LEU G 49 8.14 41.30 -69.95
CA LEU G 49 7.44 40.01 -70.09
C LEU G 49 7.28 39.38 -68.69
N LYS G 50 6.43 38.37 -68.60
CA LYS G 50 6.19 37.70 -67.31
C LYS G 50 5.73 36.26 -67.54
N ALA G 51 5.90 35.43 -66.51
CA ALA G 51 5.47 34.02 -66.55
C ALA G 51 4.97 33.63 -65.17
N THR G 52 3.79 33.02 -65.11
CA THR G 52 2.99 32.93 -63.88
C THR G 52 2.99 31.50 -63.42
N LYS G 53 3.00 30.58 -64.38
CA LYS G 53 3.04 29.14 -64.12
C LYS G 53 4.33 28.56 -64.69
N ALA G 54 4.76 27.40 -64.17
CA ALA G 54 6.00 26.77 -64.64
C ALA G 54 5.90 26.39 -66.10
N ASP G 55 7.01 26.48 -66.83
CA ASP G 55 7.08 26.09 -68.23
C ASP G 55 6.36 27.09 -69.13
N ASP G 56 5.79 28.11 -68.50
CA ASP G 56 5.16 29.19 -69.29
C ASP G 56 6.27 30.10 -69.82
N LYS G 57 6.23 30.39 -71.11
CA LYS G 57 7.18 31.26 -71.78
C LYS G 57 6.52 32.63 -71.92
N GLY G 58 7.20 33.64 -71.41
CA GLY G 58 6.72 35.02 -71.59
C GLY G 58 7.37 35.59 -72.83
N SER G 59 6.61 36.32 -73.64
CA SER G 59 7.14 36.80 -74.93
C SER G 59 6.72 38.25 -75.16
N ASN G 60 7.64 39.10 -75.60
CA ASN G 60 7.27 40.49 -75.94
C ASN G 60 8.29 41.11 -76.88
N LYS G 61 7.90 41.35 -78.14
CA LYS G 61 8.74 42.12 -79.05
C LYS G 61 10.05 41.39 -79.29
N GLY G 62 9.97 40.07 -79.39
CA GLY G 62 11.14 39.26 -79.72
C GLY G 62 11.85 38.76 -78.48
N PHE G 63 11.64 39.40 -77.33
CA PHE G 63 12.23 38.94 -76.05
C PHE G 63 11.43 37.76 -75.52
N GLU G 64 12.10 36.77 -74.94
CA GLU G 64 11.40 35.60 -74.36
C GLU G 64 12.15 35.10 -73.11
N ALA G 65 11.40 34.53 -72.16
CA ALA G 65 11.99 33.96 -70.92
C ALA G 65 11.08 32.84 -70.46
N THR G 66 11.66 31.67 -70.21
CA THR G 66 10.89 30.50 -69.84
C THR G 66 11.11 30.20 -68.35
N TYR G 67 9.98 30.03 -67.65
CA TYR G 67 9.98 29.67 -66.21
C TYR G 67 10.41 28.23 -66.16
N ARG G 68 11.63 28.02 -65.70
CA ARG G 68 12.23 26.69 -65.64
C ARG G 68 12.49 26.37 -64.17
N LYS G 69 11.55 25.66 -63.54
CA LYS G 69 11.65 25.30 -62.12
C LYS G 69 12.97 24.55 -61.87
N GLU G 70 13.10 23.40 -62.53
CA GLU G 70 14.15 22.44 -62.25
C GLU G 70 15.55 23.05 -62.39
N THR G 71 15.74 24.15 -63.14
CA THR G 71 17.07 24.77 -63.23
C THR G 71 17.08 26.15 -62.57
N THR G 72 15.96 26.57 -61.96
CA THR G 72 15.95 27.77 -61.15
C THR G 72 16.31 29.00 -62.01
N SER G 73 15.82 29.04 -63.27
CA SER G 73 16.25 29.99 -64.29
C SER G 73 15.09 30.78 -64.84
N PHE G 74 15.38 32.02 -65.27
CA PHE G 74 14.40 32.86 -66.02
C PHE G 74 15.27 33.64 -67.03
N HIS G 75 16.05 32.93 -67.87
CA HIS G 75 16.99 33.58 -68.76
C HIS G 75 16.24 34.39 -69.81
N LEU G 76 16.69 35.63 -70.02
CA LEU G 76 16.10 36.49 -71.07
C LEU G 76 16.87 36.29 -72.37
N GLU G 77 16.17 35.92 -73.43
CA GLU G 77 16.77 35.78 -74.74
C GLU G 77 16.05 36.67 -75.74
N LYS G 78 16.80 37.14 -76.72
CA LYS G 78 16.22 37.79 -77.90
C LYS G 78 17.12 37.45 -79.07
N GLY G 79 16.50 36.91 -80.13
CA GLY G 79 17.20 36.42 -81.30
C GLY G 79 18.06 37.49 -81.98
N SER G 80 17.56 38.71 -82.06
CA SER G 80 18.16 39.68 -82.94
C SER G 80 17.91 41.08 -82.40
N VAL G 81 18.90 41.65 -81.71
CA VAL G 81 18.67 42.86 -80.96
C VAL G 81 18.71 44.04 -81.91
N GLN G 82 18.01 45.11 -81.51
CA GLN G 82 17.97 46.37 -82.24
C GLN G 82 18.63 47.40 -81.35
N VAL G 83 19.09 48.49 -81.94
CA VAL G 83 19.77 49.53 -81.19
C VAL G 83 18.86 50.09 -80.09
N SER G 84 17.58 50.16 -80.38
CA SER G 84 16.62 50.74 -79.46
C SER G 84 16.35 49.81 -78.26
N ASP G 85 17.02 48.64 -78.21
CA ASP G 85 16.88 47.72 -77.10
C ASP G 85 17.91 48.05 -76.03
N SER G 86 18.74 49.07 -76.28
CA SER G 86 19.70 49.58 -75.32
C SER G 86 18.95 50.07 -74.08
N ALA G 87 19.24 49.49 -72.92
CA ALA G 87 18.46 49.76 -71.73
C ALA G 87 19.04 48.96 -70.57
N VAL G 88 18.38 49.08 -69.41
CA VAL G 88 18.67 48.21 -68.28
C VAL G 88 17.50 47.25 -68.12
N TYR G 89 17.84 45.96 -67.96
CA TYR G 89 16.86 44.89 -67.82
C TYR G 89 16.93 44.33 -66.40
N PHE G 90 15.78 44.17 -65.74
CA PHE G 90 15.71 43.68 -64.37
C PHE G 90 14.88 42.39 -64.30
N CYS G 91 15.52 41.32 -63.83
CA CYS G 91 14.82 40.10 -63.47
C CYS G 91 14.08 40.33 -62.16
N ALA G 92 12.93 39.66 -61.99
CA ALA G 92 12.15 39.86 -60.78
C ALA G 92 11.24 38.67 -60.49
N LEU G 93 10.97 38.50 -59.18
CA LEU G 93 10.25 37.38 -58.63
C LEU G 93 9.15 37.90 -57.70
N SER G 94 7.91 37.44 -57.89
CA SER G 94 6.85 37.65 -56.90
C SER G 94 6.71 36.37 -56.10
N GLY G 95 7.06 36.43 -54.81
CA GLY G 95 6.85 35.34 -53.86
C GLY G 95 5.43 35.35 -53.32
N GLN G 96 5.24 34.85 -52.10
CA GLN G 96 3.89 34.69 -51.57
C GLN G 96 3.00 34.08 -52.66
N TYR G 97 3.51 33.04 -53.33
CA TYR G 97 2.77 32.32 -54.35
C TYR G 97 2.21 33.25 -55.44
N GLY G 98 2.99 34.29 -55.77
CA GLY G 98 2.67 35.17 -56.90
C GLY G 98 1.81 36.36 -56.46
N TRP G 99 1.60 36.51 -55.15
CA TRP G 99 0.85 37.60 -54.58
C TRP G 99 1.75 38.68 -53.97
N GLY G 100 3.05 38.39 -53.82
CA GLY G 100 3.95 39.26 -53.07
C GLY G 100 4.62 40.31 -53.96
N LYS G 101 5.21 41.32 -53.30
CA LYS G 101 6.03 42.36 -53.88
C LYS G 101 7.08 41.77 -54.83
N LEU G 102 7.35 42.50 -55.91
CA LEU G 102 8.44 42.13 -56.78
C LEU G 102 9.74 42.27 -56.03
N GLN G 103 10.56 41.23 -56.15
CA GLN G 103 11.95 41.25 -55.71
C GLN G 103 12.84 41.27 -56.95
N PHE G 104 13.67 42.30 -57.06
CA PHE G 104 14.45 42.49 -58.32
C PHE G 104 15.91 42.16 -58.20
N GLY G 105 16.50 41.83 -59.34
CA GLY G 105 17.95 41.62 -59.39
C GLY G 105 18.66 42.96 -59.47
N ALA G 106 19.98 42.94 -59.66
CA ALA G 106 20.77 44.19 -59.63
C ALA G 106 20.57 44.98 -60.91
N GLY G 107 20.04 44.32 -61.93
CA GLY G 107 19.90 44.97 -63.23
C GLY G 107 21.05 44.62 -64.15
N THR G 108 20.77 44.50 -65.46
CA THR G 108 21.81 44.28 -66.45
C THR G 108 21.63 45.29 -67.59
N GLN G 109 22.64 46.14 -67.77
CA GLN G 109 22.63 47.15 -68.81
C GLN G 109 23.01 46.50 -70.12
N VAL G 110 22.22 46.78 -71.15
CA VAL G 110 22.52 46.29 -72.49
C VAL G 110 22.80 47.50 -73.37
N VAL G 111 23.94 47.43 -74.05
CA VAL G 111 24.35 48.44 -75.00
C VAL G 111 24.43 47.74 -76.36
N VAL G 112 23.53 48.14 -77.28
CA VAL G 112 23.48 47.57 -78.60
C VAL G 112 24.13 48.57 -79.54
N THR G 113 25.22 48.14 -80.22
CA THR G 113 25.99 49.03 -81.05
C THR G 113 25.54 48.93 -82.51
N PRO G 114 25.53 50.05 -83.25
CA PRO G 114 25.19 50.04 -84.67
C PRO G 114 26.24 49.38 -85.53
N ASP G 115 25.80 48.68 -86.56
CA ASP G 115 26.73 48.11 -87.50
C ASP G 115 27.05 49.20 -88.53
N ILE G 116 28.26 49.77 -88.46
CA ILE G 116 28.71 50.80 -89.38
C ILE G 116 29.60 50.13 -90.41
N GLN G 117 29.07 49.93 -91.63
CA GLN G 117 29.78 49.19 -92.67
C GLN G 117 30.71 50.12 -93.44
N ASN G 118 30.35 51.42 -93.48
CA ASN G 118 31.17 52.43 -94.13
C ASN G 118 31.67 53.47 -93.12
N PRO G 119 32.65 53.12 -92.25
CA PRO G 119 33.21 54.11 -91.32
C PRO G 119 33.95 55.21 -92.04
N ASP G 120 33.68 56.46 -91.69
CA ASP G 120 34.45 57.61 -92.23
C ASP G 120 35.00 58.33 -91.01
N PRO G 121 35.89 57.70 -90.21
CA PRO G 121 36.38 58.30 -88.95
C PRO G 121 36.97 59.68 -89.18
N ALA G 122 36.45 60.70 -88.49
CA ALA G 122 37.03 62.02 -88.59
C ALA G 122 36.81 62.82 -87.31
N VAL G 123 37.68 63.80 -87.09
CA VAL G 123 37.58 64.73 -85.97
C VAL G 123 37.36 66.12 -86.54
N TYR G 124 36.36 66.84 -86.03
CA TYR G 124 36.02 68.18 -86.47
C TYR G 124 36.00 69.16 -85.30
N GLN G 125 36.15 70.45 -85.62
CA GLN G 125 36.11 71.50 -84.60
C GLN G 125 34.92 72.43 -84.89
N LEU G 126 34.13 72.73 -83.86
CA LEU G 126 32.94 73.55 -84.00
C LEU G 126 33.06 74.78 -83.12
N ARG G 127 32.62 75.94 -83.61
CA ARG G 127 32.71 77.18 -82.84
C ARG G 127 31.38 77.42 -82.13
N ASP G 128 31.42 78.18 -81.03
CA ASP G 128 30.20 78.55 -80.32
C ASP G 128 29.47 79.59 -81.15
N SER G 129 28.14 79.47 -81.21
CA SER G 129 27.30 80.41 -81.96
C SER G 129 27.21 81.76 -81.26
N LYS G 130 27.50 81.82 -79.95
CA LYS G 130 27.46 83.07 -79.19
C LYS G 130 28.85 83.72 -79.17
N SER G 131 29.89 82.90 -79.01
CA SER G 131 31.23 83.39 -78.75
C SER G 131 32.21 82.54 -79.54
N SER G 132 32.66 83.07 -80.69
CA SER G 132 33.41 82.29 -81.67
C SER G 132 34.69 81.69 -81.07
N ASP G 133 35.23 82.31 -80.00
CA ASP G 133 36.50 81.92 -79.40
C ASP G 133 36.40 80.63 -78.56
N LYS G 134 35.25 80.37 -77.92
CA LYS G 134 35.01 79.10 -77.23
C LYS G 134 34.73 78.00 -78.27
N SER G 135 35.19 76.76 -78.02
CA SER G 135 34.97 75.70 -79.00
C SER G 135 34.96 74.28 -78.43
N VAL G 136 34.55 73.35 -79.29
CA VAL G 136 34.35 71.95 -78.97
C VAL G 136 34.88 71.08 -80.11
N CYS G 137 35.26 69.84 -79.82
CA CYS G 137 35.74 68.90 -80.82
C CYS G 137 34.75 67.75 -80.96
N LEU G 138 34.62 67.22 -82.18
CA LEU G 138 33.70 66.14 -82.47
C LEU G 138 34.45 65.02 -83.17
N PHE G 139 34.41 63.81 -82.59
CA PHE G 139 34.87 62.60 -83.26
C PHE G 139 33.62 61.85 -83.71
N THR G 140 33.54 61.49 -84.99
CA THR G 140 32.29 60.86 -85.50
C THR G 140 32.54 59.94 -86.65
N ASP G 141 31.52 59.17 -87.03
CA ASP G 141 31.60 58.27 -88.21
C ASP G 141 32.64 57.18 -87.98
N PHE G 142 32.98 56.89 -86.73
CA PHE G 142 33.89 55.77 -86.41
C PHE G 142 33.07 54.49 -86.29
N ASP G 143 33.72 53.35 -86.43
CA ASP G 143 33.03 52.04 -86.30
C ASP G 143 32.69 51.79 -84.83
N SER G 144 31.87 50.78 -84.56
CA SER G 144 31.41 50.55 -83.20
C SER G 144 32.45 49.81 -82.34
N GLN G 145 33.49 49.24 -82.97
CA GLN G 145 34.56 48.52 -82.26
C GLN G 145 35.65 49.50 -81.82
N THR G 146 35.54 50.76 -82.24
CA THR G 146 36.53 51.76 -81.90
C THR G 146 36.35 52.17 -80.44
N GLN G 147 37.48 52.19 -79.74
CA GLN G 147 37.59 52.57 -78.35
C GLN G 147 37.94 54.06 -78.27
N VAL G 148 37.14 54.81 -77.53
CA VAL G 148 37.42 56.20 -77.23
C VAL G 148 38.24 56.25 -75.95
N SER G 149 39.51 56.59 -76.04
CA SER G 149 40.34 56.74 -74.85
C SER G 149 39.73 57.80 -73.94
N GLN G 150 39.80 57.53 -72.63
CA GLN G 150 39.52 58.51 -71.61
C GLN G 150 40.61 59.59 -71.66
N SER G 151 40.24 60.78 -71.17
CA SER G 151 41.16 61.90 -71.10
C SER G 151 42.29 61.59 -70.13
N LYS G 152 43.50 62.06 -70.45
CA LYS G 152 44.67 61.90 -69.58
C LYS G 152 45.06 63.26 -69.00
N ASP G 153 44.14 64.21 -69.06
CA ASP G 153 44.41 65.59 -68.69
C ASP G 153 43.13 66.13 -68.06
N SER G 154 43.26 66.88 -66.97
CA SER G 154 42.13 67.22 -66.13
C SER G 154 41.40 68.43 -66.68
N ASP G 155 42.06 69.18 -67.57
CA ASP G 155 41.47 70.33 -68.25
C ASP G 155 40.72 69.89 -69.51
N VAL G 156 40.78 68.61 -69.88
CA VAL G 156 40.21 68.14 -71.14
C VAL G 156 39.20 67.05 -70.82
N TYR G 157 37.98 67.24 -71.34
CA TYR G 157 36.88 66.34 -71.08
C TYR G 157 36.54 65.63 -72.38
N ILE G 158 36.27 64.34 -72.26
CA ILE G 158 35.97 63.48 -73.38
C ILE G 158 34.81 62.60 -72.95
N THR G 159 33.67 62.70 -73.68
CA THR G 159 32.48 61.94 -73.36
C THR G 159 32.67 60.52 -73.87
N ASP G 160 31.74 59.68 -73.47
CA ASP G 160 31.65 58.37 -74.06
C ASP G 160 30.96 58.53 -75.40
N LYS G 161 31.03 57.46 -76.18
CA LYS G 161 30.42 57.40 -77.49
C LYS G 161 28.91 57.36 -77.30
N CYS G 162 28.21 57.52 -78.40
CA CYS G 162 26.81 57.89 -78.42
C CYS G 162 26.32 57.66 -79.84
N VAL G 163 25.24 56.89 -79.97
CA VAL G 163 24.69 56.50 -81.25
C VAL G 163 23.53 57.41 -81.60
N LEU G 164 23.59 58.07 -82.76
CA LEU G 164 22.46 58.85 -83.21
C LEU G 164 21.93 58.17 -84.47
N ASP G 165 20.63 58.33 -84.67
CA ASP G 165 19.88 57.60 -85.67
C ASP G 165 19.06 58.62 -86.43
N MET G 166 19.55 58.98 -87.62
CA MET G 166 18.80 59.85 -88.51
C MET G 166 17.78 58.97 -89.21
N ARG G 167 16.63 58.81 -88.55
CA ARG G 167 15.60 57.86 -88.91
C ARG G 167 15.17 58.07 -90.36
N SER G 168 14.98 59.33 -90.76
CA SER G 168 14.43 59.59 -92.08
C SER G 168 15.46 59.36 -93.18
N MET G 169 16.72 59.03 -92.82
CA MET G 169 17.73 58.71 -93.82
C MET G 169 18.24 57.29 -93.64
N ASP G 170 17.62 56.51 -92.73
CA ASP G 170 18.10 55.16 -92.44
C ASP G 170 19.63 55.17 -92.28
N PHE G 171 20.08 56.11 -91.44
CA PHE G 171 21.54 56.27 -91.21
C PHE G 171 21.84 56.38 -89.73
N LYS G 172 22.82 55.61 -89.26
CA LYS G 172 23.28 55.71 -87.87
C LYS G 172 24.77 56.06 -87.85
N SER G 173 25.15 56.82 -86.82
CA SER G 173 26.56 57.24 -86.68
C SER G 173 26.94 57.22 -85.19
N ASN G 174 28.22 57.04 -84.91
CA ASN G 174 28.71 57.09 -83.51
C ASN G 174 29.45 58.43 -83.36
N SER G 175 29.36 59.07 -82.20
CA SER G 175 30.13 60.27 -81.96
C SER G 175 30.53 60.36 -80.49
N ALA G 176 31.60 61.14 -80.28
CA ALA G 176 32.07 61.51 -78.96
C ALA G 176 32.54 62.96 -79.02
N VAL G 177 32.40 63.66 -77.91
CA VAL G 177 32.74 65.08 -77.85
C VAL G 177 33.89 65.27 -76.88
N ALA G 178 34.70 66.30 -77.15
CA ALA G 178 35.75 66.70 -76.25
C ALA G 178 35.79 68.21 -76.18
N TRP G 179 36.24 68.77 -75.05
CA TRP G 179 36.40 70.22 -74.93
C TRP G 179 37.37 70.55 -73.81
N SER G 180 37.80 71.81 -73.80
CA SER G 180 38.87 72.26 -72.91
C SER G 180 38.93 73.79 -72.92
N GLN G 181 39.49 74.37 -71.84
CA GLN G 181 39.60 75.81 -71.68
C GLN G 181 40.83 76.33 -72.42
N LYS G 182 41.90 75.54 -72.44
CA LYS G 182 43.14 76.02 -73.04
C LYS G 182 42.85 76.58 -74.42
N SER G 183 43.49 77.71 -74.77
CA SER G 183 43.46 78.26 -76.12
C SER G 183 44.24 77.37 -77.09
N ASP G 184 45.35 76.79 -76.60
CA ASP G 184 46.18 75.87 -77.36
C ASP G 184 45.51 74.51 -77.49
N PHE G 185 44.18 74.47 -77.63
CA PHE G 185 43.48 73.22 -77.55
C PHE G 185 43.39 72.64 -78.96
N ALA G 186 43.94 71.44 -79.14
CA ALA G 186 43.99 70.83 -80.45
C ALA G 186 43.16 69.54 -80.46
N CYS G 187 42.22 69.50 -81.40
CA CYS G 187 41.31 68.39 -81.56
C CYS G 187 42.09 67.11 -81.88
N ALA G 188 43.07 67.23 -82.79
CA ALA G 188 43.90 66.12 -83.20
C ALA G 188 44.45 65.36 -81.99
N ASN G 189 44.85 66.08 -80.93
CA ASN G 189 45.37 65.47 -79.72
C ASN G 189 44.29 64.68 -79.01
N ALA G 190 43.20 65.39 -78.70
CA ALA G 190 42.17 64.92 -77.77
C ALA G 190 41.83 63.45 -78.02
N PHE G 191 41.56 63.11 -79.28
CA PHE G 191 41.21 61.76 -79.64
C PHE G 191 42.49 61.05 -80.07
N GLN G 192 42.69 59.86 -79.50
CA GLN G 192 43.99 59.21 -79.47
C GLN G 192 44.35 58.67 -80.86
N ASN G 193 43.36 58.19 -81.61
CA ASN G 193 43.60 57.59 -82.92
C ASN G 193 42.78 58.31 -83.99
N SER G 194 43.43 58.68 -85.10
CA SER G 194 42.77 59.29 -86.25
C SER G 194 41.29 59.60 -85.93
N ILE H 21 -27.64 29.58 -37.99
CA ILE H 21 -28.16 28.85 -36.80
C ILE H 21 -27.25 29.18 -35.63
N GLN H 22 -27.72 28.82 -34.43
CA GLN H 22 -26.93 28.89 -33.22
C GLN H 22 -26.98 27.51 -32.57
N ARG H 23 -26.00 27.23 -31.71
CA ARG H 23 -26.00 26.01 -30.93
C ARG H 23 -25.62 26.37 -29.50
N THR H 24 -26.30 25.74 -28.52
CA THR H 24 -26.06 25.95 -27.11
C THR H 24 -24.77 25.25 -26.72
N PRO H 25 -23.89 25.89 -25.92
CA PRO H 25 -22.72 25.20 -25.38
C PRO H 25 -23.04 24.07 -24.41
N LYS H 26 -22.30 22.99 -24.56
CA LYS H 26 -22.22 21.90 -23.60
C LYS H 26 -21.05 22.19 -22.64
N ILE H 27 -21.26 21.95 -21.35
CA ILE H 27 -20.33 22.37 -20.32
C ILE H 27 -19.96 21.18 -19.46
N GLN H 28 -18.67 20.81 -19.47
CA GLN H 28 -18.18 19.73 -18.63
C GLN H 28 -17.02 20.20 -17.76
N VAL H 29 -17.13 19.87 -16.45
CA VAL H 29 -16.20 20.32 -15.44
C VAL H 29 -15.58 19.11 -14.74
N TYR H 30 -14.26 19.12 -14.63
CA TYR H 30 -13.50 17.96 -14.22
C TYR H 30 -12.12 18.43 -13.80
N SER H 31 -11.43 17.59 -13.00
CA SER H 31 -10.14 17.94 -12.46
C SER H 31 -9.07 17.15 -13.20
N ARG H 32 -7.86 17.68 -13.31
CA ARG H 32 -6.76 17.02 -14.07
C ARG H 32 -6.26 15.79 -13.30
N HIS H 33 -6.28 15.86 -11.97
CA HIS H 33 -5.79 14.76 -11.14
C HIS H 33 -6.86 14.31 -10.14
N PRO H 34 -6.75 13.11 -9.53
CA PRO H 34 -7.62 12.75 -8.41
C PRO H 34 -7.63 13.83 -7.32
N ALA H 35 -8.81 14.34 -6.98
CA ALA H 35 -8.94 15.37 -5.97
C ALA H 35 -8.49 14.81 -4.61
N GLU H 36 -7.77 15.66 -3.87
CA GLU H 36 -7.32 15.32 -2.54
C GLU H 36 -7.23 16.63 -1.77
N ASN H 37 -7.95 16.70 -0.65
CA ASN H 37 -8.14 17.94 0.10
C ASN H 37 -6.77 18.51 0.46
N GLY H 38 -6.55 19.78 0.11
CA GLY H 38 -5.29 20.47 0.36
C GLY H 38 -4.15 20.05 -0.57
N LYS H 39 -4.48 19.50 -1.76
CA LYS H 39 -3.51 19.21 -2.81
C LYS H 39 -3.84 20.03 -4.04
N SER H 40 -2.87 20.87 -4.43
CA SER H 40 -2.95 21.59 -5.67
C SER H 40 -3.29 20.63 -6.81
N ASN H 41 -4.26 21.05 -7.64
CA ASN H 41 -4.78 20.29 -8.75
C ASN H 41 -5.01 21.33 -9.86
N PHE H 42 -5.66 20.93 -10.96
CA PHE H 42 -6.12 21.86 -11.98
C PHE H 42 -7.61 21.61 -12.23
N LEU H 43 -8.37 22.70 -12.33
CA LEU H 43 -9.78 22.63 -12.67
C LEU H 43 -9.97 22.90 -14.18
N ASN H 44 -10.60 21.94 -14.87
CA ASN H 44 -10.88 22.02 -16.29
C ASN H 44 -12.36 22.26 -16.53
N CYS H 45 -12.66 23.20 -17.44
CA CYS H 45 -14.00 23.37 -17.95
C CYS H 45 -13.94 23.31 -19.48
N TYR H 46 -14.60 22.29 -20.04
CA TYR H 46 -14.63 22.08 -21.48
C TYR H 46 -16.00 22.48 -22.01
N VAL H 47 -16.03 23.51 -22.86
CA VAL H 47 -17.28 23.97 -23.43
C VAL H 47 -17.22 23.73 -24.94
N SER H 48 -18.24 23.04 -25.45
CA SER H 48 -18.20 22.48 -26.80
C SER H 48 -19.57 22.59 -27.45
N GLY H 49 -19.62 22.32 -28.75
CA GLY H 49 -20.88 22.23 -29.48
C GLY H 49 -21.61 23.56 -29.65
N PHE H 50 -20.92 24.71 -29.54
CA PHE H 50 -21.61 25.99 -29.56
C PHE H 50 -21.33 26.75 -30.85
N HIS H 51 -22.19 27.74 -31.13
CA HIS H 51 -22.10 28.58 -32.32
C HIS H 51 -23.01 29.79 -32.12
N PRO H 52 -22.60 31.07 -32.26
CA PRO H 52 -21.26 31.48 -32.74
C PRO H 52 -20.20 31.26 -31.69
N SER H 53 -18.98 31.69 -32.00
CA SER H 53 -17.84 31.43 -31.15
C SER H 53 -17.75 32.43 -30.00
N ASP H 54 -18.43 33.56 -30.13
CA ASP H 54 -18.43 34.58 -29.11
C ASP H 54 -19.03 34.02 -27.82
N ILE H 55 -18.20 33.90 -26.77
CA ILE H 55 -18.62 33.24 -25.55
C ILE H 55 -17.89 33.84 -24.35
N GLU H 56 -18.55 33.85 -23.18
CA GLU H 56 -17.94 34.32 -21.94
C GLU H 56 -17.84 33.13 -20.98
N VAL H 57 -16.63 32.83 -20.50
CA VAL H 57 -16.45 31.70 -19.60
C VAL H 57 -15.56 32.05 -18.41
N ASP H 58 -16.08 31.88 -17.19
CA ASP H 58 -15.33 32.09 -15.97
C ASP H 58 -15.30 30.81 -15.14
N LEU H 59 -14.21 30.61 -14.39
CA LEU H 59 -14.19 29.57 -13.38
C LEU H 59 -14.46 30.22 -12.04
N LEU H 60 -15.23 29.55 -11.18
CA LEU H 60 -15.71 30.14 -9.93
C LEU H 60 -15.18 29.34 -8.74
N LYS H 61 -14.86 30.08 -7.68
CA LYS H 61 -14.64 29.49 -6.36
C LYS H 61 -15.60 30.15 -5.38
N ASN H 62 -16.49 29.34 -4.79
CA ASN H 62 -17.61 29.84 -3.99
C ASN H 62 -18.28 30.99 -4.75
N GLY H 63 -18.56 30.76 -6.03
CA GLY H 63 -19.34 31.68 -6.84
C GLY H 63 -18.61 32.99 -7.13
N GLU H 64 -17.31 33.08 -6.81
CA GLU H 64 -16.51 34.23 -7.16
C GLU H 64 -15.50 33.88 -8.26
N ARG H 65 -15.29 34.82 -9.18
CA ARG H 65 -14.51 34.55 -10.37
C ARG H 65 -13.03 34.41 -10.00
N ILE H 66 -12.40 33.39 -10.55
CA ILE H 66 -10.96 33.19 -10.45
C ILE H 66 -10.30 33.99 -11.56
N GLU H 67 -9.22 34.72 -11.23
CA GLU H 67 -8.73 35.76 -12.11
C GLU H 67 -7.71 35.21 -13.10
N LYS H 68 -7.07 34.08 -12.74
CA LYS H 68 -5.90 33.60 -13.46
C LYS H 68 -6.27 32.40 -14.33
N VAL H 69 -7.22 32.61 -15.25
CA VAL H 69 -7.75 31.53 -16.05
C VAL H 69 -7.08 31.56 -17.42
N GLU H 70 -6.70 30.38 -17.89
CA GLU H 70 -6.18 30.22 -19.23
C GLU H 70 -7.10 29.36 -20.07
N HIS H 71 -6.98 29.46 -21.38
CA HIS H 71 -7.83 28.68 -22.29
C HIS H 71 -7.07 28.30 -23.55
N SER H 72 -7.42 27.15 -24.13
CA SER H 72 -6.89 26.74 -25.41
C SER H 72 -7.28 27.76 -26.49
N ASP H 73 -6.58 27.77 -27.61
CA ASP H 73 -7.05 28.51 -28.77
C ASP H 73 -8.36 27.90 -29.26
N LEU H 74 -9.27 28.73 -29.74
CA LEU H 74 -10.54 28.31 -30.29
C LEU H 74 -10.34 27.30 -31.41
N SER H 75 -11.22 26.30 -31.42
CA SER H 75 -11.21 25.27 -32.45
C SER H 75 -12.66 24.92 -32.75
N PHE H 76 -12.89 23.96 -33.64
CA PHE H 76 -14.24 23.55 -33.94
C PHE H 76 -14.19 22.13 -34.46
N SER H 77 -15.34 21.44 -34.38
CA SER H 77 -15.45 20.04 -34.73
C SER H 77 -15.91 19.90 -36.18
N LYS H 78 -16.10 18.63 -36.61
CA LYS H 78 -16.60 18.29 -37.92
C LYS H 78 -17.88 19.06 -38.28
N ASP H 79 -18.74 19.33 -37.31
CA ASP H 79 -20.03 19.97 -37.56
C ASP H 79 -19.93 21.49 -37.46
N TRP H 80 -18.69 22.00 -37.38
CA TRP H 80 -18.42 23.41 -37.35
C TRP H 80 -18.68 24.06 -35.99
N SER H 81 -19.21 23.29 -35.00
CA SER H 81 -19.46 23.84 -33.69
C SER H 81 -18.13 24.02 -32.96
N PHE H 82 -18.04 25.08 -32.15
CA PHE H 82 -16.77 25.46 -31.54
C PHE H 82 -16.55 24.75 -30.21
N TYR H 83 -15.27 24.60 -29.87
CA TYR H 83 -14.87 23.95 -28.59
C TYR H 83 -13.74 24.77 -27.98
N LEU H 84 -13.48 24.58 -26.68
CA LEU H 84 -12.57 25.39 -25.88
C LEU H 84 -12.36 24.68 -24.53
N LEU H 85 -11.10 24.67 -24.08
CA LEU H 85 -10.78 24.25 -22.74
C LEU H 85 -10.34 25.46 -21.91
N TYR H 86 -11.01 25.69 -20.78
CA TYR H 86 -10.53 26.63 -19.78
C TYR H 86 -9.99 25.83 -18.60
N TYR H 87 -8.88 26.30 -18.02
CA TYR H 87 -8.25 25.62 -16.90
C TYR H 87 -7.48 26.61 -16.02
N THR H 88 -7.34 26.23 -14.75
CA THR H 88 -6.69 27.04 -13.74
C THR H 88 -6.29 26.15 -12.58
N GLU H 89 -5.18 26.48 -11.93
CA GLU H 89 -4.78 25.76 -10.73
C GLU H 89 -5.78 26.09 -9.62
N PHE H 90 -6.24 25.05 -8.92
CA PHE H 90 -7.06 25.24 -7.74
C PHE H 90 -6.58 24.28 -6.65
N THR H 91 -7.08 24.49 -5.42
CA THR H 91 -6.88 23.53 -4.34
C THR H 91 -8.23 23.16 -3.72
N PRO H 92 -8.73 21.93 -3.98
CA PRO H 92 -9.97 21.47 -3.37
C PRO H 92 -9.83 21.21 -1.87
N THR H 93 -10.77 21.71 -1.08
CA THR H 93 -10.83 21.44 0.35
C THR H 93 -12.08 20.62 0.62
N GLU H 94 -12.40 20.39 1.90
CA GLU H 94 -13.62 19.70 2.25
C GLU H 94 -14.84 20.55 1.88
N LYS H 95 -14.66 21.88 1.85
CA LYS H 95 -15.74 22.84 2.00
C LYS H 95 -15.80 23.81 0.81
N ASP H 96 -14.68 24.12 0.15
CA ASP H 96 -14.71 25.06 -0.96
C ASP H 96 -15.47 24.45 -2.15
N GLU H 97 -16.24 25.30 -2.83
CA GLU H 97 -16.97 24.89 -4.02
C GLU H 97 -16.38 25.55 -5.26
N TYR H 98 -16.66 24.91 -6.40
CA TYR H 98 -16.05 25.28 -7.66
C TYR H 98 -17.06 25.05 -8.77
N ALA H 99 -17.10 26.00 -9.72
CA ALA H 99 -18.04 25.94 -10.81
C ALA H 99 -17.42 26.49 -12.09
N CYS H 100 -18.15 26.29 -13.20
CA CYS H 100 -17.86 26.93 -14.48
C CYS H 100 -19.09 27.73 -14.88
N ARG H 101 -18.90 29.03 -15.14
CA ARG H 101 -20.00 29.91 -15.52
C ARG H 101 -19.83 30.32 -16.98
N VAL H 102 -20.84 30.00 -17.79
CA VAL H 102 -20.79 30.30 -19.22
C VAL H 102 -21.95 31.23 -19.59
N ASN H 103 -21.70 32.28 -20.39
CA ASN H 103 -22.79 32.99 -21.05
C ASN H 103 -22.53 33.02 -22.55
N HIS H 104 -23.62 33.09 -23.30
CA HIS H 104 -23.60 32.90 -24.76
C HIS H 104 -24.92 33.44 -25.28
N VAL H 105 -24.96 33.75 -26.57
CA VAL H 105 -26.14 34.38 -27.13
C VAL H 105 -27.32 33.41 -27.00
N THR H 106 -27.06 32.09 -27.03
CA THR H 106 -28.10 31.09 -26.85
C THR H 106 -28.63 31.05 -25.42
N LEU H 107 -27.89 31.61 -24.46
CA LEU H 107 -28.28 31.59 -23.06
C LEU H 107 -28.78 32.97 -22.67
N SER H 108 -29.95 32.96 -22.01
CA SER H 108 -30.63 34.16 -21.57
C SER H 108 -30.17 34.55 -20.16
N GLN H 109 -29.33 33.69 -19.57
CA GLN H 109 -28.61 34.03 -18.35
C GLN H 109 -27.43 33.09 -18.22
N PRO H 110 -26.33 33.55 -17.58
CA PRO H 110 -25.20 32.66 -17.35
C PRO H 110 -25.67 31.33 -16.80
N LYS H 111 -25.01 30.26 -17.22
CA LYS H 111 -25.30 28.93 -16.73
C LYS H 111 -24.11 28.46 -15.91
N ILE H 112 -24.38 28.03 -14.67
CA ILE H 112 -23.36 27.66 -13.72
C ILE H 112 -23.40 26.15 -13.55
N VAL H 113 -22.23 25.51 -13.65
CA VAL H 113 -22.15 24.06 -13.55
C VAL H 113 -21.12 23.76 -12.48
N LYS H 114 -21.61 23.33 -11.30
CA LYS H 114 -20.75 23.02 -10.17
C LYS H 114 -19.89 21.80 -10.51
N TRP H 115 -18.63 21.84 -10.02
CA TRP H 115 -17.76 20.69 -10.02
C TRP H 115 -18.18 19.76 -8.90
N ASP H 116 -18.18 18.47 -9.16
CA ASP H 116 -18.29 17.44 -8.13
C ASP H 116 -17.03 16.58 -8.17
N ARG H 117 -16.46 16.34 -6.98
CA ARG H 117 -15.17 15.70 -6.82
C ARG H 117 -15.18 14.28 -7.37
N ASP H 118 -16.35 13.67 -7.54
CA ASP H 118 -16.45 12.26 -7.89
C ASP H 118 -16.86 12.05 -9.33
N ILE H 119 -17.81 12.85 -9.84
CA ILE H 119 -18.33 12.66 -11.21
C ILE H 119 -18.20 13.91 -12.07
N GLY H 120 -17.50 14.94 -11.60
CA GLY H 120 -17.45 16.20 -12.32
C GLY H 120 -18.81 16.88 -12.36
N GLY H 121 -18.94 17.80 -13.33
CA GLY H 121 -20.21 18.39 -13.71
C GLY H 121 -20.42 18.32 -15.23
N GLY H 122 -21.70 18.27 -15.64
CA GLY H 122 -22.06 18.32 -17.05
C GLY H 122 -22.32 16.94 -17.67
N GLY H 123 -21.84 15.87 -17.04
CA GLY H 123 -22.27 14.52 -17.38
C GLY H 123 -21.91 14.13 -18.81
N SER H 124 -22.68 13.15 -19.33
CA SER H 124 -22.61 12.63 -20.68
C SER H 124 -21.27 11.95 -20.95
N THR I 3 -13.62 -16.45 -24.18
CA THR I 3 -13.10 -15.79 -22.97
C THR I 3 -12.82 -16.84 -21.93
N GLY I 4 -11.58 -16.91 -21.44
CA GLY I 4 -11.22 -18.00 -20.52
C GLY I 4 -10.87 -17.52 -19.13
N VAL I 5 -9.99 -18.26 -18.47
CA VAL I 5 -9.63 -17.90 -17.12
C VAL I 5 -8.71 -16.70 -17.20
N SER I 6 -9.00 -15.71 -16.36
CA SER I 6 -8.18 -14.48 -16.32
C SER I 6 -7.28 -14.48 -15.08
N GLN I 7 -6.01 -14.15 -15.26
CA GLN I 7 -5.05 -14.12 -14.14
C GLN I 7 -4.35 -12.76 -14.11
N ASN I 8 -4.31 -12.13 -12.94
CA ASN I 8 -3.67 -10.80 -12.77
C ASN I 8 -2.77 -10.87 -11.54
N PRO I 9 -1.56 -10.27 -11.57
CA PRO I 9 -0.97 -9.76 -12.81
C PRO I 9 -0.36 -10.85 -13.70
N ARG I 10 -0.03 -10.51 -14.94
CA ARG I 10 0.54 -11.53 -15.86
C ARG I 10 1.95 -11.87 -15.39
N HIS I 11 2.64 -10.89 -14.85
CA HIS I 11 4.03 -11.10 -14.36
C HIS I 11 4.20 -10.31 -13.07
N LYS I 12 5.08 -10.78 -12.20
CA LYS I 12 5.33 -10.02 -11.01
C LYS I 12 6.75 -10.23 -10.53
N ILE I 13 7.40 -9.10 -10.29
CA ILE I 13 8.77 -9.12 -9.73
C ILE I 13 8.66 -8.57 -8.31
N THR I 14 9.21 -9.29 -7.35
CA THR I 14 9.16 -8.88 -5.97
C THR I 14 10.53 -9.02 -5.36
N LYS I 15 10.83 -8.18 -4.37
CA LYS I 15 12.03 -8.32 -3.60
C LYS I 15 11.82 -9.45 -2.59
N ARG I 16 12.80 -10.34 -2.50
CA ARG I 16 12.84 -11.40 -1.50
C ARG I 16 12.48 -10.83 -0.14
N GLY I 17 11.62 -11.55 0.60
CA GLY I 17 11.16 -11.11 1.90
C GLY I 17 9.80 -10.42 1.83
N GLN I 18 9.37 -10.02 0.63
CA GLN I 18 8.12 -9.31 0.47
C GLN I 18 6.96 -10.29 0.24
N ASN I 19 5.74 -9.85 0.59
CA ASN I 19 4.52 -10.58 0.26
C ASN I 19 4.01 -10.21 -1.15
N VAL I 20 3.40 -11.19 -1.82
CA VAL I 20 2.72 -10.97 -3.07
C VAL I 20 1.37 -11.66 -3.03
N THR I 21 0.41 -11.08 -3.74
CA THR I 21 -0.90 -11.73 -3.84
C THR I 21 -1.25 -11.79 -5.31
N PHE I 22 -1.79 -12.93 -5.74
CA PHE I 22 -2.21 -13.09 -7.15
C PHE I 22 -3.72 -13.27 -7.17
N ARG I 23 -4.36 -12.93 -8.28
CA ARG I 23 -5.82 -13.09 -8.40
C ARG I 23 -6.16 -13.94 -9.62
N CYS I 24 -7.21 -14.74 -9.51
CA CYS I 24 -7.67 -15.58 -10.65
C CYS I 24 -9.18 -15.47 -10.74
N ASP I 25 -9.68 -15.06 -11.89
CA ASP I 25 -11.15 -15.07 -12.10
C ASP I 25 -11.41 -16.26 -13.02
N PRO I 26 -12.09 -17.31 -12.55
CA PRO I 26 -12.30 -18.49 -13.36
C PRO I 26 -13.34 -18.22 -14.45
N ILE I 27 -13.55 -19.25 -15.25
CA ILE I 27 -14.63 -19.18 -16.26
C ILE I 27 -15.93 -19.10 -15.47
N SER I 28 -16.79 -18.15 -15.83
CA SER I 28 -18.08 -17.90 -15.19
C SER I 28 -18.69 -19.20 -14.68
N GLU I 29 -18.88 -19.29 -13.35
CA GLU I 29 -19.70 -20.33 -12.72
C GLU I 29 -18.99 -21.68 -12.64
N HIS I 30 -17.74 -21.76 -13.05
CA HIS I 30 -17.00 -22.97 -12.77
C HIS I 30 -16.93 -23.09 -11.25
N SER I 31 -17.40 -24.22 -10.74
CA SER I 31 -17.46 -24.47 -9.31
C SER I 31 -16.10 -24.93 -8.84
N ARG I 32 -15.29 -25.52 -9.74
CA ARG I 32 -14.01 -26.09 -9.36
C ARG I 32 -12.85 -25.22 -9.82
N LEU I 33 -11.96 -24.89 -8.88
CA LEU I 33 -10.84 -24.02 -9.14
C LEU I 33 -9.56 -24.62 -8.53
N TYR I 34 -8.49 -24.62 -9.32
CA TYR I 34 -7.21 -25.17 -8.91
C TYR I 34 -6.10 -24.13 -9.07
N TRP I 35 -5.11 -24.26 -8.19
CA TRP I 35 -3.87 -23.47 -8.30
C TRP I 35 -2.72 -24.47 -8.51
N TYR I 36 -1.90 -24.29 -9.54
CA TYR I 36 -0.72 -25.07 -9.78
C TYR I 36 0.48 -24.13 -9.87
N ARG I 37 1.67 -24.71 -9.79
CA ARG I 37 2.91 -24.00 -10.01
C ARG I 37 3.70 -24.75 -11.10
N GLN I 38 4.31 -24.01 -12.03
CA GLN I 38 5.11 -24.58 -13.09
C GLN I 38 6.46 -23.89 -13.20
N THR I 39 7.53 -24.69 -13.17
CA THR I 39 8.86 -24.21 -13.47
C THR I 39 9.30 -24.86 -14.77
N LEU I 40 9.98 -24.09 -15.60
CA LEU I 40 10.15 -24.40 -17.02
C LEU I 40 10.91 -25.71 -17.08
N GLY I 41 10.49 -26.60 -17.98
CA GLY I 41 11.03 -27.95 -18.08
C GLY I 41 10.34 -28.98 -17.17
N GLN I 42 9.19 -28.66 -16.56
CA GLN I 42 8.66 -29.63 -15.61
C GLN I 42 7.17 -30.00 -15.64
N GLY I 43 6.22 -29.18 -16.01
CA GLY I 43 4.88 -29.72 -15.84
C GLY I 43 4.25 -29.44 -14.47
N PRO I 44 2.97 -28.99 -14.48
CA PRO I 44 2.42 -28.26 -13.36
C PRO I 44 2.33 -29.10 -12.10
N GLU I 45 2.63 -28.47 -10.96
CA GLU I 45 2.59 -29.10 -9.66
C GLU I 45 1.37 -28.58 -8.88
N PHE I 46 0.57 -29.48 -8.34
CA PHE I 46 -0.66 -29.10 -7.67
C PHE I 46 -0.37 -28.31 -6.40
N LEU I 47 -1.11 -27.22 -6.20
CA LEU I 47 -1.03 -26.44 -4.96
C LEU I 47 -2.31 -26.64 -4.14
N THR I 48 -3.49 -26.35 -4.72
CA THR I 48 -4.70 -26.39 -3.92
C THR I 48 -5.94 -26.39 -4.80
N TYR I 49 -7.05 -26.87 -4.22
CA TYR I 49 -8.32 -27.10 -4.89
C TYR I 49 -9.46 -26.50 -4.10
N PHE I 50 -10.28 -25.71 -4.79
CA PHE I 50 -11.47 -25.10 -4.23
C PHE I 50 -12.69 -25.67 -4.93
N GLN I 51 -13.65 -26.14 -4.13
CA GLN I 51 -14.96 -26.54 -4.60
C GLN I 51 -15.90 -25.49 -4.02
N ASN I 52 -16.52 -24.70 -4.91
CA ASN I 52 -17.17 -23.48 -4.49
C ASN I 52 -16.15 -22.73 -3.63
N GLU I 53 -16.57 -22.21 -2.47
CA GLU I 53 -15.66 -21.42 -1.64
C GLU I 53 -14.77 -22.31 -0.77
N ALA I 54 -15.05 -23.62 -0.73
CA ALA I 54 -14.38 -24.48 0.22
C ALA I 54 -13.08 -25.06 -0.35
N GLN I 55 -12.02 -24.92 0.44
CA GLN I 55 -10.71 -25.42 0.08
C GLN I 55 -10.60 -26.85 0.55
N LEU I 56 -10.98 -27.79 -0.31
CA LEU I 56 -11.05 -29.22 0.08
C LEU I 56 -9.75 -30.01 -0.17
N GLU I 57 -8.69 -29.37 -0.63
CA GLU I 57 -7.43 -30.09 -0.82
C GLU I 57 -6.27 -29.11 -0.95
N LYS I 58 -5.29 -29.23 -0.06
CA LYS I 58 -4.05 -28.48 -0.12
C LYS I 58 -2.94 -29.47 -0.37
N SER I 59 -1.95 -29.12 -1.19
CA SER I 59 -0.81 -30.00 -1.38
C SER I 59 -0.07 -30.15 -0.06
N ARG I 60 0.28 -31.39 0.28
CA ARG I 60 0.99 -31.68 1.52
C ARG I 60 2.40 -31.09 1.49
N LEU I 61 2.98 -30.85 0.31
CA LEU I 61 4.33 -30.31 0.17
C LEU I 61 4.33 -28.78 0.25
N LEU I 62 3.20 -28.17 0.60
CA LEU I 62 3.11 -26.74 0.38
C LEU I 62 3.52 -25.99 1.64
N SER I 63 4.39 -25.00 1.48
CA SER I 63 4.83 -24.11 2.54
C SER I 63 3.64 -23.42 3.23
N ASP I 64 3.85 -23.08 4.50
CA ASP I 64 2.88 -22.36 5.33
C ASP I 64 2.79 -20.92 4.85
N ARG I 65 3.81 -20.49 4.11
CA ARG I 65 3.85 -19.14 3.56
C ARG I 65 2.81 -18.96 2.46
N PHE I 66 2.32 -20.07 1.89
CA PHE I 66 1.35 -20.01 0.80
C PHE I 66 -0.05 -20.17 1.37
N SER I 67 -0.95 -19.27 1.01
CA SER I 67 -2.34 -19.35 1.46
C SER I 67 -3.26 -18.83 0.36
N ALA I 68 -4.38 -19.51 0.17
CA ALA I 68 -5.29 -19.17 -0.90
C ALA I 68 -6.68 -18.94 -0.31
N GLU I 69 -7.49 -18.18 -1.02
CA GLU I 69 -8.86 -17.88 -0.61
C GLU I 69 -9.70 -17.79 -1.87
N ARG I 70 -10.98 -18.10 -1.71
CA ARG I 70 -12.00 -17.99 -2.73
C ARG I 70 -13.30 -17.68 -2.00
N PRO I 71 -13.42 -16.44 -1.47
CA PRO I 71 -14.41 -16.14 -0.45
C PRO I 71 -15.87 -16.26 -0.91
N LYS I 72 -16.13 -16.10 -2.21
CA LYS I 72 -17.52 -16.10 -2.72
C LYS I 72 -17.70 -17.19 -3.78
N GLY I 73 -16.83 -18.21 -3.76
CA GLY I 73 -16.95 -19.32 -4.69
C GLY I 73 -16.63 -18.93 -6.12
N SER I 74 -16.13 -17.71 -6.34
CA SER I 74 -15.85 -17.19 -7.67
C SER I 74 -14.35 -16.99 -7.83
N PHE I 75 -13.90 -15.75 -7.65
CA PHE I 75 -12.46 -15.40 -7.78
C PHE I 75 -11.65 -16.01 -6.67
N SER I 76 -10.38 -16.26 -6.96
CA SER I 76 -9.48 -16.84 -5.93
C SER I 76 -8.21 -16.00 -5.81
N THR I 77 -7.74 -15.83 -4.57
CA THR I 77 -6.49 -15.10 -4.33
C THR I 77 -5.49 -16.07 -3.77
N LEU I 78 -4.24 -15.96 -4.19
CA LEU I 78 -3.15 -16.73 -3.65
C LEU I 78 -2.11 -15.74 -3.14
N GLU I 79 -1.74 -15.89 -1.87
CA GLU I 79 -0.78 -15.01 -1.23
C GLU I 79 0.43 -15.86 -0.85
N ILE I 80 1.62 -15.38 -1.24
CA ILE I 80 2.88 -15.92 -0.77
C ILE I 80 3.47 -14.90 0.19
N GLN I 81 3.74 -15.32 1.44
CA GLN I 81 4.33 -14.43 2.41
C GLN I 81 5.83 -14.64 2.40
N ARG I 82 6.57 -13.54 2.62
CA ARG I 82 8.02 -13.58 2.71
C ARG I 82 8.61 -14.39 1.57
N THR I 83 8.53 -13.87 0.36
CA THR I 83 8.97 -14.61 -0.82
C THR I 83 10.45 -14.95 -0.70
N GLU I 84 10.81 -16.04 -1.37
CA GLU I 84 12.19 -16.50 -1.51
C GLU I 84 12.46 -16.75 -2.99
N GLN I 85 13.75 -16.85 -3.31
CA GLN I 85 14.18 -17.11 -4.67
C GLN I 85 13.42 -18.29 -5.21
N GLY I 86 13.34 -19.35 -4.40
CA GLY I 86 12.83 -20.63 -4.85
C GLY I 86 11.34 -20.62 -5.13
N ASP I 87 10.63 -19.53 -4.79
CA ASP I 87 9.24 -19.39 -5.16
C ASP I 87 9.07 -18.96 -6.63
N SER I 88 10.16 -18.54 -7.28
CA SER I 88 10.07 -18.06 -8.65
C SER I 88 9.49 -19.15 -9.51
N ALA I 89 8.36 -18.87 -10.16
CA ALA I 89 7.75 -19.84 -11.05
C ALA I 89 6.58 -19.20 -11.75
N MET I 90 5.94 -19.95 -12.66
CA MET I 90 4.65 -19.61 -13.19
C MET I 90 3.56 -20.14 -12.23
N TYR I 91 2.68 -19.26 -11.75
CA TYR I 91 1.55 -19.67 -10.94
C TYR I 91 0.30 -19.71 -11.81
N LEU I 92 -0.22 -20.93 -11.98
CA LEU I 92 -1.32 -21.21 -12.89
C LEU I 92 -2.61 -21.44 -12.09
N CYS I 93 -3.68 -20.86 -12.62
CA CYS I 93 -5.03 -21.06 -12.15
C CYS I 93 -5.82 -21.81 -13.22
N ALA I 94 -6.58 -22.84 -12.81
CA ALA I 94 -7.46 -23.53 -13.74
C ALA I 94 -8.84 -23.66 -13.12
N SER I 95 -9.85 -23.78 -13.99
CA SER I 95 -11.21 -23.98 -13.54
C SER I 95 -11.84 -25.09 -14.36
N SER I 96 -12.76 -25.82 -13.72
CA SER I 96 -13.56 -26.84 -14.35
C SER I 96 -15.03 -26.64 -14.02
N PRO I 97 -15.94 -27.08 -14.91
CA PRO I 97 -17.36 -26.90 -14.71
C PRO I 97 -17.92 -27.81 -13.62
N ARG I 98 -19.01 -27.36 -12.99
CA ARG I 98 -19.72 -28.18 -12.03
C ARG I 98 -20.29 -29.42 -12.71
N MET I 99 -20.12 -30.54 -12.00
CA MET I 99 -20.88 -31.77 -12.18
C MET I 99 -20.56 -32.44 -13.50
N VAL I 100 -19.33 -32.27 -14.00
CA VAL I 100 -18.91 -32.92 -15.22
C VAL I 100 -17.71 -33.77 -14.88
N ARG I 101 -17.86 -35.08 -15.04
CA ARG I 101 -16.75 -36.01 -14.78
C ARG I 101 -15.78 -35.98 -15.97
N GLY I 102 -14.51 -36.28 -15.74
CA GLY I 102 -13.51 -36.24 -16.81
C GLY I 102 -13.49 -34.89 -17.46
N ALA I 103 -13.78 -33.86 -16.68
CA ALA I 103 -13.85 -32.53 -17.26
C ALA I 103 -12.46 -32.05 -17.62
N GLU I 104 -12.46 -31.26 -18.70
CA GLU I 104 -11.37 -30.39 -19.04
C GLU I 104 -11.10 -29.45 -17.87
N ALA I 105 -9.83 -29.23 -17.56
CA ALA I 105 -9.41 -28.06 -16.83
C ALA I 105 -8.97 -26.97 -17.82
N PHE I 106 -9.49 -25.75 -17.61
CA PHE I 106 -9.17 -24.60 -18.41
C PHE I 106 -8.19 -23.72 -17.66
N PHE I 107 -6.99 -23.56 -18.24
CA PHE I 107 -5.90 -22.81 -17.65
C PHE I 107 -5.91 -21.35 -18.04
N GLY I 108 -5.59 -20.46 -17.09
CA GLY I 108 -5.19 -19.10 -17.37
C GLY I 108 -3.77 -19.03 -17.96
N GLN I 109 -3.32 -17.81 -18.20
CA GLN I 109 -2.02 -17.52 -18.80
C GLN I 109 -0.96 -17.35 -17.70
N GLY I 110 -1.38 -17.38 -16.43
CA GLY I 110 -0.47 -17.44 -15.32
C GLY I 110 -0.07 -16.07 -14.81
N THR I 111 0.43 -16.07 -13.57
CA THR I 111 1.23 -15.00 -13.05
C THR I 111 2.65 -15.53 -12.99
N ARG I 112 3.54 -14.90 -13.77
CA ARG I 112 4.96 -15.30 -13.74
C ARG I 112 5.63 -14.53 -12.62
N LEU I 113 6.09 -15.24 -11.61
CA LEU I 113 6.70 -14.61 -10.45
C LEU I 113 8.22 -14.72 -10.54
N THR I 114 8.89 -13.59 -10.34
CA THR I 114 10.37 -13.58 -10.25
C THR I 114 10.73 -12.90 -8.96
N VAL I 115 11.35 -13.62 -8.03
CA VAL I 115 11.79 -13.06 -6.77
C VAL I 115 13.25 -12.72 -6.90
N VAL I 116 13.60 -11.46 -6.61
CA VAL I 116 14.97 -11.00 -6.79
C VAL I 116 15.56 -10.57 -5.45
N GLU I 117 16.89 -10.59 -5.36
CA GLU I 117 17.58 -10.19 -4.15
C GLU I 117 17.38 -8.69 -3.92
N ASP I 118 17.28 -7.93 -5.02
CA ASP I 118 17.25 -6.48 -4.98
C ASP I 118 16.62 -6.03 -6.29
N LEU I 119 15.75 -5.01 -6.26
CA LEU I 119 15.07 -4.56 -7.46
C LEU I 119 16.09 -3.96 -8.45
N ASN I 120 17.29 -3.65 -7.97
CA ASN I 120 18.34 -3.02 -8.82
C ASN I 120 18.97 -4.05 -9.77
N LYS I 121 18.56 -5.30 -9.69
CA LYS I 121 19.06 -6.33 -10.63
C LYS I 121 18.16 -6.33 -11.87
N VAL I 122 17.06 -5.57 -11.81
CA VAL I 122 16.09 -5.52 -12.93
C VAL I 122 16.58 -4.49 -13.96
N PHE I 123 16.67 -4.93 -15.21
CA PHE I 123 17.22 -4.06 -16.28
C PHE I 123 16.38 -4.26 -17.51
N PRO I 124 15.99 -3.18 -18.20
CA PRO I 124 15.22 -3.28 -19.46
C PRO I 124 16.14 -3.74 -20.58
N PRO I 125 15.62 -4.26 -21.72
CA PRO I 125 16.51 -4.57 -22.84
C PRO I 125 16.98 -3.32 -23.58
N GLU I 126 18.14 -3.42 -24.22
CA GLU I 126 18.47 -2.61 -25.38
C GLU I 126 18.20 -3.45 -26.63
N VAL I 127 17.75 -2.80 -27.70
CA VAL I 127 17.29 -3.51 -28.87
C VAL I 127 17.92 -2.90 -30.11
N ALA I 128 18.46 -3.76 -30.99
CA ALA I 128 18.98 -3.30 -32.27
C ALA I 128 18.45 -4.19 -33.41
N VAL I 129 18.27 -3.59 -34.58
CA VAL I 129 17.94 -4.30 -35.81
C VAL I 129 19.15 -4.29 -36.71
N PHE I 130 19.46 -5.46 -37.27
CA PHE I 130 20.58 -5.63 -38.17
C PHE I 130 20.04 -5.89 -39.58
N GLU I 131 20.61 -5.16 -40.57
CA GLU I 131 20.05 -5.12 -41.91
C GLU I 131 20.53 -6.34 -42.71
N PRO I 132 19.73 -6.86 -43.65
CA PRO I 132 20.14 -8.01 -44.44
C PRO I 132 21.46 -7.82 -45.17
N SER I 133 22.13 -8.94 -45.42
CA SER I 133 23.40 -8.98 -46.11
C SER I 133 23.15 -8.95 -47.62
N GLU I 134 23.86 -8.04 -48.31
CA GLU I 134 23.84 -7.99 -49.76
C GLU I 134 24.22 -9.37 -50.28
N ALA I 135 25.15 -10.04 -49.60
CA ALA I 135 25.54 -11.39 -50.05
C ALA I 135 24.35 -12.34 -50.01
N GLU I 136 23.50 -12.24 -48.96
CA GLU I 136 22.34 -13.13 -48.86
C GLU I 136 21.40 -12.83 -50.01
N ILE I 137 21.19 -11.54 -50.25
CA ILE I 137 20.27 -11.07 -51.28
C ILE I 137 20.65 -11.62 -52.67
N SER I 138 21.89 -11.39 -53.10
CA SER I 138 22.33 -11.82 -54.42
C SER I 138 22.29 -13.34 -54.53
N HIS I 139 22.61 -14.02 -53.43
CA HIS I 139 22.84 -15.46 -53.42
C HIS I 139 21.53 -16.23 -53.32
N THR I 140 20.51 -15.65 -52.67
CA THR I 140 19.26 -16.40 -52.36
C THR I 140 17.98 -15.67 -52.71
N GLN I 141 18.06 -14.39 -53.07
CA GLN I 141 16.88 -13.63 -53.45
C GLN I 141 15.96 -13.43 -52.24
N LYS I 142 16.44 -13.74 -51.03
CA LYS I 142 15.73 -13.45 -49.80
C LYS I 142 16.59 -12.51 -48.95
N ALA I 143 15.96 -11.88 -47.94
CA ALA I 143 16.64 -10.95 -47.04
C ALA I 143 16.24 -11.16 -45.57
N THR I 144 17.23 -11.49 -44.73
CA THR I 144 16.95 -11.76 -43.33
C THR I 144 17.34 -10.56 -42.46
N LEU I 145 16.35 -9.93 -41.80
CA LEU I 145 16.63 -8.97 -40.74
C LEU I 145 16.80 -9.72 -39.43
N VAL I 146 17.70 -9.25 -38.56
CA VAL I 146 17.92 -9.89 -37.28
C VAL I 146 17.67 -8.83 -36.20
N CYS I 147 16.85 -9.17 -35.21
CA CYS I 147 16.67 -8.31 -34.06
C CYS I 147 17.37 -8.91 -32.85
N LEU I 148 18.01 -8.07 -32.04
CA LEU I 148 18.77 -8.53 -30.89
C LEU I 148 18.40 -7.67 -29.70
N ALA I 149 17.83 -8.32 -28.66
CA ALA I 149 17.58 -7.67 -27.39
C ALA I 149 18.63 -8.15 -26.39
N THR I 150 19.35 -7.22 -25.76
CA THR I 150 20.45 -7.57 -24.87
C THR I 150 20.27 -6.91 -23.51
N GLY I 151 20.93 -7.48 -22.51
CA GLY I 151 21.13 -6.87 -21.21
C GLY I 151 19.86 -6.78 -20.37
N PHE I 152 18.89 -7.66 -20.54
CA PHE I 152 17.67 -7.53 -19.73
C PHE I 152 17.67 -8.51 -18.56
N TYR I 153 16.91 -8.16 -17.53
CA TYR I 153 16.72 -9.04 -16.34
C TYR I 153 15.44 -8.56 -15.68
N PRO I 154 14.40 -9.40 -15.44
CA PRO I 154 14.47 -10.87 -15.55
C PRO I 154 14.47 -11.33 -17.00
N ASP I 155 14.12 -12.59 -17.25
CA ASP I 155 14.35 -13.15 -18.57
C ASP I 155 13.08 -13.21 -19.40
N HIS I 156 12.05 -12.46 -19.01
CA HIS I 156 10.80 -12.62 -19.78
C HIS I 156 10.44 -11.38 -20.60
N VAL I 157 10.52 -11.52 -21.90
CA VAL I 157 10.09 -10.50 -22.83
C VAL I 157 9.22 -11.15 -23.90
N GLU I 158 8.50 -10.29 -24.60
CA GLU I 158 7.70 -10.73 -25.75
C GLU I 158 8.21 -9.91 -26.92
N LEU I 159 8.87 -10.57 -27.89
CA LEU I 159 9.43 -9.91 -29.06
C LEU I 159 8.44 -10.05 -30.20
N SER I 160 8.17 -8.96 -30.90
CA SER I 160 7.28 -9.02 -32.04
C SER I 160 7.88 -8.18 -33.14
N TRP I 161 7.50 -8.51 -34.39
CA TRP I 161 8.00 -7.81 -35.56
C TRP I 161 6.87 -7.03 -36.21
N TRP I 162 7.16 -5.81 -36.69
CA TRP I 162 6.17 -4.98 -37.34
C TRP I 162 6.69 -4.52 -38.71
N VAL I 163 5.81 -4.60 -39.71
CA VAL I 163 6.14 -4.21 -41.07
C VAL I 163 5.09 -3.20 -41.50
N ASN I 164 5.54 -1.98 -41.83
CA ASN I 164 4.60 -0.93 -42.22
C ASN I 164 3.44 -0.91 -41.24
N GLY I 165 3.73 -0.94 -39.93
CA GLY I 165 2.77 -0.60 -38.91
C GLY I 165 1.89 -1.77 -38.50
N LYS I 166 2.08 -2.95 -39.08
CA LYS I 166 1.30 -4.11 -38.63
C LYS I 166 2.24 -5.21 -38.14
N GLU I 167 1.80 -5.92 -37.12
CA GLU I 167 2.57 -7.02 -36.59
C GLU I 167 2.55 -8.19 -37.58
N VAL I 168 3.71 -8.81 -37.81
CA VAL I 168 3.79 -9.95 -38.75
C VAL I 168 4.20 -11.19 -37.97
N HIS I 169 3.80 -12.37 -38.44
CA HIS I 169 4.17 -13.63 -37.78
C HIS I 169 4.78 -14.58 -38.80
N SER I 170 4.53 -14.32 -40.09
CA SER I 170 5.11 -15.16 -41.16
C SER I 170 6.54 -14.71 -41.44
N GLY I 171 7.41 -15.66 -41.77
CA GLY I 171 8.81 -15.33 -42.06
C GLY I 171 9.55 -14.96 -40.80
N VAL I 172 9.06 -15.39 -39.65
CA VAL I 172 9.69 -14.93 -38.37
C VAL I 172 10.00 -16.09 -37.43
N CYS I 173 11.20 -16.10 -36.84
CA CYS I 173 11.40 -17.04 -35.75
C CYS I 173 12.29 -16.39 -34.68
N THR I 174 11.97 -16.71 -33.44
CA THR I 174 12.62 -16.14 -32.28
C THR I 174 13.25 -17.29 -31.50
N ASP I 175 14.34 -16.99 -30.79
CA ASP I 175 14.98 -18.05 -30.00
C ASP I 175 13.94 -18.68 -29.10
N PRO I 176 13.94 -20.01 -28.93
CA PRO I 176 13.03 -20.61 -27.95
C PRO I 176 13.21 -19.99 -26.55
N GLN I 177 14.46 -19.78 -26.14
CA GLN I 177 14.75 -19.28 -24.80
C GLN I 177 15.79 -18.17 -24.87
N PRO I 178 15.73 -17.16 -23.98
CA PRO I 178 16.82 -16.20 -23.86
C PRO I 178 18.11 -16.91 -23.51
N LEU I 179 19.25 -16.29 -23.77
CA LEU I 179 20.48 -16.90 -23.35
C LEU I 179 21.14 -15.98 -22.33
N LYS I 180 21.95 -16.58 -21.47
CA LYS I 180 22.55 -15.86 -20.35
C LYS I 180 23.79 -15.16 -20.87
N GLU I 181 23.86 -13.86 -20.64
CA GLU I 181 25.01 -13.09 -21.05
C GLU I 181 26.22 -13.47 -20.21
N GLN I 182 26.00 -13.94 -18.97
CA GLN I 182 27.09 -14.39 -18.10
C GLN I 182 26.67 -15.67 -17.39
N PRO I 183 26.86 -16.86 -17.99
CA PRO I 183 26.21 -18.07 -17.48
C PRO I 183 26.59 -18.47 -16.05
N ALA I 184 27.78 -18.07 -15.59
CA ALA I 184 28.22 -18.45 -14.25
C ALA I 184 27.54 -17.63 -13.14
N LEU I 185 26.75 -16.62 -13.54
CA LEU I 185 26.11 -15.73 -12.54
C LEU I 185 24.61 -16.01 -12.44
N GLN I 186 24.06 -15.90 -11.24
CA GLN I 186 22.61 -16.13 -11.01
C GLN I 186 21.87 -14.85 -11.38
N ASP I 187 22.57 -13.72 -11.33
CA ASP I 187 21.96 -12.41 -11.63
C ASP I 187 22.30 -12.07 -13.07
N SER I 188 22.73 -13.07 -13.83
CA SER I 188 23.08 -12.85 -15.26
C SER I 188 21.97 -12.13 -16.00
N ARG I 189 22.36 -11.19 -16.83
CA ARG I 189 21.36 -10.54 -17.69
C ARG I 189 21.16 -11.48 -18.89
N TYR I 190 20.14 -11.23 -19.68
CA TYR I 190 19.79 -12.13 -20.76
C TYR I 190 19.83 -11.40 -22.12
N ALA I 191 20.00 -12.19 -23.20
CA ALA I 191 19.85 -11.72 -24.56
C ALA I 191 18.91 -12.62 -25.34
N LEU I 192 18.23 -12.05 -26.35
CA LEU I 192 17.35 -12.83 -27.23
C LEU I 192 17.44 -12.28 -28.65
N SER I 193 17.50 -13.18 -29.63
CA SER I 193 17.52 -12.78 -31.03
C SER I 193 16.27 -13.29 -31.75
N SER I 194 15.92 -12.61 -32.86
CA SER I 194 14.83 -13.04 -33.71
C SER I 194 15.19 -12.77 -35.18
N ARG I 195 14.57 -13.50 -36.10
CA ARG I 195 14.78 -13.26 -37.53
C ARG I 195 13.44 -13.02 -38.21
N LEU I 196 13.47 -12.08 -39.15
CA LEU I 196 12.32 -11.80 -40.04
C LEU I 196 12.87 -11.89 -41.48
N ARG I 197 12.45 -12.91 -42.24
CA ARG I 197 12.96 -13.13 -43.61
C ARG I 197 11.89 -12.72 -44.62
N VAL I 198 12.24 -11.83 -45.53
CA VAL I 198 11.37 -11.35 -46.58
C VAL I 198 12.13 -11.51 -47.91
N SER I 199 11.42 -11.36 -49.03
CA SER I 199 12.08 -11.37 -50.33
C SER I 199 13.06 -10.21 -50.41
N ALA I 200 14.10 -10.41 -51.20
CA ALA I 200 15.03 -9.36 -51.53
C ALA I 200 14.31 -8.11 -52.06
N THR I 201 13.35 -8.25 -52.98
CA THR I 201 12.75 -7.08 -53.60
C THR I 201 11.99 -6.28 -52.54
N PHE I 202 11.38 -6.97 -51.58
CA PHE I 202 10.64 -6.30 -50.51
C PHE I 202 11.59 -5.45 -49.65
N TRP I 203 12.75 -6.01 -49.29
CA TRP I 203 13.74 -5.26 -48.55
C TRP I 203 14.27 -4.07 -49.35
N GLN I 204 14.37 -4.27 -50.67
CA GLN I 204 14.97 -3.30 -51.58
C GLN I 204 14.09 -2.06 -51.77
N ASP I 205 12.81 -2.15 -51.36
CA ASP I 205 11.87 -1.06 -51.49
C ASP I 205 12.00 -0.11 -50.30
N PRO I 206 12.50 1.14 -50.50
CA PRO I 206 12.81 2.01 -49.37
C PRO I 206 11.60 2.62 -48.67
N ARG I 207 10.41 2.27 -49.13
CA ARG I 207 9.20 2.72 -48.48
C ARG I 207 8.78 1.76 -47.37
N ASN I 208 9.36 0.55 -47.36
CA ASN I 208 9.00 -0.46 -46.38
C ASN I 208 9.70 -0.21 -45.06
N HIS I 209 8.90 -0.25 -43.99
CA HIS I 209 9.33 0.06 -42.63
C HIS I 209 9.28 -1.24 -41.81
N PHE I 210 10.40 -1.53 -41.13
CA PHE I 210 10.50 -2.69 -40.25
C PHE I 210 10.76 -2.20 -38.83
N ARG I 211 10.01 -2.79 -37.88
CA ARG I 211 10.23 -2.52 -36.47
C ARG I 211 10.28 -3.82 -35.66
N CYS I 212 11.31 -3.93 -34.81
CA CYS I 212 11.44 -4.98 -33.81
C CYS I 212 11.03 -4.41 -32.47
N GLN I 213 10.05 -5.03 -31.83
CA GLN I 213 9.41 -4.48 -30.64
C GLN I 213 9.55 -5.48 -29.50
N VAL I 214 10.13 -5.05 -28.38
CA VAL I 214 10.34 -5.94 -27.25
C VAL I 214 9.55 -5.44 -26.05
N GLN I 215 8.56 -6.24 -25.65
CA GLN I 215 7.81 -5.91 -24.42
C GLN I 215 8.59 -6.45 -23.22
N PHE I 216 9.05 -5.56 -22.34
CA PHE I 216 9.77 -5.99 -21.12
C PHE I 216 8.81 -5.98 -19.95
N TYR I 217 8.83 -7.05 -19.17
CA TYR I 217 8.00 -7.10 -17.94
C TYR I 217 8.91 -6.81 -16.76
N GLY I 218 8.73 -5.63 -16.17
CA GLY I 218 9.61 -5.22 -15.06
C GLY I 218 8.89 -4.73 -13.84
N LEU I 219 9.39 -3.66 -13.21
CA LEU I 219 8.84 -3.12 -11.99
C LEU I 219 7.48 -2.52 -12.25
N SER I 220 6.68 -2.46 -11.19
CA SER I 220 5.35 -1.86 -11.26
C SER I 220 5.48 -0.40 -10.85
N GLU I 221 4.42 0.37 -11.10
CA GLU I 221 4.37 1.79 -10.81
C GLU I 221 4.57 2.06 -9.32
N ASN I 222 4.39 0.99 -8.54
CA ASN I 222 4.27 1.08 -7.10
C ASN I 222 5.63 0.84 -6.43
N ASP I 223 6.60 0.27 -7.16
CA ASP I 223 7.82 -0.22 -6.56
C ASP I 223 8.74 0.95 -6.26
N GLU I 224 9.54 0.79 -5.20
CA GLU I 224 10.47 1.80 -4.74
C GLU I 224 11.69 1.76 -5.65
N TRP I 225 12.18 2.93 -6.05
CA TRP I 225 13.37 3.01 -6.92
C TRP I 225 14.25 4.15 -6.44
N THR I 226 15.54 3.87 -6.24
CA THR I 226 16.44 4.85 -5.65
C THR I 226 17.71 4.97 -6.47
N GLN I 227 17.77 4.28 -7.61
CA GLN I 227 18.98 4.30 -8.45
C GLN I 227 18.89 5.48 -9.43
N ASP I 228 20.05 5.98 -9.87
CA ASP I 228 20.09 7.14 -10.79
C ASP I 228 19.55 6.74 -12.16
N ARG I 229 19.71 5.47 -12.53
CA ARG I 229 19.20 4.96 -13.82
C ARG I 229 17.67 4.95 -13.78
N ALA I 230 17.06 4.98 -14.95
CA ALA I 230 15.59 5.02 -15.02
C ALA I 230 15.00 3.75 -14.44
N LYS I 231 13.94 3.91 -13.65
CA LYS I 231 13.25 2.74 -13.06
C LYS I 231 12.90 1.76 -14.18
N PRO I 232 13.37 0.49 -14.07
CA PRO I 232 13.08 -0.54 -15.09
C PRO I 232 11.63 -0.97 -15.03
N VAL I 233 10.70 -0.05 -15.28
CA VAL I 233 9.30 -0.45 -15.32
C VAL I 233 9.05 -1.33 -16.55
N THR I 234 7.87 -1.95 -16.51
CA THR I 234 7.36 -2.69 -17.68
C THR I 234 7.28 -1.64 -18.75
N GLN I 235 7.75 -1.97 -19.93
CA GLN I 235 7.89 -1.00 -21.01
C GLN I 235 8.20 -1.71 -22.31
N ILE I 236 8.09 -0.96 -23.40
CA ILE I 236 8.42 -1.42 -24.74
C ILE I 236 9.67 -0.69 -25.20
N VAL I 237 10.60 -1.44 -25.79
CA VAL I 237 11.79 -0.92 -26.40
C VAL I 237 11.86 -1.46 -27.83
N SER I 238 12.14 -0.58 -28.80
CA SER I 238 12.01 -0.89 -30.23
C SER I 238 13.26 -0.45 -30.97
N ALA I 239 13.62 -1.17 -32.03
CA ALA I 239 14.54 -0.66 -33.03
C ALA I 239 13.87 -0.77 -34.40
N GLU I 240 14.32 0.07 -35.36
CA GLU I 240 13.68 0.11 -36.66
C GLU I 240 14.69 0.11 -37.78
N ALA I 241 14.19 -0.23 -38.98
CA ALA I 241 14.94 -0.09 -40.21
C ALA I 241 14.00 0.16 -41.37
N TRP I 242 14.54 0.79 -42.43
CA TRP I 242 13.81 1.03 -43.65
C TRP I 242 14.54 0.29 -44.78
N GLY I 243 13.79 -0.16 -45.79
CA GLY I 243 14.39 -0.78 -46.97
C GLY I 243 15.38 0.16 -47.68
N ARG I 244 16.16 -0.41 -48.60
CA ARG I 244 17.20 0.31 -49.36
C ARG I 244 17.61 -0.50 -50.59
N ALA I 245 18.06 0.17 -51.67
CA ALA I 245 18.43 -0.54 -52.89
C ALA I 245 19.87 -1.07 -52.82
N VAL J 137 -23.58 -60.08 5.43
CA VAL J 137 -22.60 -60.20 4.30
C VAL J 137 -22.77 -58.98 3.38
N SER J 138 -22.70 -57.83 4.01
CA SER J 138 -22.85 -56.55 3.34
C SER J 138 -21.81 -55.57 3.88
N PHE J 139 -21.19 -54.81 2.97
CA PHE J 139 -20.56 -53.55 3.35
C PHE J 139 -21.50 -52.43 2.95
N HIS J 140 -21.67 -51.47 3.86
CA HIS J 140 -22.54 -50.31 3.54
C HIS J 140 -22.12 -49.01 4.23
N VAL J 141 -22.06 -47.95 3.45
CA VAL J 141 -21.82 -46.61 3.93
C VAL J 141 -23.18 -45.97 4.13
N ILE J 142 -23.31 -45.19 5.19
CA ILE J 142 -24.50 -44.40 5.37
C ILE J 142 -24.10 -42.95 5.38
N GLN J 143 -25.00 -42.10 4.86
CA GLN J 143 -24.87 -40.68 5.06
C GLN J 143 -26.16 -40.16 5.61
N ILE J 144 -26.04 -39.14 6.45
CA ILE J 144 -27.19 -38.46 6.95
C ILE J 144 -26.92 -36.96 6.78
N PHE J 145 -27.80 -36.29 6.01
CA PHE J 145 -27.67 -34.87 5.71
C PHE J 145 -28.83 -34.10 6.32
N SER J 146 -28.53 -33.15 7.21
CA SER J 146 -29.56 -32.36 7.87
C SER J 146 -29.56 -30.93 7.36
N PHE J 147 -30.68 -30.49 6.80
CA PHE J 147 -30.82 -29.12 6.36
C PHE J 147 -31.77 -28.40 7.29
N VAL J 148 -31.24 -27.48 8.07
CA VAL J 148 -32.07 -26.78 9.07
C VAL J 148 -32.42 -25.40 8.52
N ASN J 149 -31.40 -24.66 8.10
CA ASN J 149 -31.61 -23.29 7.61
C ASN J 149 -30.97 -23.16 6.24
N GLN J 150 -31.08 -21.99 5.64
CA GLN J 150 -30.39 -21.74 4.36
C GLN J 150 -28.92 -21.50 4.69
N SER J 151 -28.63 -21.35 5.98
CA SER J 151 -27.25 -21.05 6.42
C SER J 151 -26.67 -22.27 7.15
N TRP J 152 -27.51 -23.25 7.47
CA TRP J 152 -26.98 -24.37 8.28
C TRP J 152 -27.37 -25.72 7.75
N ALA J 153 -26.41 -26.43 7.17
CA ALA J 153 -26.63 -27.81 6.78
C ALA J 153 -25.40 -28.62 7.17
N ARG J 154 -25.54 -29.94 7.24
CA ARG J 154 -24.55 -30.77 7.93
C ARG J 154 -24.63 -32.20 7.40
N GLY J 155 -23.46 -32.78 7.10
CA GLY J 155 -23.35 -34.12 6.52
C GLY J 155 -22.40 -35.01 7.33
N GLN J 156 -22.93 -36.13 7.85
CA GLN J 156 -22.15 -37.10 8.59
C GLN J 156 -22.40 -38.51 8.04
N GLY J 157 -21.54 -39.45 8.41
CA GLY J 157 -21.69 -40.77 7.84
C GLY J 157 -20.64 -41.74 8.35
N SER J 158 -20.74 -43.00 7.92
CA SER J 158 -20.01 -44.07 8.56
C SER J 158 -20.12 -45.29 7.68
N GLY J 159 -19.24 -46.26 7.92
CA GLY J 159 -19.25 -47.51 7.17
C GLY J 159 -19.49 -48.68 8.13
N TRP J 160 -20.14 -49.70 7.56
CA TRP J 160 -20.61 -50.78 8.43
C TRP J 160 -20.69 -52.17 7.81
N LEU J 161 -20.20 -53.18 8.50
CA LEU J 161 -20.46 -54.58 8.23
C LEU J 161 -21.72 -54.98 8.98
N ASP J 162 -22.84 -54.89 8.28
CA ASP J 162 -24.15 -55.18 8.91
C ASP J 162 -24.30 -54.20 10.06
N GLU J 163 -24.37 -54.70 11.29
CA GLU J 163 -24.59 -53.86 12.44
C GLU J 163 -23.26 -53.37 13.00
N LEU J 164 -22.15 -53.92 12.51
CA LEU J 164 -20.86 -53.64 13.11
C LEU J 164 -20.16 -52.49 12.37
N GLN J 165 -19.87 -51.39 13.09
CA GLN J 165 -19.29 -50.21 12.50
C GLN J 165 -17.79 -50.41 12.25
N THR J 166 -17.35 -50.18 11.01
CA THR J 166 -15.96 -50.33 10.61
C THR J 166 -15.30 -48.99 10.33
N HIS J 167 -16.09 -47.94 10.01
CA HIS J 167 -15.52 -46.67 9.65
C HIS J 167 -16.35 -45.54 10.25
N GLY J 168 -15.66 -44.46 10.63
CA GLY J 168 -16.26 -43.16 10.88
C GLY J 168 -15.77 -42.14 9.86
N TRP J 169 -16.27 -40.92 9.99
CA TRP J 169 -15.85 -39.83 9.10
C TRP J 169 -15.68 -38.57 9.94
N ASP J 170 -14.46 -38.05 9.97
CA ASP J 170 -14.18 -36.81 10.66
C ASP J 170 -14.50 -35.66 9.71
N SER J 171 -15.56 -34.92 10.01
CA SER J 171 -16.03 -33.87 9.12
C SER J 171 -15.17 -32.61 9.27
N GLU J 172 -14.53 -32.45 10.43
CA GLU J 172 -13.56 -31.38 10.65
C GLU J 172 -12.50 -31.44 9.55
N SER J 173 -11.88 -32.61 9.40
CA SER J 173 -10.76 -32.78 8.44
C SER J 173 -11.21 -33.39 7.12
N GLY J 174 -12.42 -33.94 7.05
CA GLY J 174 -12.84 -34.63 5.82
C GLY J 174 -12.03 -35.89 5.66
N THR J 175 -11.97 -36.72 6.70
CA THR J 175 -11.11 -37.92 6.64
C THR J 175 -11.84 -39.15 7.11
N ILE J 176 -11.42 -40.31 6.62
CA ILE J 176 -11.98 -41.57 7.07
C ILE J 176 -11.34 -41.91 8.40
N ILE J 177 -12.17 -42.30 9.39
CA ILE J 177 -11.70 -42.86 10.63
C ILE J 177 -11.73 -44.38 10.48
N PHE J 178 -10.55 -45.02 10.58
CA PHE J 178 -10.48 -46.47 10.57
C PHE J 178 -10.60 -46.95 12.02
N LEU J 179 -11.77 -47.53 12.37
CA LEU J 179 -12.07 -47.82 13.76
C LEU J 179 -11.27 -49.03 14.25
N HIS J 180 -10.98 -49.97 13.35
CA HIS J 180 -10.22 -51.14 13.73
C HIS J 180 -9.00 -51.18 12.82
N ASN J 181 -7.96 -51.90 13.25
CA ASN J 181 -6.75 -51.97 12.47
C ASN J 181 -6.91 -52.92 11.30
N TRP J 182 -8.09 -53.51 11.11
CA TRP J 182 -8.37 -54.27 9.90
C TRP J 182 -9.35 -53.53 9.02
N SER J 183 -9.67 -52.28 9.38
CA SER J 183 -10.69 -51.52 8.68
C SER J 183 -10.21 -51.10 7.28
N LYS J 184 -8.91 -51.30 6.98
CA LYS J 184 -8.35 -51.01 5.67
C LYS J 184 -8.59 -52.17 4.71
N GLY J 185 -9.07 -53.29 5.23
CA GLY J 185 -9.35 -54.44 4.39
C GLY J 185 -8.06 -54.86 3.69
N ASN J 186 -8.19 -55.21 2.40
CA ASN J 186 -7.03 -55.59 1.56
C ASN J 186 -6.66 -54.42 0.65
N PHE J 187 -7.00 -53.20 1.06
CA PHE J 187 -6.80 -52.03 0.16
C PHE J 187 -5.55 -51.27 0.54
N SER J 188 -4.86 -50.75 -0.48
CA SER J 188 -3.67 -49.94 -0.25
C SER J 188 -4.06 -48.57 0.33
N ASN J 189 -3.11 -47.92 0.99
CA ASN J 189 -3.36 -46.57 1.48
C ASN J 189 -3.69 -45.66 0.31
N GLU J 190 -3.03 -45.88 -0.83
CA GLU J 190 -3.21 -45.03 -1.99
C GLU J 190 -4.65 -45.12 -2.51
N GLU J 191 -5.18 -46.33 -2.68
CA GLU J 191 -6.60 -46.45 -3.10
C GLU J 191 -7.52 -45.78 -2.07
N LEU J 192 -7.20 -45.88 -0.78
CA LEU J 192 -8.07 -45.35 0.25
C LEU J 192 -7.98 -43.83 0.33
N SER J 193 -6.81 -43.24 0.10
CA SER J 193 -6.71 -41.79 0.04
C SER J 193 -7.53 -41.26 -1.11
N ASP J 194 -7.46 -41.96 -2.23
CA ASP J 194 -8.17 -41.54 -3.41
C ASP J 194 -9.68 -41.55 -3.13
N LEU J 195 -10.18 -42.61 -2.47
CA LEU J 195 -11.58 -42.67 -2.09
C LEU J 195 -11.91 -41.58 -1.09
N GLU J 196 -11.04 -41.34 -0.11
CA GLU J 196 -11.31 -40.32 0.93
C GLU J 196 -11.63 -38.98 0.28
N LEU J 197 -10.80 -38.55 -0.65
CA LEU J 197 -10.99 -37.24 -1.32
C LEU J 197 -12.31 -37.24 -2.10
N LEU J 198 -12.63 -38.34 -2.77
CA LEU J 198 -13.93 -38.44 -3.48
C LEU J 198 -15.07 -38.20 -2.48
N PHE J 199 -15.01 -38.87 -1.33
CA PHE J 199 -16.10 -38.77 -0.33
C PHE J 199 -16.20 -37.35 0.17
N ARG J 200 -15.05 -36.72 0.38
CA ARG J 200 -15.03 -35.32 0.89
C ARG J 200 -15.72 -34.41 -0.13
N PHE J 201 -15.43 -34.61 -1.42
CA PHE J 201 -16.00 -33.75 -2.48
C PHE J 201 -17.50 -34.06 -2.60
N TYR J 202 -17.87 -35.33 -2.45
CA TYR J 202 -19.28 -35.75 -2.56
C TYR J 202 -20.12 -35.16 -1.44
N LEU J 203 -19.65 -35.29 -0.21
CA LEU J 203 -20.44 -34.81 0.94
C LEU J 203 -20.69 -33.30 0.79
N PHE J 204 -19.65 -32.55 0.49
CA PHE J 204 -19.79 -31.09 0.33
C PHE J 204 -20.62 -30.82 -0.91
N GLY J 205 -20.37 -31.58 -1.98
CA GLY J 205 -21.08 -31.30 -3.23
C GLY J 205 -22.56 -31.58 -3.17
N LEU J 206 -22.95 -32.71 -2.55
CA LEU J 206 -24.35 -33.05 -2.38
C LEU J 206 -25.04 -32.03 -1.48
N THR J 207 -24.39 -31.70 -0.36
CA THR J 207 -24.95 -30.73 0.57
C THR J 207 -25.20 -29.42 -0.16
N ARG J 208 -24.21 -28.96 -0.95
CA ARG J 208 -24.34 -27.68 -1.61
C ARG J 208 -25.40 -27.76 -2.70
N GLU J 209 -25.43 -28.87 -3.41
CA GLU J 209 -26.34 -28.98 -4.54
C GLU J 209 -27.77 -28.90 -4.02
N ILE J 210 -28.04 -29.56 -2.89
CA ILE J 210 -29.35 -29.50 -2.27
C ILE J 210 -29.62 -28.10 -1.74
N GLN J 211 -28.69 -27.54 -0.94
CA GLN J 211 -28.87 -26.20 -0.40
C GLN J 211 -29.22 -25.20 -1.51
N ASP J 212 -28.64 -25.37 -2.70
CA ASP J 212 -28.87 -24.47 -3.83
C ASP J 212 -30.31 -24.57 -4.33
N HIS J 213 -30.89 -25.77 -4.29
CA HIS J 213 -32.26 -25.97 -4.73
C HIS J 213 -33.21 -25.49 -3.65
N ALA J 214 -32.95 -25.89 -2.40
CA ALA J 214 -33.87 -25.57 -1.27
C ALA J 214 -33.89 -24.08 -0.99
N SER J 215 -32.79 -23.39 -1.25
CA SER J 215 -32.72 -21.96 -0.88
C SER J 215 -33.62 -21.13 -1.82
N GLN J 216 -34.37 -21.78 -2.69
CA GLN J 216 -35.34 -21.02 -3.54
C GLN J 216 -36.75 -21.22 -2.99
N ASP J 217 -36.87 -21.70 -1.74
CA ASP J 217 -38.22 -21.81 -1.10
C ASP J 217 -38.11 -21.27 0.34
N TYR J 218 -37.12 -21.75 1.10
CA TYR J 218 -36.91 -21.32 2.51
C TYR J 218 -38.09 -21.75 3.34
N SER J 219 -38.78 -22.81 2.92
CA SER J 219 -40.02 -23.20 3.64
C SER J 219 -40.00 -24.70 3.91
N LYS J 220 -39.30 -25.46 3.08
CA LYS J 220 -39.24 -26.94 3.27
C LYS J 220 -38.33 -27.23 4.47
N TYR J 221 -37.65 -26.21 4.99
CA TYR J 221 -36.77 -26.38 6.16
C TYR J 221 -37.63 -26.68 7.38
N PRO J 222 -37.09 -27.42 8.38
CA PRO J 222 -35.93 -28.28 8.16
C PRO J 222 -36.30 -29.56 7.42
N PHE J 223 -35.31 -30.22 6.83
CA PHE J 223 -35.55 -31.54 6.25
C PHE J 223 -34.24 -32.31 6.30
N GLU J 224 -34.35 -33.61 6.11
CA GLU J 224 -33.24 -34.50 6.39
C GLU J 224 -33.22 -35.60 5.33
N VAL J 225 -32.04 -35.81 4.76
CA VAL J 225 -31.89 -36.77 3.69
C VAL J 225 -30.95 -37.84 4.16
N GLN J 226 -31.29 -39.09 3.87
CA GLN J 226 -30.41 -40.18 4.25
C GLN J 226 -30.03 -40.98 3.02
N VAL J 227 -28.83 -41.57 3.11
CA VAL J 227 -28.31 -42.38 2.01
C VAL J 227 -27.77 -43.67 2.58
N LYS J 228 -28.13 -44.77 1.94
CA LYS J 228 -27.59 -46.09 2.31
C LYS J 228 -27.04 -46.69 1.01
N ALA J 229 -25.73 -46.88 0.95
CA ALA J 229 -25.10 -47.36 -0.26
C ALA J 229 -24.09 -48.43 0.08
N GLY J 230 -24.02 -49.49 -0.73
CA GLY J 230 -22.99 -50.49 -0.56
C GLY J 230 -23.31 -51.71 -1.39
N CYS J 231 -22.89 -52.88 -0.92
CA CYS J 231 -23.10 -54.12 -1.66
C CYS J 231 -23.26 -55.27 -0.68
N GLU J 232 -23.84 -56.36 -1.19
CA GLU J 232 -23.97 -57.58 -0.41
C GLU J 232 -23.72 -58.78 -1.33
N LEU J 233 -23.35 -59.89 -0.67
CA LEU J 233 -23.03 -61.12 -1.35
C LEU J 233 -24.27 -62.02 -1.39
N HIS J 234 -24.34 -62.83 -2.44
CA HIS J 234 -25.34 -63.87 -2.56
C HIS J 234 -24.61 -65.14 -2.97
N SER J 235 -24.55 -66.08 -2.02
CA SER J 235 -23.92 -67.37 -2.24
C SER J 235 -24.17 -67.89 -3.65
N GLY J 236 -23.10 -68.01 -4.46
CA GLY J 236 -23.17 -68.69 -5.75
C GLY J 236 -23.62 -67.78 -6.89
N LYS J 237 -24.00 -66.53 -6.57
CA LYS J 237 -24.41 -65.56 -7.56
C LYS J 237 -23.51 -64.32 -7.47
N SER J 238 -23.56 -63.47 -8.50
CA SER J 238 -22.78 -62.25 -8.49
C SER J 238 -23.28 -61.34 -7.37
N PRO J 239 -22.38 -60.57 -6.70
CA PRO J 239 -22.78 -59.63 -5.66
C PRO J 239 -23.68 -58.51 -6.16
N GLU J 240 -24.56 -58.04 -5.28
CA GLU J 240 -25.51 -56.99 -5.62
C GLU J 240 -25.01 -55.71 -4.96
N GLY J 241 -25.24 -54.57 -5.62
CA GLY J 241 -25.04 -53.27 -5.01
C GLY J 241 -26.34 -52.52 -4.87
N PHE J 242 -26.29 -51.48 -4.03
CA PHE J 242 -27.51 -50.69 -3.76
C PHE J 242 -27.14 -49.26 -3.42
N PHE J 243 -28.05 -48.34 -3.72
CA PHE J 243 -27.89 -46.95 -3.38
C PHE J 243 -29.29 -46.41 -3.14
N GLN J 244 -29.65 -46.31 -1.87
CA GLN J 244 -31.05 -45.94 -1.53
C GLN J 244 -31.07 -44.61 -0.80
N VAL J 245 -32.11 -43.83 -1.05
CA VAL J 245 -32.19 -42.49 -0.51
C VAL J 245 -33.56 -42.27 0.13
N ALA J 246 -33.53 -41.62 1.30
CA ALA J 246 -34.76 -41.28 2.00
C ALA J 246 -34.80 -39.77 2.15
N PHE J 247 -36.02 -39.25 2.30
CA PHE J 247 -36.27 -37.84 2.54
C PHE J 247 -37.34 -37.76 3.63
N ASN J 248 -37.02 -37.05 4.72
CA ASN J 248 -37.96 -36.86 5.86
C ASN J 248 -38.43 -38.22 6.39
N GLY J 249 -37.58 -39.24 6.36
CA GLY J 249 -37.93 -40.53 6.98
C GLY J 249 -38.54 -41.51 6.02
N LEU J 250 -38.80 -41.11 4.78
CA LEU J 250 -39.51 -42.00 3.83
C LEU J 250 -38.65 -42.26 2.58
N ASP J 251 -38.73 -43.47 2.03
CA ASP J 251 -38.00 -43.78 0.77
C ASP J 251 -38.30 -42.72 -0.28
N LEU J 252 -37.26 -42.15 -0.92
CA LEU J 252 -37.46 -41.16 -2.00
C LEU J 252 -37.12 -41.82 -3.35
N LEU J 253 -35.94 -42.45 -3.45
CA LEU J 253 -35.58 -43.08 -4.70
C LEU J 253 -34.44 -44.04 -4.45
N SER J 254 -34.17 -44.88 -5.43
CA SER J 254 -33.03 -45.76 -5.34
C SER J 254 -32.45 -46.04 -6.73
N PHE J 255 -31.24 -46.59 -6.73
CA PHE J 255 -30.53 -46.88 -8.01
C PHE J 255 -30.75 -48.31 -8.37
N GLN J 256 -31.56 -48.53 -9.39
CA GLN J 256 -31.81 -49.91 -9.86
C GLN J 256 -31.04 -50.11 -11.16
N ASN J 257 -30.10 -51.05 -11.15
CA ASN J 257 -29.26 -51.33 -12.34
C ASN J 257 -28.57 -50.05 -12.79
N THR J 258 -29.11 -49.38 -13.80
CA THR J 258 -28.45 -48.18 -14.34
C THR J 258 -29.42 -47.02 -14.31
N THR J 259 -30.53 -47.19 -13.61
CA THR J 259 -31.57 -46.14 -13.62
C THR J 259 -31.92 -45.70 -12.22
N TRP J 260 -32.08 -44.40 -12.03
CA TRP J 260 -32.56 -43.89 -10.73
C TRP J 260 -34.08 -44.00 -10.73
N VAL J 261 -34.62 -44.88 -9.90
CA VAL J 261 -36.04 -45.16 -9.87
C VAL J 261 -36.63 -44.46 -8.65
N PRO J 262 -37.70 -43.66 -8.83
CA PRO J 262 -38.37 -43.02 -7.70
C PRO J 262 -39.23 -43.97 -6.89
N SER J 263 -39.29 -43.72 -5.58
CA SER J 263 -40.15 -44.55 -4.72
C SER J 263 -41.61 -44.20 -4.99
N PRO J 264 -42.47 -45.19 -5.27
CA PRO J 264 -43.92 -44.96 -5.51
C PRO J 264 -44.47 -44.01 -4.45
N GLY J 265 -44.09 -44.23 -3.19
CA GLY J 265 -44.59 -43.42 -2.08
C GLY J 265 -44.06 -42.01 -2.09
N CYS J 266 -43.41 -41.60 -3.18
CA CYS J 266 -42.97 -40.19 -3.29
C CYS J 266 -43.55 -39.65 -4.60
N GLY J 267 -43.69 -38.34 -4.72
CA GLY J 267 -44.39 -37.81 -5.90
C GLY J 267 -43.51 -37.01 -6.81
N SER J 268 -43.78 -35.71 -6.92
CA SER J 268 -43.04 -34.97 -7.92
C SER J 268 -41.61 -34.68 -7.48
N LEU J 269 -41.36 -34.62 -6.17
CA LEU J 269 -40.00 -34.44 -5.68
C LEU J 269 -39.13 -35.59 -6.20
N ALA J 270 -39.51 -36.82 -5.91
CA ALA J 270 -38.68 -37.97 -6.34
C ALA J 270 -38.60 -38.00 -7.87
N GLN J 271 -39.71 -37.72 -8.53
CA GLN J 271 -39.75 -37.86 -9.98
C GLN J 271 -38.69 -36.98 -10.63
N SER J 272 -38.68 -35.72 -10.18
CA SER J 272 -37.84 -34.71 -10.80
C SER J 272 -36.39 -34.88 -10.38
N VAL J 273 -36.12 -35.44 -9.18
CA VAL J 273 -34.75 -35.70 -8.82
C VAL J 273 -34.23 -36.86 -9.66
N CYS J 274 -35.07 -37.87 -9.90
CA CYS J 274 -34.69 -38.98 -10.77
C CYS J 274 -34.43 -38.52 -12.20
N HIS J 275 -35.31 -37.67 -12.74
CA HIS J 275 -35.13 -37.12 -14.07
C HIS J 275 -33.74 -36.48 -14.20
N LEU J 276 -33.44 -35.63 -13.22
CA LEU J 276 -32.20 -34.88 -13.13
C LEU J 276 -31.01 -35.84 -13.10
N LEU J 277 -31.07 -36.86 -12.25
CA LEU J 277 -29.97 -37.80 -12.12
C LEU J 277 -29.76 -38.62 -13.39
N ASN J 278 -30.86 -39.02 -14.04
CA ASN J 278 -30.73 -39.92 -15.22
C ASN J 278 -30.41 -39.13 -16.49
N HIS J 279 -30.57 -37.82 -16.49
CA HIS J 279 -30.40 -37.05 -17.70
C HIS J 279 -29.25 -36.03 -17.62
N GLN J 280 -28.90 -35.52 -16.44
CA GLN J 280 -27.95 -34.42 -16.31
C GLN J 280 -26.86 -34.69 -15.28
N TYR J 281 -26.76 -35.92 -14.77
CA TYR J 281 -25.67 -36.25 -13.87
C TYR J 281 -25.21 -37.65 -14.22
N GLU J 282 -25.08 -37.95 -15.51
CA GLU J 282 -24.70 -39.34 -15.88
C GLU J 282 -23.32 -39.67 -15.28
N GLY J 283 -22.46 -38.67 -15.11
CA GLY J 283 -21.12 -38.90 -14.51
C GLY J 283 -21.27 -39.43 -13.11
N VAL J 284 -22.16 -38.84 -12.33
CA VAL J 284 -22.43 -39.30 -10.94
C VAL J 284 -22.95 -40.74 -11.00
N THR J 285 -23.89 -40.99 -11.92
CA THR J 285 -24.47 -42.33 -12.05
C THR J 285 -23.38 -43.34 -12.35
N GLU J 286 -22.43 -42.98 -13.21
CA GLU J 286 -21.36 -43.92 -13.59
C GLU J 286 -20.46 -44.20 -12.37
N THR J 287 -20.22 -43.18 -11.56
CA THR J 287 -19.37 -43.32 -10.37
C THR J 287 -20.07 -44.23 -9.36
N VAL J 288 -21.34 -43.98 -9.09
CA VAL J 288 -22.14 -44.84 -8.18
C VAL J 288 -22.09 -46.29 -8.68
N TYR J 289 -22.35 -46.50 -9.97
CA TYR J 289 -22.39 -47.87 -10.52
C TYR J 289 -21.07 -48.58 -10.26
N ASN J 290 -19.95 -47.95 -10.61
CA ASN J 290 -18.62 -48.61 -10.45
C ASN J 290 -18.36 -48.86 -8.96
N LEU J 291 -18.70 -47.90 -8.12
CA LEU J 291 -18.39 -48.02 -6.69
C LEU J 291 -19.19 -49.17 -6.07
N ILE J 292 -20.48 -49.27 -6.37
CA ILE J 292 -21.30 -50.27 -5.73
C ILE J 292 -21.13 -51.63 -6.39
N ARG J 293 -20.77 -51.69 -7.67
CA ARG J 293 -20.71 -52.95 -8.40
C ARG J 293 -19.30 -53.50 -8.54
N SER J 294 -18.28 -52.66 -8.43
CA SER J 294 -16.89 -53.13 -8.65
C SER J 294 -16.03 -52.94 -7.40
N THR J 295 -16.03 -51.74 -6.82
CA THR J 295 -15.14 -51.46 -5.70
C THR J 295 -15.69 -52.08 -4.44
N CYS J 296 -16.95 -51.78 -4.10
CA CYS J 296 -17.58 -52.34 -2.88
C CYS J 296 -17.32 -53.85 -2.79
N PRO J 297 -17.71 -54.68 -3.78
CA PRO J 297 -17.51 -56.15 -3.70
C PRO J 297 -16.08 -56.46 -3.27
N ARG J 298 -15.09 -55.81 -3.88
CA ARG J 298 -13.68 -56.09 -3.58
C ARG J 298 -13.37 -55.70 -2.14
N PHE J 299 -13.83 -54.54 -1.70
CA PHE J 299 -13.49 -54.07 -0.34
C PHE J 299 -14.14 -54.98 0.68
N LEU J 300 -15.41 -55.35 0.46
CA LEU J 300 -16.15 -56.19 1.43
C LEU J 300 -15.36 -57.49 1.64
N LEU J 301 -14.97 -58.12 0.54
CA LEU J 301 -14.28 -59.43 0.65
C LEU J 301 -12.95 -59.27 1.39
N GLY J 302 -12.22 -58.19 1.14
CA GLY J 302 -10.96 -57.97 1.85
C GLY J 302 -11.21 -57.55 3.28
N LEU J 303 -12.30 -56.83 3.52
CA LEU J 303 -12.62 -56.39 4.86
C LEU J 303 -13.01 -57.61 5.70
N LEU J 304 -13.81 -58.53 5.11
CA LEU J 304 -14.19 -59.75 5.79
C LEU J 304 -12.94 -60.56 6.10
N ASP J 305 -12.04 -60.63 5.11
CA ASP J 305 -10.85 -61.45 5.30
C ASP J 305 -9.98 -60.84 6.41
N ALA J 306 -9.80 -59.53 6.38
CA ALA J 306 -8.90 -58.88 7.32
C ALA J 306 -9.45 -58.94 8.75
N GLY J 307 -10.79 -58.96 8.90
CA GLY J 307 -11.42 -58.81 10.20
C GLY J 307 -12.03 -60.10 10.74
N LYS J 308 -11.73 -61.22 10.09
CA LYS J 308 -12.20 -62.54 10.52
C LYS J 308 -12.11 -62.73 12.04
N MET J 309 -10.91 -62.52 12.58
CA MET J 309 -10.60 -62.80 13.97
C MET J 309 -11.54 -62.01 14.87
N TYR J 310 -11.88 -60.79 14.48
CA TYR J 310 -12.69 -59.94 15.35
C TYR J 310 -14.17 -60.26 15.16
N VAL J 311 -14.61 -60.50 13.92
CA VAL J 311 -16.04 -60.65 13.68
C VAL J 311 -16.55 -62.00 14.16
N HIS J 312 -15.67 -63.03 14.15
CA HIS J 312 -16.01 -64.38 14.58
C HIS J 312 -15.45 -64.69 15.97
N ARG J 313 -14.93 -63.67 16.66
CA ARG J 313 -14.48 -63.88 18.03
C ARG J 313 -15.71 -64.29 18.85
N GLN J 314 -15.45 -65.04 19.93
CA GLN J 314 -16.49 -65.44 20.86
C GLN J 314 -16.20 -64.76 22.21
N VAL J 315 -17.21 -64.07 22.77
CA VAL J 315 -17.05 -63.46 24.08
C VAL J 315 -18.20 -63.93 24.98
N ARG J 316 -17.81 -64.40 26.19
CA ARG J 316 -18.72 -65.03 27.11
C ARG J 316 -19.50 -63.99 27.93
N PRO J 317 -20.83 -64.18 28.05
CA PRO J 317 -21.64 -63.32 28.89
C PRO J 317 -21.36 -63.52 30.37
N GLU J 318 -21.40 -62.45 31.15
CA GLU J 318 -21.68 -62.60 32.58
C GLU J 318 -23.19 -62.68 32.72
N ALA J 319 -23.66 -63.60 33.57
CA ALA J 319 -25.09 -63.85 33.75
C ALA J 319 -25.44 -63.85 35.24
N TRP J 320 -26.62 -63.32 35.60
CA TRP J 320 -27.06 -63.24 36.98
C TRP J 320 -28.57 -63.05 37.05
N LEU J 321 -29.14 -63.44 38.21
CA LEU J 321 -30.55 -63.29 38.54
C LEU J 321 -30.71 -62.15 39.55
N SER J 322 -31.88 -61.49 39.54
CA SER J 322 -32.18 -60.46 40.53
C SER J 322 -33.70 -60.36 40.71
N SER J 323 -34.12 -59.71 41.81
CA SER J 323 -35.50 -59.71 42.28
C SER J 323 -35.98 -58.29 42.51
N ARG J 324 -37.30 -58.08 42.37
CA ARG J 324 -37.98 -56.94 42.94
C ARG J 324 -39.49 -57.19 42.86
N PRO J 325 -40.34 -56.52 43.68
CA PRO J 325 -41.78 -56.71 43.61
C PRO J 325 -42.38 -56.18 42.30
N SER J 326 -43.60 -56.63 41.95
CA SER J 326 -44.14 -56.42 40.61
C SER J 326 -44.45 -54.94 40.37
N LEU J 332 -44.08 -60.52 42.36
CA LEU J 332 -42.66 -60.95 42.31
C LEU J 332 -42.17 -61.00 40.86
N LEU J 333 -41.11 -60.24 40.59
CA LEU J 333 -40.43 -60.21 39.30
C LEU J 333 -39.08 -60.88 39.41
N LEU J 334 -38.91 -62.00 38.68
CA LEU J 334 -37.63 -62.65 38.52
C LEU J 334 -37.01 -62.19 37.21
N VAL J 335 -35.77 -61.72 37.28
CA VAL J 335 -35.10 -61.13 36.12
C VAL J 335 -33.81 -61.88 35.88
N CYS J 336 -33.74 -62.57 34.73
CA CYS J 336 -32.51 -63.22 34.30
C CYS J 336 -31.80 -62.30 33.32
N HIS J 337 -30.55 -61.96 33.63
CA HIS J 337 -29.75 -61.03 32.84
C HIS J 337 -28.58 -61.75 32.17
N ALA J 338 -28.15 -61.26 31.00
CA ALA J 338 -26.85 -61.60 30.42
C ALA J 338 -26.26 -60.33 29.80
N SER J 339 -24.99 -60.04 30.09
CA SER J 339 -24.32 -58.93 29.43
C SER J 339 -22.90 -59.30 29.03
N GLY J 340 -22.42 -58.67 27.95
CA GLY J 340 -21.03 -58.73 27.54
C GLY J 340 -20.72 -59.91 26.61
N PHE J 341 -21.76 -60.42 25.92
CA PHE J 341 -21.60 -61.54 25.01
C PHE J 341 -21.50 -61.07 23.55
N TYR J 342 -20.86 -61.91 22.72
CA TYR J 342 -20.67 -61.69 21.31
C TYR J 342 -20.32 -63.03 20.66
N PRO J 343 -20.97 -63.50 19.57
CA PRO J 343 -21.86 -62.68 18.75
C PRO J 343 -23.25 -62.48 19.34
N LYS J 344 -24.12 -61.87 18.51
CA LYS J 344 -25.41 -61.40 18.95
C LYS J 344 -26.41 -62.55 19.17
N PRO J 345 -26.46 -63.63 18.34
CA PRO J 345 -27.37 -64.74 18.62
C PRO J 345 -27.21 -65.26 20.03
N VAL J 346 -28.33 -65.31 20.75
CA VAL J 346 -28.35 -65.73 22.15
C VAL J 346 -29.74 -66.28 22.46
N TRP J 347 -29.83 -67.18 23.44
CA TRP J 347 -31.09 -67.80 23.83
C TRP J 347 -31.15 -67.79 25.35
N VAL J 348 -32.02 -66.93 25.89
CA VAL J 348 -32.19 -66.79 27.32
C VAL J 348 -33.66 -67.07 27.63
N THR J 349 -33.92 -68.16 28.37
CA THR J 349 -35.32 -68.55 28.65
C THR J 349 -35.50 -68.96 30.10
N TRP J 350 -36.73 -68.85 30.61
CA TRP J 350 -37.03 -69.32 31.99
C TRP J 350 -37.66 -70.73 31.88
N MET J 351 -36.94 -71.78 32.26
CA MET J 351 -37.45 -73.16 32.06
C MET J 351 -37.69 -73.85 33.39
N ARG J 352 -38.93 -74.29 33.66
CA ARG J 352 -39.19 -75.06 34.91
C ARG J 352 -38.47 -76.40 34.81
N ASN J 353 -37.36 -76.55 35.55
CA ASN J 353 -36.57 -77.80 35.49
C ASN J 353 -36.16 -78.07 34.03
N GLU J 354 -37.09 -78.56 33.21
CA GLU J 354 -36.81 -78.80 31.78
C GLU J 354 -37.81 -77.99 30.96
N GLN J 355 -39.08 -78.41 30.96
CA GLN J 355 -40.13 -77.70 30.19
C GLN J 355 -40.01 -76.19 30.47
N GLU J 356 -39.92 -75.38 29.41
CA GLU J 356 -39.72 -73.93 29.59
C GLU J 356 -41.02 -73.31 30.10
N GLN J 357 -40.92 -72.17 30.77
CA GLN J 357 -42.13 -71.50 31.30
C GLN J 357 -42.48 -70.30 30.40
N LEU J 358 -43.46 -70.47 29.51
CA LEU J 358 -43.92 -69.38 28.68
C LEU J 358 -44.54 -68.29 29.55
N GLY J 359 -44.82 -67.14 28.93
CA GLY J 359 -45.42 -66.01 29.63
C GLY J 359 -44.37 -65.07 30.22
N THR J 360 -43.12 -65.19 29.76
CA THR J 360 -42.08 -64.26 30.19
C THR J 360 -42.08 -63.06 29.25
N LYS J 361 -41.58 -61.92 29.74
CA LYS J 361 -41.29 -60.75 28.92
C LYS J 361 -39.85 -60.87 28.43
N HIS J 362 -39.65 -61.05 27.11
CA HIS J 362 -38.31 -61.08 26.52
C HIS J 362 -37.86 -59.64 26.22
N GLY J 363 -36.68 -59.26 26.71
CA GLY J 363 -36.17 -57.91 26.47
C GLY J 363 -35.65 -57.77 25.05
N ASP J 364 -35.22 -56.56 24.70
CA ASP J 364 -34.49 -56.33 23.46
C ASP J 364 -33.02 -56.64 23.68
N ILE J 365 -32.35 -57.15 22.63
CA ILE J 365 -30.91 -57.30 22.69
C ILE J 365 -30.30 -55.92 22.44
N LEU J 366 -29.63 -55.38 23.45
CA LEU J 366 -29.20 -53.99 23.48
C LEU J 366 -27.67 -53.91 23.47
N PRO J 367 -27.09 -52.87 22.83
CA PRO J 367 -25.64 -52.81 22.65
C PRO J 367 -24.89 -52.26 23.86
N ASN J 368 -23.71 -52.84 24.10
CA ASN J 368 -22.68 -52.21 24.92
C ASN J 368 -21.70 -51.46 24.03
N ALA J 369 -21.02 -50.49 24.64
CA ALA J 369 -20.05 -49.65 23.98
C ALA J 369 -18.97 -50.47 23.28
N ASP J 370 -18.66 -51.66 23.79
CA ASP J 370 -17.55 -52.46 23.27
C ASP J 370 -18.03 -53.40 22.16
N GLY J 371 -19.29 -53.31 21.74
CA GLY J 371 -19.80 -54.16 20.67
C GLY J 371 -20.41 -55.47 21.17
N THR J 372 -20.33 -55.73 22.48
CA THR J 372 -21.05 -56.86 23.09
C THR J 372 -22.50 -56.42 23.32
N TRP J 373 -23.32 -57.34 23.85
CA TRP J 373 -24.76 -57.09 23.98
C TRP J 373 -25.25 -57.41 25.39
N TYR J 374 -26.44 -56.86 25.70
CA TYR J 374 -27.17 -57.07 26.95
C TYR J 374 -28.56 -57.60 26.62
N LEU J 375 -29.09 -58.50 27.47
CA LEU J 375 -30.45 -58.97 27.34
C LEU J 375 -30.98 -59.35 28.72
N GLN J 376 -32.23 -58.98 28.99
CA GLN J 376 -32.89 -59.42 30.21
C GLN J 376 -34.22 -60.08 29.84
N VAL J 377 -34.61 -61.08 30.64
CA VAL J 377 -35.88 -61.76 30.47
C VAL J 377 -36.57 -61.83 31.83
N ILE J 378 -37.87 -61.53 31.85
CA ILE J 378 -38.59 -61.35 33.10
C ILE J 378 -39.69 -62.41 33.20
N LEU J 379 -39.70 -63.13 34.33
CA LEU J 379 -40.81 -64.00 34.71
C LEU J 379 -41.51 -63.40 35.94
N GLU J 380 -42.80 -63.09 35.78
CA GLU J 380 -43.66 -62.72 36.89
C GLU J 380 -44.19 -64.00 37.53
N VAL J 381 -44.11 -64.07 38.86
CA VAL J 381 -44.64 -65.21 39.61
C VAL J 381 -45.34 -64.67 40.86
N GLY J 388 -39.69 -74.97 40.51
CA GLY J 388 -38.37 -75.52 40.14
C GLY J 388 -37.88 -74.95 38.82
N LEU J 389 -38.43 -73.81 38.41
CA LEU J 389 -38.02 -73.17 37.13
C LEU J 389 -36.59 -72.63 37.26
N SER J 390 -35.89 -72.52 36.13
CA SER J 390 -34.48 -72.03 36.13
C SER J 390 -34.28 -71.14 34.90
N CYS J 391 -33.18 -70.37 34.84
CA CYS J 391 -32.98 -69.60 33.63
C CYS J 391 -31.82 -70.18 32.85
N ARG J 392 -32.09 -70.53 31.58
CA ARG J 392 -31.03 -71.11 30.72
C ARG J 392 -30.47 -70.06 29.75
N VAL J 393 -29.18 -69.77 29.85
CA VAL J 393 -28.48 -68.89 28.93
C VAL J 393 -27.66 -69.76 27.99
N ARG J 394 -28.00 -69.70 26.70
CA ARG J 394 -27.32 -70.42 25.64
C ARG J 394 -26.63 -69.41 24.72
N HIS J 395 -25.36 -69.70 24.42
CA HIS J 395 -24.57 -68.85 23.56
C HIS J 395 -23.44 -69.67 22.96
N SER J 396 -23.06 -69.31 21.74
CA SER J 396 -22.04 -70.04 20.99
C SER J 396 -20.71 -70.04 21.74
N SER J 397 -20.48 -69.03 22.59
CA SER J 397 -19.22 -68.88 23.31
C SER J 397 -19.08 -69.88 24.44
N LEU J 398 -20.16 -70.61 24.75
CA LEU J 398 -20.18 -71.52 25.88
C LEU J 398 -19.88 -72.96 25.44
N GLY J 399 -19.71 -73.15 24.12
CA GLY J 399 -19.25 -74.43 23.59
C GLY J 399 -20.21 -75.54 23.96
N GLY J 400 -21.51 -75.30 23.78
CA GLY J 400 -22.52 -76.31 24.02
C GLY J 400 -22.68 -76.65 25.50
N GLN J 401 -22.26 -75.76 26.40
CA GLN J 401 -22.50 -75.91 27.82
C GLN J 401 -23.24 -74.66 28.30
N ASP J 402 -24.56 -74.78 28.45
CA ASP J 402 -25.40 -73.66 28.83
C ASP J 402 -25.06 -73.23 30.26
N ILE J 403 -25.28 -71.95 30.57
CA ILE J 403 -25.31 -71.48 31.95
C ILE J 403 -26.75 -71.63 32.45
N ILE J 404 -26.92 -72.40 33.54
CA ILE J 404 -28.18 -72.55 34.25
C ILE J 404 -28.05 -71.89 35.63
N LEU J 405 -28.88 -70.87 35.89
CA LEU J 405 -28.98 -70.26 37.21
C LEU J 405 -30.33 -70.65 37.81
N TYR J 406 -30.36 -71.01 39.10
CA TYR J 406 -31.49 -71.73 39.67
C TYR J 406 -32.48 -70.80 40.37
N TRP J 407 -31.99 -69.97 41.30
CA TRP J 407 -32.89 -69.23 42.18
C TRP J 407 -33.51 -70.11 43.26
N GLY J 408 -32.86 -70.26 44.42
CA GLY J 408 -33.40 -71.04 45.52
C GLY J 408 -33.67 -72.49 45.12
N ASN K 3 5.52 -39.38 -8.45
CA ASN K 3 4.42 -38.98 -9.37
C ASN K 3 3.74 -40.27 -9.85
N SER K 4 2.42 -40.24 -9.94
CA SER K 4 1.66 -41.37 -10.46
C SER K 4 1.48 -41.28 -11.99
N VAL K 5 2.04 -40.24 -12.62
CA VAL K 5 2.10 -40.15 -14.07
C VAL K 5 3.57 -40.12 -14.46
N THR K 6 3.99 -41.10 -15.25
CA THR K 6 5.31 -41.12 -15.83
C THR K 6 5.20 -41.02 -17.35
N GLN K 7 5.82 -40.00 -17.95
CA GLN K 7 5.92 -39.93 -19.40
C GLN K 7 7.38 -39.85 -19.88
N MET K 8 7.55 -40.15 -21.16
CA MET K 8 8.85 -40.17 -21.82
C MET K 8 9.62 -38.89 -21.54
N GLU K 9 10.89 -39.05 -21.21
CA GLU K 9 11.79 -37.93 -21.10
C GLU K 9 12.07 -37.43 -22.50
N GLY K 10 12.01 -36.12 -22.69
CA GLY K 10 12.32 -35.55 -23.99
C GLY K 10 13.66 -34.84 -23.93
N PRO K 11 14.00 -33.98 -24.91
CA PRO K 11 13.13 -33.67 -26.04
C PRO K 11 13.10 -34.76 -27.11
N VAL K 12 11.98 -34.84 -27.83
CA VAL K 12 11.87 -35.74 -28.97
C VAL K 12 12.00 -34.90 -30.22
N THR K 13 12.98 -35.27 -31.06
CA THR K 13 13.29 -34.56 -32.29
C THR K 13 12.99 -35.48 -33.46
N LEU K 14 12.15 -35.01 -34.38
CA LEU K 14 11.86 -35.79 -35.57
C LEU K 14 11.45 -34.82 -36.68
N SER K 15 11.54 -35.26 -37.94
CA SER K 15 11.20 -34.36 -39.03
C SER K 15 9.71 -34.44 -39.36
N GLU K 16 9.22 -33.35 -39.95
CA GLU K 16 7.91 -33.29 -40.54
C GLU K 16 7.65 -34.59 -41.30
N GLU K 17 6.45 -35.13 -41.12
CA GLU K 17 5.94 -36.32 -41.81
C GLU K 17 6.34 -37.62 -41.08
N ALA K 18 7.17 -37.55 -40.04
CA ALA K 18 7.51 -38.72 -39.24
C ALA K 18 6.39 -39.06 -38.24
N PHE K 19 6.31 -40.33 -37.86
CA PHE K 19 5.40 -40.82 -36.84
C PHE K 19 5.92 -40.47 -35.44
N LEU K 20 5.06 -39.87 -34.62
CA LEU K 20 5.39 -39.51 -33.25
C LEU K 20 4.73 -40.46 -32.26
N THR K 21 5.50 -40.93 -31.26
CA THR K 21 4.97 -41.68 -30.13
C THR K 21 5.50 -41.07 -28.83
N ILE K 22 4.63 -40.58 -27.95
CA ILE K 22 5.04 -40.22 -26.60
C ILE K 22 4.41 -41.21 -25.61
N ASN K 23 5.26 -41.98 -24.93
CA ASN K 23 4.82 -42.97 -23.97
C ASN K 23 4.39 -42.31 -22.68
N CYS K 24 3.30 -42.83 -22.11
CA CYS K 24 2.80 -42.39 -20.81
C CYS K 24 2.21 -43.57 -20.05
N THR K 25 2.70 -43.79 -18.82
CA THR K 25 2.12 -44.79 -17.93
C THR K 25 1.75 -44.12 -16.62
N TYR K 26 0.85 -44.76 -15.87
CA TYR K 26 0.28 -44.13 -14.70
C TYR K 26 -0.10 -45.21 -13.69
N THR K 27 -0.26 -44.80 -12.43
CA THR K 27 -0.84 -45.66 -11.41
C THR K 27 -2.13 -44.99 -10.94
N ALA K 28 -3.27 -45.68 -11.10
CA ALA K 28 -4.55 -45.08 -10.77
C ALA K 28 -5.53 -46.09 -10.18
N TYR K 29 -6.66 -45.58 -9.68
CA TYR K 29 -7.63 -46.44 -9.04
C TYR K 29 -9.03 -46.12 -9.53
N GLY K 30 -9.90 -47.13 -9.50
CA GLY K 30 -11.30 -46.98 -9.81
C GLY K 30 -11.48 -46.46 -11.24
N LEU K 31 -12.47 -45.57 -11.42
CA LEU K 31 -12.87 -45.04 -12.74
C LEU K 31 -12.20 -43.70 -13.05
N TYR K 32 -10.88 -43.73 -13.20
CA TYR K 32 -10.10 -42.51 -13.49
C TYR K 32 -10.27 -42.08 -14.93
N SER K 33 -9.88 -40.83 -15.20
CA SER K 33 -9.97 -40.28 -16.58
C SER K 33 -8.57 -39.85 -17.01
N LEU K 34 -8.26 -39.94 -18.30
CA LEU K 34 -6.90 -39.65 -18.78
C LEU K 34 -6.91 -38.49 -19.79
N PHE K 35 -5.84 -37.70 -19.84
CA PHE K 35 -5.84 -36.49 -20.69
C PHE K 35 -4.47 -36.21 -21.26
N TRP K 36 -4.45 -35.47 -22.36
CA TRP K 36 -3.17 -34.98 -22.92
C TRP K 36 -3.31 -33.48 -23.13
N TYR K 37 -2.49 -32.70 -22.45
CA TYR K 37 -2.42 -31.27 -22.67
C TYR K 37 -1.24 -30.91 -23.57
N VAL K 38 -1.35 -29.77 -24.24
CA VAL K 38 -0.29 -29.24 -25.08
C VAL K 38 -0.04 -27.77 -24.73
N GLN K 39 1.24 -27.41 -24.73
CA GLN K 39 1.65 -26.03 -24.52
C GLN K 39 2.54 -25.62 -25.69
N TYR K 40 1.99 -24.84 -26.61
CA TYR K 40 2.73 -24.24 -27.70
C TYR K 40 3.65 -23.17 -27.13
N PRO K 41 4.79 -22.89 -27.81
CA PRO K 41 5.73 -21.87 -27.37
C PRO K 41 5.10 -20.51 -27.11
N GLY K 42 5.39 -19.95 -25.92
CA GLY K 42 4.87 -18.65 -25.53
C GLY K 42 3.39 -18.66 -25.18
N GLU K 43 2.77 -19.82 -25.02
CA GLU K 43 1.33 -19.92 -24.78
C GLU K 43 1.02 -20.67 -23.49
N GLY K 44 -0.24 -20.57 -23.04
CA GLY K 44 -0.71 -21.33 -21.90
C GLY K 44 -1.01 -22.78 -22.24
N LEU K 45 -1.28 -23.58 -21.22
CA LEU K 45 -1.70 -24.96 -21.36
C LEU K 45 -3.13 -25.03 -21.87
N GLN K 46 -3.36 -26.05 -22.69
CA GLN K 46 -4.69 -26.29 -23.22
C GLN K 46 -4.83 -27.78 -23.49
N LEU K 47 -6.06 -28.27 -23.40
CA LEU K 47 -6.32 -29.71 -23.61
C LEU K 47 -6.11 -30.08 -25.07
N LEU K 48 -5.45 -31.20 -25.33
CA LEU K 48 -5.29 -31.70 -26.71
C LEU K 48 -6.38 -32.74 -26.92
N LEU K 49 -6.42 -33.74 -26.05
CA LEU K 49 -7.41 -34.82 -26.15
C LEU K 49 -7.60 -35.46 -24.78
N LYS K 50 -8.65 -36.27 -24.63
CA LYS K 50 -8.95 -36.90 -23.32
C LYS K 50 -9.72 -38.21 -23.51
N ALA K 51 -9.68 -39.08 -22.52
CA ALA K 51 -10.46 -40.35 -22.55
C ALA K 51 -11.03 -40.55 -21.14
N THR K 52 -12.34 -40.70 -21.03
CA THR K 52 -12.98 -40.74 -19.71
C THR K 52 -13.28 -42.17 -19.30
N LYS K 53 -13.39 -43.07 -20.26
CA LYS K 53 -13.73 -44.47 -19.95
C LYS K 53 -12.69 -45.39 -20.60
N ALA K 54 -12.57 -46.61 -20.08
CA ALA K 54 -11.55 -47.54 -20.59
C ALA K 54 -11.79 -47.88 -22.05
N ASP K 55 -10.72 -48.01 -22.83
CA ASP K 55 -10.82 -48.39 -24.24
C ASP K 55 -11.31 -47.23 -25.11
N ASP K 56 -11.57 -46.10 -24.47
CA ASP K 56 -11.94 -44.89 -25.22
C ASP K 56 -10.68 -44.31 -25.86
N LYS K 57 -10.79 -43.96 -27.13
CA LYS K 57 -9.71 -43.33 -27.85
C LYS K 57 -10.02 -41.86 -27.94
N GLY K 58 -9.07 -41.04 -27.54
CA GLY K 58 -9.22 -39.58 -27.67
C GLY K 58 -8.50 -39.15 -28.93
N SER K 59 -9.13 -38.29 -29.72
CA SER K 59 -8.53 -37.92 -31.02
C SER K 59 -8.62 -36.42 -31.22
N ASN K 60 -7.56 -35.82 -31.74
CA ASN K 60 -7.63 -34.38 -32.07
C ASN K 60 -6.52 -33.99 -33.04
N LYS K 61 -6.89 -33.59 -34.25
CA LYS K 61 -5.95 -33.00 -35.19
C LYS K 61 -4.86 -34.00 -35.52
N GLY K 62 -5.25 -35.27 -35.63
CA GLY K 62 -4.31 -36.31 -36.01
C GLY K 62 -3.68 -37.01 -34.81
N PHE K 63 -3.75 -36.37 -33.65
CA PHE K 63 -3.20 -36.98 -32.41
C PHE K 63 -4.22 -37.96 -31.86
N GLU K 64 -3.74 -39.06 -31.30
CA GLU K 64 -4.64 -40.07 -30.71
C GLU K 64 -3.99 -40.75 -29.50
N ALA K 65 -4.83 -41.12 -28.52
CA ALA K 65 -4.36 -41.84 -27.32
C ALA K 65 -5.50 -42.72 -26.84
N THR K 66 -5.20 -43.98 -26.53
CA THR K 66 -6.21 -44.94 -26.10
C THR K 66 -5.97 -45.30 -24.63
N TYR K 67 -7.07 -45.22 -23.88
CA TYR K 67 -7.08 -45.58 -22.45
C TYR K 67 -7.00 -47.06 -22.39
N ARG K 68 -5.85 -47.56 -21.98
CA ARG K 68 -5.58 -48.98 -21.95
C ARG K 68 -5.32 -49.39 -20.50
N LYS K 69 -6.37 -49.88 -19.82
CA LYS K 69 -6.30 -50.28 -18.42
C LYS K 69 -5.19 -51.32 -18.24
N GLU K 70 -5.35 -52.45 -18.93
CA GLU K 70 -4.55 -53.64 -18.72
C GLU K 70 -3.05 -53.37 -18.90
N THR K 71 -2.63 -52.33 -19.64
CA THR K 71 -1.21 -52.03 -19.78
C THR K 71 -0.85 -50.70 -19.11
N THR K 72 -1.82 -50.05 -18.45
CA THR K 72 -1.51 -48.88 -17.64
C THR K 72 -0.92 -47.76 -18.51
N SER K 73 -1.45 -47.58 -19.73
CA SER K 73 -0.87 -46.74 -20.79
C SER K 73 -1.86 -45.68 -21.27
N PHE K 74 -1.29 -44.55 -21.73
CA PHE K 74 -2.07 -43.50 -22.45
C PHE K 74 -1.07 -42.94 -23.47
N HIS K 75 -0.49 -43.80 -24.33
CA HIS K 75 0.53 -43.38 -25.28
C HIS K 75 -0.06 -42.43 -26.33
N LEU K 76 0.66 -41.33 -26.60
CA LEU K 76 0.23 -40.35 -27.62
C LEU K 76 0.89 -40.69 -28.95
N GLU K 77 0.07 -40.88 -29.98
CA GLU K 77 0.58 -41.14 -31.32
C GLU K 77 0.03 -40.09 -32.29
N LYS K 78 0.85 -39.71 -33.27
CA LYS K 78 0.39 -38.95 -34.43
C LYS K 78 1.15 -39.44 -35.66
N GLY K 79 0.39 -39.80 -36.69
CA GLY K 79 0.89 -40.44 -37.89
C GLY K 79 1.94 -39.59 -38.61
N SER K 80 1.72 -38.28 -38.66
CA SER K 80 2.53 -37.49 -39.56
C SER K 80 2.62 -36.07 -39.01
N VAL K 81 3.72 -35.76 -38.33
CA VAL K 81 3.80 -34.54 -37.56
C VAL K 81 4.11 -33.38 -38.50
N GLN K 82 3.68 -32.19 -38.08
CA GLN K 82 3.90 -30.94 -38.79
C GLN K 82 4.82 -30.10 -37.92
N VAL K 83 5.52 -29.14 -38.52
CA VAL K 83 6.46 -28.31 -37.77
C VAL K 83 5.73 -27.57 -36.66
N SER K 84 4.49 -27.19 -36.93
CA SER K 84 3.72 -26.43 -35.94
C SER K 84 3.25 -27.31 -34.76
N ASP K 85 3.63 -28.60 -34.74
CA ASP K 85 3.33 -29.50 -33.64
C ASP K 85 4.43 -29.42 -32.58
N SER K 86 5.48 -28.62 -32.86
CA SER K 86 6.57 -28.40 -31.93
C SER K 86 6.00 -27.75 -30.67
N ALA K 87 6.17 -28.42 -29.53
CA ALA K 87 5.54 -27.96 -28.30
C ALA K 87 5.98 -28.88 -27.16
N VAL K 88 5.43 -28.62 -25.97
CA VAL K 88 5.53 -29.54 -24.86
C VAL K 88 4.19 -30.20 -24.64
N TYR K 89 4.22 -31.52 -24.51
CA TYR K 89 3.01 -32.33 -24.36
C TYR K 89 3.03 -32.95 -22.96
N PHE K 90 1.89 -32.83 -22.26
CA PHE K 90 1.76 -33.34 -20.90
C PHE K 90 0.68 -34.42 -20.82
N CYS K 91 1.07 -35.61 -20.41
CA CYS K 91 0.11 -36.62 -19.98
C CYS K 91 -0.48 -36.23 -18.61
N ALA K 92 -1.74 -36.57 -18.37
CA ALA K 92 -2.38 -36.25 -17.10
C ALA K 92 -3.52 -37.20 -16.76
N LEU K 93 -3.74 -37.32 -15.44
CA LEU K 93 -4.68 -38.26 -14.82
C LEU K 93 -5.59 -37.52 -13.83
N SER K 94 -6.90 -37.70 -13.96
CA SER K 94 -7.83 -37.29 -12.93
C SER K 94 -8.24 -38.53 -12.14
N GLY K 95 -7.82 -38.60 -10.87
CA GLY K 95 -8.28 -39.63 -9.95
C GLY K 95 -9.58 -39.22 -9.27
N GLN K 96 -9.80 -39.65 -8.03
CA GLN K 96 -11.14 -39.53 -7.45
C GLN K 96 -12.20 -39.92 -8.48
N TYR K 97 -11.99 -41.03 -9.18
CA TYR K 97 -12.98 -41.55 -10.16
C TYR K 97 -13.31 -40.51 -11.22
N GLY K 98 -12.33 -39.68 -11.59
CA GLY K 98 -12.49 -38.74 -12.70
C GLY K 98 -13.03 -37.41 -12.24
N TRP K 99 -13.03 -37.19 -10.93
CA TRP K 99 -13.58 -35.93 -10.35
C TRP K 99 -12.44 -35.16 -9.70
N GLY K 100 -11.24 -35.72 -9.69
CA GLY K 100 -10.13 -35.07 -8.98
C GLY K 100 -9.25 -34.21 -9.89
N LYS K 101 -8.45 -33.33 -9.26
CA LYS K 101 -7.43 -32.49 -9.88
C LYS K 101 -6.59 -33.27 -10.90
N LEU K 102 -6.23 -32.60 -11.99
CA LEU K 102 -5.30 -33.17 -12.94
C LEU K 102 -3.97 -33.33 -12.25
N GLN K 103 -3.40 -34.53 -12.40
CA GLN K 103 -2.03 -34.80 -12.05
C GLN K 103 -1.24 -35.00 -13.33
N PHE K 104 -0.19 -34.20 -13.51
CA PHE K 104 0.53 -34.14 -14.77
C PHE K 104 1.84 -34.90 -14.69
N GLY K 105 2.22 -35.51 -15.80
CA GLY K 105 3.60 -35.94 -16.01
C GLY K 105 4.53 -34.73 -16.12
N ALA K 106 5.82 -34.99 -16.33
CA ALA K 106 6.84 -33.94 -16.29
C ALA K 106 6.86 -33.18 -17.61
N GLY K 107 6.19 -33.70 -18.62
CA GLY K 107 6.12 -33.04 -19.92
C GLY K 107 7.16 -33.64 -20.87
N THR K 108 6.82 -33.67 -22.17
CA THR K 108 7.75 -34.11 -23.20
C THR K 108 7.77 -33.06 -24.32
N GLN K 109 8.93 -32.47 -24.52
CA GLN K 109 9.11 -31.47 -25.55
C GLN K 109 9.30 -32.19 -26.89
N VAL K 110 8.56 -31.73 -27.90
CA VAL K 110 8.70 -32.24 -29.24
C VAL K 110 9.24 -31.10 -30.11
N VAL K 111 10.31 -31.41 -30.82
CA VAL K 111 10.91 -30.52 -31.80
C VAL K 111 10.74 -31.20 -33.16
N VAL K 112 9.95 -30.58 -34.02
CA VAL K 112 9.70 -31.11 -35.36
C VAL K 112 10.51 -30.27 -36.33
N THR K 113 11.45 -30.92 -37.03
CA THR K 113 12.40 -30.19 -37.88
C THR K 113 11.90 -30.17 -39.33
N PRO K 114 12.11 -29.06 -40.05
CA PRO K 114 11.71 -28.96 -41.46
C PRO K 114 12.58 -29.83 -42.36
N ASP K 115 11.95 -30.39 -43.39
CA ASP K 115 12.69 -31.10 -44.42
C ASP K 115 13.20 -30.06 -45.42
N ILE K 116 14.52 -29.79 -45.38
CA ILE K 116 15.17 -28.84 -46.26
C ILE K 116 15.84 -29.63 -47.38
N GLN K 117 15.23 -29.63 -48.58
CA GLN K 117 15.69 -30.53 -49.64
C GLN K 117 16.80 -29.86 -50.45
N ASN K 118 16.80 -28.51 -50.45
CA ASN K 118 17.79 -27.75 -51.20
C ASN K 118 18.66 -26.89 -50.29
N PRO K 119 19.51 -27.47 -49.42
CA PRO K 119 20.28 -26.67 -48.45
C PRO K 119 21.28 -25.77 -49.16
N ASP K 120 21.33 -24.51 -48.77
CA ASP K 120 22.36 -23.57 -49.29
C ASP K 120 23.07 -23.02 -48.05
N PRO K 121 23.73 -23.85 -47.24
CA PRO K 121 24.35 -23.40 -45.96
C PRO K 121 25.29 -22.24 -46.19
N ALA K 122 25.05 -21.12 -45.51
CA ALA K 122 25.95 -19.99 -45.61
C ALA K 122 25.93 -19.16 -44.33
N VAL K 123 27.01 -18.39 -44.13
CA VAL K 123 27.13 -17.49 -43.00
C VAL K 123 27.24 -16.08 -43.55
N TYR K 124 26.42 -15.16 -43.03
CA TYR K 124 26.41 -13.78 -43.50
C TYR K 124 26.60 -12.81 -42.32
N GLN K 125 27.01 -11.59 -42.66
CA GLN K 125 27.22 -10.55 -41.68
C GLN K 125 26.26 -9.40 -41.95
N LEU K 126 25.54 -8.95 -40.90
CA LEU K 126 24.51 -7.93 -41.04
C LEU K 126 24.88 -6.74 -40.17
N ARG K 127 24.70 -5.53 -40.68
CA ARG K 127 25.10 -4.32 -39.99
C ARG K 127 23.90 -3.74 -39.23
N ASP K 128 24.17 -3.01 -38.15
CA ASP K 128 23.14 -2.35 -37.37
C ASP K 128 22.61 -1.17 -38.18
N SER K 129 21.29 -0.96 -38.16
CA SER K 129 20.65 0.13 -38.88
C SER K 129 20.92 1.48 -38.22
N LYS K 130 21.35 1.50 -36.95
CA LYS K 130 21.73 2.73 -36.26
C LYS K 130 23.22 3.01 -36.41
N SER K 131 24.03 1.96 -36.29
CA SER K 131 25.48 2.11 -36.14
C SER K 131 26.17 1.01 -36.93
N SER K 132 26.66 1.35 -38.13
CA SER K 132 27.14 0.36 -39.08
C SER K 132 28.28 -0.50 -38.51
N ASP K 133 29.00 0.01 -37.49
CA ASP K 133 30.17 -0.68 -36.93
C ASP K 133 29.79 -1.87 -36.03
N LYS K 134 28.65 -1.80 -35.32
CA LYS K 134 28.13 -2.94 -34.57
C LYS K 134 27.52 -3.95 -35.56
N SER K 135 27.67 -5.25 -35.29
CA SER K 135 27.16 -6.25 -36.20
C SER K 135 26.84 -7.60 -35.55
N VAL K 136 26.19 -8.42 -36.37
CA VAL K 136 25.75 -9.76 -36.02
C VAL K 136 26.06 -10.72 -37.18
N CYS K 137 26.24 -12.01 -36.86
CA CYS K 137 26.45 -13.03 -37.86
C CYS K 137 25.24 -13.96 -37.95
N LEU K 138 24.93 -14.41 -39.17
CA LEU K 138 23.76 -15.23 -39.42
C LEU K 138 24.19 -16.48 -40.15
N PHE K 139 23.89 -17.64 -39.57
CA PHE K 139 24.04 -18.92 -40.24
C PHE K 139 22.66 -19.37 -40.68
N THR K 140 22.49 -19.69 -41.96
CA THR K 140 21.14 -19.99 -42.47
C THR K 140 21.16 -20.92 -43.65
N ASP K 141 19.99 -21.43 -44.03
CA ASP K 141 19.82 -22.29 -45.23
C ASP K 141 20.54 -23.63 -45.01
N PHE K 142 20.86 -23.95 -43.76
CA PHE K 142 21.47 -25.27 -43.46
C PHE K 142 20.36 -26.29 -43.31
N ASP K 143 20.73 -27.57 -43.41
CA ASP K 143 19.74 -28.65 -43.29
C ASP K 143 19.39 -28.89 -41.82
N SER K 144 18.41 -29.75 -41.57
CA SER K 144 17.94 -29.91 -40.20
C SER K 144 18.80 -30.88 -39.38
N GLN K 145 19.68 -31.63 -40.02
CA GLN K 145 20.57 -32.57 -39.33
C GLN K 145 21.86 -31.85 -38.92
N THR K 146 22.02 -30.59 -39.30
CA THR K 146 23.20 -29.82 -38.99
C THR K 146 23.21 -29.47 -37.51
N GLN K 147 24.37 -29.71 -36.88
CA GLN K 147 24.62 -29.39 -35.49
C GLN K 147 25.28 -28.03 -35.43
N VAL K 148 24.67 -27.09 -34.69
CA VAL K 148 25.26 -25.79 -34.45
C VAL K 148 26.06 -25.89 -33.17
N SER K 149 27.40 -25.85 -33.27
CA SER K 149 28.23 -25.95 -32.09
C SER K 149 27.91 -24.76 -31.17
N GLN K 150 27.92 -25.03 -29.86
CA GLN K 150 27.95 -23.97 -28.87
C GLN K 150 29.29 -23.26 -28.94
N SER K 151 29.26 -22.04 -28.42
CA SER K 151 30.43 -21.17 -28.39
C SER K 151 31.49 -21.77 -27.48
N LYS K 152 32.76 -21.55 -27.82
CA LYS K 152 33.90 -21.98 -27.03
C LYS K 152 34.56 -20.79 -26.32
N ASP K 153 33.83 -19.67 -26.23
CA ASP K 153 34.36 -18.42 -25.75
C ASP K 153 33.18 -17.69 -25.10
N SER K 154 33.41 -17.05 -23.94
CA SER K 154 32.30 -16.54 -23.15
C SER K 154 31.88 -15.15 -23.65
N ASP K 155 32.75 -14.51 -24.44
CA ASP K 155 32.46 -13.24 -25.09
C ASP K 155 31.72 -13.41 -26.42
N VAL K 156 31.51 -14.66 -26.85
CA VAL K 156 30.85 -14.92 -28.13
C VAL K 156 29.61 -15.75 -27.87
N TYR K 157 28.47 -15.27 -28.38
CA TYR K 157 27.21 -15.91 -28.13
C TYR K 157 26.72 -16.52 -29.43
N ILE K 158 26.17 -17.73 -29.30
CA ILE K 158 25.60 -18.45 -30.41
C ILE K 158 24.27 -19.01 -29.93
N THR K 159 23.18 -18.65 -30.62
CA THR K 159 21.86 -19.12 -30.29
C THR K 159 21.71 -20.55 -30.79
N ASP K 160 20.62 -21.14 -30.35
CA ASP K 160 20.14 -22.38 -30.90
C ASP K 160 19.53 -22.07 -32.27
N LYS K 161 19.34 -23.13 -33.06
CA LYS K 161 18.70 -23.02 -34.36
C LYS K 161 17.23 -22.70 -34.15
N CYS K 162 16.57 -22.37 -35.24
CA CYS K 162 15.28 -21.73 -35.23
C CYS K 162 14.71 -21.85 -36.66
N VAL K 163 13.51 -22.39 -36.76
CA VAL K 163 12.83 -22.62 -38.01
C VAL K 163 11.86 -21.48 -38.31
N LEU K 164 12.04 -20.80 -39.44
CA LEU K 164 11.08 -19.79 -39.83
C LEU K 164 10.37 -20.31 -41.08
N ASP K 165 9.10 -19.92 -41.20
CA ASP K 165 8.26 -20.41 -42.32
C ASP K 165 7.64 -19.24 -43.06
N MET K 166 8.16 -18.94 -44.25
CA MET K 166 7.53 -17.92 -45.09
C MET K 166 6.33 -18.63 -45.73
N ARG K 167 5.16 -18.52 -45.11
CA ARG K 167 3.97 -19.28 -45.56
C ARG K 167 3.51 -18.82 -46.95
N SER K 168 3.67 -17.53 -47.23
CA SER K 168 3.25 -16.96 -48.53
C SER K 168 4.14 -17.49 -49.65
N MET K 169 5.23 -18.17 -49.33
CA MET K 169 6.17 -18.71 -50.34
C MET K 169 6.38 -20.20 -50.12
N ASP K 170 5.54 -20.84 -49.31
CA ASP K 170 5.75 -22.28 -48.97
C ASP K 170 7.24 -22.55 -48.88
N PHE K 171 7.94 -21.76 -48.07
CA PHE K 171 9.39 -21.96 -47.88
C PHE K 171 9.76 -21.91 -46.41
N LYS K 172 10.48 -22.92 -45.92
CA LYS K 172 11.01 -22.95 -44.55
C LYS K 172 12.54 -22.95 -44.57
N SER K 173 13.11 -22.35 -43.54
CA SER K 173 14.59 -22.26 -43.44
C SER K 173 15.04 -22.35 -41.98
N ASN K 174 16.24 -22.87 -41.75
CA ASN K 174 16.81 -22.92 -40.38
C ASN K 174 17.85 -21.81 -40.25
N SER K 175 17.92 -21.13 -39.12
CA SER K 175 18.95 -20.14 -38.87
C SER K 175 19.39 -20.15 -37.40
N ALA K 176 20.59 -19.60 -37.20
CA ALA K 176 21.15 -19.34 -35.89
C ALA K 176 21.95 -18.04 -35.96
N VAL K 177 22.02 -17.32 -34.82
CA VAL K 177 22.70 -16.05 -34.76
C VAL K 177 23.90 -16.14 -33.82
N ALA K 178 24.92 -15.33 -34.11
CA ALA K 178 26.08 -15.21 -33.25
C ALA K 178 26.50 -13.75 -33.19
N TRP K 179 27.08 -13.34 -32.05
CA TRP K 179 27.57 -11.97 -31.91
C TRP K 179 28.58 -11.88 -30.78
N SER K 180 29.29 -10.75 -30.72
CA SER K 180 30.39 -10.57 -29.77
C SER K 180 30.75 -9.10 -29.65
N GLN K 181 31.32 -8.72 -28.50
CA GLN K 181 31.85 -7.38 -28.30
C GLN K 181 33.26 -7.27 -28.85
N LYS K 182 34.01 -8.36 -28.80
CA LYS K 182 35.39 -8.37 -29.29
C LYS K 182 35.45 -7.70 -30.66
N SER K 183 36.47 -6.86 -30.86
CA SER K 183 36.60 -6.03 -32.06
C SER K 183 37.03 -6.89 -33.24
N ASP K 184 37.93 -7.84 -32.97
CA ASP K 184 38.43 -8.78 -33.97
C ASP K 184 37.39 -9.89 -34.17
N PHE K 185 36.12 -9.52 -34.29
CA PHE K 185 35.08 -10.53 -34.34
C PHE K 185 34.86 -10.92 -35.79
N ALA K 186 35.05 -12.22 -36.09
CA ALA K 186 34.95 -12.73 -37.44
C ALA K 186 33.86 -13.78 -37.53
N CYS K 187 32.94 -13.57 -38.49
CA CYS K 187 31.82 -14.47 -38.71
C CYS K 187 32.30 -15.87 -39.08
N ALA K 188 33.31 -15.94 -39.97
CA ALA K 188 33.85 -17.20 -40.45
C ALA K 188 34.20 -18.11 -39.26
N ASN K 189 34.76 -17.53 -38.18
CA ASN K 189 35.12 -18.30 -37.00
C ASN K 189 33.88 -18.85 -36.32
N ALA K 190 32.98 -17.92 -35.98
CA ALA K 190 31.89 -18.16 -35.04
C ALA K 190 31.24 -19.51 -35.27
N PHE K 191 30.88 -19.80 -36.53
CA PHE K 191 30.24 -21.06 -36.83
C PHE K 191 31.29 -22.08 -37.22
N GLN K 192 31.19 -23.26 -36.59
CA GLN K 192 32.17 -24.32 -36.71
C GLN K 192 32.08 -24.94 -38.10
N ASN K 193 30.84 -25.07 -38.59
CA ASN K 193 30.54 -25.88 -39.75
C ASN K 193 30.32 -24.98 -40.97
N SER K 194 31.04 -25.28 -42.07
CA SER K 194 30.88 -24.56 -43.33
C SER K 194 29.84 -23.43 -43.18
N ILE L 21 -41.76 -37.39 8.04
CA ILE L 21 -42.43 -38.11 9.17
C ILE L 21 -41.61 -37.93 10.45
N GLN L 22 -42.28 -38.00 11.60
CA GLN L 22 -41.59 -37.84 12.90
C GLN L 22 -41.83 -39.11 13.71
N ARG L 23 -40.82 -39.54 14.46
CA ARG L 23 -40.96 -40.76 15.30
C ARG L 23 -40.44 -40.44 16.70
N THR L 24 -41.16 -40.89 17.74
CA THR L 24 -40.75 -40.64 19.10
C THR L 24 -39.62 -41.60 19.42
N PRO L 25 -38.55 -41.11 20.10
CA PRO L 25 -37.50 -41.99 20.55
C PRO L 25 -37.95 -42.99 21.62
N LYS L 26 -37.44 -44.22 21.49
CA LYS L 26 -37.51 -45.23 22.52
C LYS L 26 -36.24 -45.14 23.36
N ILE L 27 -36.40 -45.22 24.68
CA ILE L 27 -35.33 -44.90 25.59
C ILE L 27 -35.13 -46.05 26.56
N GLN L 28 -33.96 -46.69 26.49
CA GLN L 28 -33.65 -47.82 27.36
C GLN L 28 -32.35 -47.58 28.12
N VAL L 29 -32.42 -47.81 29.44
CA VAL L 29 -31.34 -47.52 30.37
C VAL L 29 -30.95 -48.80 31.10
N TYR L 30 -29.66 -49.08 31.11
CA TYR L 30 -29.14 -50.36 31.57
C TYR L 30 -27.66 -50.17 31.83
N SER L 31 -27.08 -51.08 32.64
CA SER L 31 -25.69 -51.00 33.04
C SER L 31 -24.90 -52.06 32.28
N ARG L 32 -23.59 -51.83 32.09
CA ARG L 32 -22.74 -52.73 31.32
C ARG L 32 -22.52 -54.02 32.10
N HIS L 33 -22.36 -53.89 33.42
CA HIS L 33 -22.04 -55.01 34.30
C HIS L 33 -23.08 -55.10 35.43
N PRO L 34 -23.20 -56.25 36.13
CA PRO L 34 -24.05 -56.29 37.32
C PRO L 34 -23.68 -55.18 38.30
N ALA L 35 -24.67 -54.38 38.69
CA ALA L 35 -24.46 -53.31 39.64
C ALA L 35 -24.01 -53.89 40.98
N GLU L 36 -23.05 -53.21 41.60
CA GLU L 36 -22.50 -53.60 42.88
C GLU L 36 -22.02 -52.30 43.55
N ASN L 37 -22.57 -52.01 44.74
CA ASN L 37 -22.40 -50.70 45.36
C ASN L 37 -20.92 -50.44 45.57
N GLY L 38 -20.44 -49.28 45.10
CA GLY L 38 -19.04 -48.90 45.17
C GLY L 38 -18.14 -49.63 44.17
N LYS L 39 -18.71 -50.16 43.06
CA LYS L 39 -17.94 -50.75 41.96
C LYS L 39 -18.19 -49.95 40.68
N SER L 40 -17.09 -49.41 40.14
CA SER L 40 -17.12 -48.75 38.86
C SER L 40 -17.80 -49.65 37.83
N ASN L 41 -18.72 -49.05 37.07
CA ASN L 41 -19.53 -49.72 36.08
C ASN L 41 -19.66 -48.73 34.92
N PHE L 42 -20.51 -49.05 33.93
CA PHE L 42 -20.85 -48.12 32.87
C PHE L 42 -22.37 -48.02 32.76
N LEU L 43 -22.88 -46.80 32.63
CA LEU L 43 -24.31 -46.57 32.45
C LEU L 43 -24.59 -46.33 30.97
N ASN L 44 -25.48 -47.17 30.39
CA ASN L 44 -25.86 -47.10 28.99
C ASN L 44 -27.27 -46.54 28.86
N CYS L 45 -27.44 -45.61 27.90
CA CYS L 45 -28.74 -45.16 27.45
C CYS L 45 -28.82 -45.34 25.95
N TYR L 46 -29.72 -46.22 25.50
CA TYR L 46 -29.91 -46.50 24.09
C TYR L 46 -31.20 -45.85 23.63
N VAL L 47 -31.09 -44.90 22.68
CA VAL L 47 -32.27 -44.23 22.15
C VAL L 47 -32.38 -44.60 20.68
N SER L 48 -33.57 -45.09 20.28
CA SER L 48 -33.75 -45.71 18.99
C SER L 48 -35.13 -45.35 18.43
N GLY L 49 -35.33 -45.68 17.14
CA GLY L 49 -36.63 -45.56 16.49
C GLY L 49 -37.10 -44.12 16.32
N PHE L 50 -36.18 -43.12 16.31
CA PHE L 50 -36.62 -41.73 16.26
C PHE L 50 -36.32 -41.09 14.90
N HIS L 51 -36.98 -39.98 14.62
CA HIS L 51 -36.76 -39.22 13.36
C HIS L 51 -37.45 -37.87 13.55
N PRO L 52 -36.81 -36.71 13.27
CA PRO L 52 -35.47 -36.65 12.72
C PRO L 52 -34.37 -36.86 13.74
N SER L 53 -33.11 -36.77 13.28
CA SER L 53 -31.97 -37.23 14.06
C SER L 53 -31.58 -36.23 15.15
N ASP L 54 -32.09 -35.01 15.01
CA ASP L 54 -31.78 -33.96 16.00
C ASP L 54 -32.30 -34.42 17.35
N ILE L 55 -31.39 -34.62 18.29
CA ILE L 55 -31.78 -35.09 19.60
C ILE L 55 -30.80 -34.55 20.65
N GLU L 56 -31.33 -34.32 21.86
CA GLU L 56 -30.53 -33.93 23.01
C GLU L 56 -30.61 -35.06 24.02
N VAL L 57 -29.45 -35.57 24.46
CA VAL L 57 -29.44 -36.65 25.42
C VAL L 57 -28.40 -36.43 26.51
N ASP L 58 -28.86 -36.43 27.76
CA ASP L 58 -27.98 -36.28 28.93
C ASP L 58 -28.15 -37.50 29.83
N LEU L 59 -27.06 -37.89 30.48
CA LEU L 59 -27.15 -38.85 31.58
C LEU L 59 -27.15 -38.04 32.86
N LEU L 60 -27.97 -38.49 33.83
CA LEU L 60 -28.20 -37.74 35.04
C LEU L 60 -27.72 -38.55 36.25
N LYS L 61 -27.16 -37.82 37.21
CA LYS L 61 -26.93 -38.36 38.55
C LYS L 61 -27.64 -37.43 39.55
N ASN L 62 -28.60 -38.01 40.29
CA ASN L 62 -29.51 -37.23 41.12
C ASN L 62 -30.02 -36.04 40.31
N GLY L 63 -30.46 -36.31 39.08
CA GLY L 63 -31.13 -35.32 38.25
C GLY L 63 -30.21 -34.19 37.80
N GLU L 64 -28.89 -34.32 38.02
CA GLU L 64 -27.93 -33.36 37.51
C GLU L 64 -27.11 -34.00 36.38
N ARG L 65 -26.83 -33.18 35.36
CA ARG L 65 -26.22 -33.68 34.14
C ARG L 65 -24.77 -34.07 34.40
N ILE L 66 -24.39 -35.24 33.89
CA ILE L 66 -23.02 -35.72 33.93
C ILE L 66 -22.30 -35.14 32.72
N GLU L 67 -21.08 -34.63 32.93
CA GLU L 67 -20.45 -33.79 31.92
C GLU L 67 -19.64 -34.62 30.93
N LYS L 68 -19.22 -35.82 31.33
CA LYS L 68 -18.31 -36.63 30.54
C LYS L 68 -19.04 -37.79 29.89
N VAL L 69 -20.00 -37.46 29.02
CA VAL L 69 -20.79 -38.48 28.34
C VAL L 69 -20.23 -38.69 26.94
N GLU L 70 -20.12 -39.97 26.54
CA GLU L 70 -19.75 -40.30 25.16
C GLU L 70 -20.90 -41.01 24.46
N HIS L 71 -20.87 -41.03 23.12
CA HIS L 71 -21.93 -41.66 22.35
C HIS L 71 -21.36 -42.29 21.07
N SER L 72 -21.96 -43.38 20.62
CA SER L 72 -21.68 -43.97 19.32
C SER L 72 -21.99 -42.96 18.22
N ASP L 73 -21.37 -43.16 17.04
CA ASP L 73 -21.75 -42.40 15.86
C ASP L 73 -23.21 -42.68 15.52
N LEU L 74 -23.92 -41.66 15.04
CA LEU L 74 -25.31 -41.79 14.59
C LEU L 74 -25.45 -42.88 13.52
N SER L 75 -26.49 -43.68 13.65
CA SER L 75 -26.78 -44.71 12.63
C SER L 75 -28.29 -44.73 12.44
N PHE L 76 -28.78 -45.65 11.63
CA PHE L 76 -30.22 -45.71 11.35
C PHE L 76 -30.54 -47.13 10.96
N SER L 77 -31.81 -47.49 11.04
CA SER L 77 -32.21 -48.88 10.76
C SER L 77 -32.92 -48.96 9.41
N LYS L 78 -33.36 -50.15 9.01
CA LYS L 78 -34.03 -50.34 7.70
C LYS L 78 -35.20 -49.39 7.52
N ASP L 79 -35.84 -48.97 8.62
CA ASP L 79 -36.99 -48.05 8.55
C ASP L 79 -36.49 -46.61 8.50
N TRP L 80 -35.16 -46.43 8.43
CA TRP L 80 -34.54 -45.08 8.36
C TRP L 80 -34.65 -44.40 9.72
N SER L 81 -35.12 -45.12 10.73
CA SER L 81 -35.22 -44.55 12.10
C SER L 81 -33.82 -44.51 12.71
N PHE L 82 -33.51 -43.45 13.45
CA PHE L 82 -32.15 -43.32 13.95
C PHE L 82 -31.97 -44.00 15.30
N TYR L 83 -30.73 -44.38 15.62
CA TYR L 83 -30.40 -44.95 16.91
C TYR L 83 -28.97 -44.59 17.31
N LEU L 84 -28.70 -44.69 18.62
CA LEU L 84 -27.60 -44.04 19.31
C LEU L 84 -27.41 -44.65 20.69
N LEU L 85 -26.14 -44.89 21.06
CA LEU L 85 -25.82 -45.34 22.41
C LEU L 85 -25.06 -44.21 23.10
N TYR L 86 -25.57 -43.77 24.26
CA TYR L 86 -24.82 -42.90 25.15
C TYR L 86 -24.37 -43.73 26.33
N TYR L 87 -23.13 -43.48 26.81
CA TYR L 87 -22.58 -44.21 27.94
C TYR L 87 -21.56 -43.34 28.67
N THR L 88 -21.39 -43.68 29.95
CA THR L 88 -20.47 -42.98 30.84
C THR L 88 -20.14 -43.92 31.99
N GLU L 89 -18.91 -43.81 32.48
CA GLU L 89 -18.54 -44.52 33.69
C GLU L 89 -19.29 -43.90 34.85
N PHE L 90 -19.88 -44.77 35.69
CA PHE L 90 -20.51 -44.33 36.92
C PHE L 90 -20.13 -45.31 38.02
N THR L 91 -20.42 -44.93 39.27
CA THR L 91 -20.33 -45.84 40.40
C THR L 91 -21.66 -45.83 41.17
N PRO L 92 -22.44 -46.93 41.08
CA PRO L 92 -23.69 -47.03 41.81
C PRO L 92 -23.46 -47.20 43.31
N THR L 93 -24.19 -46.44 44.12
CA THR L 93 -24.17 -46.59 45.57
C THR L 93 -25.54 -47.10 46.00
N GLU L 94 -25.75 -47.17 47.31
CA GLU L 94 -27.05 -47.55 47.85
C GLU L 94 -28.10 -46.50 47.49
N LYS L 95 -27.66 -45.23 47.33
CA LYS L 95 -28.52 -44.08 47.46
C LYS L 95 -28.53 -43.20 46.19
N ASP L 96 -27.44 -43.17 45.43
CA ASP L 96 -27.37 -42.31 44.26
C ASP L 96 -28.34 -42.80 43.19
N GLU L 97 -28.98 -41.85 42.50
CA GLU L 97 -29.92 -42.17 41.44
C GLU L 97 -29.35 -41.74 40.10
N TYR L 98 -29.87 -42.37 39.05
CA TYR L 98 -29.32 -42.25 37.71
C TYR L 98 -30.45 -42.32 36.70
N ALA L 99 -30.36 -41.48 35.68
CA ALA L 99 -31.42 -41.38 34.68
C ALA L 99 -30.83 -41.06 33.30
N CYS L 100 -31.69 -41.15 32.28
CA CYS L 100 -31.39 -40.67 30.95
C CYS L 100 -32.45 -39.64 30.58
N ARG L 101 -32.03 -38.42 30.21
CA ARG L 101 -32.93 -37.35 29.85
C ARG L 101 -32.81 -37.08 28.35
N VAL L 102 -33.92 -37.21 27.63
CA VAL L 102 -33.96 -37.01 26.19
C VAL L 102 -34.91 -35.87 25.85
N ASN L 103 -34.49 -34.96 24.94
CA ASN L 103 -35.44 -34.06 24.32
C ASN L 103 -35.33 -34.20 22.80
N HIS L 104 -36.44 -33.92 22.13
CA HIS L 104 -36.63 -34.23 20.71
C HIS L 104 -37.86 -33.46 20.28
N VAL L 105 -38.00 -33.24 18.97
CA VAL L 105 -39.07 -32.41 18.50
C VAL L 105 -40.40 -33.09 18.81
N THR L 106 -40.42 -34.43 18.86
CA THR L 106 -41.64 -35.17 19.18
C THR L 106 -42.01 -35.01 20.66
N LEU L 107 -41.06 -34.56 21.51
CA LEU L 107 -41.33 -34.39 22.93
C LEU L 107 -41.47 -32.90 23.24
N SER L 108 -42.56 -32.57 23.94
CA SER L 108 -42.91 -31.20 24.32
C SER L 108 -42.27 -30.83 25.66
N GLN L 109 -41.62 -31.81 26.30
CA GLN L 109 -40.72 -31.55 27.39
C GLN L 109 -39.74 -32.72 27.51
N PRO L 110 -38.51 -32.48 28.02
CA PRO L 110 -37.57 -33.57 28.23
C PRO L 110 -38.25 -34.73 28.92
N LYS L 111 -37.89 -35.95 28.53
CA LYS L 111 -38.42 -37.14 29.14
C LYS L 111 -37.28 -37.84 29.87
N ILE L 112 -37.54 -38.14 31.16
CA ILE L 112 -36.53 -38.68 32.04
C ILE L 112 -36.88 -40.14 32.29
N VAL L 113 -35.89 -41.03 32.16
CA VAL L 113 -36.09 -42.45 32.37
C VAL L 113 -35.05 -42.87 33.41
N LYS L 114 -35.52 -43.11 34.65
CA LYS L 114 -34.64 -43.54 35.73
C LYS L 114 -34.09 -44.92 35.42
N TRP L 115 -32.82 -45.13 35.82
CA TRP L 115 -32.22 -46.44 35.86
C TRP L 115 -32.72 -47.18 37.08
N ASP L 116 -33.07 -48.45 36.89
CA ASP L 116 -33.34 -49.34 38.01
C ASP L 116 -32.32 -50.47 37.96
N ARG L 117 -31.70 -50.72 39.13
CA ARG L 117 -30.59 -51.64 39.26
C ARG L 117 -30.99 -53.05 38.85
N ASP L 118 -32.29 -53.36 38.86
CA ASP L 118 -32.75 -54.73 38.69
C ASP L 118 -33.35 -54.97 37.30
N ILE L 119 -34.11 -54.01 36.75
CA ILE L 119 -34.79 -54.19 35.46
C ILE L 119 -34.42 -53.10 34.45
N GLY L 120 -33.47 -52.22 34.77
CA GLY L 120 -33.18 -51.09 33.91
C GLY L 120 -34.36 -50.11 33.87
N GLY L 121 -34.38 -49.28 32.81
CA GLY L 121 -35.49 -48.38 32.52
C GLY L 121 -35.86 -48.47 31.05
N GLY L 122 -37.14 -48.22 30.76
CA GLY L 122 -37.64 -48.16 29.40
C GLY L 122 -38.30 -49.47 28.95
N GLY L 123 -38.18 -50.54 29.75
CA GLY L 123 -38.80 -51.82 29.44
C GLY L 123 -38.30 -52.40 28.12
N SER L 124 -39.07 -53.36 27.57
CA SER L 124 -38.68 -54.14 26.39
C SER L 124 -37.17 -54.02 26.13
N THR M 3 -7.68 -29.57 77.11
CA THR M 3 -8.55 -29.05 76.03
C THR M 3 -8.46 -29.99 74.83
N GLY M 4 -9.50 -30.79 74.61
CA GLY M 4 -9.59 -31.66 73.47
C GLY M 4 -10.13 -30.93 72.24
N VAL M 5 -10.57 -31.72 71.26
CA VAL M 5 -11.10 -31.19 70.03
C VAL M 5 -12.48 -30.62 70.34
N SER M 6 -12.73 -29.42 69.82
CA SER M 6 -14.02 -28.72 70.05
C SER M 6 -14.86 -28.72 68.78
N GLN M 7 -16.12 -29.13 68.88
CA GLN M 7 -17.05 -29.14 67.73
C GLN M 7 -18.30 -28.33 68.09
N ASN M 8 -18.69 -27.41 67.21
CA ASN M 8 -19.90 -26.57 67.42
C ASN M 8 -20.73 -26.60 66.14
N PRO M 9 -22.09 -26.66 66.22
CA PRO M 9 -22.76 -26.86 67.50
C PRO M 9 -22.75 -28.32 67.97
N ARG M 10 -23.16 -28.56 69.21
CA ARG M 10 -23.14 -29.92 69.72
C ARG M 10 -24.25 -30.75 69.08
N HIS M 11 -25.36 -30.10 68.75
CA HIS M 11 -26.48 -30.78 68.10
C HIS M 11 -27.07 -29.79 67.13
N LYS M 12 -27.72 -30.27 66.07
CA LYS M 12 -28.38 -29.35 65.15
C LYS M 12 -29.58 -30.03 64.50
N ILE M 13 -30.72 -29.36 64.60
CA ILE M 13 -31.91 -29.77 63.90
C ILE M 13 -32.11 -28.83 62.73
N THR M 14 -32.43 -29.40 61.57
CA THR M 14 -32.63 -28.59 60.38
C THR M 14 -33.81 -29.15 59.61
N LYS M 15 -34.51 -28.26 58.90
CA LYS M 15 -35.54 -28.69 57.99
C LYS M 15 -34.89 -29.23 56.72
N ARG M 16 -35.34 -30.41 56.28
CA ARG M 16 -34.94 -30.99 55.01
C ARG M 16 -34.95 -29.93 53.92
N GLY M 17 -33.88 -29.91 53.10
CA GLY M 17 -33.74 -28.92 52.04
C GLY M 17 -32.84 -27.76 52.43
N GLN M 18 -32.59 -27.59 53.74
CA GLN M 18 -31.77 -26.50 54.23
C GLN M 18 -30.29 -26.87 54.28
N ASN M 19 -29.43 -25.85 54.22
CA ASN M 19 -28.00 -26.00 54.40
C ASN M 19 -27.61 -25.87 55.87
N VAL M 20 -26.58 -26.61 56.26
CA VAL M 20 -26.01 -26.53 57.60
C VAL M 20 -24.50 -26.50 57.47
N THR M 21 -23.86 -25.78 58.40
CA THR M 21 -22.39 -25.72 58.43
C THR M 21 -21.92 -26.10 59.81
N PHE M 22 -20.98 -27.03 59.89
CA PHE M 22 -20.45 -27.48 61.21
C PHE M 22 -19.05 -26.93 61.35
N ARG M 23 -18.61 -26.72 62.59
CA ARG M 23 -17.25 -26.18 62.86
C ARG M 23 -16.47 -27.14 63.74
N CYS M 24 -15.16 -27.21 63.54
CA CYS M 24 -14.30 -28.05 64.38
C CYS M 24 -13.03 -27.27 64.68
N ASP M 25 -12.62 -27.23 65.93
CA ASP M 25 -11.32 -26.60 66.28
C ASP M 25 -10.45 -27.73 66.80
N PRO M 26 -9.40 -28.13 66.07
CA PRO M 26 -8.58 -29.25 66.48
C PRO M 26 -7.74 -28.92 67.70
N ILE M 27 -7.12 -29.95 68.29
CA ILE M 27 -6.12 -29.71 69.31
C ILE M 27 -5.03 -28.83 68.73
N SER M 28 -4.68 -27.81 69.52
CA SER M 28 -3.65 -26.85 69.21
C SER M 28 -2.57 -27.44 68.30
N GLU M 29 -2.49 -26.92 67.06
CA GLU M 29 -1.40 -27.15 66.13
C GLU M 29 -1.38 -28.53 65.49
N HIS M 30 -2.37 -29.39 65.77
CA HIS M 30 -2.46 -30.64 65.05
C HIS M 30 -2.59 -30.30 63.57
N SER M 31 -1.67 -30.84 62.76
CA SER M 31 -1.61 -30.56 61.34
C SER M 31 -2.61 -31.43 60.61
N ARG M 32 -3.00 -32.58 61.21
CA ARG M 32 -3.89 -33.51 60.55
C ARG M 32 -5.29 -33.44 61.14
N LEU M 33 -6.29 -33.28 60.25
CA LEU M 33 -7.68 -33.14 60.66
C LEU M 33 -8.57 -34.01 59.78
N TYR M 34 -9.48 -34.72 60.46
CA TYR M 34 -10.36 -35.66 59.75
C TYR M 34 -11.81 -35.41 60.12
N TRP M 35 -12.70 -35.67 59.16
CA TRP M 35 -14.15 -35.54 59.40
C TRP M 35 -14.73 -36.93 59.19
N TYR M 36 -15.57 -37.38 60.12
CA TYR M 36 -16.18 -38.72 60.02
C TYR M 36 -17.66 -38.59 60.25
N ARG M 37 -18.40 -39.62 59.88
CA ARG M 37 -19.86 -39.64 60.10
C ARG M 37 -20.18 -40.95 60.80
N GLN M 38 -21.02 -40.90 61.83
CA GLN M 38 -21.38 -42.09 62.57
C GLN M 38 -22.90 -42.16 62.76
N THR M 39 -23.47 -43.30 62.40
CA THR M 39 -24.86 -43.59 62.74
C THR M 39 -24.86 -44.70 63.78
N LEU M 40 -25.78 -44.61 64.73
CA LEU M 40 -25.80 -45.46 65.91
C LEU M 40 -25.81 -46.91 65.44
N GLY M 41 -24.99 -47.76 66.08
CA GLY M 41 -24.81 -49.15 65.66
C GLY M 41 -23.70 -49.36 64.63
N GLN M 42 -22.87 -48.34 64.37
CA GLN M 42 -21.84 -48.47 63.37
C GLN M 42 -20.57 -47.74 63.79
N GLY M 43 -19.47 -48.10 63.11
CA GLY M 43 -18.21 -47.38 63.34
C GLY M 43 -18.17 -46.09 62.56
N PRO M 44 -17.33 -45.11 62.94
CA PRO M 44 -17.18 -43.84 62.19
C PRO M 44 -16.82 -44.11 60.73
N GLU M 45 -17.46 -43.38 59.82
CA GLU M 45 -17.21 -43.55 58.36
C GLU M 45 -16.45 -42.33 57.86
N PHE M 46 -15.33 -42.56 57.16
CA PHE M 46 -14.46 -41.44 56.72
C PHE M 46 -15.16 -40.52 55.75
N LEU M 47 -14.95 -39.23 55.92
CA LEU M 47 -15.51 -38.25 54.98
C LEU M 47 -14.34 -37.53 54.27
N THR M 48 -13.40 -36.96 55.04
CA THR M 48 -12.35 -36.18 54.40
C THR M 48 -11.18 -35.92 55.36
N TYR M 49 -10.01 -35.63 54.76
CA TYR M 49 -8.75 -35.48 55.47
C TYR M 49 -8.03 -34.22 55.00
N PHE M 50 -7.59 -33.45 55.99
CA PHE M 50 -6.88 -32.19 55.73
C PHE M 50 -5.50 -32.22 56.35
N GLN M 51 -4.47 -32.06 55.52
CA GLN M 51 -3.09 -31.92 55.97
C GLN M 51 -2.78 -30.44 55.85
N ASN M 52 -2.53 -29.80 56.99
CA ASN M 52 -2.55 -28.36 57.05
C ASN M 52 -3.86 -27.92 56.38
N GLU M 53 -3.80 -26.91 55.51
CA GLU M 53 -5.01 -26.40 54.87
C GLU M 53 -5.44 -27.27 53.67
N ALA M 54 -4.62 -28.23 53.27
CA ALA M 54 -4.86 -28.95 52.03
C ALA M 54 -5.73 -30.18 52.25
N GLN M 55 -6.77 -30.29 51.45
CA GLN M 55 -7.70 -31.40 51.49
C GLN M 55 -7.17 -32.51 50.59
N LEU M 56 -6.31 -33.37 51.12
CA LEU M 56 -5.64 -34.38 50.28
C LEU M 56 -6.44 -35.67 50.13
N GLU M 57 -7.59 -35.79 50.79
CA GLU M 57 -8.41 -37.01 50.58
C GLU M 57 -9.89 -36.80 50.91
N LYS M 58 -10.77 -37.02 49.93
CA LYS M 58 -12.21 -37.03 50.13
C LYS M 58 -12.65 -38.47 49.94
N SER M 59 -13.63 -38.91 50.73
CA SER M 59 -14.21 -40.22 50.52
C SER M 59 -14.87 -40.28 49.16
N ARG M 60 -14.61 -41.37 48.43
CA ARG M 60 -15.11 -41.59 47.09
C ARG M 60 -16.63 -41.56 47.05
N LEU M 61 -17.26 -42.10 48.09
CA LEU M 61 -18.73 -42.19 48.07
C LEU M 61 -19.36 -40.95 48.70
N LEU M 62 -18.68 -39.81 48.62
CA LEU M 62 -19.23 -38.65 49.27
C LEU M 62 -20.01 -37.78 48.27
N SER M 63 -21.22 -37.41 48.70
CA SER M 63 -22.12 -36.56 47.95
C SER M 63 -21.46 -35.23 47.60
N ASP M 64 -21.90 -34.65 46.48
CA ASP M 64 -21.46 -33.35 46.02
C ASP M 64 -22.03 -32.26 46.93
N ARG M 65 -23.06 -32.62 47.70
CA ARG M 65 -23.67 -31.70 48.63
C ARG M 65 -22.73 -31.44 49.82
N PHE M 66 -21.75 -32.31 50.05
CA PHE M 66 -20.85 -32.18 51.19
C PHE M 66 -19.59 -31.46 50.74
N SER M 67 -19.19 -30.44 51.51
CA SER M 67 -17.99 -29.64 51.19
C SER M 67 -17.31 -29.24 52.50
N ALA M 68 -15.99 -29.30 52.56
CA ALA M 68 -15.27 -28.97 53.82
C ALA M 68 -14.16 -27.97 53.54
N GLU M 69 -13.79 -27.20 54.56
CA GLU M 69 -12.77 -26.15 54.37
C GLU M 69 -11.96 -25.90 55.65
N ARG M 70 -10.64 -26.02 55.58
CA ARG M 70 -9.74 -25.67 56.71
C ARG M 70 -8.87 -24.55 56.14
N PRO M 71 -9.33 -23.28 56.10
CA PRO M 71 -8.61 -22.18 55.37
C PRO M 71 -7.23 -21.81 55.89
N LYS M 72 -6.97 -21.97 57.17
CA LYS M 72 -5.72 -21.54 57.78
C LYS M 72 -4.95 -22.69 58.39
N GLY M 73 -5.28 -23.92 58.00
CA GLY M 73 -4.63 -25.08 58.55
C GLY M 73 -5.03 -25.35 60.00
N SER M 74 -6.04 -24.63 60.49
CA SER M 74 -6.44 -24.71 61.89
C SER M 74 -7.86 -25.27 61.98
N PHE M 75 -8.84 -24.38 62.15
CA PHE M 75 -10.25 -24.79 62.23
C PHE M 75 -10.75 -25.27 60.89
N SER M 76 -11.73 -26.18 60.91
CA SER M 76 -12.32 -26.71 59.66
C SER M 76 -13.84 -26.54 59.69
N THR M 77 -14.42 -26.28 58.54
CA THR M 77 -15.88 -26.16 58.45
C THR M 77 -16.35 -27.22 57.51
N LEU M 78 -17.49 -27.83 57.81
CA LEU M 78 -18.11 -28.81 56.94
C LEU M 78 -19.53 -28.33 56.65
N GLU M 79 -19.85 -28.20 55.36
CA GLU M 79 -21.16 -27.75 54.95
C GLU M 79 -21.85 -28.89 54.22
N ILE M 80 -23.11 -29.17 54.62
CA ILE M 80 -24.00 -30.02 53.86
C ILE M 80 -25.06 -29.13 53.24
N GLN M 81 -25.17 -29.21 51.91
CA GLN M 81 -26.17 -28.44 51.18
C GLN M 81 -27.41 -29.30 50.99
N ARG M 82 -28.58 -28.66 51.05
CA ARG M 82 -29.86 -29.30 50.78
C ARG M 82 -29.95 -30.62 51.56
N THR M 83 -30.05 -30.52 52.88
CA THR M 83 -30.07 -31.70 53.73
C THR M 83 -31.22 -32.63 53.36
N GLU M 84 -30.98 -33.92 53.63
CA GLU M 84 -31.98 -34.97 53.47
C GLU M 84 -32.04 -35.79 54.75
N GLN M 85 -33.12 -36.56 54.90
CA GLN M 85 -33.31 -37.41 56.07
C GLN M 85 -32.04 -38.21 56.32
N GLY M 86 -31.52 -38.80 55.25
CA GLY M 86 -30.45 -39.76 55.31
C GLY M 86 -29.13 -39.14 55.75
N ASP M 87 -29.04 -37.81 55.83
CA ASP M 87 -27.85 -37.16 56.37
C ASP M 87 -27.82 -37.17 57.90
N SER M 88 -28.96 -37.53 58.53
CA SER M 88 -29.02 -37.51 59.99
C SER M 88 -27.96 -38.45 60.52
N ALA M 89 -27.06 -37.92 61.33
CA ALA M 89 -26.01 -38.72 61.92
C ALA M 89 -25.24 -37.86 62.91
N MET M 90 -24.26 -38.48 63.56
CA MET M 90 -23.23 -37.77 64.30
C MET M 90 -22.11 -37.41 63.34
N TYR M 91 -21.77 -36.11 63.28
CA TYR M 91 -20.60 -35.68 62.51
C TYR M 91 -19.43 -35.46 63.47
N LEU M 92 -18.41 -36.31 63.31
CA LEU M 92 -17.23 -36.32 64.17
C LEU M 92 -16.04 -35.67 63.47
N CYS M 93 -15.30 -34.91 64.29
CA CYS M 93 -14.05 -34.31 63.91
C CYS M 93 -12.95 -34.94 64.73
N ALA M 94 -11.82 -35.30 64.10
CA ALA M 94 -10.65 -35.75 64.85
C ALA M 94 -9.41 -35.04 64.36
N SER M 95 -8.41 -34.95 65.25
CA SER M 95 -7.14 -34.36 64.87
C SER M 95 -6.02 -35.28 65.37
N SER M 96 -4.91 -35.24 64.63
CA SER M 96 -3.72 -36.03 64.98
C SER M 96 -2.50 -35.11 64.84
N PRO M 97 -1.43 -35.31 65.64
CA PRO M 97 -0.23 -34.46 65.60
C PRO M 97 0.61 -34.64 64.34
N ARG M 98 1.36 -33.60 63.97
CA ARG M 98 2.25 -33.69 62.81
C ARG M 98 3.37 -34.69 63.09
N MET M 99 3.78 -35.36 62.01
CA MET M 99 4.98 -36.25 62.01
C MET M 99 4.96 -37.34 63.10
N VAL M 100 3.83 -37.98 63.30
CA VAL M 100 3.79 -39.13 64.25
C VAL M 100 3.10 -40.30 63.53
N ARG M 101 3.83 -41.38 63.28
CA ARG M 101 3.24 -42.58 62.65
C ARG M 101 2.40 -43.33 63.72
N GLY M 102 1.45 -44.15 63.28
CA GLY M 102 0.57 -44.89 64.20
C GLY M 102 0.07 -43.95 65.26
N ALA M 103 -0.36 -42.77 64.86
CA ALA M 103 -0.74 -41.77 65.87
C ALA M 103 -2.19 -41.84 66.28
N GLU M 104 -2.45 -41.60 67.55
CA GLU M 104 -3.78 -41.45 68.08
C GLU M 104 -4.53 -40.40 67.26
N ALA M 105 -5.82 -40.67 67.13
CA ALA M 105 -6.73 -39.67 66.56
C ALA M 105 -7.59 -39.22 67.75
N PHE M 106 -7.63 -37.93 68.00
CA PHE M 106 -8.38 -37.35 69.10
C PHE M 106 -9.71 -36.82 68.57
N PHE M 107 -10.81 -37.41 69.03
CA PHE M 107 -12.16 -37.10 68.57
C PHE M 107 -12.79 -36.03 69.45
N GLY M 108 -13.54 -35.13 68.82
CA GLY M 108 -14.47 -34.24 69.49
C GLY M 108 -15.74 -34.98 69.93
N GLN M 109 -16.69 -34.20 70.47
CA GLN M 109 -17.96 -34.69 70.97
C GLN M 109 -19.01 -34.77 69.86
N GLY M 110 -18.69 -34.14 68.71
CA GLY M 110 -19.53 -34.29 67.54
C GLY M 110 -20.58 -33.20 67.44
N THR M 111 -21.08 -33.01 66.21
CA THR M 111 -22.33 -32.31 65.96
C THR M 111 -23.35 -33.37 65.59
N ARG M 112 -24.35 -33.55 66.45
CA ARG M 112 -25.44 -34.49 66.17
C ARG M 112 -26.45 -33.79 65.28
N LEU M 113 -26.61 -34.30 64.05
CA LEU M 113 -27.50 -33.68 63.09
C LEU M 113 -28.79 -34.48 62.99
N THR M 114 -29.93 -33.80 63.17
CA THR M 114 -31.22 -34.39 62.86
C THR M 114 -31.90 -33.55 61.78
N VAL M 115 -32.19 -34.21 60.63
CA VAL M 115 -32.92 -33.55 59.57
C VAL M 115 -34.38 -33.98 59.68
N VAL M 116 -35.29 -33.02 59.77
CA VAL M 116 -36.71 -33.33 59.94
C VAL M 116 -37.51 -32.82 58.75
N GLU M 117 -38.68 -33.43 58.56
CA GLU M 117 -39.61 -33.06 57.49
C GLU M 117 -40.12 -31.64 57.75
N ASP M 118 -40.28 -31.29 59.02
CA ASP M 118 -40.97 -30.09 59.47
C ASP M 118 -40.53 -29.88 60.92
N LEU M 119 -40.25 -28.63 61.31
CA LEU M 119 -39.75 -28.33 62.64
C LEU M 119 -40.83 -28.67 63.68
N ASN M 120 -42.07 -28.81 63.22
CA ASN M 120 -43.20 -29.05 64.15
C ASN M 120 -43.16 -30.49 64.69
N LYS M 121 -42.22 -31.31 64.23
CA LYS M 121 -42.14 -32.65 64.77
C LYS M 121 -41.33 -32.65 66.06
N VAL M 122 -40.68 -31.52 66.35
CA VAL M 122 -39.79 -31.43 67.54
C VAL M 122 -40.63 -31.11 68.77
N PHE M 123 -40.50 -31.90 69.82
CA PHE M 123 -41.25 -31.67 71.08
C PHE M 123 -40.29 -31.79 72.26
N PRO M 124 -40.30 -30.86 73.22
CA PRO M 124 -39.46 -30.98 74.45
C PRO M 124 -39.99 -32.09 75.35
N PRO M 125 -39.20 -32.60 76.31
CA PRO M 125 -39.74 -33.60 77.23
C PRO M 125 -40.64 -32.97 78.29
N GLU M 126 -41.58 -33.78 78.77
CA GLU M 126 -42.15 -33.62 80.09
C GLU M 126 -41.39 -34.54 81.04
N VAL M 127 -41.16 -34.07 82.25
CA VAL M 127 -40.33 -34.77 83.20
C VAL M 127 -41.06 -34.85 84.52
N ALA M 128 -41.09 -36.06 85.11
CA ALA M 128 -41.65 -36.24 86.44
C ALA M 128 -40.71 -37.09 87.28
N VAL M 129 -40.71 -36.85 88.59
CA VAL M 129 -40.04 -37.70 89.56
C VAL M 129 -41.09 -38.48 90.35
N PHE M 130 -40.89 -39.80 90.40
CA PHE M 130 -41.80 -40.68 91.16
C PHE M 130 -41.12 -41.01 92.48
N GLU M 131 -41.84 -40.85 93.60
CA GLU M 131 -41.22 -41.04 94.94
C GLU M 131 -41.08 -42.53 95.26
N PRO M 132 -40.08 -42.95 96.04
CA PRO M 132 -39.82 -44.39 96.34
C PRO M 132 -41.01 -45.10 96.95
N SER M 133 -40.99 -46.45 96.93
CA SER M 133 -42.11 -47.25 97.49
C SER M 133 -41.86 -47.63 98.94
N GLU M 134 -42.85 -47.38 99.80
CA GLU M 134 -42.76 -47.75 101.20
C GLU M 134 -42.46 -49.24 101.28
N ALA M 135 -43.02 -50.04 100.37
CA ALA M 135 -42.75 -51.46 100.36
C ALA M 135 -41.26 -51.74 100.14
N GLU M 136 -40.61 -50.96 99.26
CA GLU M 136 -39.19 -51.16 98.98
C GLU M 136 -38.42 -50.83 100.25
N ILE M 137 -38.82 -49.73 100.89
CA ILE M 137 -38.11 -49.19 102.09
C ILE M 137 -38.19 -50.11 103.32
N SER M 138 -39.33 -50.76 103.56
CA SER M 138 -39.44 -51.71 104.67
C SER M 138 -38.73 -53.02 104.31
N HIS M 139 -38.93 -53.48 103.08
CA HIS M 139 -38.33 -54.77 102.64
C HIS M 139 -36.82 -54.59 102.58
N THR M 140 -36.31 -53.95 101.52
CA THR M 140 -34.88 -53.64 101.44
C THR M 140 -34.66 -52.45 102.34
N GLN M 141 -33.42 -52.06 102.59
CA GLN M 141 -33.25 -50.82 103.39
C GLN M 141 -33.01 -49.66 102.44
N LYS M 142 -33.39 -49.84 101.17
CA LYS M 142 -33.04 -48.79 100.18
C LYS M 142 -34.29 -48.11 99.62
N ALA M 143 -34.11 -46.95 99.01
CA ALA M 143 -35.19 -46.19 98.39
C ALA M 143 -34.86 -45.75 96.97
N THR M 144 -35.65 -46.20 95.99
CA THR M 144 -35.32 -45.89 94.58
C THR M 144 -36.25 -44.87 93.97
N LEU M 145 -35.76 -43.66 93.71
CA LEU M 145 -36.49 -42.63 92.98
C LEU M 145 -36.42 -42.96 91.49
N VAL M 146 -37.50 -42.70 90.74
CA VAL M 146 -37.49 -42.91 89.29
C VAL M 146 -37.79 -41.58 88.62
N CYS M 147 -36.99 -41.21 87.63
CA CYS M 147 -37.28 -40.05 86.81
C CYS M 147 -37.71 -40.51 85.43
N LEU M 148 -38.72 -39.84 84.87
CA LEU M 148 -39.28 -40.23 83.58
C LEU M 148 -39.41 -39.00 82.70
N ALA M 149 -38.72 -39.03 81.56
CA ALA M 149 -38.87 -38.02 80.53
C ALA M 149 -39.69 -38.61 79.37
N THR M 150 -40.80 -37.96 79.00
CA THR M 150 -41.69 -38.51 77.99
C THR M 150 -41.96 -37.49 76.89
N GLY M 151 -42.36 -38.01 75.74
CA GLY M 151 -42.92 -37.23 74.64
C GLY M 151 -41.92 -36.32 73.94
N PHE M 152 -40.62 -36.66 73.92
CA PHE M 152 -39.67 -35.75 73.29
C PHE M 152 -39.32 -36.23 71.88
N TYR M 153 -38.88 -35.27 71.07
CA TYR M 153 -38.37 -35.55 69.73
C TYR M 153 -37.52 -34.37 69.31
N PRO M 154 -36.28 -34.56 68.78
CA PRO M 154 -35.69 -35.86 68.56
C PRO M 154 -35.18 -36.52 69.83
N ASP M 155 -34.44 -37.62 69.65
CA ASP M 155 -34.28 -38.61 70.71
C ASP M 155 -33.06 -38.32 71.58
N HIS M 156 -32.50 -37.11 71.58
CA HIS M 156 -31.32 -36.93 72.38
C HIS M 156 -31.60 -35.95 73.52
N VAL M 157 -31.45 -36.50 74.73
CA VAL M 157 -31.46 -35.71 75.95
C VAL M 157 -30.33 -36.19 76.84
N GLU M 158 -29.91 -35.31 77.75
CA GLU M 158 -28.98 -35.69 78.80
C GLU M 158 -29.66 -35.48 80.14
N LEU M 159 -29.87 -36.62 80.81
CA LEU M 159 -30.54 -36.70 82.09
C LEU M 159 -29.49 -36.76 83.19
N SER M 160 -29.66 -35.90 84.19
CA SER M 160 -28.76 -35.92 85.31
C SER M 160 -29.59 -35.82 86.59
N TRP M 161 -29.02 -36.28 87.69
CA TRP M 161 -29.67 -36.27 88.99
C TRP M 161 -28.95 -35.32 89.92
N TRP M 162 -29.71 -34.55 90.74
CA TRP M 162 -29.14 -33.58 91.65
C TRP M 162 -29.72 -33.79 93.05
N VAL M 163 -28.82 -33.82 94.05
CA VAL M 163 -29.20 -34.04 95.43
C VAL M 163 -28.64 -32.88 96.24
N ASN M 164 -29.55 -32.15 96.88
CA ASN M 164 -29.15 -30.95 97.60
C ASN M 164 -28.22 -30.11 96.75
N GLY M 165 -28.60 -29.93 95.49
CA GLY M 165 -27.99 -28.91 94.64
C GLY M 165 -26.70 -29.36 93.99
N LYS M 166 -26.27 -30.61 94.20
CA LYS M 166 -25.08 -31.10 93.48
C LYS M 166 -25.45 -32.32 92.65
N GLU M 167 -24.79 -32.46 91.50
CA GLU M 167 -25.06 -33.58 90.62
C GLU M 167 -24.49 -34.85 91.24
N VAL M 168 -25.17 -36.00 91.13
CA VAL M 168 -24.63 -37.23 91.67
C VAL M 168 -24.53 -38.28 90.56
N HIS M 169 -23.57 -39.20 90.69
CA HIS M 169 -23.42 -40.31 89.76
C HIS M 169 -23.58 -41.65 90.46
N SER M 170 -23.33 -41.70 91.78
CA SER M 170 -23.41 -42.95 92.50
C SER M 170 -24.88 -43.31 92.72
N GLY M 171 -25.21 -44.59 92.59
CA GLY M 171 -26.57 -45.06 92.82
C GLY M 171 -27.53 -44.71 91.67
N VAL M 172 -26.97 -44.36 90.50
CA VAL M 172 -27.74 -43.88 89.37
C VAL M 172 -27.63 -44.86 88.20
N CYS M 173 -28.73 -45.12 87.51
CA CYS M 173 -28.57 -45.67 86.17
C CYS M 173 -29.73 -45.20 85.30
N THR M 174 -29.39 -44.97 84.03
CA THR M 174 -30.32 -44.42 83.06
C THR M 174 -30.45 -45.45 81.93
N ASP M 175 -31.61 -45.51 81.28
CA ASP M 175 -31.79 -46.47 80.21
C ASP M 175 -30.67 -46.26 79.20
N PRO M 176 -30.08 -47.33 78.63
CA PRO M 176 -29.05 -47.14 77.62
C PRO M 176 -29.54 -46.24 76.48
N GLN M 177 -30.78 -46.50 76.01
CA GLN M 177 -31.32 -45.81 74.85
C GLN M 177 -32.75 -45.36 75.17
N PRO M 178 -33.21 -44.22 74.61
CA PRO M 178 -34.62 -43.87 74.70
C PRO M 178 -35.46 -44.92 74.04
N LEU M 179 -36.73 -44.98 74.42
CA LEU M 179 -37.61 -45.97 73.84
C LEU M 179 -38.70 -45.23 73.06
N LYS M 180 -39.17 -45.86 71.99
CA LYS M 180 -40.13 -45.24 71.10
C LYS M 180 -41.51 -45.36 71.70
N GLU M 181 -42.20 -44.24 71.89
CA GLU M 181 -43.53 -44.25 72.45
C GLU M 181 -44.52 -44.92 71.49
N GLN M 182 -44.25 -44.85 70.18
CA GLN M 182 -45.07 -45.53 69.19
C GLN M 182 -44.16 -46.16 68.14
N PRO M 183 -43.72 -47.42 68.32
CA PRO M 183 -42.65 -47.98 67.49
C PRO M 183 -42.96 -48.06 65.99
N ALA M 184 -44.25 -48.14 65.63
CA ALA M 184 -44.63 -48.29 64.23
C ALA M 184 -44.56 -46.96 63.47
N LEU M 185 -44.18 -45.85 64.13
CA LEU M 185 -44.17 -44.54 63.49
C LEU M 185 -42.74 -44.04 63.32
N GLN M 186 -42.46 -43.46 62.15
CA GLN M 186 -41.15 -42.88 61.86
C GLN M 186 -40.87 -41.71 62.77
N ASP M 187 -41.92 -40.98 63.15
CA ASP M 187 -41.77 -39.75 63.90
C ASP M 187 -42.26 -39.97 65.33
N SER M 188 -42.20 -41.23 65.79
CA SER M 188 -42.44 -41.53 67.19
C SER M 188 -41.69 -40.57 68.08
N ARG M 189 -42.36 -40.11 69.13
CA ARG M 189 -41.71 -39.42 70.21
C ARG M 189 -41.07 -40.47 71.11
N TYR M 190 -40.20 -40.00 72.02
CA TYR M 190 -39.37 -40.90 72.81
C TYR M 190 -39.61 -40.69 74.29
N ALA M 191 -39.32 -41.74 75.07
CA ALA M 191 -39.29 -41.66 76.53
C ALA M 191 -37.99 -42.24 77.07
N LEU M 192 -37.57 -41.74 78.25
CA LEU M 192 -36.40 -42.22 78.94
C LEU M 192 -36.62 -42.22 80.44
N SER M 193 -36.22 -43.32 81.10
CA SER M 193 -36.28 -43.38 82.56
C SER M 193 -34.88 -43.46 83.17
N SER M 194 -34.79 -43.04 84.43
CA SER M 194 -33.56 -43.19 85.20
C SER M 194 -33.90 -43.54 86.64
N ARG M 195 -32.98 -44.21 87.34
CA ARG M 195 -33.18 -44.50 88.74
C ARG M 195 -32.04 -43.90 89.55
N LEU M 196 -32.40 -43.38 90.74
CA LEU M 196 -31.46 -42.99 91.78
C LEU M 196 -31.84 -43.74 93.05
N ARG M 197 -30.91 -44.56 93.55
CA ARG M 197 -31.17 -45.36 94.73
C ARG M 197 -30.31 -44.82 95.87
N VAL M 198 -30.98 -44.49 96.98
CA VAL M 198 -30.34 -44.02 98.18
C VAL M 198 -30.84 -44.89 99.33
N SER M 199 -30.21 -44.73 100.50
CA SER M 199 -30.66 -45.46 101.71
C SER M 199 -32.02 -44.93 102.14
N ALA M 200 -32.82 -45.78 102.77
CA ALA M 200 -34.14 -45.34 103.26
C ALA M 200 -33.99 -44.16 104.22
N THR M 201 -32.96 -44.16 105.07
CA THR M 201 -32.90 -43.09 106.06
C THR M 201 -32.66 -41.75 105.36
N PHE M 202 -31.87 -41.77 104.28
CA PHE M 202 -31.58 -40.56 103.51
C PHE M 202 -32.85 -40.02 102.90
N TRP M 203 -33.68 -40.89 102.28
CA TRP M 203 -34.94 -40.46 101.70
C TRP M 203 -35.88 -39.94 102.78
N GLN M 204 -35.80 -40.55 103.98
CA GLN M 204 -36.72 -40.26 105.08
C GLN M 204 -36.47 -38.87 105.69
N ASP M 205 -35.30 -38.27 105.36
CA ASP M 205 -34.94 -36.96 105.86
C ASP M 205 -35.55 -35.86 104.99
N PRO M 206 -36.54 -35.08 105.51
CA PRO M 206 -37.29 -34.15 104.66
C PRO M 206 -36.51 -32.89 104.28
N ARG M 207 -35.26 -32.80 104.69
CA ARG M 207 -34.42 -31.67 104.29
C ARG M 207 -33.67 -32.01 103.01
N ASN M 208 -33.66 -33.28 102.60
CA ASN M 208 -32.98 -33.69 101.39
C ASN M 208 -33.82 -33.39 100.16
N HIS M 209 -33.16 -32.76 99.18
CA HIS M 209 -33.78 -32.29 97.95
C HIS M 209 -33.25 -33.11 96.78
N PHE M 210 -34.17 -33.65 95.98
CA PHE M 210 -33.82 -34.40 94.79
C PHE M 210 -34.35 -33.67 93.56
N ARG M 211 -33.51 -33.55 92.54
CA ARG M 211 -33.92 -33.00 91.25
C ARG M 211 -33.46 -33.90 90.11
N CYS M 212 -34.39 -34.18 89.20
CA CYS M 212 -34.09 -34.79 87.91
C CYS M 212 -34.08 -33.69 86.85
N GLN M 213 -32.96 -33.59 86.12
CA GLN M 213 -32.72 -32.53 85.17
C GLN M 213 -32.50 -33.12 83.79
N VAL M 214 -33.29 -32.67 82.81
CA VAL M 214 -33.18 -33.19 81.45
C VAL M 214 -32.81 -32.07 80.50
N GLN M 215 -31.59 -32.15 79.96
CA GLN M 215 -31.18 -31.23 78.91
C GLN M 215 -31.78 -31.74 77.61
N PHE M 216 -32.60 -30.89 76.96
CA PHE M 216 -33.18 -31.23 75.68
C PHE M 216 -32.50 -30.43 74.57
N TYR M 217 -32.16 -31.12 73.47
CA TYR M 217 -31.55 -30.47 72.32
C TYR M 217 -32.65 -30.28 71.27
N GLY M 218 -33.01 -29.02 71.03
CA GLY M 218 -34.13 -28.68 70.16
C GLY M 218 -33.79 -27.63 69.11
N LEU M 219 -34.79 -26.78 68.82
CA LEU M 219 -34.62 -25.68 67.88
C LEU M 219 -33.71 -24.64 68.51
N SER M 220 -33.09 -23.80 67.69
CA SER M 220 -32.29 -22.69 68.19
C SER M 220 -33.19 -21.46 68.29
N GLU M 221 -32.68 -20.43 68.98
CA GLU M 221 -33.45 -19.22 69.21
C GLU M 221 -33.72 -18.52 67.87
N ASN M 222 -33.07 -18.99 66.82
CA ASN M 222 -33.07 -18.33 65.53
C ASN M 222 -34.16 -18.89 64.61
N ASP M 223 -34.68 -20.07 64.94
CA ASP M 223 -35.51 -20.83 64.02
C ASP M 223 -36.91 -20.23 63.91
N GLU M 224 -37.53 -20.45 62.74
CA GLU M 224 -38.88 -19.98 62.45
C GLU M 224 -39.88 -20.90 63.14
N TRP M 225 -40.92 -20.31 63.73
CA TRP M 225 -41.95 -21.12 64.43
C TRP M 225 -43.31 -20.43 64.28
N THR M 226 -44.33 -21.19 63.88
CA THR M 226 -45.64 -20.59 63.63
C THR M 226 -46.76 -21.37 64.32
N GLN M 227 -46.40 -22.42 65.06
CA GLN M 227 -47.43 -23.28 65.68
C GLN M 227 -47.88 -22.63 67.00
N ASP M 228 -48.99 -23.12 67.56
CA ASP M 228 -49.53 -22.49 68.79
C ASP M 228 -48.74 -23.04 69.98
N ARG M 229 -48.08 -24.18 69.80
CA ARG M 229 -47.21 -24.72 70.88
C ARG M 229 -46.01 -23.78 71.06
N ALA M 230 -45.42 -23.77 72.25
CA ALA M 230 -44.22 -22.96 72.50
C ALA M 230 -43.06 -23.48 71.66
N LYS M 231 -42.26 -22.58 71.10
CA LYS M 231 -41.11 -23.00 70.25
C LYS M 231 -40.30 -24.03 71.02
N PRO M 232 -40.15 -25.27 70.50
CA PRO M 232 -39.41 -26.35 71.20
C PRO M 232 -37.92 -26.08 71.19
N VAL M 233 -37.49 -25.02 71.89
CA VAL M 233 -36.07 -24.69 71.87
C VAL M 233 -35.30 -25.68 72.74
N THR M 234 -34.00 -25.75 72.49
CA THR M 234 -33.03 -26.28 73.44
C THR M 234 -33.30 -25.66 74.79
N GLN M 235 -33.43 -26.50 75.81
CA GLN M 235 -33.83 -26.05 77.12
C GLN M 235 -33.70 -27.21 78.10
N ILE M 236 -33.76 -26.84 79.39
CA ILE M 236 -33.71 -27.78 80.48
C ILE M 236 -35.09 -27.87 81.11
N VAL M 237 -35.51 -29.09 81.39
CA VAL M 237 -36.77 -29.38 82.02
C VAL M 237 -36.47 -30.26 83.24
N SER M 238 -37.00 -29.86 84.41
CA SER M 238 -36.64 -30.46 85.67
C SER M 238 -37.92 -30.84 86.42
N ALA M 239 -37.86 -31.95 87.16
CA ALA M 239 -38.82 -32.21 88.20
C ALA M 239 -38.07 -32.42 89.51
N GLU M 240 -38.73 -32.17 90.64
CA GLU M 240 -38.07 -32.24 91.94
C GLU M 240 -38.94 -32.98 92.96
N ALA M 241 -38.29 -33.37 94.07
CA ALA M 241 -38.94 -34.03 95.18
C ALA M 241 -38.13 -33.80 96.44
N TRP M 242 -38.80 -33.86 97.59
CA TRP M 242 -38.16 -33.73 98.89
C TRP M 242 -38.39 -35.01 99.66
N GLY M 243 -37.46 -35.36 100.55
CA GLY M 243 -37.62 -36.52 101.44
C GLY M 243 -38.86 -36.38 102.32
N ARG M 244 -39.26 -37.50 102.95
CA ARG M 244 -40.47 -37.57 103.77
C ARG M 244 -40.38 -38.73 104.76
N ALA M 245 -41.00 -38.56 105.95
CA ALA M 245 -40.77 -39.42 107.09
C ALA M 245 -41.73 -40.62 107.10
N VAL N 137 19.05 -53.44 37.04
CA VAL N 137 18.67 -54.36 38.15
C VAL N 137 17.83 -53.64 39.21
N SER N 138 17.14 -52.55 38.86
CA SER N 138 16.66 -51.62 39.87
C SER N 138 15.27 -51.09 39.56
N PHE N 139 14.43 -50.97 40.59
CA PHE N 139 13.30 -50.07 40.54
C PHE N 139 13.67 -48.83 41.34
N HIS N 140 13.37 -47.65 40.80
CA HIS N 140 13.48 -46.47 41.63
C HIS N 140 12.51 -45.36 41.24
N VAL N 141 12.14 -44.62 42.27
CA VAL N 141 11.27 -43.46 42.20
C VAL N 141 12.19 -42.25 42.29
N ILE N 142 11.88 -41.22 41.52
CA ILE N 142 12.70 -39.98 41.60
C ILE N 142 11.74 -38.86 42.00
N GLN N 143 12.27 -37.84 42.66
CA GLN N 143 11.42 -36.68 43.02
C GLN N 143 12.24 -35.41 42.80
N ILE N 144 11.58 -34.36 42.32
CA ILE N 144 12.26 -33.06 42.10
C ILE N 144 11.42 -32.00 42.82
N PHE N 145 11.99 -31.39 43.86
CA PHE N 145 11.27 -30.35 44.62
C PHE N 145 11.95 -29.03 44.34
N SER N 146 11.20 -28.09 43.77
CA SER N 146 11.79 -26.78 43.38
C SER N 146 11.19 -25.66 44.24
N PHE N 147 12.03 -25.00 45.03
CA PHE N 147 11.58 -23.91 45.87
C PHE N 147 12.06 -22.58 45.30
N VAL N 148 11.14 -21.75 44.87
CA VAL N 148 11.46 -20.52 44.17
C VAL N 148 11.28 -19.34 45.12
N ASN N 149 10.04 -19.21 45.62
CA ASN N 149 9.59 -18.12 46.45
C ASN N 149 9.16 -18.74 47.77
N GLN N 150 8.85 -17.92 48.77
CA GLN N 150 8.17 -18.43 49.94
C GLN N 150 6.77 -18.89 49.54
N SER N 151 6.26 -18.38 48.42
CA SER N 151 4.88 -18.62 48.00
C SER N 151 4.79 -19.71 46.94
N TRP N 152 5.91 -20.10 46.35
CA TRP N 152 5.85 -21.00 45.21
C TRP N 152 6.90 -22.08 45.36
N ALA N 153 6.42 -23.31 45.55
CA ALA N 153 7.23 -24.51 45.52
C ALA N 153 6.46 -25.60 44.80
N ARG N 154 7.19 -26.57 44.26
CA ARG N 154 6.53 -27.60 43.41
C ARG N 154 7.22 -28.94 43.57
N GLY N 155 6.47 -30.02 43.42
CA GLY N 155 7.05 -31.37 43.48
C GLY N 155 6.67 -32.15 42.24
N GLN N 156 7.61 -32.88 41.65
CA GLN N 156 7.31 -33.71 40.48
C GLN N 156 8.10 -35.02 40.62
N GLY N 157 7.60 -36.12 40.06
CA GLY N 157 8.32 -37.36 40.24
C GLY N 157 7.82 -38.47 39.33
N SER N 158 8.47 -39.64 39.38
CA SER N 158 8.24 -40.68 38.39
C SER N 158 8.93 -41.95 38.87
N GLY N 159 8.55 -43.08 38.28
CA GLY N 159 9.16 -44.35 38.58
C GLY N 159 9.85 -44.96 37.36
N TRP N 160 10.91 -45.75 37.61
CA TRP N 160 11.86 -46.14 36.59
C TRP N 160 12.39 -47.55 36.83
N LEU N 161 12.45 -48.34 35.75
CA LEU N 161 13.32 -49.51 35.64
C LEU N 161 14.58 -49.09 34.90
N ASP N 162 15.63 -48.76 35.66
CA ASP N 162 16.86 -48.19 35.12
C ASP N 162 16.51 -46.93 34.32
N GLU N 163 16.69 -47.01 33.01
CA GLU N 163 16.46 -45.86 32.14
C GLU N 163 15.01 -45.84 31.67
N LEU N 164 14.28 -46.94 31.88
CA LEU N 164 12.97 -47.10 31.28
C LEU N 164 11.88 -46.65 32.25
N GLN N 165 11.10 -45.63 31.85
CA GLN N 165 10.09 -45.05 32.73
C GLN N 165 8.86 -45.94 32.79
N THR N 166 8.42 -46.30 34.01
CA THR N 166 7.27 -47.15 34.25
C THR N 166 6.09 -46.38 34.85
N HIS N 167 6.36 -45.25 35.51
CA HIS N 167 5.29 -44.51 36.18
C HIS N 167 5.51 -43.02 36.02
N GLY N 168 4.40 -42.27 35.94
CA GLY N 168 4.40 -40.84 36.17
C GLY N 168 3.56 -40.48 37.40
N TRP N 169 3.48 -39.18 37.67
CA TRP N 169 2.69 -38.68 38.81
C TRP N 169 1.94 -37.44 38.38
N ASP N 170 0.61 -37.51 38.41
CA ASP N 170 -0.20 -36.36 38.10
C ASP N 170 -0.36 -35.56 39.38
N SER N 171 0.25 -34.38 39.40
CA SER N 171 0.28 -33.56 40.61
C SER N 171 -1.04 -32.85 40.81
N GLU N 172 -1.79 -32.60 39.73
CA GLU N 172 -3.12 -32.04 39.80
C GLU N 172 -3.95 -32.91 40.76
N SER N 173 -4.03 -34.21 40.44
CA SER N 173 -4.89 -35.14 41.19
C SER N 173 -4.12 -35.86 42.31
N GLY N 174 -2.80 -35.82 42.29
CA GLY N 174 -2.05 -36.58 43.28
C GLY N 174 -2.22 -38.06 43.03
N THR N 175 -2.01 -38.49 41.78
CA THR N 175 -2.25 -39.90 41.44
C THR N 175 -1.09 -40.47 40.66
N ILE N 176 -0.94 -41.78 40.68
CA ILE N 176 0.07 -42.47 39.90
C ILE N 176 -0.43 -42.62 38.47
N ILE N 177 0.42 -42.31 37.49
CA ILE N 177 0.14 -42.60 36.09
C ILE N 177 0.83 -43.92 35.76
N PHE N 178 0.06 -44.92 35.36
CA PHE N 178 0.62 -46.20 34.95
C PHE N 178 0.88 -46.15 33.45
N LEU N 179 2.17 -46.05 33.05
CA LEU N 179 2.50 -45.75 31.66
C LEU N 179 2.29 -46.98 30.76
N HIS N 180 2.48 -48.17 31.31
CA HIS N 180 2.29 -49.39 30.54
C HIS N 180 1.25 -50.22 31.29
N ASN N 181 0.63 -51.16 30.58
CA ASN N 181 -0.38 -51.97 31.21
C ASN N 181 0.24 -53.05 32.08
N TRP N 182 1.58 -53.11 32.15
CA TRP N 182 2.24 -53.99 33.11
C TRP N 182 2.86 -53.19 34.24
N SER N 183 2.58 -51.88 34.28
CA SER N 183 3.17 -51.00 35.26
C SER N 183 2.64 -51.28 36.67
N LYS N 184 1.58 -52.10 36.79
CA LYS N 184 1.03 -52.49 38.08
C LYS N 184 1.80 -53.66 38.68
N GLY N 185 2.71 -54.25 37.90
CA GLY N 185 3.48 -55.37 38.39
C GLY N 185 2.53 -56.48 38.83
N ASN N 186 2.85 -57.11 39.97
CA ASN N 186 1.98 -58.16 40.55
C ASN N 186 1.16 -57.57 41.70
N PHE N 187 1.12 -56.25 41.84
CA PHE N 187 0.44 -55.63 42.99
C PHE N 187 -1.03 -55.37 42.71
N SER N 188 -1.88 -55.52 43.72
CA SER N 188 -3.30 -55.24 43.64
C SER N 188 -3.55 -53.74 43.53
N ASN N 189 -4.71 -53.37 42.98
CA ASN N 189 -5.12 -51.97 42.94
C ASN N 189 -5.14 -51.40 44.36
N GLU N 190 -5.55 -52.23 45.32
CA GLU N 190 -5.74 -51.76 46.68
C GLU N 190 -4.38 -51.42 47.28
N GLU N 191 -3.37 -52.27 47.11
CA GLU N 191 -2.03 -51.90 47.62
C GLU N 191 -1.53 -50.62 46.93
N LEU N 192 -1.83 -50.47 45.65
CA LEU N 192 -1.34 -49.32 44.89
C LEU N 192 -2.09 -48.04 45.29
N SER N 193 -3.40 -48.10 45.58
CA SER N 193 -4.12 -46.95 46.10
C SER N 193 -3.53 -46.51 47.42
N ASP N 194 -3.20 -47.49 48.26
CA ASP N 194 -2.68 -47.20 49.58
C ASP N 194 -1.34 -46.46 49.43
N LEU N 195 -0.46 -46.95 48.55
CA LEU N 195 0.80 -46.28 48.29
C LEU N 195 0.56 -44.90 47.67
N GLU N 196 -0.38 -44.80 46.74
CA GLU N 196 -0.64 -43.50 46.05
C GLU N 196 -0.90 -42.40 47.07
N LEU N 197 -1.73 -42.69 48.07
CA LEU N 197 -2.09 -41.65 49.07
C LEU N 197 -0.88 -41.33 49.94
N LEU N 198 -0.08 -42.33 50.28
CA LEU N 198 1.15 -42.09 51.07
C LEU N 198 2.02 -41.11 50.29
N PHE N 199 2.21 -41.36 49.00
CA PHE N 199 3.03 -40.46 48.15
C PHE N 199 2.47 -39.07 48.18
N ARG N 200 1.14 -38.96 48.10
CA ARG N 200 0.50 -37.63 48.07
C ARG N 200 0.83 -36.88 49.36
N PHE N 201 0.63 -37.54 50.50
CA PHE N 201 0.86 -36.88 51.82
C PHE N 201 2.35 -36.56 51.97
N TYR N 202 3.21 -37.46 51.50
CA TYR N 202 4.68 -37.23 51.55
C TYR N 202 5.05 -36.00 50.75
N LEU N 203 4.58 -35.91 49.51
CA LEU N 203 5.01 -34.78 48.64
C LEU N 203 4.56 -33.45 49.25
N PHE N 204 3.30 -33.38 49.68
CA PHE N 204 2.81 -32.13 50.32
C PHE N 204 3.57 -31.93 51.61
N GLY N 205 3.79 -33.02 52.34
CA GLY N 205 4.38 -32.87 53.67
C GLY N 205 5.83 -32.41 53.62
N LEU N 206 6.63 -33.05 52.74
CA LEU N 206 8.03 -32.66 52.58
C LEU N 206 8.14 -31.23 52.08
N THR N 207 7.33 -30.89 51.07
CA THR N 207 7.33 -29.54 50.53
C THR N 207 7.04 -28.53 51.63
N ARG N 208 6.01 -28.80 52.44
CA ARG N 208 5.60 -27.84 53.45
C ARG N 208 6.67 -27.77 54.53
N GLU N 209 7.24 -28.93 54.87
CA GLU N 209 8.17 -28.98 55.98
C GLU N 209 9.39 -28.13 55.63
N ILE N 210 9.84 -28.24 54.36
CA ILE N 210 10.95 -27.43 53.89
C ILE N 210 10.54 -25.97 53.82
N GLN N 211 9.41 -25.65 53.18
CA GLN N 211 8.96 -24.27 53.07
C GLN N 211 8.91 -23.61 54.44
N ASP N 212 8.54 -24.35 55.48
CA ASP N 212 8.44 -23.81 56.84
C ASP N 212 9.80 -23.40 57.40
N HIS N 213 10.84 -24.17 57.07
CA HIS N 213 12.19 -23.89 57.54
C HIS N 213 12.77 -22.75 56.71
N ALA N 214 12.61 -22.82 55.39
CA ALA N 214 13.25 -21.89 54.48
C ALA N 214 12.63 -20.50 54.55
N SER N 215 11.32 -20.43 54.77
CA SER N 215 10.57 -19.20 54.52
C SER N 215 10.99 -18.08 55.47
N GLN N 216 11.75 -18.42 56.52
CA GLN N 216 12.09 -17.46 57.57
C GLN N 216 13.44 -16.81 57.31
N ASP N 217 14.14 -17.18 56.22
CA ASP N 217 15.34 -16.47 55.83
C ASP N 217 15.18 -15.73 54.50
N TYR N 218 14.17 -16.09 53.68
CA TYR N 218 13.86 -15.42 52.43
C TYR N 218 15.03 -15.48 51.45
N SER N 219 16.21 -15.92 51.91
CA SER N 219 17.48 -15.53 51.30
C SER N 219 18.06 -16.69 50.47
N LYS N 220 17.83 -17.92 50.94
CA LYS N 220 18.41 -19.10 50.33
C LYS N 220 17.69 -19.46 49.02
N TYR N 221 16.62 -18.73 48.66
CA TYR N 221 15.84 -19.03 47.47
C TYR N 221 16.56 -18.51 46.24
N PRO N 222 16.32 -19.08 45.03
CA PRO N 222 15.66 -20.37 44.87
C PRO N 222 16.60 -21.52 45.19
N PHE N 223 16.06 -22.71 45.42
CA PHE N 223 16.89 -23.90 45.59
C PHE N 223 16.06 -25.12 45.20
N GLU N 224 16.75 -26.21 44.89
CA GLU N 224 16.05 -27.41 44.37
C GLU N 224 16.54 -28.68 45.05
N VAL N 225 15.60 -29.50 45.52
CA VAL N 225 15.97 -30.78 46.20
C VAL N 225 15.61 -31.93 45.28
N GLN N 226 16.50 -32.91 45.14
CA GLN N 226 16.20 -34.11 44.33
C GLN N 226 16.31 -35.35 45.21
N VAL N 227 15.46 -36.34 44.96
CA VAL N 227 15.44 -37.59 45.69
C VAL N 227 15.50 -38.73 44.69
N LYS N 228 16.37 -39.69 44.97
CA LYS N 228 16.33 -40.96 44.29
C LYS N 228 16.18 -42.07 45.33
N ALA N 229 15.09 -42.82 45.24
CA ALA N 229 14.83 -43.87 46.21
C ALA N 229 14.35 -45.13 45.50
N GLY N 230 14.85 -46.28 45.95
CA GLY N 230 14.37 -47.54 45.35
C GLY N 230 15.20 -48.72 45.82
N CYS N 231 15.27 -49.77 45.00
CA CYS N 231 15.99 -51.00 45.39
C CYS N 231 16.74 -51.58 44.20
N GLU N 232 17.77 -52.38 44.48
CA GLU N 232 18.55 -53.06 43.41
C GLU N 232 18.78 -54.51 43.83
N LEU N 233 18.68 -55.44 42.89
CA LEU N 233 18.90 -56.86 43.20
C LEU N 233 20.39 -57.18 43.03
N HIS N 234 20.90 -58.15 43.79
CA HIS N 234 22.35 -58.45 43.74
C HIS N 234 22.56 -59.95 43.59
N SER N 235 23.52 -60.34 42.74
CA SER N 235 23.77 -61.77 42.46
C SER N 235 23.72 -62.63 43.72
N GLY N 236 22.68 -63.45 43.88
CA GLY N 236 22.61 -64.39 45.01
C GLY N 236 22.44 -63.75 46.37
N LYS N 237 22.86 -62.50 46.55
CA LYS N 237 22.80 -61.90 47.90
C LYS N 237 21.46 -61.19 48.11
N SER N 238 21.25 -60.62 49.29
CA SER N 238 19.96 -59.93 49.61
C SER N 238 19.87 -58.60 48.86
N PRO N 239 18.67 -58.19 48.40
CA PRO N 239 18.49 -56.91 47.64
C PRO N 239 18.88 -55.71 48.49
N GLU N 240 19.54 -54.74 47.88
CA GLU N 240 19.91 -53.49 48.61
C GLU N 240 18.91 -52.40 48.23
N GLY N 241 18.67 -51.47 49.15
CA GLY N 241 17.75 -50.37 48.88
C GLY N 241 18.45 -49.06 49.11
N PHE N 242 17.90 -47.98 48.58
CA PHE N 242 18.63 -46.69 48.69
C PHE N 242 17.67 -45.53 48.78
N PHE N 243 18.09 -44.48 49.46
CA PHE N 243 17.33 -43.24 49.50
C PHE N 243 18.36 -42.12 49.55
N GLN N 244 18.53 -41.44 48.42
CA GLN N 244 19.62 -40.50 48.28
C GLN N 244 19.04 -39.13 47.96
N VAL N 245 19.69 -38.09 48.46
CA VAL N 245 19.14 -36.76 48.36
C VAL N 245 20.22 -35.80 47.92
N ALA N 246 19.83 -34.91 46.98
CA ALA N 246 20.72 -33.86 46.51
C ALA N 246 20.07 -32.52 46.81
N PHE N 247 20.95 -31.53 46.95
CA PHE N 247 20.56 -30.14 47.19
C PHE N 247 21.38 -29.27 46.25
N ASN N 248 20.69 -28.53 45.39
CA ASN N 248 21.33 -27.66 44.37
C ASN N 248 22.31 -28.46 43.52
N GLY N 249 21.97 -29.71 43.19
CA GLY N 249 22.81 -30.49 42.26
C GLY N 249 23.85 -31.34 42.94
N LEU N 250 24.03 -31.19 44.25
CA LEU N 250 25.15 -31.92 44.90
C LEU N 250 24.64 -32.87 45.99
N ASP N 251 25.26 -34.04 46.10
CA ASP N 251 24.94 -34.96 47.18
C ASP N 251 24.77 -34.21 48.49
N LEU N 252 23.66 -34.49 49.20
CA LEU N 252 23.42 -33.89 50.50
C LEU N 252 23.51 -34.95 51.60
N LEU N 253 22.70 -36.02 51.45
CA LEU N 253 22.71 -37.08 52.44
C LEU N 253 22.08 -38.31 51.84
N SER N 254 22.25 -39.43 52.53
CA SER N 254 21.60 -40.65 52.09
C SER N 254 21.30 -41.55 53.29
N PHE N 255 20.47 -42.57 53.03
CA PHE N 255 20.04 -43.50 54.04
C PHE N 255 20.93 -44.74 53.99
N GLN N 256 21.70 -44.98 55.06
CA GLN N 256 22.57 -46.14 55.14
C GLN N 256 22.11 -47.03 56.27
N ASN N 257 21.66 -48.24 55.94
CA ASN N 257 21.19 -49.20 56.93
C ASN N 257 20.00 -48.56 57.65
N THR N 258 20.23 -48.02 58.86
CA THR N 258 19.16 -47.49 59.69
C THR N 258 19.38 -46.00 59.97
N THR N 259 20.45 -45.44 59.37
CA THR N 259 20.94 -44.12 59.73
C THR N 259 20.97 -43.19 58.50
N TRP N 260 20.51 -41.95 58.71
CA TRP N 260 20.71 -40.90 57.74
C TRP N 260 22.11 -40.34 57.88
N VAL N 261 22.92 -40.55 56.83
CA VAL N 261 24.31 -40.17 56.82
C VAL N 261 24.47 -38.98 55.90
N PRO N 262 25.11 -37.88 56.35
CA PRO N 262 25.41 -36.74 55.48
C PRO N 262 26.53 -36.99 54.47
N SER N 263 26.44 -36.36 53.30
CA SER N 263 27.48 -36.48 52.28
C SER N 263 28.77 -35.84 52.73
N PRO N 264 29.91 -36.57 52.61
CA PRO N 264 31.22 -36.01 52.94
C PRO N 264 31.37 -34.56 52.50
N GLY N 265 31.68 -33.69 53.46
CA GLY N 265 32.05 -32.31 53.20
C GLY N 265 30.87 -31.39 52.88
N CYS N 266 29.64 -31.77 53.24
CA CYS N 266 28.50 -30.91 52.95
C CYS N 266 28.04 -30.10 54.17
N GLY N 267 28.90 -29.99 55.17
CA GLY N 267 28.78 -28.91 56.13
C GLY N 267 27.51 -29.04 56.96
N SER N 268 27.08 -27.90 57.51
CA SER N 268 26.15 -27.90 58.63
C SER N 268 24.72 -28.12 58.14
N LEU N 269 24.42 -27.77 56.89
CA LEU N 269 23.09 -28.04 56.35
C LEU N 269 22.82 -29.55 56.43
N ALA N 270 23.71 -30.34 55.81
CA ALA N 270 23.55 -31.79 55.76
C ALA N 270 23.48 -32.34 57.19
N GLN N 271 24.36 -31.84 58.06
CA GLN N 271 24.52 -32.38 59.39
C GLN N 271 23.21 -32.27 60.18
N SER N 272 22.63 -31.08 60.12
CA SER N 272 21.47 -30.76 60.93
C SER N 272 20.22 -31.38 60.35
N VAL N 273 20.16 -31.61 59.03
CA VAL N 273 19.02 -32.31 58.47
C VAL N 273 19.10 -33.78 58.89
N CYS N 274 20.30 -34.36 58.90
CA CYS N 274 20.49 -35.72 59.37
C CYS N 274 20.10 -35.87 60.86
N HIS N 275 20.56 -34.93 61.69
CA HIS N 275 20.22 -34.96 63.10
C HIS N 275 18.69 -35.02 63.28
N LEU N 276 18.00 -34.13 62.57
CA LEU N 276 16.56 -34.00 62.60
C LEU N 276 15.91 -35.32 62.20
N LEU N 277 16.38 -35.90 61.10
CA LEU N 277 15.78 -37.15 60.60
C LEU N 277 16.02 -38.32 61.57
N ASN N 278 17.21 -38.40 62.17
CA ASN N 278 17.55 -39.52 63.02
C ASN N 278 16.82 -39.41 64.38
N HIS N 279 16.53 -38.19 64.82
CA HIS N 279 16.12 -37.96 66.20
C HIS N 279 14.66 -37.55 66.33
N GLN N 280 14.04 -36.94 65.32
CA GLN N 280 12.68 -36.42 65.42
C GLN N 280 11.77 -36.87 64.27
N TYR N 281 12.20 -37.82 63.46
CA TYR N 281 11.33 -38.31 62.41
C TYR N 281 11.55 -39.82 62.29
N GLU N 282 11.72 -40.50 63.44
CA GLU N 282 11.90 -41.94 63.46
C GLU N 282 10.71 -42.60 62.74
N GLY N 283 9.51 -42.02 62.82
CA GLY N 283 8.39 -42.60 62.07
C GLY N 283 8.67 -42.63 60.59
N VAL N 284 9.22 -41.54 60.06
CA VAL N 284 9.50 -41.44 58.64
C VAL N 284 10.60 -42.43 58.24
N THR N 285 11.69 -42.45 59.02
CA THR N 285 12.78 -43.41 58.86
C THR N 285 12.25 -44.84 58.74
N GLU N 286 11.32 -45.20 59.61
CA GLU N 286 10.80 -46.58 59.60
C GLU N 286 10.09 -46.85 58.28
N THR N 287 9.35 -45.86 57.78
CA THR N 287 8.56 -46.06 56.54
C THR N 287 9.51 -46.22 55.38
N VAL N 288 10.52 -45.34 55.30
CA VAL N 288 11.49 -45.42 54.22
C VAL N 288 12.17 -46.78 54.26
N TYR N 289 12.63 -47.20 55.45
CA TYR N 289 13.29 -48.48 55.59
C TYR N 289 12.42 -49.58 54.99
N ASN N 290 11.17 -49.65 55.42
CA ASN N 290 10.25 -50.68 54.99
C ASN N 290 9.97 -50.58 53.48
N LEU N 291 9.82 -49.36 52.95
CA LEU N 291 9.51 -49.17 51.55
C LEU N 291 10.65 -49.68 50.66
N ILE N 292 11.88 -49.31 51.02
CA ILE N 292 13.09 -49.55 50.27
C ILE N 292 13.50 -51.02 50.40
N ARG N 293 13.27 -51.65 51.55
CA ARG N 293 13.81 -52.97 51.84
C ARG N 293 12.77 -54.07 51.72
N SER N 294 11.48 -53.77 51.83
CA SER N 294 10.48 -54.85 51.78
C SER N 294 9.53 -54.65 50.60
N THR N 295 8.96 -53.46 50.45
CA THR N 295 7.96 -53.23 49.39
C THR N 295 8.65 -53.16 48.04
N CYS N 296 9.67 -52.30 47.90
CA CYS N 296 10.35 -52.12 46.58
C CYS N 296 10.76 -53.48 45.99
N PRO N 297 11.54 -54.34 46.68
CA PRO N 297 12.00 -55.62 46.10
C PRO N 297 10.82 -56.40 45.52
N ARG N 298 9.72 -56.47 46.26
CA ARG N 298 8.53 -57.25 45.81
C ARG N 298 7.98 -56.63 44.53
N PHE N 299 7.77 -55.32 44.53
CA PHE N 299 7.25 -54.64 43.32
C PHE N 299 8.17 -54.94 42.15
N LEU N 300 9.45 -54.65 42.31
CA LEU N 300 10.45 -54.84 41.21
C LEU N 300 10.29 -56.23 40.59
N LEU N 301 10.41 -57.27 41.40
CA LEU N 301 10.38 -58.64 40.85
C LEU N 301 9.06 -58.86 40.09
N GLY N 302 7.97 -58.28 40.58
CA GLY N 302 6.68 -58.42 39.89
C GLY N 302 6.65 -57.57 38.65
N LEU N 303 7.19 -56.36 38.75
CA LEU N 303 7.21 -55.47 37.61
C LEU N 303 8.05 -56.08 36.49
N LEU N 304 9.19 -56.69 36.85
CA LEU N 304 10.03 -57.36 35.88
C LEU N 304 9.26 -58.51 35.25
N ASP N 305 8.55 -59.26 36.10
CA ASP N 305 7.83 -60.42 35.61
C ASP N 305 6.72 -59.96 34.66
N ALA N 306 5.99 -58.91 35.04
CA ALA N 306 4.83 -58.49 34.26
C ALA N 306 5.27 -57.89 32.92
N GLY N 307 6.46 -57.28 32.86
CA GLY N 307 6.89 -56.51 31.70
C GLY N 307 7.97 -57.22 30.88
N LYS N 308 8.23 -58.51 31.16
CA LYS N 308 9.26 -59.28 30.48
C LYS N 308 9.30 -59.03 28.98
N MET N 309 8.17 -59.25 28.32
CA MET N 309 8.10 -59.21 26.86
C MET N 309 8.51 -57.83 26.35
N TYR N 310 8.19 -56.78 27.09
CA TYR N 310 8.48 -55.43 26.63
C TYR N 310 9.93 -55.07 26.96
N VAL N 311 10.43 -55.43 28.15
CA VAL N 311 11.73 -54.93 28.57
C VAL N 311 12.85 -55.69 27.87
N HIS N 312 12.60 -56.97 27.51
CA HIS N 312 13.59 -57.79 26.83
C HIS N 312 13.26 -57.95 25.33
N ARG N 313 12.31 -57.15 24.83
CA ARG N 313 11.96 -57.20 23.42
C ARG N 313 13.20 -56.81 22.64
N GLN N 314 13.27 -57.29 21.39
CA GLN N 314 14.31 -56.91 20.47
C GLN N 314 13.65 -56.11 19.34
N VAL N 315 14.16 -54.89 19.08
CA VAL N 315 13.67 -54.08 17.97
C VAL N 315 14.86 -53.71 17.07
N ARG N 316 14.67 -53.93 15.76
CA ARG N 316 15.72 -53.79 14.78
C ARG N 316 15.91 -52.33 14.36
N PRO N 317 17.18 -51.88 14.28
CA PRO N 317 17.47 -50.55 13.75
C PRO N 317 17.20 -50.45 12.26
N GLU N 318 16.67 -49.31 11.83
CA GLU N 318 16.81 -48.93 10.44
C GLU N 318 18.17 -48.25 10.34
N ALA N 319 18.90 -48.56 9.25
CA ALA N 319 20.26 -48.07 9.06
C ALA N 319 20.40 -47.48 7.66
N TRP N 320 21.15 -46.38 7.55
CA TRP N 320 21.38 -45.72 6.28
C TRP N 320 22.63 -44.84 6.37
N LEU N 321 23.21 -44.59 5.18
CA LEU N 321 24.36 -43.73 4.97
C LEU N 321 23.89 -42.41 4.36
N SER N 322 24.61 -41.32 4.66
CA SER N 322 24.36 -40.04 4.01
C SER N 322 25.66 -39.24 3.92
N SER N 323 25.65 -38.22 3.05
CA SER N 323 26.85 -37.48 2.68
C SER N 323 26.63 -35.98 2.86
N ARG N 324 27.73 -35.27 3.13
CA ARG N 324 27.76 -33.83 3.00
C ARG N 324 29.22 -33.38 3.06
N PRO N 325 29.61 -32.18 2.56
CA PRO N 325 31.05 -31.79 2.56
C PRO N 325 31.50 -31.51 3.98
N SER N 326 32.81 -31.60 4.24
CA SER N 326 33.31 -31.22 5.58
C SER N 326 33.48 -29.70 5.59
N LEU N 327 33.86 -29.12 6.73
CA LEU N 327 34.12 -27.66 6.78
C LEU N 327 35.57 -27.41 6.34
N GLY N 328 36.37 -28.48 6.22
CA GLY N 328 37.76 -28.36 5.74
C GLY N 328 38.37 -29.72 5.53
N SER N 329 39.66 -29.88 5.78
CA SER N 329 40.33 -31.21 5.69
C SER N 329 39.88 -32.00 4.46
N GLY N 330 39.48 -33.26 4.65
CA GLY N 330 39.14 -34.13 3.51
C GLY N 330 38.03 -33.55 2.65
N GLN N 331 37.20 -32.67 3.22
CA GLN N 331 36.07 -32.04 2.49
C GLN N 331 35.02 -33.11 2.17
N LEU N 332 34.96 -34.18 2.97
CA LEU N 332 33.90 -35.21 2.75
C LEU N 332 33.53 -35.89 4.07
N LEU N 333 32.25 -35.82 4.44
CA LEU N 333 31.76 -36.45 5.66
C LEU N 333 30.81 -37.59 5.32
N LEU N 334 31.22 -38.82 5.67
CA LEU N 334 30.37 -39.99 5.54
C LEU N 334 29.72 -40.26 6.90
N VAL N 335 28.39 -40.41 6.91
CA VAL N 335 27.64 -40.53 8.14
C VAL N 335 26.85 -41.83 8.10
N CYS N 336 27.20 -42.76 8.99
CA CYS N 336 26.43 -43.99 9.17
C CYS N 336 25.46 -43.80 10.34
N HIS N 337 24.17 -44.00 10.06
CA HIS N 337 23.12 -43.79 11.04
C HIS N 337 22.46 -45.13 11.41
N ALA N 338 21.98 -45.22 12.65
CA ALA N 338 21.06 -46.27 13.07
C ALA N 338 20.00 -45.66 13.98
N SER N 339 18.71 -45.92 13.73
CA SER N 339 17.67 -45.48 14.63
C SER N 339 16.60 -46.54 14.84
N GLY N 340 15.96 -46.51 16.02
CA GLY N 340 14.78 -47.31 16.31
C GLY N 340 15.12 -48.69 16.87
N PHE N 341 16.32 -48.83 17.44
CA PHE N 341 16.77 -50.12 17.98
C PHE N 341 16.57 -50.17 19.49
N TYR N 342 16.43 -51.40 20.00
CA TYR N 342 16.24 -51.68 21.41
C TYR N 342 16.57 -53.15 21.64
N PRO N 343 17.42 -53.54 22.63
CA PRO N 343 17.89 -52.67 23.69
C PRO N 343 19.03 -51.74 23.27
N LYS N 344 19.62 -51.08 24.27
CA LYS N 344 20.53 -49.98 24.06
C LYS N 344 21.92 -50.45 23.59
N PRO N 345 22.51 -51.57 24.08
CA PRO N 345 23.81 -52.01 23.56
C PRO N 345 23.82 -52.12 22.04
N VAL N 346 24.78 -51.44 21.39
CA VAL N 346 24.88 -51.44 19.95
C VAL N 346 26.34 -51.15 19.54
N TRP N 347 26.76 -51.69 18.41
CA TRP N 347 28.17 -51.52 17.98
C TRP N 347 28.21 -51.16 16.50
N VAL N 348 28.27 -49.87 16.19
CA VAL N 348 28.36 -49.40 14.77
C VAL N 348 29.80 -48.97 14.50
N THR N 349 30.44 -49.52 13.45
CA THR N 349 31.86 -49.19 13.22
C THR N 349 32.19 -49.10 11.75
N TRP N 350 32.75 -47.97 11.31
CA TRP N 350 33.24 -47.90 9.94
C TRP N 350 34.37 -48.90 9.70
N MET N 351 34.45 -49.37 8.44
CA MET N 351 35.40 -50.47 8.16
C MET N 351 35.93 -50.46 6.71
N ARG N 352 37.24 -50.49 6.54
CA ARG N 352 37.84 -50.63 5.22
C ARG N 352 38.22 -52.10 5.05
N ASN N 353 37.59 -52.76 4.06
CA ASN N 353 37.65 -54.21 3.95
C ASN N 353 37.11 -54.81 5.25
N GLU N 354 37.79 -55.83 5.79
CA GLU N 354 37.41 -56.44 7.06
C GLU N 354 38.19 -55.80 8.20
N GLN N 355 38.86 -54.66 7.91
CA GLN N 355 39.67 -53.94 8.89
C GLN N 355 38.92 -52.69 9.34
N GLU N 356 38.79 -52.53 10.65
CA GLU N 356 38.17 -51.33 11.20
C GLU N 356 38.91 -50.08 10.73
N GLN N 357 38.19 -48.96 10.62
CA GLN N 357 38.74 -47.69 10.23
C GLN N 357 38.65 -46.75 11.42
N LEU N 358 39.78 -46.53 12.09
CA LEU N 358 39.79 -45.69 13.28
C LEU N 358 39.70 -44.22 12.84
N GLY N 359 39.50 -43.33 13.82
CA GLY N 359 39.48 -41.90 13.58
C GLY N 359 38.10 -41.38 13.23
N THR N 360 37.06 -42.16 13.57
CA THR N 360 35.69 -41.72 13.35
C THR N 360 35.22 -40.96 14.59
N LYS N 361 34.24 -40.07 14.40
CA LYS N 361 33.51 -39.44 15.50
C LYS N 361 32.33 -40.33 15.86
N HIS N 362 32.33 -40.91 17.05
CA HIS N 362 31.20 -41.70 17.55
C HIS N 362 30.19 -40.76 18.22
N GLY N 363 28.92 -40.83 17.80
CA GLY N 363 27.88 -40.00 18.39
C GLY N 363 27.49 -40.51 19.78
N ASP N 364 26.58 -39.78 20.43
CA ASP N 364 25.95 -40.27 21.65
C ASP N 364 24.76 -41.14 21.27
N ILE N 365 24.49 -42.18 22.08
CA ILE N 365 23.27 -42.94 21.91
C ILE N 365 22.13 -42.13 22.51
N LEU N 366 21.19 -41.69 21.66
CA LEU N 366 20.18 -40.70 22.00
C LEU N 366 18.80 -41.34 21.97
N PRO N 367 17.86 -40.92 22.85
CA PRO N 367 16.55 -41.56 22.96
C PRO N 367 15.55 -41.09 21.93
N ASN N 368 14.74 -42.05 21.43
CA ASN N 368 13.48 -41.75 20.75
C ASN N 368 12.33 -41.83 21.74
N ALA N 369 11.21 -41.19 21.39
CA ALA N 369 10.04 -41.08 22.24
C ALA N 369 9.51 -42.47 22.61
N ASP N 370 9.74 -43.47 21.74
CA ASP N 370 9.18 -44.79 21.94
C ASP N 370 10.11 -45.67 22.76
N GLY N 371 11.23 -45.13 23.27
CA GLY N 371 12.14 -45.89 24.11
C GLY N 371 13.25 -46.57 23.30
N THR N 372 13.20 -46.49 21.95
CA THR N 372 14.30 -46.93 21.12
C THR N 372 15.36 -45.84 21.09
N TRP N 373 16.47 -46.10 20.40
CA TRP N 373 17.61 -45.20 20.41
C TRP N 373 18.10 -44.87 19.00
N TYR N 374 18.86 -43.77 18.92
CA TYR N 374 19.51 -43.27 17.71
C TYR N 374 21.02 -43.17 17.94
N LEU N 375 21.82 -43.44 16.89
CA LEU N 375 23.26 -43.26 16.95
C LEU N 375 23.78 -42.95 15.55
N GLN N 376 24.72 -41.99 15.45
CA GLN N 376 25.38 -41.73 14.19
C GLN N 376 26.90 -41.77 14.41
N VAL N 377 27.63 -42.22 13.38
CA VAL N 377 29.07 -42.30 13.41
C VAL N 377 29.60 -41.66 12.13
N ILE N 378 30.63 -40.81 12.27
CA ILE N 378 31.10 -39.98 11.17
C ILE N 378 32.53 -40.37 10.82
N LEU N 379 32.77 -40.66 9.54
CA LEU N 379 34.12 -40.80 9.00
C LEU N 379 34.38 -39.65 8.02
N GLU N 380 35.38 -38.83 8.30
CA GLU N 380 35.75 -37.79 7.30
C GLU N 380 36.68 -38.45 6.29
N VAL N 381 36.51 -38.18 4.99
CA VAL N 381 37.48 -38.75 4.02
C VAL N 381 37.91 -37.68 3.02
N ALA N 382 39.09 -37.84 2.40
CA ALA N 382 39.48 -36.89 1.37
C ALA N 382 38.72 -37.14 0.06
N SER N 383 37.71 -38.04 0.10
CA SER N 383 36.98 -38.53 -1.06
C SER N 383 37.93 -39.31 -1.96
N ALA N 387 37.03 -46.57 -0.55
CA ALA N 387 38.28 -47.26 -0.28
C ALA N 387 38.01 -48.71 0.15
N GLY N 388 36.99 -49.35 -0.46
CA GLY N 388 36.35 -50.53 0.09
C GLY N 388 35.71 -50.23 1.44
N LEU N 389 35.09 -49.06 1.57
CA LEU N 389 34.58 -48.57 2.85
C LEU N 389 33.20 -49.15 3.11
N SER N 390 32.96 -49.51 4.38
CA SER N 390 31.65 -50.08 4.78
C SER N 390 31.35 -49.77 6.26
N CYS N 391 30.09 -49.84 6.68
CA CYS N 391 29.70 -49.55 8.09
C CYS N 391 28.97 -50.76 8.70
N ARG N 392 29.61 -51.43 9.67
CA ARG N 392 29.00 -52.62 10.31
C ARG N 392 28.11 -52.22 11.49
N VAL N 393 26.86 -52.69 11.50
CA VAL N 393 25.92 -52.42 12.63
C VAL N 393 25.68 -53.74 13.38
N ARG N 394 26.10 -53.82 14.64
CA ARG N 394 25.97 -55.10 15.39
C ARG N 394 25.00 -54.93 16.56
N HIS N 395 23.78 -55.46 16.44
CA HIS N 395 22.78 -55.33 17.48
C HIS N 395 22.21 -56.71 17.77
N SER N 396 21.80 -56.91 19.03
CA SER N 396 21.31 -58.20 19.48
C SER N 396 20.08 -58.62 18.67
N SER N 397 19.33 -57.64 18.14
CA SER N 397 18.10 -57.90 17.40
C SER N 397 18.35 -58.51 16.03
N LEU N 398 19.62 -58.52 15.59
CA LEU N 398 19.97 -58.96 14.24
C LEU N 398 20.43 -60.42 14.26
N GLY N 399 20.53 -61.02 15.45
CA GLY N 399 20.75 -62.45 15.59
C GLY N 399 22.00 -62.91 14.85
N GLY N 400 23.10 -62.18 15.07
CA GLY N 400 24.39 -62.57 14.52
C GLY N 400 24.46 -62.38 13.00
N GLN N 401 23.59 -61.51 12.47
CA GLN N 401 23.70 -61.07 11.09
C GLN N 401 23.79 -59.54 11.10
N ASP N 402 25.01 -59.02 10.99
CA ASP N 402 25.21 -57.55 11.05
C ASP N 402 24.60 -56.87 9.84
N ILE N 403 24.34 -55.57 9.95
CA ILE N 403 23.87 -54.81 8.76
C ILE N 403 25.12 -54.12 8.20
N ILE N 404 25.49 -54.41 6.95
CA ILE N 404 26.74 -53.84 6.38
C ILE N 404 26.40 -53.00 5.13
N LEU N 405 26.42 -51.68 5.26
CA LEU N 405 26.18 -50.79 4.13
C LEU N 405 27.54 -50.36 3.58
N TYR N 406 27.73 -50.46 2.26
CA TYR N 406 29.04 -50.23 1.66
C TYR N 406 29.21 -48.77 1.19
N TRP N 407 28.20 -48.23 0.51
CA TRP N 407 28.33 -47.09 -0.35
C TRP N 407 29.66 -46.35 -0.17
N ASN O 3 -15.54 -52.59 53.85
CA ASN O 3 -14.44 -52.08 54.73
C ASN O 3 -13.43 -53.19 54.95
N SER O 4 -12.18 -52.78 55.19
CA SER O 4 -11.08 -53.71 55.39
C SER O 4 -10.92 -54.09 56.87
N VAL O 5 -11.81 -53.63 57.75
CA VAL O 5 -11.80 -54.06 59.14
C VAL O 5 -13.12 -54.78 59.44
N THR O 6 -12.99 -56.04 59.85
CA THR O 6 -14.14 -56.80 60.27
C THR O 6 -13.99 -57.19 61.75
N GLN O 7 -14.97 -56.80 62.57
CA GLN O 7 -14.98 -57.24 63.96
C GLN O 7 -16.29 -57.96 64.32
N MET O 8 -16.22 -58.69 65.43
CA MET O 8 -17.32 -59.49 65.97
C MET O 8 -18.60 -58.68 66.05
N GLU O 9 -19.69 -59.29 65.60
CA GLU O 9 -21.01 -58.73 65.80
C GLU O 9 -21.35 -58.80 67.29
N GLY O 10 -21.87 -57.70 67.82
CA GLY O 10 -22.30 -57.65 69.21
C GLY O 10 -23.81 -57.75 69.29
N PRO O 11 -24.41 -57.58 70.49
CA PRO O 11 -23.67 -57.27 71.70
C PRO O 11 -23.02 -58.49 72.33
N VAL O 12 -21.93 -58.29 73.07
CA VAL O 12 -21.34 -59.35 73.85
C VAL O 12 -21.72 -59.10 75.31
N THR O 13 -22.40 -60.10 75.90
CA THR O 13 -22.94 -60.00 77.25
C THR O 13 -22.22 -61.04 78.11
N LEU O 14 -21.62 -60.58 79.20
CA LEU O 14 -20.93 -61.49 80.11
C LEU O 14 -20.90 -60.87 81.50
N SER O 15 -20.68 -61.68 82.54
CA SER O 15 -20.69 -61.13 83.88
C SER O 15 -19.29 -60.63 84.27
N GLU O 16 -19.28 -59.68 85.21
CA GLU O 16 -18.09 -59.25 85.90
C GLU O 16 -17.24 -60.48 86.23
N GLU O 17 -15.94 -60.34 85.97
CA GLU O 17 -14.91 -61.33 86.26
C GLU O 17 -14.73 -62.34 85.13
N ALA O 18 -15.61 -62.34 84.13
CA ALA O 18 -15.46 -63.23 82.98
C ALA O 18 -14.41 -62.68 82.00
N PHE O 19 -13.81 -63.59 81.24
CA PHE O 19 -12.84 -63.30 80.21
C PHE O 19 -13.56 -62.77 78.96
N LEU O 20 -13.10 -61.65 78.43
CA LEU O 20 -13.68 -61.03 77.25
C LEU O 20 -12.74 -61.23 76.06
N THR O 21 -13.30 -61.62 74.90
CA THR O 21 -12.57 -61.68 73.64
C THR O 21 -13.41 -61.01 72.55
N ILE O 22 -12.90 -59.95 71.93
CA ILE O 22 -13.53 -59.37 70.75
C ILE O 22 -12.62 -59.62 69.54
N ASN O 23 -13.10 -60.42 68.59
CA ASN O 23 -12.32 -60.77 67.42
C ASN O 23 -12.32 -59.62 66.44
N CYS O 24 -11.16 -59.40 65.82
CA CYS O 24 -10.99 -58.39 64.78
C CYS O 24 -10.01 -58.90 63.74
N THR O 25 -10.42 -58.87 62.47
CA THR O 25 -9.51 -59.17 61.37
C THR O 25 -9.54 -58.01 60.39
N TYR O 26 -8.51 -57.91 59.56
CA TYR O 26 -8.38 -56.77 58.68
C TYR O 26 -7.63 -57.19 57.42
N THR O 27 -7.74 -56.38 56.36
CA THR O 27 -6.92 -56.49 55.19
C THR O 27 -6.12 -55.20 55.06
N ALA O 28 -4.78 -55.33 55.07
CA ALA O 28 -3.92 -54.16 55.07
C ALA O 28 -2.62 -54.43 54.29
N TYR O 29 -1.86 -53.36 54.06
CA TYR O 29 -0.67 -53.47 53.27
C TYR O 29 0.45 -52.72 53.95
N GLY O 30 1.67 -53.20 53.70
CA GLY O 30 2.88 -52.49 54.11
C GLY O 30 2.94 -52.42 55.61
N LEU O 31 3.43 -51.30 56.14
CA LEU O 31 3.62 -51.12 57.60
C LEU O 31 2.40 -50.43 58.24
N TYR O 32 1.28 -51.12 58.28
CA TYR O 32 0.03 -50.56 58.85
C TYR O 32 0.08 -50.54 60.37
N SER O 33 -0.76 -49.71 60.99
CA SER O 33 -0.82 -49.64 62.46
C SER O 33 -2.24 -50.00 62.92
N LEU O 34 -2.37 -50.69 64.06
CA LEU O 34 -3.70 -51.17 64.51
C LEU O 34 -4.09 -50.51 65.83
N PHE O 35 -5.40 -50.30 66.06
CA PHE O 35 -5.87 -49.58 67.26
C PHE O 35 -7.16 -50.14 67.77
N TRP O 36 -7.44 -49.84 69.04
CA TRP O 36 -8.76 -50.20 69.61
C TRP O 36 -9.30 -48.94 70.27
N TYR O 37 -10.42 -48.44 69.80
CA TYR O 37 -11.09 -47.32 70.43
C TYR O 37 -12.26 -47.80 71.27
N VAL O 38 -12.64 -46.99 72.26
CA VAL O 38 -13.75 -47.29 73.15
C VAL O 38 -14.65 -46.06 73.23
N GLN O 39 -15.96 -46.33 73.28
CA GLN O 39 -16.95 -45.29 73.48
C GLN O 39 -17.83 -45.69 74.65
N TYR O 40 -17.60 -45.04 75.79
CA TYR O 40 -18.41 -45.21 76.97
C TYR O 40 -19.77 -44.56 76.75
N PRO O 41 -20.84 -45.05 77.42
CA PRO O 41 -22.17 -44.48 77.29
C PRO O 41 -22.23 -42.96 77.50
N GLY O 42 -22.82 -42.25 76.53
CA GLY O 42 -22.98 -40.80 76.61
C GLY O 42 -21.67 -40.03 76.40
N GLU O 43 -20.63 -40.70 75.87
CA GLU O 43 -19.32 -40.08 75.70
C GLU O 43 -18.87 -40.16 74.25
N GLY O 44 -17.81 -39.40 73.95
CA GLY O 44 -17.14 -39.49 72.66
C GLY O 44 -16.22 -40.70 72.54
N LEU O 45 -15.68 -40.90 71.35
CA LEU O 45 -14.67 -41.94 71.12
C LEU O 45 -13.36 -41.53 71.74
N GLN O 46 -12.61 -42.53 72.19
CA GLN O 46 -11.27 -42.29 72.68
C GLN O 46 -10.44 -43.56 72.50
N LEU O 47 -9.13 -43.40 72.40
CA LEU O 47 -8.25 -44.57 72.16
C LEU O 47 -8.16 -45.46 73.40
N LEU O 48 -8.28 -46.77 73.23
CA LEU O 48 -8.08 -47.69 74.37
C LEU O 48 -6.60 -48.11 74.31
N LEU O 49 -6.23 -48.84 73.26
CA LEU O 49 -4.82 -49.27 73.09
C LEU O 49 -4.45 -49.23 71.61
N LYS O 50 -3.16 -49.38 71.30
CA LYS O 50 -2.70 -49.37 69.88
C LYS O 50 -1.45 -50.24 69.70
N ALA O 51 -1.14 -50.60 68.46
CA ALA O 51 0.07 -51.39 68.15
C ALA O 51 0.57 -50.99 66.75
N THR O 52 1.81 -50.51 66.70
CA THR O 52 2.35 -49.70 65.60
C THR O 52 3.23 -50.59 64.78
N LYS O 53 3.79 -51.62 65.41
CA LYS O 53 4.69 -52.55 64.69
C LYS O 53 4.20 -53.99 64.91
N ALA O 54 4.60 -54.90 64.04
CA ALA O 54 4.11 -56.29 64.14
C ALA O 54 4.58 -56.93 65.44
N ASP O 55 3.76 -57.81 66.03
CA ASP O 55 4.11 -58.52 67.25
C ASP O 55 4.06 -57.62 68.48
N ASP O 56 3.74 -56.35 68.24
CA ASP O 56 3.58 -55.41 69.37
C ASP O 56 2.24 -55.69 70.05
N LYS O 57 2.27 -55.78 71.38
CA LYS O 57 1.07 -55.95 72.16
C LYS O 57 0.73 -54.59 72.75
N GLY O 58 -0.52 -54.19 72.53
CA GLY O 58 -1.00 -52.92 73.12
C GLY O 58 -1.76 -53.27 74.37
N SER O 59 -1.60 -52.48 75.42
CA SER O 59 -2.20 -52.84 76.71
C SER O 59 -2.73 -51.58 77.40
N ASN O 60 -3.91 -51.68 78.01
CA ASN O 60 -4.45 -50.52 78.78
C ASN O 60 -5.52 -51.01 79.75
N LYS O 61 -5.25 -50.94 81.05
CA LYS O 61 -6.24 -51.21 82.07
C LYS O 61 -6.76 -52.64 81.95
N GLY O 62 -5.83 -53.57 81.67
CA GLY O 62 -6.19 -54.98 81.62
C GLY O 62 -6.55 -55.45 80.22
N PHE O 63 -6.83 -54.49 79.33
CA PHE O 63 -7.16 -54.84 77.92
C PHE O 63 -5.87 -55.04 77.16
N GLU O 64 -5.88 -55.99 76.24
CA GLU O 64 -4.66 -56.29 75.44
C GLU O 64 -5.02 -56.71 74.00
N ALA O 65 -4.18 -56.35 73.04
CA ALA O 65 -4.38 -56.77 71.62
C ALA O 65 -3.01 -56.90 70.95
N THR O 66 -2.78 -58.02 70.28
CA THR O 66 -1.49 -58.28 69.67
C THR O 66 -1.62 -58.20 68.15
N TYR O 67 -0.72 -57.39 67.58
CA TYR O 67 -0.63 -57.24 66.11
C TYR O 67 -0.03 -58.52 65.59
N ARG O 68 -0.87 -59.32 64.96
CA ARG O 68 -0.50 -60.62 64.45
C ARG O 68 -0.63 -60.60 62.93
N LYS O 69 0.49 -60.33 62.24
CA LYS O 69 0.50 -60.22 60.79
C LYS O 69 -0.05 -61.52 60.19
N GLU O 70 0.65 -62.62 60.47
CA GLU O 70 0.45 -63.89 59.79
C GLU O 70 -0.98 -64.39 59.95
N THR O 71 -1.76 -63.96 60.96
CA THR O 71 -3.15 -64.38 61.07
C THR O 71 -4.13 -63.22 60.83
N THR O 72 -3.61 -62.03 60.49
CA THR O 72 -4.47 -60.93 60.08
C THR O 72 -5.44 -60.54 61.20
N SER O 73 -4.95 -60.57 62.47
CA SER O 73 -5.77 -60.46 63.67
C SER O 73 -5.33 -59.30 64.56
N PHE O 74 -6.30 -58.75 65.30
CA PHE O 74 -6.00 -57.74 66.35
C PHE O 74 -7.06 -58.00 67.44
N HIS O 75 -7.13 -59.25 67.95
CA HIS O 75 -8.17 -59.65 68.88
C HIS O 75 -8.01 -58.90 70.21
N LEU O 76 -9.13 -58.39 70.73
CA LEU O 76 -9.12 -57.68 72.03
C LEU O 76 -9.46 -58.68 73.14
N GLU O 77 -8.58 -58.81 74.11
CA GLU O 77 -8.82 -59.66 75.27
C GLU O 77 -8.72 -58.83 76.55
N LYS O 78 -9.51 -59.24 77.55
CA LYS O 78 -9.35 -58.75 78.91
C LYS O 78 -9.69 -59.90 79.86
N GLY O 79 -8.78 -60.18 80.79
CA GLY O 79 -8.87 -61.33 81.66
C GLY O 79 -10.12 -61.28 82.55
N SER O 80 -10.50 -60.10 83.03
CA SER O 80 -11.52 -60.06 84.07
C SER O 80 -12.29 -58.75 83.99
N VAL O 81 -13.47 -58.76 83.37
CA VAL O 81 -14.15 -57.53 83.04
C VAL O 81 -14.86 -56.97 84.26
N GLN O 82 -15.04 -55.66 84.26
CA GLN O 82 -15.72 -54.91 85.32
C GLN O 82 -16.98 -54.31 84.68
N VAL O 83 -17.98 -53.98 85.50
CA VAL O 83 -19.22 -53.42 84.99
C VAL O 83 -18.95 -52.12 84.24
N SER O 84 -17.94 -51.36 84.69
CA SER O 84 -17.64 -50.09 84.07
C SER O 84 -17.01 -50.24 82.69
N ASP O 85 -16.78 -51.49 82.23
CA ASP O 85 -16.20 -51.76 80.94
C ASP O 85 -17.30 -51.88 79.89
N SER O 86 -18.57 -51.77 80.32
CA SER O 86 -19.71 -51.77 79.42
C SER O 86 -19.59 -50.60 78.47
N ALA O 87 -19.51 -50.86 77.17
CA ALA O 87 -19.24 -49.82 76.19
C ALA O 87 -19.32 -50.41 74.79
N VAL O 88 -19.00 -49.58 73.79
CA VAL O 88 -18.81 -50.06 72.42
C VAL O 88 -17.33 -49.95 72.10
N TYR O 89 -16.77 -51.04 71.56
CA TYR O 89 -15.36 -51.15 71.26
C TYR O 89 -15.20 -51.21 69.73
N PHE O 90 -14.29 -50.40 69.20
CA PHE O 90 -14.05 -50.32 67.74
C PHE O 90 -12.62 -50.71 67.42
N CYS O 91 -12.46 -51.77 66.63
CA CYS O 91 -11.20 -52.07 65.98
C CYS O 91 -10.92 -51.06 64.88
N ALA O 92 -9.65 -50.73 64.66
CA ALA O 92 -9.30 -49.74 63.66
C ALA O 92 -7.89 -49.93 63.12
N LEU O 93 -7.72 -49.49 61.87
CA LEU O 93 -6.52 -49.68 61.06
C LEU O 93 -6.10 -48.35 60.44
N SER O 94 -4.84 -47.95 60.60
CA SER O 94 -4.27 -46.86 59.82
C SER O 94 -3.41 -47.48 58.73
N GLY O 95 -3.84 -47.31 57.47
CA GLY O 95 -3.07 -47.68 56.28
C GLY O 95 -2.08 -46.59 55.93
N GLN O 96 -1.75 -46.47 54.65
CA GLN O 96 -0.68 -45.58 54.22
C GLN O 96 0.51 -45.75 55.18
N TYR O 97 0.85 -46.99 55.49
CA TYR O 97 2.05 -47.29 56.33
C TYR O 97 1.99 -46.57 57.68
N GLY O 98 0.81 -46.49 58.29
CA GLY O 98 0.69 -45.89 59.64
C GLY O 98 0.46 -44.41 59.60
N TRP O 99 0.25 -43.85 58.40
CA TRP O 99 0.11 -42.39 58.28
C TRP O 99 -1.30 -42.04 57.83
N GLY O 100 -2.14 -43.05 57.69
CA GLY O 100 -3.46 -42.77 57.12
C GLY O 100 -4.61 -42.74 58.08
N LYS O 101 -5.70 -42.12 57.66
CA LYS O 101 -6.96 -42.10 58.38
C LYS O 101 -7.29 -43.43 59.04
N LEU O 102 -7.96 -43.32 60.16
CA LEU O 102 -8.41 -44.54 60.86
C LEU O 102 -9.59 -45.14 60.11
N GLN O 103 -9.48 -46.41 59.78
CA GLN O 103 -10.57 -47.16 59.20
C GLN O 103 -11.13 -48.09 60.29
N PHE O 104 -12.45 -47.97 60.53
CA PHE O 104 -13.08 -48.57 61.68
C PHE O 104 -13.88 -49.81 61.32
N GLY O 105 -13.86 -50.79 62.21
CA GLY O 105 -14.88 -51.83 62.17
C GLY O 105 -16.25 -51.28 62.57
N ALA O 106 -17.27 -52.15 62.60
CA ALA O 106 -18.65 -51.74 62.80
C ALA O 106 -18.91 -51.45 64.29
N GLY O 107 -18.00 -51.89 65.14
CA GLY O 107 -18.15 -51.71 66.59
C GLY O 107 -18.75 -52.97 67.22
N THR O 108 -18.35 -53.24 68.46
CA THR O 108 -18.89 -54.35 69.24
C THR O 108 -19.28 -53.84 70.62
N GLN O 109 -20.58 -53.93 70.91
CA GLN O 109 -21.10 -53.50 72.18
C GLN O 109 -20.82 -54.58 73.21
N VAL O 110 -20.29 -54.16 74.37
CA VAL O 110 -20.10 -55.07 75.47
C VAL O 110 -21.02 -54.65 76.61
N VAL O 111 -21.78 -55.62 77.12
CA VAL O 111 -22.63 -55.44 78.29
C VAL O 111 -22.08 -56.37 79.36
N VAL O 112 -21.59 -55.77 80.45
CA VAL O 112 -21.06 -56.53 81.57
C VAL O 112 -22.11 -56.52 82.67
N THR O 113 -22.61 -57.71 83.05
CA THR O 113 -23.69 -57.81 84.02
C THR O 113 -23.12 -58.04 85.42
N PRO O 114 -23.72 -57.44 86.47
CA PRO O 114 -23.29 -57.66 87.84
C PRO O 114 -23.61 -59.07 88.33
N ASP O 115 -22.73 -59.63 89.15
CA ASP O 115 -23.00 -60.90 89.78
C ASP O 115 -23.82 -60.62 91.04
N ILE O 116 -25.12 -60.94 91.00
CA ILE O 116 -26.01 -60.73 92.15
C ILE O 116 -26.20 -62.07 92.86
N GLN O 117 -25.51 -62.27 94.01
CA GLN O 117 -25.57 -63.57 94.69
C GLN O 117 -26.77 -63.65 95.62
N ASN O 118 -27.28 -62.48 96.05
CA ASN O 118 -28.48 -62.42 96.88
C ASN O 118 -29.63 -61.71 96.16
N PRO O 119 -30.24 -62.32 95.12
CA PRO O 119 -31.40 -61.70 94.49
C PRO O 119 -32.57 -61.56 95.47
N ASP O 120 -33.22 -60.40 95.41
CA ASP O 120 -34.44 -60.16 96.16
C ASP O 120 -35.50 -59.62 95.19
N PRO O 121 -35.82 -60.39 94.13
CA PRO O 121 -36.64 -59.88 93.05
C PRO O 121 -38.00 -59.39 93.52
N ALA O 122 -38.31 -58.12 93.25
CA ALA O 122 -39.58 -57.57 93.68
C ALA O 122 -40.04 -56.46 92.74
N VAL O 123 -41.37 -56.27 92.71
CA VAL O 123 -41.97 -55.19 91.89
C VAL O 123 -42.63 -54.21 92.84
N TYR O 124 -42.38 -52.92 92.67
CA TYR O 124 -42.93 -51.89 93.58
C TYR O 124 -43.67 -50.85 92.76
N GLN O 125 -44.40 -49.96 93.43
CA GLN O 125 -45.17 -48.91 92.73
C GLN O 125 -44.76 -47.55 93.29
N LEU O 126 -44.53 -46.58 92.40
CA LEU O 126 -44.05 -45.26 92.85
C LEU O 126 -45.04 -44.21 92.37
N ARG O 127 -45.18 -43.10 93.09
CA ARG O 127 -46.22 -42.10 92.71
C ARG O 127 -45.59 -40.74 92.41
N ASP O 128 -46.21 -39.99 91.49
CA ASP O 128 -45.64 -38.69 91.06
C ASP O 128 -45.65 -37.67 92.21
N SER O 129 -44.48 -37.17 92.55
CA SER O 129 -44.33 -36.14 93.59
C SER O 129 -45.20 -34.91 93.29
N LYS O 130 -45.63 -34.73 92.04
CA LYS O 130 -46.48 -33.61 91.66
C LYS O 130 -47.96 -34.02 91.72
N SER O 131 -48.27 -35.24 91.26
CA SER O 131 -49.64 -35.67 91.04
C SER O 131 -49.75 -37.12 91.50
N SER O 132 -50.32 -37.32 92.70
CA SER O 132 -50.29 -38.62 93.37
C SER O 132 -50.94 -39.72 92.51
N ASP O 133 -51.86 -39.35 91.60
CA ASP O 133 -52.65 -40.29 90.82
C ASP O 133 -51.85 -40.92 89.67
N LYS O 134 -50.89 -40.20 89.08
CA LYS O 134 -49.99 -40.76 88.08
C LYS O 134 -48.94 -41.64 88.79
N SER O 135 -48.58 -42.76 88.19
CA SER O 135 -47.68 -43.70 88.92
C SER O 135 -46.73 -44.47 87.98
N VAL O 136 -45.72 -45.15 88.55
CA VAL O 136 -44.75 -45.96 87.75
C VAL O 136 -44.47 -47.28 88.47
N CYS O 137 -44.16 -48.34 87.73
CA CYS O 137 -43.82 -49.63 88.36
C CYS O 137 -42.31 -49.91 88.30
N LEU O 138 -41.77 -50.67 89.26
CA LEU O 138 -40.31 -50.88 89.31
C LEU O 138 -39.95 -52.33 89.62
N PHE O 139 -39.36 -53.04 88.67
CA PHE O 139 -38.82 -54.39 88.96
C PHE O 139 -37.36 -54.15 89.37
N THR O 140 -36.90 -54.74 90.48
CA THR O 140 -35.55 -54.50 90.96
C THR O 140 -35.07 -55.70 91.78
N ASP O 141 -33.75 -55.76 91.97
CA ASP O 141 -33.11 -56.72 92.86
C ASP O 141 -33.15 -58.13 92.27
N PHE O 142 -33.47 -58.23 90.96
CA PHE O 142 -33.43 -59.50 90.27
C PHE O 142 -31.98 -59.80 89.87
N ASP O 143 -31.69 -61.09 89.62
CA ASP O 143 -30.36 -61.50 89.18
C ASP O 143 -30.18 -61.14 87.71
N SER O 144 -28.95 -61.28 87.21
CA SER O 144 -28.61 -60.75 85.89
C SER O 144 -29.04 -61.68 84.75
N GLN O 145 -29.41 -62.93 85.07
CA GLN O 145 -29.85 -63.90 84.07
C GLN O 145 -31.37 -63.79 83.85
N THR O 146 -32.03 -62.90 84.60
CA THR O 146 -33.46 -62.74 84.51
C THR O 146 -33.82 -62.06 83.20
N GLN O 147 -34.83 -62.61 82.54
CA GLN O 147 -35.41 -62.10 81.31
C GLN O 147 -36.55 -61.14 81.64
N VAL O 148 -36.41 -59.89 81.20
CA VAL O 148 -37.49 -58.88 81.40
C VAL O 148 -38.33 -58.88 80.12
N SER O 149 -39.54 -59.44 80.16
CA SER O 149 -40.41 -59.61 78.97
C SER O 149 -40.76 -58.28 78.34
N GLN O 150 -40.59 -58.15 77.03
CA GLN O 150 -41.04 -56.96 76.31
C GLN O 150 -42.54 -56.83 76.53
N SER O 151 -43.03 -55.59 76.39
CA SER O 151 -44.46 -55.32 76.52
C SER O 151 -45.22 -55.98 75.37
N LYS O 152 -46.44 -56.46 75.66
CA LYS O 152 -47.31 -57.08 74.67
C LYS O 152 -48.47 -56.15 74.34
N ASP O 153 -48.33 -54.87 74.69
CA ASP O 153 -49.41 -53.92 74.62
C ASP O 153 -48.76 -52.56 74.34
N SER O 154 -49.38 -51.77 73.45
CA SER O 154 -48.72 -50.59 72.92
C SER O 154 -48.92 -49.41 73.87
N ASP O 155 -49.90 -49.52 74.78
CA ASP O 155 -50.13 -48.53 75.82
C ASP O 155 -49.23 -48.75 77.04
N VAL O 156 -48.46 -49.83 77.08
CA VAL O 156 -47.65 -50.17 78.25
C VAL O 156 -46.18 -50.25 77.82
N TYR O 157 -45.33 -49.52 78.53
CA TYR O 157 -43.92 -49.40 78.18
C TYR O 157 -43.09 -50.07 79.26
N ILE O 158 -42.14 -50.89 78.82
CA ILE O 158 -41.21 -51.59 79.74
C ILE O 158 -39.78 -51.38 79.21
N THR O 159 -38.91 -50.73 79.99
CA THR O 159 -37.55 -50.44 79.61
C THR O 159 -36.72 -51.71 79.67
N ASP O 160 -35.51 -51.60 79.16
CA ASP O 160 -34.53 -52.64 79.37
C ASP O 160 -33.99 -52.46 80.79
N LYS O 161 -33.31 -53.51 81.24
CA LYS O 161 -32.69 -53.51 82.55
C LYS O 161 -31.52 -52.52 82.54
N CYS O 162 -30.99 -52.30 83.73
CA CYS O 162 -30.15 -51.18 84.03
C CYS O 162 -29.48 -51.46 85.37
N VAL O 163 -28.15 -51.41 85.38
CA VAL O 163 -27.33 -51.73 86.53
C VAL O 163 -26.95 -50.45 87.25
N LEU O 164 -27.29 -50.31 88.53
CA LEU O 164 -26.84 -49.18 89.29
C LEU O 164 -25.89 -49.70 90.36
N ASP O 165 -24.97 -48.82 90.75
CA ASP O 165 -23.87 -49.17 91.62
C ASP O 165 -23.81 -48.15 92.74
N MET O 166 -24.32 -48.53 93.91
CA MET O 166 -24.22 -47.71 95.10
C MET O 166 -22.81 -47.91 95.65
N ARG O 167 -21.89 -47.09 95.11
CA ARG O 167 -20.46 -47.27 95.28
C ARG O 167 -20.10 -47.27 96.74
N SER O 168 -20.69 -46.34 97.51
CA SER O 168 -20.32 -46.19 98.89
C SER O 168 -20.86 -47.31 99.77
N MET O 169 -21.66 -48.23 99.23
CA MET O 169 -22.14 -49.37 99.98
C MET O 169 -21.68 -50.68 99.33
N ASP O 170 -20.82 -50.60 98.32
CA ASP O 170 -20.35 -51.80 97.61
C ASP O 170 -21.54 -52.71 97.31
N PHE O 171 -22.60 -52.13 96.72
CA PHE O 171 -23.80 -52.86 96.35
C PHE O 171 -24.21 -52.48 94.93
N LYS O 172 -24.53 -53.49 94.11
CA LYS O 172 -25.11 -53.31 92.79
C LYS O 172 -26.49 -53.97 92.71
N SER O 173 -27.36 -53.39 91.87
CA SER O 173 -28.68 -53.95 91.62
C SER O 173 -29.12 -53.65 90.18
N ASN O 174 -29.92 -54.59 89.65
CA ASN O 174 -30.61 -54.43 88.38
C ASN O 174 -31.98 -53.81 88.63
N SER O 175 -32.48 -53.06 87.65
CA SER O 175 -33.86 -52.62 87.64
C SER O 175 -34.37 -52.38 86.22
N ALA O 176 -35.69 -52.43 86.07
CA ALA O 176 -36.36 -52.14 84.79
C ALA O 176 -37.65 -51.40 85.15
N VAL O 177 -38.03 -50.37 84.40
CA VAL O 177 -39.21 -49.54 84.78
C VAL O 177 -40.37 -49.80 83.81
N ALA O 178 -41.62 -49.70 84.29
CA ALA O 178 -42.81 -49.89 83.43
C ALA O 178 -43.86 -48.82 83.72
N TRP O 179 -44.64 -48.40 82.71
CA TRP O 179 -45.70 -47.43 82.94
C TRP O 179 -46.74 -47.46 81.84
N SER O 180 -47.87 -46.79 82.07
CA SER O 180 -48.98 -46.78 81.14
C SER O 180 -49.95 -45.64 81.47
N GLN O 181 -50.71 -45.18 80.48
CA GLN O 181 -51.76 -44.19 80.71
C GLN O 181 -53.03 -44.86 81.16
N LYS O 182 -53.27 -46.09 80.67
CA LYS O 182 -54.53 -46.77 80.95
C LYS O 182 -54.81 -46.74 82.45
N SER O 183 -56.10 -46.56 82.77
CA SER O 183 -56.61 -46.53 84.13
C SER O 183 -56.49 -47.90 84.81
N ASP O 184 -56.71 -48.97 84.04
CA ASP O 184 -56.54 -50.34 84.51
C ASP O 184 -55.06 -50.71 84.58
N PHE O 185 -54.24 -49.82 85.16
CA PHE O 185 -52.81 -50.06 85.18
C PHE O 185 -52.45 -50.83 86.43
N ALA O 186 -51.88 -52.03 86.25
CA ALA O 186 -51.53 -52.90 87.40
C ALA O 186 -50.04 -53.28 87.35
N CYS O 187 -49.27 -52.79 88.32
CA CYS O 187 -47.83 -53.11 88.38
C CYS O 187 -47.63 -54.63 88.36
N ALA O 188 -48.35 -55.36 89.21
CA ALA O 188 -48.16 -56.81 89.30
C ALA O 188 -48.18 -57.42 87.90
N ASN O 189 -49.18 -57.04 87.09
CA ASN O 189 -49.30 -57.59 85.73
C ASN O 189 -48.08 -57.20 84.91
N ALA O 190 -47.75 -55.91 84.92
CA ALA O 190 -46.63 -55.40 84.08
C ALA O 190 -45.53 -56.45 83.93
N PHE O 191 -45.04 -56.98 85.05
CA PHE O 191 -43.90 -57.93 84.94
C PHE O 191 -44.41 -59.36 85.03
N GLN O 192 -44.36 -60.10 83.92
CA GLN O 192 -44.74 -61.54 83.95
C GLN O 192 -43.46 -62.34 84.15
N ASN O 193 -42.43 -61.71 84.73
CA ASN O 193 -41.12 -62.40 84.87
C ASN O 193 -40.73 -62.50 86.35
N SER O 194 -41.68 -62.35 87.27
CA SER O 194 -41.35 -62.37 88.71
C SER O 194 -41.65 -63.76 89.31
N ILE P 21 24.79 -26.05 42.35
CA ILE P 21 25.66 -25.93 41.14
C ILE P 21 24.77 -25.69 39.92
N GLN P 22 25.25 -24.86 38.99
CA GLN P 22 24.50 -24.62 37.74
C GLN P 22 25.27 -25.28 36.59
N ARG P 23 24.57 -25.98 35.71
CA ARG P 23 25.23 -26.63 34.54
C ARG P 23 24.48 -26.24 33.27
N THR P 24 25.21 -25.97 32.18
CA THR P 24 24.64 -25.56 30.91
C THR P 24 24.02 -26.79 30.27
N PRO P 25 22.80 -26.65 29.69
CA PRO P 25 22.20 -27.71 28.90
C PRO P 25 22.98 -28.03 27.63
N LYS P 26 23.12 -29.32 27.35
CA LYS P 26 23.61 -29.84 26.09
C LYS P 26 22.40 -30.13 25.20
N ILE P 27 22.51 -29.74 23.92
CA ILE P 27 21.35 -29.67 23.06
C ILE P 27 21.63 -30.47 21.80
N GLN P 28 20.89 -31.56 21.61
CA GLN P 28 21.09 -32.42 20.46
C GLN P 28 19.77 -32.60 19.70
N VAL P 29 19.85 -32.38 18.38
CA VAL P 29 18.69 -32.38 17.51
C VAL P 29 18.88 -33.41 16.42
N TYR P 30 17.84 -34.23 16.23
CA TYR P 30 17.91 -35.40 15.38
C TYR P 30 16.47 -35.81 15.06
N SER P 31 16.31 -36.61 14.01
CA SER P 31 15.00 -37.05 13.54
C SER P 31 14.82 -38.53 13.89
N ARG P 32 13.57 -39.00 14.02
CA ARG P 32 13.31 -40.37 14.45
C ARG P 32 13.66 -41.34 13.32
N HIS P 33 13.35 -40.91 12.09
CA HIS P 33 13.54 -41.73 10.90
C HIS P 33 14.41 -40.98 9.88
N PRO P 34 15.01 -41.69 8.88
CA PRO P 34 15.70 -40.99 7.80
C PRO P 34 14.78 -39.94 7.17
N ALA P 35 15.26 -38.68 7.13
CA ALA P 35 14.49 -37.63 6.50
C ALA P 35 14.35 -37.93 5.01
N GLU P 36 13.14 -37.66 4.51
CA GLU P 36 12.77 -37.95 3.14
C GLU P 36 11.67 -36.94 2.82
N ASN P 37 11.93 -36.10 1.81
CA ASN P 37 11.14 -34.90 1.57
C ASN P 37 9.70 -35.36 1.28
N GLY P 38 8.72 -34.77 1.99
CA GLY P 38 7.33 -35.16 1.90
C GLY P 38 6.99 -36.45 2.66
N LYS P 39 7.80 -36.87 3.66
CA LYS P 39 7.49 -38.02 4.52
C LYS P 39 7.40 -37.58 5.98
N SER P 40 6.20 -37.69 6.56
CA SER P 40 5.99 -37.40 7.96
C SER P 40 7.04 -38.14 8.81
N ASN P 41 7.64 -37.39 9.74
CA ASN P 41 8.73 -37.89 10.58
C ASN P 41 8.46 -37.36 11.98
N PHE P 42 9.45 -37.52 12.89
CA PHE P 42 9.41 -36.87 14.20
C PHE P 42 10.72 -36.15 14.41
N LEU P 43 10.62 -34.90 14.91
CA LEU P 43 11.80 -34.12 15.24
C LEU P 43 12.07 -34.20 16.75
N ASN P 44 13.27 -34.67 17.12
CA ASN P 44 13.67 -34.84 18.51
C ASN P 44 14.70 -33.79 18.91
N CYS P 45 14.48 -33.18 20.08
CA CYS P 45 15.50 -32.36 20.73
C CYS P 45 15.73 -32.88 22.14
N TYR P 46 16.95 -33.38 22.37
CA TYR P 46 17.34 -33.93 23.66
C TYR P 46 18.23 -32.92 24.37
N VAL P 47 17.76 -32.43 25.53
CA VAL P 47 18.54 -31.48 26.30
C VAL P 47 18.89 -32.14 27.64
N SER P 48 20.18 -32.16 27.95
CA SER P 48 20.72 -32.98 29.02
C SER P 48 21.81 -32.23 29.77
N GLY P 49 22.21 -32.80 30.92
CA GLY P 49 23.34 -32.31 31.70
C GLY P 49 23.14 -30.91 32.30
N PHE P 50 21.88 -30.46 32.51
CA PHE P 50 21.66 -29.11 33.00
C PHE P 50 21.18 -29.11 34.45
N HIS P 51 21.29 -27.94 35.08
CA HIS P 51 20.86 -27.77 36.49
C HIS P 51 20.84 -26.27 36.76
N PRO P 52 19.78 -25.66 37.33
CA PRO P 52 18.60 -26.38 37.80
C PRO P 52 17.64 -26.74 36.68
N SER P 53 16.58 -27.46 37.03
CA SER P 53 15.62 -28.02 36.05
C SER P 53 14.82 -26.97 35.29
N ASP P 54 14.65 -25.79 35.88
CA ASP P 54 13.83 -24.77 35.25
C ASP P 54 14.42 -24.42 33.88
N ILE P 55 13.69 -24.76 32.82
CA ILE P 55 14.18 -24.60 31.47
C ILE P 55 13.03 -24.26 30.52
N GLU P 56 13.33 -23.50 29.47
CA GLU P 56 12.37 -23.14 28.42
C GLU P 56 12.85 -23.78 27.12
N VAL P 57 12.04 -24.61 26.49
CA VAL P 57 12.45 -25.28 25.27
C VAL P 57 11.32 -25.24 24.23
N ASP P 58 11.63 -24.67 23.06
CA ASP P 58 10.70 -24.67 21.93
C ASP P 58 11.34 -25.40 20.76
N LEU P 59 10.51 -26.05 19.94
CA LEU P 59 10.94 -26.49 18.63
C LEU P 59 10.49 -25.43 17.62
N LEU P 60 11.35 -25.18 16.63
CA LEU P 60 11.14 -24.10 15.67
C LEU P 60 11.01 -24.68 14.26
N LYS P 61 10.12 -24.06 13.48
CA LYS P 61 10.06 -24.26 12.05
C LYS P 61 10.21 -22.88 11.39
N ASN P 62 11.27 -22.74 10.59
CA ASN P 62 11.69 -21.44 10.07
C ASN P 62 11.64 -20.42 11.20
N GLY P 63 12.23 -20.78 12.36
CA GLY P 63 12.41 -19.84 13.46
C GLY P 63 11.09 -19.42 14.12
N GLU P 64 9.98 -20.09 13.78
CA GLU P 64 8.71 -19.87 14.45
C GLU P 64 8.36 -21.09 15.31
N ARG P 65 7.76 -20.81 16.48
CA ARG P 65 7.53 -21.84 17.48
C ARG P 65 6.43 -22.78 16.99
N ILE P 66 6.71 -24.09 17.09
CA ILE P 66 5.69 -25.11 16.73
C ILE P 66 4.78 -25.28 17.96
N GLU P 67 3.57 -24.72 17.94
CA GLU P 67 2.68 -24.71 19.14
C GLU P 67 2.31 -26.11 19.65
N LYS P 68 2.54 -27.16 18.86
CA LYS P 68 2.24 -28.55 19.30
C LYS P 68 3.51 -29.22 19.80
N VAL P 69 3.81 -29.12 21.09
CA VAL P 69 5.11 -29.68 21.57
C VAL P 69 4.89 -30.70 22.70
N GLU P 70 5.48 -31.88 22.58
CA GLU P 70 5.36 -32.93 23.63
C GLU P 70 6.76 -33.25 24.19
N HIS P 71 6.83 -33.52 25.50
CA HIS P 71 8.12 -33.78 26.14
C HIS P 71 7.98 -34.92 27.14
N SER P 72 9.05 -35.71 27.27
CA SER P 72 9.13 -36.73 28.32
C SER P 72 9.04 -36.04 29.69
N ASP P 73 8.68 -36.81 30.70
CA ASP P 73 8.75 -36.31 32.07
C ASP P 73 10.20 -36.01 32.41
N LEU P 74 10.38 -34.98 33.24
CA LEU P 74 11.73 -34.59 33.72
C LEU P 74 12.39 -35.76 34.44
N SER P 75 13.68 -35.93 34.19
CA SER P 75 14.45 -36.99 34.80
C SER P 75 15.82 -36.43 35.10
N PHE P 76 16.66 -37.21 35.79
CA PHE P 76 18.02 -36.75 36.08
C PHE P 76 18.93 -37.95 36.04
N SER P 77 20.21 -37.71 35.83
CA SER P 77 21.19 -38.83 35.73
C SER P 77 21.90 -39.03 37.07
N LYS P 78 22.90 -39.89 37.10
CA LYS P 78 23.60 -40.20 38.37
C LYS P 78 24.25 -38.93 38.93
N ASP P 79 24.53 -37.96 38.07
CA ASP P 79 25.20 -36.71 38.51
C ASP P 79 24.14 -35.70 38.92
N TRP P 80 22.88 -36.12 38.96
CA TRP P 80 21.74 -35.24 39.36
C TRP P 80 21.44 -34.22 38.26
N SER P 81 22.19 -34.25 37.15
CA SER P 81 21.97 -33.34 36.01
C SER P 81 20.67 -33.75 35.32
N PHE P 82 19.85 -32.78 34.93
CA PHE P 82 18.54 -33.15 34.36
C PHE P 82 18.60 -33.42 32.88
N TYR P 83 17.62 -34.17 32.39
CA TYR P 83 17.52 -34.41 30.95
C TYR P 83 16.05 -34.63 30.56
N LEU P 84 15.78 -34.44 29.26
CA LEU P 84 14.46 -34.17 28.71
C LEU P 84 14.49 -34.40 27.20
N LEU P 85 13.44 -35.05 26.69
CA LEU P 85 13.24 -35.17 25.26
C LEU P 85 12.02 -34.36 24.87
N TYR P 86 12.21 -33.43 23.93
CA TYR P 86 11.09 -32.77 23.27
C TYR P 86 10.98 -33.35 21.88
N TYR P 87 9.74 -33.57 21.43
CA TYR P 87 9.51 -34.15 20.11
C TYR P 87 8.14 -33.68 19.58
N THR P 88 8.08 -33.61 18.24
CA THR P 88 6.83 -33.22 17.56
C THR P 88 6.87 -33.79 16.17
N GLU P 89 5.73 -34.24 15.66
CA GLU P 89 5.62 -34.69 14.28
C GLU P 89 5.89 -33.50 13.38
N PHE P 90 6.75 -33.71 12.37
CA PHE P 90 7.05 -32.65 11.43
C PHE P 90 7.01 -33.25 10.03
N THR P 91 7.01 -32.35 9.03
CA THR P 91 6.98 -32.70 7.63
C THR P 91 8.20 -32.08 6.92
N PRO P 92 9.24 -32.89 6.63
CA PRO P 92 10.50 -32.35 6.10
C PRO P 92 10.39 -32.12 4.61
N THR P 93 10.74 -30.91 4.15
CA THR P 93 10.69 -30.57 2.73
C THR P 93 12.12 -30.29 2.30
N GLU P 94 12.28 -29.85 1.04
CA GLU P 94 13.59 -29.43 0.55
C GLU P 94 14.06 -28.19 1.30
N LYS P 95 13.10 -27.37 1.78
CA LYS P 95 13.27 -25.95 2.02
C LYS P 95 12.98 -25.54 3.46
N ASP P 96 12.08 -26.25 4.16
CA ASP P 96 11.76 -25.86 5.52
C ASP P 96 12.95 -26.13 6.44
N GLU P 97 13.16 -25.23 7.41
CA GLU P 97 14.21 -25.39 8.40
C GLU P 97 13.61 -25.63 9.78
N TYR P 98 14.44 -26.20 10.66
CA TYR P 98 13.99 -26.71 11.94
C TYR P 98 15.11 -26.52 12.96
N ALA P 99 14.72 -26.08 14.15
CA ALA P 99 15.67 -25.82 15.22
C ALA P 99 15.09 -26.21 16.58
N CYS P 100 15.97 -26.21 17.60
CA CYS P 100 15.58 -26.33 18.99
C CYS P 100 16.11 -25.09 19.72
N ARG P 101 15.20 -24.35 20.36
CA ARG P 101 15.55 -23.12 21.05
C ARG P 101 15.42 -23.36 22.57
N VAL P 102 16.53 -23.17 23.29
CA VAL P 102 16.57 -23.42 24.72
C VAL P 102 16.96 -22.13 25.44
N ASN P 103 16.25 -21.79 26.53
CA ASN P 103 16.75 -20.78 27.45
C ASN P 103 16.80 -21.39 28.86
N HIS P 104 17.74 -20.86 29.65
CA HIS P 104 18.09 -21.44 30.94
C HIS P 104 18.84 -20.36 31.71
N VAL P 105 18.93 -20.51 33.02
CA VAL P 105 19.56 -19.49 33.83
C VAL P 105 21.03 -19.38 33.42
N THR P 106 21.64 -20.50 32.97
CA THR P 106 23.04 -20.50 32.53
C THR P 106 23.19 -19.75 31.21
N LEU P 107 22.10 -19.54 30.46
CA LEU P 107 22.17 -18.86 29.16
C LEU P 107 21.63 -17.44 29.31
N SER P 108 22.41 -16.49 28.76
CA SER P 108 22.11 -15.07 28.82
C SER P 108 21.24 -14.65 27.63
N GLN P 109 21.02 -15.59 26.70
CA GLN P 109 20.03 -15.44 25.66
C GLN P 109 19.69 -16.82 25.11
N PRO P 110 18.45 -17.03 24.59
CA PRO P 110 18.10 -18.30 24.00
C PRO P 110 19.18 -18.77 23.05
N LYS P 111 19.45 -20.08 23.07
CA LYS P 111 20.41 -20.68 22.16
C LYS P 111 19.66 -21.58 21.20
N ILE P 112 19.92 -21.36 19.90
CA ILE P 112 19.21 -22.02 18.83
C ILE P 112 20.16 -23.04 18.21
N VAL P 113 19.68 -24.28 18.04
CA VAL P 113 20.47 -25.34 17.44
C VAL P 113 19.67 -25.88 16.27
N LYS P 114 20.09 -25.53 15.04
CA LYS P 114 19.44 -25.96 13.83
C LYS P 114 19.58 -27.48 13.70
N TRP P 115 18.52 -28.10 13.17
CA TRP P 115 18.59 -29.47 12.67
C TRP P 115 19.29 -29.49 11.32
N ASP P 116 20.20 -30.45 11.15
CA ASP P 116 20.75 -30.75 9.85
C ASP P 116 20.38 -32.17 9.47
N ARG P 117 19.84 -32.32 8.25
CA ARG P 117 19.28 -33.58 7.78
C ARG P 117 20.33 -34.68 7.75
N ASP P 118 21.63 -34.32 7.73
CA ASP P 118 22.69 -35.29 7.51
C ASP P 118 23.46 -35.61 8.78
N ILE P 119 23.71 -34.62 9.65
CA ILE P 119 24.50 -34.83 10.87
C ILE P 119 23.76 -34.42 12.14
N GLY P 120 22.48 -34.05 12.05
CA GLY P 120 21.75 -33.51 13.19
C GLY P 120 22.32 -32.16 13.63
N GLY P 121 22.05 -31.79 14.88
CA GLY P 121 22.63 -30.61 15.50
C GLY P 121 23.12 -30.92 16.91
N GLY P 122 24.16 -30.19 17.33
CA GLY P 122 24.65 -30.26 18.69
C GLY P 122 25.91 -31.09 18.82
N GLY P 123 26.18 -31.98 17.85
CA GLY P 123 27.40 -32.78 17.86
C GLY P 123 27.48 -33.71 19.09
N SER P 124 28.69 -34.20 19.41
CA SER P 124 28.88 -35.31 20.33
C SER P 124 27.55 -36.05 20.58
C1 NAG Q . 13.55 13.15 -9.83
C2 NAG Q . 12.62 12.58 -8.75
C3 NAG Q . 13.42 12.11 -7.54
C4 NAG Q . 14.61 11.26 -7.96
C5 NAG Q . 15.37 11.83 -9.15
C6 NAG Q . 16.43 10.92 -9.68
C7 NAG Q . 11.82 14.69 -7.82
C8 NAG Q . 10.62 15.59 -7.72
N2 NAG Q . 11.59 13.52 -8.41
O3 NAG Q . 12.53 11.34 -6.76
O4 NAG Q . 15.57 11.23 -6.92
O5 NAG Q . 14.46 12.12 -10.22
O6 NAG Q . 15.88 9.68 -10.09
O7 NAG Q . 12.94 15.01 -7.36
C1 FUC Q . 16.33 9.09 -11.28
C2 FUC Q . 15.60 7.78 -11.43
C3 FUC Q . 14.13 7.95 -11.82
C4 FUC Q . 14.01 8.88 -13.01
C5 FUC Q . 14.73 10.18 -12.70
C6 FUC Q . 14.69 11.19 -13.83
O2 FUC Q . 15.66 7.05 -10.20
O3 FUC Q . 13.56 6.69 -12.11
O4 FUC Q . 14.57 8.27 -14.17
O5 FUC Q . 16.12 9.90 -12.45
C1 NAG R . 15.68 9.84 -6.23
C2 NAG R . 16.89 10.06 -5.33
C3 NAG R . 16.99 8.86 -4.38
C4 NAG R . 15.68 8.73 -3.59
C5 NAG R . 14.59 8.45 -4.62
C6 NAG R . 13.22 8.22 -4.06
C7 NAG R . 18.94 11.38 -5.80
C8 NAG R . 20.30 11.41 -6.43
N2 NAG R . 18.16 10.30 -6.00
O3 NAG R . 18.14 9.10 -3.61
O4 NAG R . 15.72 7.72 -2.51
O5 NAG R . 14.49 9.59 -5.50
O6 NAG R . 12.76 9.36 -3.38
O7 NAG R . 18.55 12.32 -5.12
C1 BMA R . 15.48 8.23 -1.22
C2 BMA R . 14.39 7.48 -0.47
C3 BMA R . 14.81 6.98 0.89
C4 BMA R . 16.14 6.26 0.80
C5 BMA R . 17.23 7.17 0.24
C6 BMA R . 18.11 6.48 -0.77
O2 BMA R . 13.89 6.40 -1.26
O3 BMA R . 13.88 6.03 1.39
O4 BMA R . 16.47 5.84 2.12
O5 BMA R . 16.67 8.35 -0.42
O6 BMA R . 18.90 5.47 -0.15
C1 NAG S . 25.28 55.60 -9.38
C2 NAG S . 26.27 56.69 -9.77
C3 NAG S . 25.93 57.20 -11.16
C4 NAG S . 25.94 56.06 -12.16
C5 NAG S . 25.06 54.92 -11.64
C6 NAG S . 25.18 53.67 -12.48
C7 NAG S . 27.35 57.84 -7.93
C8 NAG S . 26.99 57.76 -6.48
N2 NAG S . 26.34 57.75 -8.79
O3 NAG S . 26.86 58.21 -11.54
O4 NAG S . 25.41 56.51 -13.41
O5 NAG S . 25.47 54.55 -10.31
O6 NAG S . 26.56 53.38 -12.75
O7 NAG S . 28.51 58.00 -8.31
C1 FUC S . 26.77 52.58 -13.88
C2 FUC S . 27.85 53.24 -14.73
C3 FUC S . 29.02 52.31 -14.94
C4 FUC S . 28.55 50.95 -15.45
C5 FUC S . 27.48 50.38 -14.52
C6 FUC S . 26.16 50.12 -15.21
O2 FUC S . 28.29 54.46 -14.13
O3 FUC S . 29.92 52.88 -15.86
O4 FUC S . 28.01 51.09 -16.77
O5 FUC S . 27.22 51.31 -13.44
C1 NAG T . 9.88 17.20 -46.54
C2 NAG T . 10.88 17.42 -47.69
C3 NAG T . 10.28 16.94 -49.01
C4 NAG T . 9.81 15.49 -48.92
C5 NAG T . 8.85 15.37 -47.74
C6 NAG T . 8.34 13.95 -47.50
C7 NAG T . 10.73 19.94 -47.77
C8 NAG T . 9.60 20.17 -48.72
N2 NAG T . 11.37 18.78 -47.87
O3 NAG T . 11.25 17.09 -50.03
O4 NAG T . 9.12 15.21 -50.13
O5 NAG T . 9.51 15.83 -46.54
O6 NAG T . 9.27 12.86 -47.79
O7 NAG T . 11.08 20.80 -46.98
C1 NAG T . 9.59 14.18 -50.95
C2 NAG T . 8.59 14.04 -52.10
C3 NAG T . 9.02 12.92 -53.03
C4 NAG T . 10.45 13.16 -53.52
C5 NAG T . 11.36 13.38 -52.31
C6 NAG T . 12.76 13.75 -52.71
C7 NAG T . 6.38 14.82 -51.46
C8 NAG T . 5.25 14.60 -50.51
N2 NAG T . 7.24 13.82 -51.60
O3 NAG T . 8.08 12.88 -54.10
O4 NAG T . 10.93 12.02 -54.24
O5 NAG T . 10.85 14.46 -51.51
O6 NAG T . 12.85 15.12 -53.09
O7 NAG T . 6.51 15.88 -52.07
C1 BMA T . 10.56 11.86 -55.58
C2 BMA T . 11.69 11.62 -56.56
C3 BMA T . 11.13 11.82 -57.94
C4 BMA T . 9.92 10.91 -58.19
C5 BMA T . 8.90 10.93 -57.04
C6 BMA T . 7.90 9.79 -57.11
O2 BMA T . 12.24 10.31 -56.38
O3 BMA T . 12.17 11.57 -58.88
O4 BMA T . 9.25 11.35 -59.36
O5 BMA T . 9.60 10.83 -55.77
O6 BMA T . 6.53 10.22 -56.96
C1 FUC T . 9.44 11.74 -46.92
C2 FUC T . 10.68 11.00 -47.42
C3 FUC T . 12.00 11.61 -46.94
C4 FUC T . 11.96 11.99 -45.46
C5 FUC T . 10.78 12.91 -45.23
C6 FUC T . 10.65 13.33 -43.78
O2 FUC T . 10.68 10.99 -48.85
O3 FUC T . 13.05 10.68 -47.19
O4 FUC T . 11.83 10.84 -44.65
O5 FUC T . 9.55 12.23 -45.57
C1 NAG U . -9.37 -58.05 -2.20
C2 NAG U . -8.41 -58.10 -3.40
C3 NAG U . -9.20 -58.40 -4.68
C4 NAG U . -10.04 -59.65 -4.57
C5 NAG U . -10.90 -59.58 -3.31
C6 NAG U . -11.72 -60.84 -3.02
C7 NAG U . -7.81 -55.64 -3.72
C8 NAG U . -9.21 -55.21 -3.99
N2 NAG U . -7.56 -56.95 -3.60
O3 NAG U . -8.28 -58.49 -5.76
O4 NAG U . -10.90 -59.64 -5.70
O5 NAG U . -10.06 -59.30 -2.16
O6 NAG U . -11.18 -62.18 -3.34
O7 NAG U . -6.91 -54.81 -3.62
C1 NAG U . -10.81 -60.68 -6.63
C2 NAG U . -11.94 -60.49 -7.63
C3 NAG U . -11.91 -61.64 -8.63
C4 NAG U . -10.55 -61.70 -9.31
C5 NAG U . -9.46 -61.77 -8.24
C6 NAG U . -8.07 -61.69 -8.83
C7 NAG U . -13.85 -59.21 -6.90
C8 NAG U . -14.99 -59.14 -5.92
N2 NAG U . -13.23 -60.37 -6.99
O3 NAG U . -12.95 -61.45 -9.59
O4 NAG U . -10.49 -62.88 -10.11
O5 NAG U . -9.60 -60.66 -7.34
O6 NAG U . -7.09 -61.46 -7.81
O7 NAG U . -13.53 -58.25 -7.57
C1 FUC U . -10.93 -63.24 -2.41
C2 FUC U . -9.65 -63.89 -2.95
C3 FUC U . -8.34 -63.34 -2.36
C4 FUC U . -8.46 -62.95 -0.91
C5 FUC U . -9.62 -61.98 -0.77
C6 FUC U . -9.76 -61.42 0.62
O2 FUC U . -9.65 -63.71 -4.35
O3 FUC U . -7.33 -64.32 -2.45
O4 FUC U . -8.66 -64.11 -0.10
O5 FUC U . -10.85 -62.65 -1.08
C1 NAG V . 5.22 -60.25 43.74
C2 NAG V . 4.52 -61.09 44.81
C3 NAG V . 5.47 -61.37 45.97
C4 NAG V . 6.77 -61.97 45.50
C5 NAG V . 7.38 -61.09 44.41
C6 NAG V . 8.64 -61.65 43.78
C7 NAG V . 2.97 -59.24 45.53
C8 NAG V . 3.75 -58.53 46.59
N2 NAG V . 3.28 -60.53 45.32
O3 NAG V . 4.83 -62.24 46.90
O4 NAG V . 7.66 -61.99 46.61
O5 NAG V . 6.41 -60.93 43.34
O6 NAG V . 8.77 -63.09 43.81
O7 NAG V . 2.06 -58.69 44.93
C1 NAG V . 8.08 -63.21 47.11
C2 NAG V . 9.01 -62.92 48.28
C3 NAG V . 9.51 -64.24 48.87
C4 NAG V . 8.32 -65.13 49.25
C5 NAG V . 7.41 -65.29 48.04
C6 NAG V . 6.15 -66.05 48.38
C7 NAG V . 10.14 -60.77 48.16
C8 NAG V . 10.91 -59.91 47.22
N2 NAG V . 10.12 -62.07 47.89
O3 NAG V . 10.33 -63.97 50.00
O4 NAG V . 8.81 -66.41 49.65
O5 NAG V . 7.00 -64.00 47.58
O6 NAG V . 5.53 -65.52 49.54
O7 NAG V . 9.54 -60.31 49.12
C1 FUC V . 9.36 -63.83 42.74
C2 FUC V . 8.81 -65.23 42.89
C3 FUC V . 7.44 -65.44 42.22
C4 FUC V . 7.37 -64.82 40.83
C5 FUC V . 7.78 -63.36 40.94
C6 FUC V . 7.82 -62.67 39.61
O2 FUC V . 8.76 -65.51 44.28
O3 FUC V . 7.18 -66.84 42.15
O4 FUC V . 8.22 -65.49 39.89
O5 FUC V . 9.12 -63.27 41.45
C1 D10 W . 27.53 32.33 0.63
C2 D10 W . 28.01 33.59 -0.06
C3 D10 W . 29.39 34.04 0.34
C4 D10 W . 29.94 35.15 -0.52
C5 D10 W . 30.94 36.03 0.19
C6 D10 W . 31.58 37.06 -0.71
C7 D10 W . 32.21 38.22 0.03
C8 D10 W . 32.71 39.32 -0.88
C9 D10 W . 33.77 40.20 -0.28
C10 D10 W . 33.59 41.68 -0.58
C1 D10 X . 31.93 40.90 3.46
C2 D10 X . 31.07 39.91 4.20
C3 D10 X . 29.86 39.46 3.44
C4 D10 X . 29.24 38.18 3.96
C5 D10 X . 28.13 37.64 3.10
C6 D10 X . 27.11 36.84 3.86
C7 D10 X . 26.22 35.99 2.99
C8 D10 X . 24.79 36.44 2.93
C9 D10 X . 23.92 35.57 2.05
C10 D10 X . 22.45 35.83 2.20
C1 EDO Y . 6.73 13.54 19.50
O1 EDO Y . 7.97 14.26 19.67
C2 EDO Y . 6.22 13.42 18.09
O2 EDO Y . 6.35 14.60 17.31
C1 D10 Z . -20.50 36.16 -47.21
C2 D10 Z . -19.81 34.80 -47.10
C3 D10 Z . -18.71 34.50 -48.11
C4 D10 Z . -17.77 33.32 -47.81
C5 D10 Z . -16.29 33.49 -48.24
C6 D10 Z . -15.61 32.23 -48.85
C7 D10 Z . -14.13 32.41 -49.22
C8 D10 Z . -13.38 31.14 -49.59
C9 D10 Z . -12.18 31.27 -50.54
C10 D10 Z . -10.84 31.66 -49.95
C1 D10 AA . -8.35 36.79 -50.78
C2 D10 AA . -9.50 35.80 -50.96
C3 D10 AA . -10.62 36.21 -51.91
C4 D10 AA . -12.00 36.31 -51.31
C5 D10 AA . -13.08 35.48 -51.96
C6 D10 AA . -14.36 36.26 -52.33
C7 D10 AA . -15.46 36.27 -51.25
C8 D10 AA . -16.59 37.29 -51.46
C9 D10 AA . -18.00 36.74 -51.69
C10 D10 AA . -19.15 37.68 -51.37
C1 EDO BA . 13.95 31.14 -73.15
O1 EDO BA . 12.58 31.56 -72.98
C2 EDO BA . 14.57 30.61 -71.89
O2 EDO BA . 14.66 31.56 -70.84
C1 NAG CA . -29.80 -21.12 11.28
C2 NAG CA . -30.52 -20.04 12.12
C3 NAG CA . -29.77 -19.83 13.42
C4 NAG CA . -29.30 -21.18 13.97
C5 NAG CA . -28.26 -21.78 13.03
C6 NAG CA . -28.30 -23.29 13.05
C7 NAG CA . -31.34 -18.65 10.30
C8 NAG CA . -30.66 -17.97 9.15
N2 NAG CA . -30.61 -18.80 11.40
O3 NAG CA . -30.60 -19.17 14.36
O4 NAG CA . -28.69 -20.97 15.25
O5 NAG CA . -28.47 -21.36 11.67
O6 NAG CA . -29.63 -23.77 13.05
O7 NAG CA . -32.50 -19.05 10.23
C1 D10 DA . -33.98 -32.25 -2.21
C2 D10 DA . -33.90 -33.80 -2.19
C3 D10 DA . -32.54 -34.35 -2.50
C4 D10 DA . -32.37 -35.83 -2.92
C5 D10 DA . -30.91 -36.25 -2.95
C6 D10 DA . -30.58 -37.50 -3.72
C7 D10 DA . -29.20 -37.46 -4.41
C8 D10 DA . -28.35 -38.71 -4.31
C9 D10 DA . -27.54 -39.07 -5.56
C10 D10 DA . -26.04 -39.17 -5.37
C1 D10 EA . -22.17 -34.48 -6.20
C2 D10 EA . -23.46 -35.25 -5.98
C3 D10 EA . -24.56 -35.00 -6.98
C4 D10 EA . -25.75 -34.17 -6.52
C5 D10 EA . -27.13 -34.70 -6.96
C6 D10 EA . -28.20 -33.62 -7.12
C7 D10 EA . -29.42 -33.72 -6.20
C8 D10 EA . -30.24 -32.44 -6.03
C9 D10 EA . -31.29 -32.12 -7.10
C10 D10 EA . -32.55 -31.35 -6.68
C1 EDO FA . -3.02 -44.99 -29.52
O1 EDO FA . -4.46 -44.86 -29.49
C2 EDO FA . -2.41 -45.60 -28.28
O2 EDO FA . -2.34 -44.73 -27.18
C1 FUC GA . -28.88 -26.50 14.92
C2 FUC GA . -29.98 -27.53 15.01
C3 FUC GA . -30.66 -27.46 16.36
C4 FUC GA . -31.15 -26.06 16.66
C5 FUC GA . -30.00 -25.08 16.51
C6 FUC GA . -30.42 -23.64 16.67
O2 FUC GA . -29.45 -28.82 14.75
O3 FUC GA . -31.76 -28.37 16.38
O4 FUC GA . -32.20 -25.71 15.75
O5 FUC GA . -29.43 -25.21 15.19
C1 NAG HA . 6.98 -16.93 42.35
C2 NAG HA . 7.02 -15.47 41.91
C3 NAG HA . 6.42 -15.39 40.51
C4 NAG HA . 7.16 -16.30 39.53
C5 NAG HA . 7.19 -17.73 40.07
C6 NAG HA . 8.00 -18.71 39.22
C7 NAG HA . 7.04 -13.80 43.71
C8 NAG HA . 7.84 -12.64 43.22
N2 NAG HA . 6.37 -14.53 42.81
O3 NAG HA . 6.43 -14.03 40.06
O4 NAG HA . 6.48 -16.31 38.28
O5 NAG HA . 7.75 -17.70 41.42
O6 NAG HA . 8.76 -18.12 38.14
O7 NAG HA . 6.97 -14.07 44.91
C1 D10 IA . 16.45 -27.96 52.80
C2 D10 IA . 16.92 -29.44 52.80
C3 D10 IA . 15.90 -30.46 52.33
C4 D10 IA . 16.34 -31.93 52.28
C5 D10 IA . 15.43 -32.89 53.02
C6 D10 IA . 15.43 -34.34 52.53
C7 D10 IA . 14.86 -35.36 53.52
C8 D10 IA . 13.73 -36.27 53.00
C9 D10 IA . 13.83 -37.70 53.50
C10 D10 IA . 12.53 -38.50 53.61
C1 D10 JA . 7.16 -35.83 55.32
C2 D10 JA . 8.68 -35.85 55.08
C3 D10 JA . 9.58 -35.68 56.29
C4 D10 JA . 10.35 -34.36 56.45
C5 D10 JA . 11.85 -34.41 56.22
C6 D10 JA . 12.65 -33.30 56.92
C7 D10 JA . 13.04 -32.07 56.09
C8 D10 JA . 13.27 -30.78 56.89
C9 D10 JA . 14.68 -30.20 56.93
C10 D10 JA . 14.84 -28.82 57.59
C1 EDO KA . -4.28 -60.73 72.57
O1 EDO KA . -3.12 -59.92 72.76
C2 EDO KA . -4.63 -61.05 71.13
O2 EDO KA . -4.77 -59.90 70.32
#